data_6QWR
#
_entry.id   6QWR
#
_entity_poly.entity_id   1
_entity_poly.type   'polypeptide(L)'
_entity_poly.pdbx_seq_one_letter_code
;MNENYPAKSAGYNQGDWVASFNFSKVYVGEELGDLNVGGGALPNADVSIGNDTTLTFDIAYFVSSNIAVDFFVGVPARAK
FQGEKSISSLGRVSEVDYGPAILSLQYHYDSFERLYPYVGVGVGRVLFFDKTDGALSSFDIKDKWAPAFQVGLRYDLGNS
WMLNSDVRYIPFKTDVTGTLGPVPVSTKIEVDPFILSLGASYVFKLAAALEHHHHHHHH
;
_entity_poly.pdbx_strand_id   A
#
# COMPACT_ATOMS: atom_id res chain seq x y z
N MET A 1 -46.75 -10.41 -28.64
CA MET A 1 -46.54 -9.09 -29.20
C MET A 1 -46.17 -8.09 -28.12
N ASN A 2 -46.84 -8.19 -26.97
CA ASN A 2 -46.58 -7.29 -25.85
C ASN A 2 -45.44 -7.82 -24.98
N GLU A 3 -44.84 -6.94 -24.19
CA GLU A 3 -43.75 -7.32 -23.31
C GLU A 3 -44.16 -7.23 -21.85
N ASN A 4 -43.84 -8.27 -21.08
CA ASN A 4 -44.19 -8.30 -19.66
C ASN A 4 -43.27 -9.25 -18.90
N TYR A 5 -43.10 -9.01 -17.61
CA TYR A 5 -42.25 -9.83 -16.78
C TYR A 5 -40.86 -9.98 -17.39
N PRO A 6 -40.10 -8.88 -17.40
CA PRO A 6 -38.74 -8.86 -17.95
C PRO A 6 -37.76 -9.64 -17.10
N ALA A 7 -36.58 -9.91 -17.66
CA ALA A 7 -35.55 -10.65 -16.95
C ALA A 7 -35.04 -9.86 -15.75
N LYS A 8 -34.51 -10.57 -14.75
CA LYS A 8 -33.98 -9.93 -13.56
C LYS A 8 -32.63 -9.29 -13.83
N SER A 9 -32.31 -8.24 -13.09
CA SER A 9 -31.04 -7.53 -13.26
C SER A 9 -30.23 -7.56 -11.97
N ALA A 10 -28.98 -7.99 -12.06
CA ALA A 10 -28.10 -8.07 -10.90
C ALA A 10 -26.72 -7.48 -11.22
N GLY A 11 -26.47 -6.27 -10.74
CA GLY A 11 -25.20 -5.62 -10.99
C GLY A 11 -24.52 -5.18 -9.70
N TYR A 12 -25.31 -4.71 -8.75
CA TYR A 12 -24.78 -4.25 -7.46
C TYR A 12 -25.77 -4.53 -6.34
N ASN A 13 -25.38 -5.41 -5.42
CA ASN A 13 -26.22 -5.76 -4.28
C ASN A 13 -25.39 -5.93 -3.02
N GLN A 14 -25.99 -5.60 -1.88
CA GLN A 14 -25.29 -5.72 -0.60
C GLN A 14 -24.73 -7.13 -0.40
N GLY A 15 -23.43 -7.23 -0.25
CA GLY A 15 -22.79 -8.52 -0.06
C GLY A 15 -22.03 -8.98 -1.29
N ASP A 16 -21.95 -8.11 -2.29
CA ASP A 16 -21.24 -8.44 -3.52
C ASP A 16 -19.74 -8.53 -3.28
N TRP A 17 -19.07 -9.36 -4.07
CA TRP A 17 -17.64 -9.54 -3.94
C TRP A 17 -16.93 -9.31 -5.28
N VAL A 18 -16.02 -8.35 -5.30
CA VAL A 18 -15.27 -8.03 -6.51
C VAL A 18 -13.78 -7.94 -6.24
N ALA A 19 -13.00 -8.74 -6.94
CA ALA A 19 -11.55 -8.74 -6.78
C ALA A 19 -10.89 -7.69 -7.67
N SER A 20 -10.24 -6.70 -7.04
CA SER A 20 -9.57 -5.64 -7.78
C SER A 20 -8.06 -5.83 -7.77
N PHE A 21 -7.51 -6.18 -8.92
CA PHE A 21 -6.08 -6.40 -9.05
C PHE A 21 -5.41 -5.26 -9.82
N ASN A 22 -4.48 -4.57 -9.17
CA ASN A 22 -3.77 -3.45 -9.79
C ASN A 22 -2.36 -3.33 -9.24
N PHE A 23 -1.50 -2.62 -9.97
CA PHE A 23 -0.12 -2.43 -9.56
C PHE A 23 0.01 -1.22 -8.63
N SER A 24 0.64 -1.43 -7.49
CA SER A 24 0.82 -0.35 -6.51
C SER A 24 2.24 0.20 -6.57
N LYS A 25 2.36 1.47 -6.94
CA LYS A 25 3.66 2.12 -7.04
C LYS A 25 3.95 2.95 -5.78
N VAL A 26 4.85 2.45 -4.94
CA VAL A 26 5.22 3.14 -3.72
C VAL A 26 6.28 4.21 -3.98
N TYR A 27 6.13 5.35 -3.33
CA TYR A 27 7.07 6.45 -3.51
C TYR A 27 7.53 6.99 -2.15
N VAL A 28 8.72 6.60 -1.74
CA VAL A 28 9.28 7.06 -0.46
C VAL A 28 10.78 6.84 -0.40
N GLY A 29 11.46 7.64 0.42
CA GLY A 29 12.90 7.51 0.55
C GLY A 29 13.62 8.79 0.17
N GLU A 30 13.52 9.81 1.02
CA GLU A 30 14.16 11.09 0.76
C GLU A 30 15.57 11.11 1.34
N GLU A 31 15.68 10.89 2.64
CA GLU A 31 16.98 10.87 3.31
C GLU A 31 16.84 10.46 4.77
N LEU A 32 17.72 9.58 5.22
CA LEU A 32 17.68 9.10 6.60
C LEU A 32 17.65 10.26 7.58
N GLY A 33 17.33 9.96 8.84
CA GLY A 33 17.27 10.99 9.85
C GLY A 33 17.92 10.57 11.16
N ASP A 34 19.24 10.65 11.22
CA ASP A 34 19.99 10.26 12.41
C ASP A 34 19.93 11.36 13.47
N LEU A 35 19.56 10.98 14.69
CA LEU A 35 19.45 11.93 15.78
C LEU A 35 20.83 12.23 16.37
N ASN A 36 21.53 11.19 16.81
CA ASN A 36 22.86 11.35 17.38
C ASN A 36 23.70 10.09 17.14
N VAL A 37 25.00 10.21 17.42
CA VAL A 37 25.92 9.08 17.25
C VAL A 37 27.15 9.23 18.13
N GLY A 38 27.62 8.12 18.66
CA GLY A 38 28.80 8.14 19.52
C GLY A 38 29.98 8.85 18.87
N GLY A 39 30.08 8.73 17.54
CA GLY A 39 31.17 9.37 16.82
C GLY A 39 31.28 10.84 17.12
N GLY A 40 30.13 11.49 17.34
CA GLY A 40 30.13 12.90 17.63
C GLY A 40 29.59 13.74 16.48
N ALA A 41 30.11 13.49 15.27
CA ALA A 41 29.68 14.21 14.09
C ALA A 41 28.23 13.90 13.76
N LEU A 42 27.63 14.73 12.91
CA LEU A 42 26.24 14.55 12.51
C LEU A 42 26.09 14.61 10.99
N PRO A 43 26.64 13.59 10.31
CA PRO A 43 26.59 13.49 8.85
C PRO A 43 25.18 13.21 8.34
N ASN A 44 25.05 13.05 7.03
CA ASN A 44 23.75 12.78 6.42
C ASN A 44 23.83 11.56 5.50
N ALA A 45 22.80 10.72 5.55
CA ALA A 45 22.75 9.52 4.73
C ALA A 45 21.77 9.68 3.57
N ASP A 46 21.63 8.64 2.76
CA ASP A 46 20.73 8.66 1.62
C ASP A 46 20.18 7.27 1.33
N VAL A 47 18.86 7.18 1.13
CA VAL A 47 18.21 5.91 0.84
C VAL A 47 17.84 5.80 -0.63
N SER A 48 17.75 4.57 -1.13
CA SER A 48 17.40 4.34 -2.52
C SER A 48 16.70 2.98 -2.68
N ILE A 49 15.77 2.92 -3.62
CA ILE A 49 15.04 1.69 -3.88
C ILE A 49 15.25 1.22 -5.31
N GLY A 50 15.18 -0.10 -5.51
CA GLY A 50 15.37 -0.67 -6.83
C GLY A 50 14.12 -0.55 -7.69
N ASN A 51 14.30 -0.15 -8.94
CA ASN A 51 13.18 0.01 -9.87
C ASN A 51 12.89 -1.31 -10.58
N ASP A 52 11.74 -1.89 -10.29
CA ASP A 52 11.34 -3.15 -10.91
C ASP A 52 9.82 -3.29 -10.94
N THR A 53 9.33 -4.24 -11.73
CA THR A 53 7.89 -4.47 -11.84
C THR A 53 7.31 -4.95 -10.51
N THR A 54 6.06 -4.58 -10.26
CA THR A 54 5.38 -4.97 -9.03
C THR A 54 3.87 -4.91 -9.19
N LEU A 55 3.17 -5.89 -8.62
CA LEU A 55 1.71 -5.94 -8.70
C LEU A 55 1.10 -6.02 -7.31
N THR A 56 -0.18 -5.66 -7.21
CA THR A 56 -0.88 -5.69 -5.92
C THR A 56 -2.31 -6.22 -6.10
N PHE A 57 -2.80 -6.91 -5.08
CA PHE A 57 -4.14 -7.48 -5.12
C PHE A 57 -4.97 -6.99 -3.93
N ASP A 58 -6.20 -6.55 -4.22
CA ASP A 58 -7.09 -6.04 -3.18
C ASP A 58 -8.49 -6.63 -3.34
N ILE A 59 -9.19 -6.79 -2.22
CA ILE A 59 -10.54 -7.35 -2.24
C ILE A 59 -11.57 -6.26 -1.94
N ALA A 60 -12.42 -5.97 -2.91
CA ALA A 60 -13.46 -4.96 -2.73
C ALA A 60 -14.81 -5.60 -2.45
N TYR A 61 -15.44 -5.19 -1.36
CA TYR A 61 -16.75 -5.73 -0.99
C TYR A 61 -17.85 -4.70 -1.18
N PHE A 62 -18.79 -5.00 -2.06
CA PHE A 62 -19.89 -4.10 -2.35
C PHE A 62 -21.07 -4.37 -1.41
N VAL A 63 -21.26 -3.47 -0.45
CA VAL A 63 -22.34 -3.60 0.52
C VAL A 63 -23.49 -2.65 0.19
N SER A 64 -23.14 -1.47 -0.32
CA SER A 64 -24.14 -0.46 -0.67
C SER A 64 -23.84 0.15 -2.03
N SER A 65 -24.85 0.77 -2.64
CA SER A 65 -24.69 1.39 -3.95
C SER A 65 -24.15 2.81 -3.81
N ASN A 66 -23.85 3.20 -2.57
CA ASN A 66 -23.33 4.53 -2.30
C ASN A 66 -21.89 4.46 -1.82
N ILE A 67 -21.54 3.37 -1.15
CA ILE A 67 -20.18 3.18 -0.64
C ILE A 67 -19.80 1.70 -0.65
N ALA A 68 -18.50 1.43 -0.50
CA ALA A 68 -18.01 0.06 -0.49
C ALA A 68 -16.71 -0.04 0.29
N VAL A 69 -16.24 -1.27 0.50
CA VAL A 69 -14.99 -1.49 1.23
C VAL A 69 -13.94 -2.14 0.34
N ASP A 70 -12.68 -1.82 0.60
CA ASP A 70 -11.57 -2.37 -0.19
C ASP A 70 -10.38 -2.66 0.70
N PHE A 71 -9.78 -3.83 0.52
CA PHE A 71 -8.61 -4.23 1.31
C PHE A 71 -7.40 -4.48 0.41
N PHE A 72 -6.41 -3.60 0.51
CA PHE A 72 -5.20 -3.72 -0.29
C PHE A 72 -4.20 -4.67 0.37
N VAL A 73 -3.67 -5.60 -0.42
CA VAL A 73 -2.71 -6.57 0.09
C VAL A 73 -1.77 -7.04 -1.01
N GLY A 74 -0.65 -7.65 -0.61
CA GLY A 74 0.32 -8.13 -1.59
C GLY A 74 1.40 -8.97 -0.94
N VAL A 75 1.87 -9.98 -1.67
CA VAL A 75 2.92 -10.87 -1.17
C VAL A 75 4.17 -10.77 -2.02
N PRO A 76 4.83 -9.60 -1.99
CA PRO A 76 6.06 -9.36 -2.75
C PRO A 76 7.25 -10.16 -2.23
N ALA A 77 8.27 -10.29 -3.05
CA ALA A 77 9.48 -11.02 -2.68
C ALA A 77 10.44 -10.14 -1.88
N ARG A 78 11.62 -10.67 -1.61
CA ARG A 78 12.63 -9.93 -0.86
C ARG A 78 13.34 -8.92 -1.76
N ALA A 79 13.44 -7.69 -1.28
CA ALA A 79 14.10 -6.63 -2.04
C ALA A 79 15.19 -5.96 -1.21
N LYS A 80 16.21 -5.43 -1.90
CA LYS A 80 17.31 -4.76 -1.23
C LYS A 80 17.34 -3.27 -1.58
N PHE A 81 17.36 -2.43 -0.56
CA PHE A 81 17.39 -0.98 -0.77
C PHE A 81 18.54 -0.35 0.00
N GLN A 82 18.95 0.84 -0.43
CA GLN A 82 20.05 1.55 0.22
C GLN A 82 19.52 2.50 1.29
N GLY A 83 20.39 2.85 2.24
CA GLY A 83 20.00 3.74 3.32
C GLY A 83 21.15 4.08 4.23
N GLU A 84 22.11 4.85 3.72
CA GLU A 84 23.27 5.25 4.50
C GLU A 84 24.17 6.19 3.70
N LYS A 85 25.30 6.56 4.30
CA LYS A 85 26.25 7.45 3.64
C LYS A 85 27.20 6.67 2.74
N SER A 86 28.08 5.89 3.36
CA SER A 86 29.05 5.10 2.61
C SER A 86 28.43 3.78 2.15
N ILE A 87 27.54 3.23 2.97
CA ILE A 87 26.87 1.98 2.65
C ILE A 87 25.99 2.13 1.41
N SER A 88 25.41 3.31 1.26
CA SER A 88 24.53 3.58 0.12
C SER A 88 25.29 3.43 -1.20
N SER A 89 26.48 4.01 -1.26
CA SER A 89 27.30 3.94 -2.47
C SER A 89 27.55 2.48 -2.86
N LEU A 90 27.74 1.62 -1.87
CA LEU A 90 27.98 0.21 -2.11
C LEU A 90 26.81 -0.44 -2.84
N GLY A 91 25.59 -0.19 -2.33
CA GLY A 91 24.41 -0.75 -2.95
C GLY A 91 23.75 -1.80 -2.07
N ARG A 92 24.46 -2.26 -1.06
CA ARG A 92 23.93 -3.26 -0.14
C ARG A 92 23.84 -2.72 1.28
N VAL A 93 22.68 -2.18 1.63
CA VAL A 93 22.46 -1.62 2.96
C VAL A 93 21.42 -2.44 3.73
N SER A 94 20.25 -2.59 3.14
CA SER A 94 19.16 -3.34 3.77
C SER A 94 18.44 -4.21 2.75
N GLU A 95 18.02 -5.39 3.18
CA GLU A 95 17.31 -6.32 2.31
C GLU A 95 16.30 -7.14 3.10
N VAL A 96 15.02 -6.99 2.74
CA VAL A 96 13.95 -7.71 3.42
C VAL A 96 12.73 -7.84 2.51
N ASP A 97 11.66 -8.43 3.05
CA ASP A 97 10.43 -8.62 2.29
C ASP A 97 9.43 -7.52 2.60
N TYR A 98 8.56 -7.22 1.64
CA TYR A 98 7.55 -6.18 1.81
C TYR A 98 6.25 -6.77 2.33
N GLY A 99 5.65 -6.10 3.31
CA GLY A 99 4.41 -6.58 3.89
C GLY A 99 3.35 -5.49 3.92
N PRO A 100 2.94 -5.02 2.73
CA PRO A 100 1.91 -3.97 2.61
C PRO A 100 0.52 -4.47 2.99
N ALA A 101 0.00 -3.95 4.10
CA ALA A 101 -1.32 -4.33 4.57
C ALA A 101 -2.20 -3.11 4.83
N ILE A 102 -3.06 -2.80 3.87
CA ILE A 102 -3.96 -1.66 4.00
C ILE A 102 -5.42 -2.08 3.84
N LEU A 103 -6.30 -1.42 4.58
CA LEU A 103 -7.72 -1.73 4.53
C LEU A 103 -8.55 -0.47 4.76
N SER A 104 -9.21 0.00 3.71
CA SER A 104 -10.05 1.19 3.80
C SER A 104 -11.28 1.07 2.91
N LEU A 105 -12.29 1.88 3.20
CA LEU A 105 -13.53 1.86 2.42
C LEU A 105 -13.62 3.09 1.52
N GLN A 106 -14.30 2.94 0.39
CA GLN A 106 -14.46 4.03 -0.56
C GLN A 106 -15.85 4.66 -0.43
N TYR A 107 -15.91 5.97 -0.56
CA TYR A 107 -17.18 6.69 -0.46
C TYR A 107 -17.21 7.88 -1.42
N HIS A 108 -18.39 8.15 -1.97
CA HIS A 108 -18.55 9.25 -2.91
C HIS A 108 -18.68 10.58 -2.16
N TYR A 109 -18.44 11.68 -2.87
CA TYR A 109 -18.53 13.01 -2.27
C TYR A 109 -18.84 14.06 -3.33
N ASP A 110 -19.50 15.14 -2.90
CA ASP A 110 -19.87 16.22 -3.82
C ASP A 110 -18.64 16.71 -4.58
N SER A 111 -18.85 17.09 -5.84
CA SER A 111 -17.77 17.58 -6.69
C SER A 111 -18.31 18.49 -7.78
N PHE A 112 -17.43 19.36 -8.30
CA PHE A 112 -17.82 20.29 -9.35
C PHE A 112 -16.95 20.11 -10.59
N GLU A 113 -15.66 19.86 -10.36
CA GLU A 113 -14.73 19.66 -11.46
C GLU A 113 -15.24 18.61 -12.44
N ARG A 114 -14.58 18.51 -13.60
CA ARG A 114 -14.98 17.54 -14.62
C ARG A 114 -15.10 16.14 -14.03
N LEU A 115 -13.96 15.52 -13.75
CA LEU A 115 -13.94 14.17 -13.18
C LEU A 115 -14.56 14.17 -11.78
N TYR A 116 -15.38 13.16 -11.50
CA TYR A 116 -16.03 13.03 -10.22
C TYR A 116 -15.60 11.74 -9.50
N PRO A 117 -14.33 11.68 -9.11
CA PRO A 117 -13.76 10.52 -8.41
C PRO A 117 -14.31 10.36 -7.00
N TYR A 118 -13.92 9.28 -6.34
CA TYR A 118 -14.38 9.00 -4.97
C TYR A 118 -13.21 9.05 -3.99
N VAL A 119 -13.54 9.23 -2.72
CA VAL A 119 -12.52 9.28 -1.67
C VAL A 119 -12.78 8.24 -0.59
N GLY A 120 -11.74 7.54 -0.18
CA GLY A 120 -11.88 6.52 0.84
C GLY A 120 -10.96 6.76 2.03
N VAL A 121 -11.07 5.91 3.05
CA VAL A 121 -10.24 6.03 4.24
C VAL A 121 -10.31 4.76 5.08
N GLY A 122 -9.26 4.50 5.83
CA GLY A 122 -9.22 3.31 6.68
C GLY A 122 -7.91 3.19 7.44
N VAL A 123 -7.55 1.95 7.78
CA VAL A 123 -6.31 1.69 8.51
C VAL A 123 -5.26 1.06 7.60
N GLY A 124 -4.12 1.74 7.46
CA GLY A 124 -3.05 1.23 6.63
C GLY A 124 -1.81 0.88 7.42
N ARG A 125 -1.51 -0.42 7.51
CA ARG A 125 -0.35 -0.89 8.25
C ARG A 125 0.72 -1.40 7.30
N VAL A 126 1.96 -0.96 7.50
CA VAL A 126 3.07 -1.39 6.67
C VAL A 126 4.12 -2.14 7.49
N LEU A 127 4.31 -3.42 7.16
CA LEU A 127 5.27 -4.25 7.87
C LEU A 127 6.22 -4.94 6.88
N PHE A 128 7.25 -5.57 7.41
CA PHE A 128 8.23 -6.26 6.59
C PHE A 128 8.67 -7.58 7.23
N PHE A 129 9.47 -8.35 6.51
CA PHE A 129 9.96 -9.63 7.02
C PHE A 129 11.40 -9.52 7.50
N ASP A 130 11.64 -9.90 8.74
CA ASP A 130 12.98 -9.85 9.31
C ASP A 130 13.95 -10.73 8.54
N LYS A 131 14.67 -10.12 7.61
CA LYS A 131 15.63 -10.86 6.79
C LYS A 131 17.05 -10.37 7.06
N THR A 132 17.41 -9.23 6.49
CA THR A 132 18.74 -8.65 6.68
C THR A 132 18.75 -7.18 6.31
N ASP A 133 18.36 -6.33 7.26
CA ASP A 133 18.34 -4.89 7.04
C ASP A 133 19.54 -4.22 7.70
N GLY A 134 19.74 -2.94 7.40
CA GLY A 134 20.86 -2.22 7.97
C GLY A 134 22.20 -2.77 7.54
N ALA A 135 23.21 -1.91 7.49
CA ALA A 135 24.55 -2.33 7.09
C ALA A 135 25.27 -3.01 8.24
N LEU A 136 24.60 -3.11 9.39
CA LEU A 136 25.18 -3.74 10.56
C LEU A 136 24.96 -5.25 10.54
N SER A 137 25.42 -5.93 11.59
CA SER A 137 25.28 -7.37 11.69
C SER A 137 23.81 -7.77 11.81
N SER A 138 23.17 -8.02 10.67
CA SER A 138 21.76 -8.40 10.64
C SER A 138 20.92 -7.40 11.43
N PHE A 139 20.69 -6.23 10.83
CA PHE A 139 19.89 -5.19 11.47
C PHE A 139 18.42 -5.36 11.13
N ASP A 140 17.56 -4.96 12.06
CA ASP A 140 16.11 -5.06 11.87
C ASP A 140 15.49 -3.67 11.70
N ILE A 141 14.26 -3.64 11.21
CA ILE A 141 13.55 -2.39 10.99
C ILE A 141 12.17 -2.42 11.64
N LYS A 142 11.90 -1.42 12.48
CA LYS A 142 10.62 -1.34 13.17
C LYS A 142 9.53 -0.83 12.22
N ASP A 143 8.62 -1.73 11.85
CA ASP A 143 7.53 -1.37 10.95
C ASP A 143 6.69 -0.23 11.52
N LYS A 144 5.59 0.07 10.85
CA LYS A 144 4.70 1.14 11.30
C LYS A 144 3.25 0.84 10.92
N TRP A 145 2.32 1.58 11.51
CA TRP A 145 0.90 1.39 11.23
C TRP A 145 0.11 2.64 11.57
N ALA A 146 -0.80 3.02 10.68
CA ALA A 146 -1.64 4.21 10.90
C ALA A 146 -2.73 4.31 9.83
N PRO A 147 -3.72 5.18 10.08
CA PRO A 147 -4.84 5.39 9.16
C PRO A 147 -4.40 6.10 7.88
N ALA A 148 -4.88 5.60 6.74
CA ALA A 148 -4.55 6.19 5.45
C ALA A 148 -5.80 6.61 4.69
N PHE A 149 -5.62 7.41 3.65
CA PHE A 149 -6.74 7.89 2.85
C PHE A 149 -6.56 7.50 1.38
N GLN A 150 -7.64 7.03 0.77
CA GLN A 150 -7.60 6.61 -0.63
C GLN A 150 -8.33 7.63 -1.51
N VAL A 151 -7.91 7.71 -2.76
CA VAL A 151 -8.52 8.64 -3.71
C VAL A 151 -8.40 8.13 -5.15
N GLY A 152 -9.54 7.88 -5.78
CA GLY A 152 -9.54 7.39 -7.15
C GLY A 152 -10.94 7.09 -7.66
N LEU A 153 -11.02 6.30 -8.72
CA LEU A 153 -12.30 5.95 -9.32
C LEU A 153 -12.34 4.47 -9.68
N ARG A 154 -13.55 3.91 -9.75
CA ARG A 154 -13.73 2.51 -10.09
C ARG A 154 -14.92 2.32 -11.01
N TYR A 155 -14.68 1.70 -12.16
CA TYR A 155 -15.74 1.46 -13.14
C TYR A 155 -15.53 0.13 -13.84
N ASP A 156 -16.47 -0.23 -14.73
CA ASP A 156 -16.39 -1.48 -15.46
C ASP A 156 -16.32 -1.21 -16.97
N LEU A 157 -15.11 -1.29 -17.52
CA LEU A 157 -14.90 -1.05 -18.95
C LEU A 157 -14.73 -2.37 -19.70
N GLY A 158 -15.76 -2.76 -20.44
CA GLY A 158 -15.70 -4.00 -21.19
C GLY A 158 -16.49 -5.12 -20.54
N ASN A 159 -16.38 -6.32 -21.09
CA ASN A 159 -17.08 -7.47 -20.56
C ASN A 159 -16.15 -8.36 -19.74
N SER A 160 -16.60 -8.74 -18.54
CA SER A 160 -15.80 -9.58 -17.66
C SER A 160 -14.42 -8.98 -17.43
N TRP A 161 -14.38 -7.65 -17.26
CA TRP A 161 -13.11 -6.95 -17.04
C TRP A 161 -13.36 -5.50 -16.69
N MET A 162 -13.28 -5.18 -15.40
CA MET A 162 -13.49 -3.83 -14.92
C MET A 162 -12.16 -3.09 -14.76
N LEU A 163 -12.24 -1.80 -14.45
CA LEU A 163 -11.04 -0.98 -14.28
C LEU A 163 -11.07 -0.25 -12.94
N ASN A 164 -9.91 -0.08 -12.34
CA ASN A 164 -9.80 0.61 -11.06
C ASN A 164 -8.49 1.38 -10.96
N SER A 165 -8.57 2.60 -10.42
CA SER A 165 -7.39 3.45 -10.29
C SER A 165 -7.57 4.43 -9.13
N ASP A 166 -6.65 4.36 -8.17
CA ASP A 166 -6.70 5.24 -7.01
C ASP A 166 -5.30 5.45 -6.41
N VAL A 167 -5.22 6.23 -5.34
CA VAL A 167 -3.95 6.50 -4.69
C VAL A 167 -4.10 6.47 -3.17
N ARG A 168 -3.07 5.96 -2.49
CA ARG A 168 -3.08 5.87 -1.04
C ARG A 168 -2.03 6.80 -0.43
N TYR A 169 -2.48 7.69 0.44
CA TYR A 169 -1.57 8.64 1.10
C TYR A 169 -1.66 8.50 2.62
N ILE A 170 -0.49 8.57 3.27
CA ILE A 170 -0.43 8.45 4.72
C ILE A 170 1.00 8.63 5.22
N PRO A 171 1.35 9.88 5.59
CA PRO A 171 2.68 10.21 6.10
C PRO A 171 2.95 9.61 7.48
N PHE A 172 4.12 9.00 7.65
CA PHE A 172 4.49 8.40 8.91
C PHE A 172 6.01 8.29 9.05
N LYS A 173 6.47 7.79 10.19
CA LYS A 173 7.90 7.64 10.44
C LYS A 173 8.22 6.22 10.89
N THR A 174 9.16 5.58 10.18
CA THR A 174 9.56 4.22 10.51
C THR A 174 10.75 4.22 11.47
N ASP A 175 10.96 3.08 12.13
CA ASP A 175 12.07 2.94 13.07
C ASP A 175 13.02 1.85 12.62
N VAL A 176 14.22 1.83 13.22
CA VAL A 176 15.22 0.83 12.89
C VAL A 176 16.05 0.45 14.11
N THR A 177 16.24 -0.85 14.31
CA THR A 177 17.01 -1.34 15.45
C THR A 177 17.35 -2.82 15.28
N GLY A 178 18.11 -3.35 16.24
CA GLY A 178 18.50 -4.75 16.18
C GLY A 178 20.00 -4.94 16.18
N THR A 179 20.46 -5.96 16.88
CA THR A 179 21.89 -6.26 16.96
C THR A 179 22.14 -7.58 17.68
N LEU A 180 23.12 -8.34 17.19
CA LEU A 180 23.46 -9.63 17.78
C LEU A 180 24.73 -9.51 18.61
N GLY A 181 24.58 -9.19 19.89
CA GLY A 181 25.73 -9.07 20.77
C GLY A 181 25.77 -7.72 21.47
N PRO A 182 26.37 -6.72 20.82
CA PRO A 182 26.50 -5.37 21.38
C PRO A 182 25.16 -4.64 21.44
N VAL A 183 25.20 -3.35 21.73
CA VAL A 183 23.99 -2.54 21.82
C VAL A 183 23.56 -2.05 20.44
N PRO A 184 22.31 -2.31 20.09
CA PRO A 184 21.74 -1.90 18.79
C PRO A 184 21.56 -0.39 18.69
N VAL A 185 21.34 0.09 17.48
CA VAL A 185 21.15 1.52 17.24
C VAL A 185 19.69 1.83 16.88
N SER A 186 18.97 2.44 17.80
CA SER A 186 17.58 2.80 17.59
C SER A 186 17.46 4.12 16.83
N THR A 187 17.02 4.04 15.58
CA THR A 187 16.86 5.23 14.76
C THR A 187 15.43 5.38 14.27
N LYS A 188 15.12 6.52 13.65
CA LYS A 188 13.79 6.78 13.14
C LYS A 188 13.84 7.76 11.97
N ILE A 189 12.91 7.61 11.04
CA ILE A 189 12.85 8.48 9.87
C ILE A 189 11.39 8.77 9.47
N GLU A 190 11.06 10.06 9.42
CA GLU A 190 9.71 10.47 9.05
C GLU A 190 9.62 10.82 7.56
N VAL A 191 8.82 10.06 6.83
CA VAL A 191 8.66 10.29 5.40
C VAL A 191 7.20 10.15 4.98
N ASP A 192 6.85 10.74 3.84
CA ASP A 192 5.48 10.68 3.34
C ASP A 192 5.41 9.76 2.12
N PRO A 193 5.15 8.47 2.36
CA PRO A 193 5.04 7.47 1.29
C PRO A 193 3.78 7.66 0.45
N PHE A 194 3.93 7.51 -0.86
CA PHE A 194 2.81 7.66 -1.78
C PHE A 194 2.63 6.41 -2.64
N ILE A 195 1.49 5.74 -2.48
CA ILE A 195 1.20 4.54 -3.25
C ILE A 195 0.16 4.81 -4.33
N LEU A 196 0.46 4.36 -5.55
CA LEU A 196 -0.45 4.55 -6.67
C LEU A 196 -0.92 3.21 -7.22
N SER A 197 -2.20 2.92 -7.05
CA SER A 197 -2.79 1.67 -7.53
C SER A 197 -3.47 1.88 -8.88
N LEU A 198 -3.07 1.09 -9.87
CA LEU A 198 -3.65 1.18 -11.20
C LEU A 198 -3.73 -0.20 -11.86
N GLY A 199 -4.95 -0.62 -12.18
CA GLY A 199 -5.14 -1.91 -12.82
C GLY A 199 -6.59 -2.18 -13.16
N ALA A 200 -6.99 -3.45 -13.06
CA ALA A 200 -8.37 -3.83 -13.36
C ALA A 200 -8.98 -4.62 -12.21
N SER A 201 -10.27 -4.91 -12.32
CA SER A 201 -10.98 -5.65 -11.28
C SER A 201 -11.94 -6.66 -11.90
N TYR A 202 -12.58 -7.45 -11.05
CA TYR A 202 -13.54 -8.46 -11.51
C TYR A 202 -14.67 -8.64 -10.50
N VAL A 203 -15.88 -8.31 -10.91
CA VAL A 203 -17.05 -8.44 -10.05
C VAL A 203 -17.50 -9.88 -9.96
N PHE A 204 -18.05 -10.25 -8.80
CA PHE A 204 -18.52 -11.61 -8.58
C PHE A 204 -19.64 -11.65 -7.54
N LYS A 205 -20.62 -12.51 -7.75
CA LYS A 205 -21.75 -12.63 -6.84
C LYS A 205 -21.62 -13.90 -5.98
N LEU A 206 -21.97 -13.78 -4.72
CA LEU A 206 -21.90 -14.91 -3.80
C LEU A 206 -22.65 -16.12 -4.36
N ALA A 207 -22.21 -17.32 -3.99
CA ALA A 207 -22.84 -18.55 -4.44
C ALA A 207 -24.04 -18.91 -3.57
N ALA A 208 -23.87 -18.78 -2.25
CA ALA A 208 -24.93 -19.09 -1.31
C ALA A 208 -26.20 -18.32 -1.64
N ALA A 209 -27.31 -19.04 -1.80
CA ALA A 209 -28.59 -18.41 -2.13
C ALA A 209 -29.45 -18.29 -0.87
N LEU A 210 -30.09 -17.13 -0.72
CA LEU A 210 -30.94 -16.87 0.43
C LEU A 210 -32.42 -16.87 0.02
N GLU A 211 -33.29 -17.14 0.98
CA GLU A 211 -34.73 -17.17 0.72
C GLU A 211 -35.18 -15.89 0.04
N MET A 1 -39.71 -31.42 -6.61
CA MET A 1 -41.09 -30.97 -6.58
C MET A 1 -41.23 -29.69 -5.75
N ASN A 2 -41.10 -29.81 -4.44
CA ASN A 2 -41.20 -28.66 -3.55
C ASN A 2 -39.84 -28.27 -3.00
N GLU A 3 -38.89 -28.01 -3.90
CA GLU A 3 -37.54 -27.62 -3.51
C GLU A 3 -36.96 -26.61 -4.49
N ASN A 4 -37.67 -25.50 -4.68
CA ASN A 4 -37.23 -24.47 -5.59
C ASN A 4 -37.57 -23.08 -5.05
N TYR A 5 -36.70 -22.11 -5.32
CA TYR A 5 -36.91 -20.74 -4.85
C TYR A 5 -36.46 -19.74 -5.90
N PRO A 6 -37.01 -18.52 -5.82
CA PRO A 6 -36.68 -17.43 -6.76
C PRO A 6 -35.26 -16.92 -6.57
N ALA A 7 -34.58 -16.64 -7.69
CA ALA A 7 -33.22 -16.13 -7.64
C ALA A 7 -33.14 -14.72 -8.20
N LYS A 8 -32.74 -13.77 -7.35
CA LYS A 8 -32.63 -12.38 -7.76
C LYS A 8 -31.16 -11.98 -7.92
N SER A 9 -30.92 -10.96 -8.73
CA SER A 9 -29.56 -10.48 -8.97
C SER A 9 -29.57 -9.02 -9.40
N ALA A 10 -28.51 -8.30 -9.03
CA ALA A 10 -28.40 -6.89 -9.38
C ALA A 10 -26.93 -6.49 -9.61
N GLY A 11 -26.72 -5.39 -10.32
CA GLY A 11 -25.37 -4.93 -10.59
C GLY A 11 -24.54 -4.81 -9.32
N TYR A 12 -25.18 -4.43 -8.22
CA TYR A 12 -24.48 -4.28 -6.96
C TYR A 12 -25.47 -4.37 -5.79
N ASN A 13 -25.31 -5.42 -4.97
CA ASN A 13 -26.18 -5.62 -3.82
C ASN A 13 -25.36 -5.71 -2.54
N GLN A 14 -26.05 -5.64 -1.40
CA GLN A 14 -25.39 -5.71 -0.11
C GLN A 14 -24.84 -7.11 0.15
N GLY A 15 -23.53 -7.20 0.35
CA GLY A 15 -22.91 -8.49 0.59
C GLY A 15 -22.15 -9.01 -0.60
N ASP A 16 -22.05 -8.19 -1.64
CA ASP A 16 -21.34 -8.57 -2.86
C ASP A 16 -19.83 -8.46 -2.67
N TRP A 17 -19.08 -9.09 -3.56
CA TRP A 17 -17.62 -9.05 -3.49
C TRP A 17 -17.01 -8.91 -4.89
N VAL A 18 -15.83 -8.30 -4.95
CA VAL A 18 -15.14 -8.11 -6.23
C VAL A 18 -13.64 -8.24 -6.05
N ALA A 19 -12.99 -8.89 -7.02
CA ALA A 19 -11.54 -9.08 -6.97
C ALA A 19 -10.83 -8.06 -7.86
N SER A 20 -10.28 -7.02 -7.23
CA SER A 20 -9.57 -5.97 -7.97
C SER A 20 -8.07 -6.23 -7.95
N PHE A 21 -7.48 -6.35 -9.14
CA PHE A 21 -6.05 -6.59 -9.26
C PHE A 21 -5.37 -5.44 -10.03
N ASN A 22 -4.45 -4.77 -9.35
CA ASN A 22 -3.73 -3.65 -9.96
C ASN A 22 -2.31 -3.56 -9.41
N PHE A 23 -1.52 -2.66 -9.99
CA PHE A 23 -0.13 -2.49 -9.56
C PHE A 23 0.00 -1.25 -8.66
N SER A 24 0.53 -1.44 -7.47
CA SER A 24 0.70 -0.34 -6.52
C SER A 24 2.15 0.12 -6.49
N LYS A 25 2.38 1.36 -6.91
CA LYS A 25 3.72 1.93 -6.93
C LYS A 25 3.96 2.81 -5.71
N VAL A 26 4.87 2.39 -4.84
CA VAL A 26 5.19 3.13 -3.63
C VAL A 26 6.36 4.09 -3.87
N TYR A 27 6.33 5.23 -3.20
CA TYR A 27 7.39 6.22 -3.35
C TYR A 27 7.81 6.77 -1.98
N VAL A 28 9.02 6.42 -1.56
CA VAL A 28 9.54 6.87 -0.28
C VAL A 28 11.04 6.62 -0.17
N GLY A 29 11.73 7.47 0.59
CA GLY A 29 13.16 7.32 0.75
C GLY A 29 13.90 8.64 0.65
N GLU A 30 13.82 9.44 1.71
CA GLU A 30 14.48 10.74 1.73
C GLU A 30 15.90 10.62 2.28
N GLU A 31 16.01 10.25 3.56
CA GLU A 31 17.32 10.10 4.20
C GLU A 31 17.19 9.30 5.48
N LEU A 32 18.23 8.53 5.80
CA LEU A 32 18.24 7.72 7.01
C LEU A 32 19.24 8.26 8.03
N GLY A 33 19.06 7.86 9.28
CA GLY A 33 19.95 8.32 10.33
C GLY A 33 19.24 8.51 11.66
N ASP A 34 19.62 9.54 12.39
CA ASP A 34 19.02 9.83 13.69
C ASP A 34 18.74 11.33 13.84
N LEU A 35 17.99 11.69 14.88
CA LEU A 35 17.66 13.07 15.14
C LEU A 35 17.80 13.41 16.62
N ASN A 36 18.69 14.35 16.92
CA ASN A 36 18.93 14.76 18.30
C ASN A 36 19.23 16.26 18.38
N VAL A 37 19.44 16.75 19.60
CA VAL A 37 19.74 18.15 19.81
C VAL A 37 21.19 18.46 19.44
N GLY A 38 22.13 17.84 20.15
CA GLY A 38 23.54 18.06 19.89
C GLY A 38 24.40 16.93 20.39
N GLY A 39 25.69 16.99 20.08
CA GLY A 39 26.62 15.95 20.50
C GLY A 39 27.60 15.56 19.41
N GLY A 40 28.70 16.30 19.33
CA GLY A 40 29.71 16.01 18.33
C GLY A 40 29.16 16.15 16.92
N ALA A 41 29.87 15.55 15.96
CA ALA A 41 29.45 15.60 14.55
C ALA A 41 28.06 15.03 14.38
N LEU A 42 27.26 15.67 13.52
CA LEU A 42 25.91 15.22 13.25
C LEU A 42 25.63 15.14 11.75
N PRO A 43 26.28 14.18 11.09
CA PRO A 43 26.12 13.96 9.64
C PRO A 43 24.75 13.43 9.29
N ASN A 44 24.54 13.16 8.00
CA ASN A 44 23.27 12.64 7.52
C ASN A 44 23.48 11.56 6.45
N ALA A 45 23.01 10.36 6.74
CA ALA A 45 23.15 9.25 5.80
C ALA A 45 22.30 9.46 4.56
N ASP A 46 22.33 8.50 3.65
CA ASP A 46 21.56 8.59 2.41
C ASP A 46 20.79 7.30 2.16
N VAL A 47 19.48 7.42 1.96
CA VAL A 47 18.63 6.26 1.71
C VAL A 47 18.10 6.28 0.28
N SER A 48 18.09 5.11 -0.36
CA SER A 48 17.62 4.99 -1.72
C SER A 48 16.97 3.62 -1.96
N ILE A 49 15.89 3.61 -2.74
CA ILE A 49 15.19 2.36 -3.04
C ILE A 49 15.27 2.04 -4.52
N GLY A 50 15.10 0.76 -4.85
CA GLY A 50 15.15 0.34 -6.24
C GLY A 50 13.81 0.49 -6.94
N ASN A 51 13.77 0.14 -8.22
CA ASN A 51 12.55 0.25 -9.00
C ASN A 51 12.31 -1.02 -9.82
N ASP A 52 11.27 -1.76 -9.46
CA ASP A 52 10.93 -2.99 -10.17
C ASP A 52 9.42 -3.19 -10.23
N THR A 53 8.95 -3.67 -11.37
CA THR A 53 7.52 -3.91 -11.57
C THR A 53 6.95 -4.82 -10.48
N THR A 54 5.88 -4.38 -9.85
CA THR A 54 5.24 -5.16 -8.79
C THR A 54 3.72 -5.14 -8.93
N LEU A 55 3.08 -6.20 -8.47
CA LEU A 55 1.63 -6.32 -8.54
C LEU A 55 1.01 -6.31 -7.15
N THR A 56 -0.23 -5.84 -7.06
CA THR A 56 -0.94 -5.79 -5.79
C THR A 56 -2.37 -6.27 -5.93
N PHE A 57 -2.83 -7.07 -4.96
CA PHE A 57 -4.18 -7.59 -4.98
C PHE A 57 -5.08 -6.84 -4.01
N ASP A 58 -6.25 -6.44 -4.48
CA ASP A 58 -7.20 -5.71 -3.64
C ASP A 58 -8.60 -6.32 -3.74
N ILE A 59 -9.20 -6.57 -2.58
CA ILE A 59 -10.54 -7.16 -2.54
C ILE A 59 -11.57 -6.14 -2.06
N ALA A 60 -12.49 -5.79 -2.95
CA ALA A 60 -13.54 -4.83 -2.63
C ALA A 60 -14.86 -5.53 -2.32
N TYR A 61 -15.42 -5.24 -1.15
CA TYR A 61 -16.68 -5.85 -0.75
C TYR A 61 -17.82 -4.83 -0.83
N PHE A 62 -18.80 -5.12 -1.68
CA PHE A 62 -19.95 -4.23 -1.86
C PHE A 62 -21.02 -4.51 -0.80
N VAL A 63 -20.98 -3.73 0.28
CA VAL A 63 -21.95 -3.90 1.36
C VAL A 63 -23.16 -2.99 1.15
N SER A 64 -22.93 -1.82 0.58
CA SER A 64 -24.01 -0.87 0.33
C SER A 64 -23.92 -0.30 -1.08
N SER A 65 -25.02 0.25 -1.56
CA SER A 65 -25.08 0.81 -2.91
C SER A 65 -24.54 2.25 -2.90
N ASN A 66 -24.08 2.70 -1.74
CA ASN A 66 -23.53 4.04 -1.61
C ASN A 66 -22.09 4.01 -1.17
N ILE A 67 -21.73 3.00 -0.37
CA ILE A 67 -20.37 2.85 0.13
C ILE A 67 -19.95 1.38 0.11
N ALA A 68 -18.64 1.16 0.01
CA ALA A 68 -18.10 -0.20 -0.02
C ALA A 68 -16.72 -0.25 0.65
N VAL A 69 -16.29 -1.45 1.00
CA VAL A 69 -15.00 -1.64 1.65
C VAL A 69 -13.97 -2.19 0.66
N ASP A 70 -12.70 -1.87 0.89
CA ASP A 70 -11.63 -2.34 0.03
C ASP A 70 -10.38 -2.69 0.84
N PHE A 71 -9.78 -3.82 0.53
CA PHE A 71 -8.58 -4.28 1.24
C PHE A 71 -7.41 -4.46 0.26
N PHE A 72 -6.44 -3.56 0.33
CA PHE A 72 -5.27 -3.63 -0.53
C PHE A 72 -4.12 -4.36 0.16
N VAL A 73 -3.63 -5.42 -0.48
CA VAL A 73 -2.53 -6.20 0.06
C VAL A 73 -1.69 -6.81 -1.05
N GLY A 74 -0.42 -7.09 -0.74
CA GLY A 74 0.48 -7.67 -1.72
C GLY A 74 1.70 -8.29 -1.09
N VAL A 75 2.14 -9.42 -1.63
CA VAL A 75 3.32 -10.12 -1.12
C VAL A 75 4.45 -10.12 -2.14
N PRO A 76 5.08 -8.97 -2.34
CA PRO A 76 6.18 -8.81 -3.28
C PRO A 76 7.45 -9.53 -2.83
N ALA A 77 8.35 -9.79 -3.76
CA ALA A 77 9.61 -10.46 -3.46
C ALA A 77 10.51 -9.59 -2.60
N ARG A 78 11.76 -10.02 -2.43
CA ARG A 78 12.72 -9.28 -1.63
C ARG A 78 13.28 -8.10 -2.41
N ALA A 79 13.47 -6.98 -1.73
CA ALA A 79 14.01 -5.78 -2.37
C ALA A 79 15.19 -5.22 -1.58
N LYS A 80 16.20 -4.73 -2.30
CA LYS A 80 17.38 -4.17 -1.67
C LYS A 80 17.41 -2.65 -1.80
N PHE A 81 17.74 -1.97 -0.71
CA PHE A 81 17.80 -0.50 -0.71
C PHE A 81 18.97 -0.01 0.13
N GLN A 82 19.41 1.22 -0.14
CA GLN A 82 20.52 1.81 0.59
C GLN A 82 20.02 2.69 1.73
N GLY A 83 20.89 2.96 2.70
CA GLY A 83 20.52 3.80 3.82
C GLY A 83 21.67 4.02 4.78
N GLU A 84 22.70 4.74 4.32
CA GLU A 84 23.86 5.02 5.14
C GLU A 84 24.81 5.96 4.42
N LYS A 85 25.95 6.24 5.05
CA LYS A 85 26.95 7.13 4.49
C LYS A 85 27.89 6.37 3.56
N SER A 86 28.71 5.51 4.14
CA SER A 86 29.66 4.72 3.36
C SER A 86 29.00 3.46 2.81
N ILE A 87 28.06 2.90 3.56
CA ILE A 87 27.35 1.70 3.15
C ILE A 87 26.50 1.98 1.91
N SER A 88 25.98 3.18 1.81
CA SER A 88 25.15 3.57 0.68
C SER A 88 25.95 3.53 -0.63
N SER A 89 27.17 4.07 -0.58
CA SER A 89 28.03 4.10 -1.75
C SER A 89 28.20 2.69 -2.34
N LEU A 90 28.37 1.71 -1.45
CA LEU A 90 28.55 0.33 -1.87
C LEU A 90 27.35 -0.16 -2.68
N GLY A 91 26.15 0.18 -2.19
CA GLY A 91 24.93 -0.24 -2.88
C GLY A 91 24.17 -1.30 -2.12
N ARG A 92 24.82 -1.90 -1.13
CA ARG A 92 24.19 -2.94 -0.33
C ARG A 92 24.16 -2.55 1.14
N VAL A 93 23.05 -1.96 1.56
CA VAL A 93 22.90 -1.53 2.95
C VAL A 93 21.81 -2.32 3.65
N SER A 94 20.67 -2.49 2.97
CA SER A 94 19.55 -3.22 3.53
C SER A 94 18.87 -4.07 2.47
N GLU A 95 18.38 -5.24 2.86
CA GLU A 95 17.72 -6.15 1.94
C GLU A 95 16.53 -6.84 2.61
N VAL A 96 15.33 -6.62 2.07
CA VAL A 96 14.13 -7.23 2.62
C VAL A 96 12.92 -6.92 1.74
N ASP A 97 11.89 -7.74 1.86
CA ASP A 97 10.67 -7.57 1.08
C ASP A 97 9.77 -6.50 1.72
N TYR A 98 8.69 -6.16 1.03
CA TYR A 98 7.75 -5.16 1.53
C TYR A 98 6.36 -5.78 1.74
N GLY A 99 5.80 -5.53 2.93
CA GLY A 99 4.50 -6.07 3.24
C GLY A 99 3.46 -4.98 3.48
N PRO A 100 3.15 -4.21 2.43
CA PRO A 100 2.18 -3.11 2.51
C PRO A 100 0.75 -3.63 2.69
N ALA A 101 0.15 -3.31 3.83
CA ALA A 101 -1.21 -3.73 4.12
C ALA A 101 -2.10 -2.53 4.42
N ILE A 102 -2.88 -2.11 3.43
CA ILE A 102 -3.78 -0.97 3.59
C ILE A 102 -5.22 -1.37 3.31
N LEU A 103 -6.09 -1.21 4.31
CA LEU A 103 -7.50 -1.55 4.17
C LEU A 103 -8.38 -0.33 4.41
N SER A 104 -9.05 0.12 3.37
CA SER A 104 -9.93 1.29 3.47
C SER A 104 -11.19 1.10 2.62
N LEU A 105 -12.23 1.85 2.94
CA LEU A 105 -13.49 1.77 2.20
C LEU A 105 -13.65 2.97 1.27
N GLN A 106 -14.34 2.74 0.15
CA GLN A 106 -14.56 3.81 -0.83
C GLN A 106 -15.98 4.38 -0.70
N TYR A 107 -16.11 5.68 -0.93
CA TYR A 107 -17.39 6.34 -0.83
C TYR A 107 -17.56 7.37 -1.96
N HIS A 108 -18.68 7.28 -2.67
CA HIS A 108 -18.97 8.20 -3.76
C HIS A 108 -20.19 9.06 -3.46
N TYR A 109 -20.20 10.28 -3.98
CA TYR A 109 -21.31 11.20 -3.75
C TYR A 109 -22.51 10.83 -4.63
N ASP A 110 -23.66 10.67 -4.00
CA ASP A 110 -24.88 10.33 -4.73
C ASP A 110 -25.75 11.56 -4.96
N SER A 111 -25.16 12.59 -5.54
CA SER A 111 -25.87 13.83 -5.81
C SER A 111 -26.00 14.07 -7.31
N PHE A 112 -26.62 15.20 -7.69
CA PHE A 112 -26.81 15.53 -9.08
C PHE A 112 -25.74 16.52 -9.55
N GLU A 113 -24.69 16.00 -10.17
CA GLU A 113 -23.59 16.82 -10.67
C GLU A 113 -22.74 16.04 -11.67
N ARG A 114 -21.74 16.72 -12.23
CA ARG A 114 -20.85 16.11 -13.21
C ARG A 114 -20.15 14.90 -12.60
N LEU A 115 -19.35 14.22 -13.43
CA LEU A 115 -18.63 13.03 -12.98
C LEU A 115 -17.50 13.42 -12.02
N TYR A 116 -17.04 12.45 -11.23
CA TYR A 116 -15.96 12.69 -10.28
C TYR A 116 -15.53 11.38 -9.61
N PRO A 117 -14.29 11.37 -9.09
CA PRO A 117 -13.73 10.20 -8.43
C PRO A 117 -14.40 9.92 -7.08
N TYR A 118 -13.98 8.83 -6.44
CA TYR A 118 -14.54 8.45 -5.15
C TYR A 118 -13.52 8.64 -4.03
N VAL A 119 -14.00 9.04 -2.86
CA VAL A 119 -13.13 9.26 -1.71
C VAL A 119 -13.21 8.08 -0.74
N GLY A 120 -12.04 7.58 -0.33
CA GLY A 120 -12.00 6.46 0.59
C GLY A 120 -11.08 6.71 1.76
N VAL A 121 -11.20 5.89 2.79
CA VAL A 121 -10.37 6.03 3.99
C VAL A 121 -10.36 4.75 4.81
N GLY A 122 -9.26 4.50 5.50
CA GLY A 122 -9.15 3.30 6.32
C GLY A 122 -7.87 3.27 7.13
N VAL A 123 -7.43 2.07 7.49
CA VAL A 123 -6.20 1.91 8.28
C VAL A 123 -5.08 1.31 7.43
N GLY A 124 -3.95 2.00 7.39
CA GLY A 124 -2.82 1.52 6.61
C GLY A 124 -1.67 1.07 7.49
N ARG A 125 -1.38 -0.23 7.45
CA ARG A 125 -0.30 -0.80 8.25
C ARG A 125 0.80 -1.36 7.35
N VAL A 126 2.03 -0.89 7.57
CA VAL A 126 3.17 -1.34 6.77
C VAL A 126 4.05 -2.30 7.57
N LEU A 127 4.14 -3.53 7.12
CA LEU A 127 4.95 -4.54 7.79
C LEU A 127 5.85 -5.26 6.79
N PHE A 128 6.77 -6.08 7.32
CA PHE A 128 7.70 -6.83 6.48
C PHE A 128 8.28 -8.01 7.24
N PHE A 129 8.97 -8.89 6.52
CA PHE A 129 9.58 -10.07 7.13
C PHE A 129 11.08 -9.87 7.30
N ASP A 130 11.53 -9.92 8.56
CA ASP A 130 12.95 -9.75 8.86
C ASP A 130 13.81 -10.64 7.97
N LYS A 131 14.51 -10.01 7.03
CA LYS A 131 15.37 -10.75 6.11
C LYS A 131 16.85 -10.44 6.38
N THR A 132 17.31 -9.31 5.86
CA THR A 132 18.70 -8.89 6.05
C THR A 132 18.87 -7.40 5.78
N ASP A 133 18.53 -6.58 6.76
CA ASP A 133 18.64 -5.13 6.62
C ASP A 133 19.88 -4.62 7.36
N GLY A 134 20.24 -3.37 7.08
CA GLY A 134 21.41 -2.77 7.72
C GLY A 134 22.70 -3.49 7.37
N ALA A 135 23.81 -2.78 7.47
CA ALA A 135 25.12 -3.35 7.15
C ALA A 135 25.65 -4.17 8.32
N LEU A 136 24.85 -4.29 9.38
CA LEU A 136 25.24 -5.04 10.56
C LEU A 136 24.92 -6.51 10.40
N SER A 137 25.15 -7.29 11.46
CA SER A 137 24.88 -8.72 11.44
C SER A 137 23.38 -8.99 11.30
N SER A 138 22.90 -8.95 10.06
CA SER A 138 21.49 -9.19 9.79
C SER A 138 20.61 -8.32 10.68
N PHE A 139 20.53 -7.04 10.36
CA PHE A 139 19.73 -6.09 11.14
C PHE A 139 18.25 -6.20 10.75
N ASP A 140 17.38 -5.98 11.73
CA ASP A 140 15.95 -6.05 11.50
C ASP A 140 15.33 -4.65 11.49
N ILE A 141 14.14 -4.53 10.92
CA ILE A 141 13.44 -3.26 10.84
C ILE A 141 12.14 -3.30 11.65
N LYS A 142 11.82 -2.17 12.28
CA LYS A 142 10.60 -2.08 13.08
C LYS A 142 9.45 -1.49 12.26
N ASP A 143 8.53 -2.36 11.85
CA ASP A 143 7.38 -1.94 11.06
C ASP A 143 6.58 -0.87 11.79
N LYS A 144 5.44 -0.49 11.21
CA LYS A 144 4.57 0.52 11.82
C LYS A 144 3.18 0.47 11.21
N TRP A 145 2.23 1.12 11.88
CA TRP A 145 0.85 1.14 11.40
C TRP A 145 0.17 2.46 11.75
N ALA A 146 -0.83 2.84 10.98
CA ALA A 146 -1.56 4.08 11.21
C ALA A 146 -2.67 4.27 10.19
N PRO A 147 -3.60 5.18 10.49
CA PRO A 147 -4.74 5.48 9.61
C PRO A 147 -4.31 6.19 8.33
N ALA A 148 -4.72 5.64 7.19
CA ALA A 148 -4.38 6.23 5.90
C ALA A 148 -5.63 6.59 5.11
N PHE A 149 -5.45 7.35 4.03
CA PHE A 149 -6.57 7.78 3.21
C PHE A 149 -6.37 7.34 1.76
N GLN A 150 -7.47 6.94 1.12
CA GLN A 150 -7.41 6.49 -0.27
C GLN A 150 -8.35 7.32 -1.15
N VAL A 151 -8.01 7.44 -2.42
CA VAL A 151 -8.82 8.19 -3.37
C VAL A 151 -8.68 7.64 -4.78
N GLY A 152 -9.82 7.27 -5.37
CA GLY A 152 -9.80 6.73 -6.72
C GLY A 152 -11.19 6.48 -7.26
N LEU A 153 -11.27 5.88 -8.45
CA LEU A 153 -12.56 5.59 -9.07
C LEU A 153 -12.56 4.18 -9.66
N ARG A 154 -13.76 3.65 -9.90
CA ARG A 154 -13.91 2.31 -10.45
C ARG A 154 -14.70 2.35 -11.75
N TYR A 155 -14.07 1.93 -12.84
CA TYR A 155 -14.72 1.91 -14.14
C TYR A 155 -15.18 0.51 -14.51
N ASP A 156 -16.46 0.39 -14.88
CA ASP A 156 -17.03 -0.90 -15.24
C ASP A 156 -17.48 -0.89 -16.71
N LEU A 157 -16.68 -1.50 -17.57
CA LEU A 157 -17.00 -1.56 -18.99
C LEU A 157 -17.65 -2.89 -19.35
N GLY A 158 -18.98 -2.88 -19.41
CA GLY A 158 -19.71 -4.10 -19.73
C GLY A 158 -19.30 -5.28 -18.88
N ASN A 159 -19.57 -6.48 -19.37
CA ASN A 159 -19.22 -7.70 -18.64
C ASN A 159 -17.72 -7.92 -18.65
N SER A 160 -17.06 -7.46 -19.70
CA SER A 160 -15.62 -7.62 -19.84
C SER A 160 -14.89 -7.12 -18.59
N TRP A 161 -13.59 -7.35 -18.54
CA TRP A 161 -12.79 -6.94 -17.40
C TRP A 161 -13.04 -5.46 -17.08
N MET A 162 -13.01 -5.14 -15.79
CA MET A 162 -13.23 -3.77 -15.35
C MET A 162 -11.90 -3.06 -15.07
N LEU A 163 -11.97 -1.77 -14.78
CA LEU A 163 -10.78 -0.98 -14.49
C LEU A 163 -10.91 -0.27 -13.14
N ASN A 164 -9.81 -0.19 -12.41
CA ASN A 164 -9.79 0.47 -11.11
C ASN A 164 -8.52 1.29 -10.92
N SER A 165 -8.67 2.51 -10.43
CA SER A 165 -7.54 3.40 -10.20
C SER A 165 -7.73 4.21 -8.93
N ASP A 166 -6.77 4.08 -8.00
CA ASP A 166 -6.84 4.80 -6.74
C ASP A 166 -5.44 5.08 -6.20
N VAL A 167 -5.35 5.99 -5.24
CA VAL A 167 -4.07 6.34 -4.64
C VAL A 167 -4.16 6.37 -3.12
N ARG A 168 -3.12 5.88 -2.46
CA ARG A 168 -3.08 5.84 -1.00
C ARG A 168 -2.03 6.80 -0.46
N TYR A 169 -2.42 7.62 0.51
CA TYR A 169 -1.52 8.59 1.11
C TYR A 169 -1.62 8.57 2.63
N ILE A 170 -0.48 8.61 3.30
CA ILE A 170 -0.44 8.60 4.76
C ILE A 170 1.00 8.69 5.27
N PRO A 171 1.39 9.89 5.73
CA PRO A 171 2.74 10.12 6.27
C PRO A 171 2.97 9.42 7.59
N PHE A 172 4.16 8.85 7.76
CA PHE A 172 4.50 8.14 8.99
C PHE A 172 6.01 7.89 9.07
N LYS A 173 6.45 7.31 10.18
CA LYS A 173 7.86 7.01 10.37
C LYS A 173 8.06 5.55 10.77
N THR A 174 9.22 5.00 10.41
CA THR A 174 9.52 3.61 10.72
C THR A 174 10.78 3.50 11.59
N ASP A 175 10.93 2.37 12.26
CA ASP A 175 12.09 2.15 13.12
C ASP A 175 12.95 1.01 12.59
N VAL A 176 14.12 0.82 13.22
CA VAL A 176 15.03 -0.24 12.81
C VAL A 176 16.09 -0.49 13.87
N THR A 177 16.41 -1.77 14.09
CA THR A 177 17.41 -2.14 15.08
C THR A 177 17.85 -3.59 14.90
N GLY A 178 18.80 -4.02 15.73
CA GLY A 178 19.29 -5.39 15.64
C GLY A 178 19.85 -5.88 16.95
N THR A 179 20.98 -6.60 16.88
CA THR A 179 21.62 -7.14 18.07
C THR A 179 23.10 -7.42 17.81
N LEU A 180 23.96 -6.56 18.33
CA LEU A 180 25.40 -6.72 18.17
C LEU A 180 26.14 -6.38 19.46
N GLY A 181 26.77 -7.39 20.05
CA GLY A 181 27.52 -7.18 21.28
C GLY A 181 26.73 -6.37 22.30
N PRO A 182 27.12 -5.10 22.48
CA PRO A 182 26.46 -4.20 23.42
C PRO A 182 25.06 -3.80 22.96
N VAL A 183 24.51 -2.76 23.60
CA VAL A 183 23.17 -2.29 23.25
C VAL A 183 23.06 -1.98 21.76
N PRO A 184 21.99 -2.47 21.14
CA PRO A 184 21.73 -2.26 19.71
C PRO A 184 21.38 -0.81 19.40
N VAL A 185 21.51 -0.44 18.12
CA VAL A 185 21.21 0.92 17.69
C VAL A 185 19.81 1.01 17.11
N SER A 186 18.90 1.65 17.86
CA SER A 186 17.52 1.80 17.42
C SER A 186 17.29 3.17 16.80
N THR A 187 17.16 3.19 15.47
CA THR A 187 16.94 4.43 14.74
C THR A 187 15.57 4.44 14.07
N LYS A 188 15.16 5.61 13.59
CA LYS A 188 13.88 5.76 12.91
C LYS A 188 13.88 6.95 11.97
N ILE A 189 12.97 6.94 11.01
CA ILE A 189 12.88 8.03 10.03
C ILE A 189 11.42 8.33 9.69
N GLU A 190 11.09 9.62 9.61
CA GLU A 190 9.74 10.04 9.28
C GLU A 190 9.66 10.54 7.84
N VAL A 191 8.90 9.82 7.02
CA VAL A 191 8.73 10.19 5.61
C VAL A 191 7.28 10.04 5.17
N ASP A 192 6.94 10.66 4.05
CA ASP A 192 5.59 10.60 3.52
C ASP A 192 5.53 9.71 2.28
N PRO A 193 5.28 8.40 2.50
CA PRO A 193 5.19 7.43 1.42
C PRO A 193 3.95 7.62 0.55
N PHE A 194 4.12 7.50 -0.77
CA PHE A 194 3.01 7.67 -1.69
C PHE A 194 2.80 6.39 -2.51
N ILE A 195 1.61 5.81 -2.39
CA ILE A 195 1.28 4.60 -3.13
C ILE A 195 0.20 4.85 -4.16
N LEU A 196 0.42 4.37 -5.38
CA LEU A 196 -0.53 4.55 -6.46
C LEU A 196 -0.90 3.20 -7.09
N SER A 197 -2.16 2.79 -6.90
CA SER A 197 -2.64 1.54 -7.44
C SER A 197 -3.44 1.76 -8.71
N LEU A 198 -3.07 1.05 -9.77
CA LEU A 198 -3.76 1.17 -11.06
C LEU A 198 -3.74 -0.16 -11.81
N GLY A 199 -4.94 -0.62 -12.20
CA GLY A 199 -5.04 -1.87 -12.92
C GLY A 199 -6.47 -2.20 -13.30
N ALA A 200 -6.81 -3.49 -13.24
CA ALA A 200 -8.16 -3.94 -13.56
C ALA A 200 -8.83 -4.59 -12.36
N SER A 201 -10.10 -4.93 -12.51
CA SER A 201 -10.87 -5.55 -11.43
C SER A 201 -12.04 -6.36 -11.99
N TYR A 202 -12.60 -7.23 -11.16
CA TYR A 202 -13.72 -8.06 -11.57
C TYR A 202 -14.78 -8.12 -10.47
N VAL A 203 -16.03 -7.86 -10.86
CA VAL A 203 -17.14 -7.89 -9.91
C VAL A 203 -17.68 -9.29 -9.73
N PHE A 204 -18.16 -9.59 -8.53
CA PHE A 204 -18.71 -10.90 -8.23
C PHE A 204 -19.94 -10.79 -7.33
N LYS A 205 -21.11 -10.99 -7.92
CA LYS A 205 -22.37 -10.90 -7.18
C LYS A 205 -22.54 -12.11 -6.26
N LEU A 206 -22.68 -13.30 -6.86
CA LEU A 206 -22.86 -14.52 -6.10
C LEU A 206 -24.08 -14.45 -5.20
N ALA A 207 -25.23 -14.17 -5.81
CA ALA A 207 -26.49 -14.08 -5.06
C ALA A 207 -26.90 -15.43 -4.51
N ALA A 208 -26.86 -16.45 -5.36
CA ALA A 208 -27.24 -17.80 -4.95
C ALA A 208 -26.11 -18.46 -4.16
N ALA A 209 -26.48 -19.37 -3.26
CA ALA A 209 -25.51 -20.08 -2.45
C ALA A 209 -24.62 -20.98 -3.30
N LEU A 210 -25.23 -21.98 -3.93
CA LEU A 210 -24.50 -22.92 -4.78
C LEU A 210 -24.22 -22.31 -6.15
N GLU A 211 -23.34 -22.94 -6.90
CA GLU A 211 -22.99 -22.45 -8.24
C GLU A 211 -23.91 -23.07 -9.29
N MET A 1 -32.34 -33.59 -23.99
CA MET A 1 -31.41 -32.51 -23.74
C MET A 1 -32.13 -31.28 -23.18
N ASN A 2 -31.48 -30.59 -22.25
CA ASN A 2 -32.06 -29.40 -21.63
C ASN A 2 -31.00 -28.32 -21.44
N GLU A 3 -31.46 -27.08 -21.27
CA GLU A 3 -30.55 -25.96 -21.08
C GLU A 3 -31.18 -24.90 -20.16
N ASN A 4 -30.34 -24.23 -19.38
CA ASN A 4 -30.81 -23.21 -18.45
C ASN A 4 -30.70 -21.82 -19.08
N TYR A 5 -29.48 -21.43 -19.42
CA TYR A 5 -29.23 -20.12 -20.02
C TYR A 5 -29.72 -19.01 -19.11
N PRO A 6 -28.99 -18.78 -18.01
CA PRO A 6 -29.32 -17.74 -17.04
C PRO A 6 -29.09 -16.33 -17.58
N ALA A 7 -29.21 -15.34 -16.72
CA ALA A 7 -29.02 -13.95 -17.12
C ALA A 7 -27.94 -13.28 -16.27
N LYS A 8 -27.31 -12.24 -16.82
CA LYS A 8 -26.27 -11.51 -16.12
C LYS A 8 -26.80 -10.91 -14.82
N SER A 9 -26.40 -11.49 -13.70
CA SER A 9 -26.84 -11.01 -12.39
C SER A 9 -25.74 -10.21 -11.71
N ALA A 10 -24.49 -10.63 -11.91
CA ALA A 10 -23.35 -9.95 -11.31
C ALA A 10 -23.37 -8.47 -11.64
N GLY A 11 -23.12 -7.64 -10.63
CA GLY A 11 -23.11 -6.20 -10.83
C GLY A 11 -22.68 -5.45 -9.60
N TYR A 12 -23.65 -4.96 -8.83
CA TYR A 12 -23.37 -4.22 -7.61
C TYR A 12 -24.57 -4.22 -6.67
N ASN A 13 -24.38 -4.77 -5.48
CA ASN A 13 -25.44 -4.84 -4.49
C ASN A 13 -24.89 -5.22 -3.12
N GLN A 14 -25.69 -5.01 -2.08
CA GLN A 14 -25.28 -5.33 -0.72
C GLN A 14 -24.89 -6.80 -0.61
N GLY A 15 -23.66 -7.05 -0.14
CA GLY A 15 -23.20 -8.42 0.02
C GLY A 15 -22.45 -8.91 -1.21
N ASP A 16 -22.23 -8.01 -2.16
CA ASP A 16 -21.52 -8.37 -3.39
C ASP A 16 -20.01 -8.42 -3.16
N TRP A 17 -19.33 -9.26 -3.93
CA TRP A 17 -17.88 -9.40 -3.81
C TRP A 17 -17.20 -9.16 -5.16
N VAL A 18 -16.07 -8.47 -5.11
CA VAL A 18 -15.31 -8.17 -6.33
C VAL A 18 -13.81 -8.16 -6.05
N ALA A 19 -13.05 -8.81 -6.93
CA ALA A 19 -11.61 -8.88 -6.79
C ALA A 19 -10.92 -7.82 -7.65
N SER A 20 -10.33 -6.82 -7.00
CA SER A 20 -9.64 -5.76 -7.71
C SER A 20 -8.13 -5.93 -7.64
N PHE A 21 -7.50 -6.12 -8.79
CA PHE A 21 -6.06 -6.30 -8.86
C PHE A 21 -5.40 -5.19 -9.67
N ASN A 22 -4.44 -4.50 -9.04
CA ASN A 22 -3.74 -3.41 -9.70
C ASN A 22 -2.31 -3.29 -9.17
N PHE A 23 -1.52 -2.44 -9.81
CA PHE A 23 -0.13 -2.23 -9.41
C PHE A 23 -0.01 -1.04 -8.47
N SER A 24 0.53 -1.28 -7.28
CA SER A 24 0.70 -0.23 -6.28
C SER A 24 2.10 0.39 -6.39
N LYS A 25 2.15 1.66 -6.77
CA LYS A 25 3.42 2.36 -6.90
C LYS A 25 3.75 3.13 -5.63
N VAL A 26 4.72 2.62 -4.88
CA VAL A 26 5.14 3.25 -3.63
C VAL A 26 6.20 4.31 -3.88
N TYR A 27 5.99 5.50 -3.31
CA TYR A 27 6.92 6.60 -3.47
C TYR A 27 7.45 7.08 -2.13
N VAL A 28 8.68 6.68 -1.80
CA VAL A 28 9.30 7.07 -0.54
C VAL A 28 10.78 7.40 -0.73
N GLY A 29 11.32 8.22 0.17
CA GLY A 29 12.71 8.59 0.08
C GLY A 29 12.92 10.09 0.19
N GLU A 30 12.53 10.65 1.34
CA GLU A 30 12.68 12.09 1.57
C GLU A 30 14.03 12.41 2.18
N GLU A 31 14.24 11.95 3.42
CA GLU A 31 15.48 12.18 4.12
C GLU A 31 15.45 11.57 5.52
N LEU A 32 16.48 10.80 5.85
CA LEU A 32 16.57 10.16 7.15
C LEU A 32 16.36 11.16 8.28
N GLY A 33 16.22 10.65 9.50
CA GLY A 33 16.02 11.52 10.64
C GLY A 33 17.17 11.48 11.62
N ASP A 34 17.97 12.54 11.64
CA ASP A 34 19.11 12.61 12.55
C ASP A 34 18.69 12.31 13.98
N LEU A 35 17.77 13.09 14.50
CA LEU A 35 17.29 12.92 15.86
C LEU A 35 16.12 13.85 16.16
N ASN A 36 15.36 13.52 17.20
CA ASN A 36 14.21 14.34 17.59
C ASN A 36 14.57 15.30 18.71
N VAL A 37 15.08 14.74 19.82
CA VAL A 37 15.47 15.55 20.97
C VAL A 37 16.73 16.35 20.67
N GLY A 38 17.63 15.76 19.89
CA GLY A 38 18.86 16.44 19.55
C GLY A 38 19.70 16.78 20.76
N GLY A 39 20.68 17.66 20.59
CA GLY A 39 21.54 18.05 21.68
C GLY A 39 22.99 18.16 21.27
N GLY A 40 23.60 17.03 20.94
CA GLY A 40 24.99 17.02 20.54
C GLY A 40 25.16 17.03 19.02
N ALA A 41 26.40 17.13 18.57
CA ALA A 41 26.69 17.15 17.14
C ALA A 41 26.41 15.78 16.52
N LEU A 42 25.67 15.78 15.42
CA LEU A 42 25.33 14.54 14.72
C LEU A 42 25.19 14.79 13.22
N PRO A 43 25.73 13.86 12.41
CA PRO A 43 25.68 13.95 10.96
C PRO A 43 24.27 13.72 10.42
N ASN A 44 24.15 13.63 9.09
CA ASN A 44 22.86 13.42 8.45
C ASN A 44 22.97 12.37 7.34
N ALA A 45 21.94 11.55 7.22
CA ALA A 45 21.92 10.49 6.20
C ALA A 45 20.77 10.71 5.22
N ASP A 46 20.54 9.74 4.36
CA ASP A 46 19.47 9.81 3.37
C ASP A 46 18.49 8.66 3.54
N VAL A 47 17.58 8.52 2.58
CA VAL A 47 16.59 7.46 2.62
C VAL A 47 15.90 7.30 1.26
N SER A 48 15.73 6.04 0.84
CA SER A 48 15.10 5.75 -0.44
C SER A 48 14.93 4.24 -0.62
N ILE A 49 14.21 3.86 -1.67
CA ILE A 49 13.97 2.45 -1.95
C ILE A 49 14.87 1.96 -3.09
N GLY A 50 15.08 0.65 -3.14
CA GLY A 50 15.91 0.07 -4.19
C GLY A 50 15.13 -0.27 -5.44
N ASN A 51 14.47 -1.42 -5.43
CA ASN A 51 13.68 -1.86 -6.57
C ASN A 51 12.54 -2.77 -6.12
N ASP A 52 11.37 -2.18 -5.90
CA ASP A 52 10.20 -2.93 -5.47
C ASP A 52 9.10 -2.87 -6.52
N THR A 53 9.38 -3.47 -7.68
CA THR A 53 8.42 -3.50 -8.78
C THR A 53 7.60 -4.78 -8.77
N THR A 54 6.35 -4.68 -8.31
CA THR A 54 5.47 -5.84 -8.24
C THR A 54 4.01 -5.41 -8.24
N LEU A 55 3.12 -6.35 -8.53
CA LEU A 55 1.68 -6.08 -8.56
C LEU A 55 1.06 -6.27 -7.18
N THR A 56 -0.13 -5.72 -6.99
CA THR A 56 -0.83 -5.84 -5.73
C THR A 56 -2.28 -6.29 -5.93
N PHE A 57 -2.77 -7.12 -5.03
CA PHE A 57 -4.13 -7.63 -5.10
C PHE A 57 -4.98 -7.10 -3.95
N ASP A 58 -6.16 -6.58 -4.27
CA ASP A 58 -7.07 -6.05 -3.26
C ASP A 58 -8.47 -6.61 -3.44
N ILE A 59 -9.15 -6.86 -2.32
CA ILE A 59 -10.50 -7.40 -2.35
C ILE A 59 -11.53 -6.34 -1.95
N ALA A 60 -12.42 -6.01 -2.87
CA ALA A 60 -13.46 -5.01 -2.62
C ALA A 60 -14.79 -5.69 -2.29
N TYR A 61 -15.44 -5.21 -1.24
CA TYR A 61 -16.72 -5.77 -0.82
C TYR A 61 -17.83 -4.72 -0.96
N PHE A 62 -18.80 -5.02 -1.82
CA PHE A 62 -19.91 -4.11 -2.05
C PHE A 62 -21.04 -4.37 -1.05
N VAL A 63 -21.13 -3.51 -0.04
CA VAL A 63 -22.16 -3.64 0.99
C VAL A 63 -23.31 -2.68 0.74
N SER A 64 -22.99 -1.50 0.22
CA SER A 64 -23.99 -0.49 -0.06
C SER A 64 -23.80 0.09 -1.46
N SER A 65 -24.87 0.68 -2.00
CA SER A 65 -24.83 1.25 -3.34
C SER A 65 -24.27 2.68 -3.29
N ASN A 66 -23.88 3.11 -2.09
CA ASN A 66 -23.32 4.45 -1.91
C ASN A 66 -21.84 4.39 -1.55
N ILE A 67 -21.46 3.32 -0.86
CA ILE A 67 -20.07 3.13 -0.45
C ILE A 67 -19.71 1.66 -0.39
N ALA A 68 -18.41 1.37 -0.39
CA ALA A 68 -17.93 0.00 -0.33
C ALA A 68 -16.58 -0.08 0.38
N VAL A 69 -16.14 -1.29 0.67
CA VAL A 69 -14.87 -1.52 1.35
C VAL A 69 -13.86 -2.19 0.42
N ASP A 70 -12.58 -1.95 0.69
CA ASP A 70 -11.51 -2.54 -0.13
C ASP A 70 -10.29 -2.85 0.73
N PHE A 71 -9.76 -4.06 0.57
CA PHE A 71 -8.60 -4.49 1.33
C PHE A 71 -7.40 -4.73 0.41
N PHE A 72 -6.41 -3.83 0.49
CA PHE A 72 -5.22 -3.94 -0.34
C PHE A 72 -4.18 -4.84 0.33
N VAL A 73 -3.69 -5.83 -0.43
CA VAL A 73 -2.69 -6.76 0.08
C VAL A 73 -1.72 -7.17 -1.01
N GLY A 74 -0.46 -7.36 -0.64
CA GLY A 74 0.56 -7.75 -1.59
C GLY A 74 1.76 -8.38 -0.93
N VAL A 75 2.22 -9.51 -1.49
CA VAL A 75 3.38 -10.21 -0.95
C VAL A 75 4.55 -10.17 -1.91
N PRO A 76 5.20 -9.00 -1.98
CA PRO A 76 6.37 -8.79 -2.86
C PRO A 76 7.60 -9.57 -2.40
N ALA A 77 8.55 -9.73 -3.30
CA ALA A 77 9.78 -10.47 -2.99
C ALA A 77 10.72 -9.61 -2.14
N ARG A 78 11.96 -10.06 -2.00
CA ARG A 78 12.96 -9.34 -1.23
C ARG A 78 13.52 -8.16 -2.01
N ALA A 79 13.55 -6.99 -1.37
CA ALA A 79 14.06 -5.79 -2.02
C ALA A 79 15.03 -5.05 -1.10
N LYS A 80 15.97 -4.34 -1.71
CA LYS A 80 16.97 -3.58 -0.95
C LYS A 80 16.51 -2.15 -0.73
N PHE A 81 16.68 -1.66 0.49
CA PHE A 81 16.28 -0.30 0.84
C PHE A 81 17.50 0.53 1.24
N GLN A 82 17.54 1.78 0.75
CA GLN A 82 18.65 2.67 1.04
C GLN A 82 18.30 3.59 2.21
N GLY A 83 19.33 4.02 2.95
CA GLY A 83 19.12 4.89 4.09
C GLY A 83 20.39 5.16 4.86
N GLU A 84 21.26 5.98 4.29
CA GLU A 84 22.53 6.30 4.93
C GLU A 84 23.24 7.44 4.19
N LYS A 85 24.44 7.78 4.64
CA LYS A 85 25.23 8.83 4.01
C LYS A 85 26.05 8.29 2.85
N SER A 86 27.06 7.49 3.18
CA SER A 86 27.92 6.91 2.15
C SER A 86 27.33 5.61 1.61
N ILE A 87 26.60 4.91 2.47
CA ILE A 87 25.97 3.65 2.08
C ILE A 87 24.86 3.88 1.06
N SER A 88 24.16 5.00 1.21
CA SER A 88 23.06 5.33 0.31
C SER A 88 23.56 5.49 -1.12
N SER A 89 24.62 6.26 -1.29
CA SER A 89 25.19 6.49 -2.61
C SER A 89 25.47 5.16 -3.33
N LEU A 90 26.00 4.20 -2.58
CA LEU A 90 26.30 2.89 -3.13
C LEU A 90 25.06 2.24 -3.73
N GLY A 91 23.95 2.31 -2.99
CA GLY A 91 22.71 1.72 -3.46
C GLY A 91 22.30 0.51 -2.65
N ARG A 92 23.23 -0.03 -1.87
CA ARG A 92 22.96 -1.20 -1.05
C ARG A 92 23.18 -0.89 0.43
N VAL A 93 22.10 -0.55 1.13
CA VAL A 93 22.18 -0.22 2.54
C VAL A 93 21.50 -1.30 3.40
N SER A 94 20.31 -1.70 2.97
CA SER A 94 19.55 -2.73 3.68
C SER A 94 18.87 -3.69 2.71
N GLU A 95 18.63 -4.91 3.17
CA GLU A 95 18.00 -5.92 2.35
C GLU A 95 16.93 -6.68 3.13
N VAL A 96 15.69 -6.64 2.63
CA VAL A 96 14.59 -7.31 3.29
C VAL A 96 13.31 -7.24 2.44
N ASP A 97 12.36 -8.11 2.72
CA ASP A 97 11.10 -8.14 1.99
C ASP A 97 10.15 -7.06 2.50
N TYR A 98 9.03 -6.89 1.81
CA TYR A 98 8.04 -5.90 2.19
C TYR A 98 6.66 -6.53 2.37
N GLY A 99 6.02 -6.22 3.49
CA GLY A 99 4.70 -6.77 3.77
C GLY A 99 3.65 -5.70 3.90
N PRO A 100 3.35 -5.00 2.79
CA PRO A 100 2.35 -3.93 2.77
C PRO A 100 0.94 -4.46 2.92
N ALA A 101 0.22 -3.93 3.91
CA ALA A 101 -1.16 -4.35 4.16
C ALA A 101 -2.04 -3.16 4.50
N ILE A 102 -2.89 -2.77 3.55
CA ILE A 102 -3.79 -1.64 3.74
C ILE A 102 -5.24 -2.08 3.65
N LEU A 103 -6.12 -1.37 4.36
CA LEU A 103 -7.54 -1.68 4.35
C LEU A 103 -8.37 -0.43 4.56
N SER A 104 -9.07 -0.01 3.51
CA SER A 104 -9.90 1.19 3.57
C SER A 104 -11.15 1.03 2.73
N LEU A 105 -12.08 1.97 2.85
CA LEU A 105 -13.32 1.94 2.09
C LEU A 105 -13.46 3.17 1.20
N GLN A 106 -14.19 3.02 0.11
CA GLN A 106 -14.40 4.13 -0.82
C GLN A 106 -15.83 4.67 -0.71
N TYR A 107 -15.94 5.99 -0.75
CA TYR A 107 -17.25 6.65 -0.64
C TYR A 107 -17.33 7.87 -1.55
N HIS A 108 -18.52 8.16 -2.06
CA HIS A 108 -18.73 9.30 -2.93
C HIS A 108 -19.26 10.50 -2.16
N TYR A 109 -19.08 11.69 -2.72
CA TYR A 109 -19.55 12.91 -2.07
C TYR A 109 -20.40 13.74 -3.03
N ASP A 110 -21.61 14.07 -2.59
CA ASP A 110 -22.52 14.86 -3.41
C ASP A 110 -21.85 16.14 -3.89
N SER A 111 -21.92 16.40 -5.19
CA SER A 111 -21.31 17.59 -5.77
C SER A 111 -22.19 18.15 -6.88
N PHE A 112 -21.82 19.33 -7.38
CA PHE A 112 -22.57 19.98 -8.44
C PHE A 112 -22.30 19.33 -9.79
N GLU A 113 -21.05 18.94 -10.01
CA GLU A 113 -20.64 18.30 -11.26
C GLU A 113 -21.43 17.01 -11.48
N ARG A 114 -21.19 16.38 -12.62
CA ARG A 114 -21.87 15.13 -12.96
C ARG A 114 -20.99 13.93 -12.66
N LEU A 115 -19.88 13.81 -13.39
CA LEU A 115 -18.95 12.70 -13.20
C LEU A 115 -17.74 13.14 -12.39
N TYR A 116 -17.30 12.28 -11.47
CA TYR A 116 -16.15 12.58 -10.62
C TYR A 116 -15.74 11.36 -9.81
N PRO A 117 -14.47 11.35 -9.38
CA PRO A 117 -13.93 10.24 -8.58
C PRO A 117 -14.52 10.19 -7.18
N TYR A 118 -14.11 9.18 -6.41
CA TYR A 118 -14.61 9.02 -5.05
C TYR A 118 -13.46 9.13 -4.04
N VAL A 119 -13.81 9.46 -2.80
CA VAL A 119 -12.83 9.61 -1.73
C VAL A 119 -12.89 8.44 -0.76
N GLY A 120 -11.74 7.81 -0.51
CA GLY A 120 -11.69 6.69 0.41
C GLY A 120 -10.79 6.95 1.60
N VAL A 121 -10.80 6.03 2.56
CA VAL A 121 -9.97 6.16 3.76
C VAL A 121 -10.09 4.93 4.64
N GLY A 122 -9.04 4.67 5.42
CA GLY A 122 -9.04 3.52 6.30
C GLY A 122 -7.74 3.36 7.06
N VAL A 123 -7.37 2.13 7.37
CA VAL A 123 -6.14 1.86 8.09
C VAL A 123 -5.10 1.19 7.20
N GLY A 124 -3.85 1.63 7.32
CA GLY A 124 -2.79 1.06 6.52
C GLY A 124 -1.62 0.58 7.35
N ARG A 125 -1.48 -0.72 7.50
CA ARG A 125 -0.40 -1.30 8.30
C ARG A 125 0.73 -1.77 7.39
N VAL A 126 1.96 -1.37 7.73
CA VAL A 126 3.13 -1.74 6.94
C VAL A 126 3.97 -2.77 7.68
N LEU A 127 3.97 -4.01 7.18
CA LEU A 127 4.73 -5.09 7.78
C LEU A 127 6.16 -5.11 7.26
N PHE A 128 7.11 -5.39 8.15
CA PHE A 128 8.51 -5.45 7.78
C PHE A 128 9.28 -6.40 8.69
N PHE A 129 10.05 -7.30 8.07
CA PHE A 129 10.83 -8.27 8.83
C PHE A 129 12.30 -7.86 8.89
N ASP A 130 13.10 -8.64 9.62
CA ASP A 130 14.52 -8.35 9.76
C ASP A 130 15.36 -9.37 9.00
N LYS A 131 15.73 -9.03 7.77
CA LYS A 131 16.53 -9.91 6.94
C LYS A 131 18.02 -9.67 7.17
N THR A 132 18.55 -8.62 6.54
CA THR A 132 19.96 -8.28 6.68
C THR A 132 20.23 -6.85 6.22
N ASP A 133 20.60 -5.99 7.17
CA ASP A 133 20.89 -4.60 6.87
C ASP A 133 22.39 -4.34 6.91
N GLY A 134 22.95 -3.94 5.77
CA GLY A 134 24.37 -3.67 5.68
C GLY A 134 24.73 -2.30 6.26
N ALA A 135 23.70 -1.50 6.52
CA ALA A 135 23.92 -0.16 7.08
C ALA A 135 24.93 -0.19 8.22
N LEU A 136 24.98 -1.31 8.92
CA LEU A 136 25.90 -1.47 10.04
C LEU A 136 26.11 -2.94 10.38
N SER A 137 26.89 -3.20 11.42
CA SER A 137 27.17 -4.58 11.84
C SER A 137 25.88 -5.34 12.09
N SER A 138 25.41 -6.05 11.07
CA SER A 138 24.18 -6.82 11.17
C SER A 138 23.05 -5.97 11.75
N PHE A 139 22.51 -5.08 10.93
CA PHE A 139 21.42 -4.21 11.35
C PHE A 139 20.08 -4.72 10.83
N ASP A 140 19.01 -4.24 11.44
CA ASP A 140 17.66 -4.65 11.05
C ASP A 140 16.71 -3.45 11.03
N ILE A 141 15.51 -3.65 10.50
CA ILE A 141 14.51 -2.60 10.43
C ILE A 141 13.28 -2.93 11.26
N LYS A 142 12.50 -1.91 11.59
CA LYS A 142 11.29 -2.10 12.38
C LYS A 142 10.06 -1.59 11.63
N ASP A 143 9.10 -2.46 11.42
CA ASP A 143 7.86 -2.10 10.72
C ASP A 143 6.96 -1.25 11.61
N LYS A 144 5.76 -0.98 11.13
CA LYS A 144 4.80 -0.18 11.89
C LYS A 144 3.42 -0.20 11.21
N TRP A 145 2.51 0.60 11.73
CA TRP A 145 1.16 0.68 11.19
C TRP A 145 0.52 2.03 11.50
N ALA A 146 -0.42 2.45 10.65
CA ALA A 146 -1.11 3.71 10.84
C ALA A 146 -2.19 3.92 9.78
N PRO A 147 -3.08 4.89 10.02
CA PRO A 147 -4.18 5.20 9.10
C PRO A 147 -3.68 5.84 7.81
N ALA A 148 -4.55 5.93 6.81
CA ALA A 148 -4.20 6.51 5.53
C ALA A 148 -5.45 6.92 4.76
N PHE A 149 -5.30 7.90 3.87
CA PHE A 149 -6.42 8.38 3.06
C PHE A 149 -6.32 7.86 1.63
N GLN A 150 -7.41 7.28 1.14
CA GLN A 150 -7.45 6.75 -0.21
C GLN A 150 -8.24 7.67 -1.15
N VAL A 151 -7.96 7.57 -2.44
CA VAL A 151 -8.64 8.39 -3.44
C VAL A 151 -8.62 7.73 -4.81
N GLY A 152 -9.79 7.62 -5.43
CA GLY A 152 -9.88 7.00 -6.74
C GLY A 152 -11.31 6.69 -7.14
N LEU A 153 -11.46 5.82 -8.13
CA LEU A 153 -12.78 5.44 -8.61
C LEU A 153 -12.74 4.07 -9.30
N ARG A 154 -13.91 3.53 -9.60
CA ARG A 154 -14.02 2.23 -10.25
C ARG A 154 -14.68 2.36 -11.62
N TYR A 155 -13.98 1.94 -12.66
CA TYR A 155 -14.51 2.01 -14.01
C TYR A 155 -14.85 0.61 -14.54
N ASP A 156 -15.80 0.56 -15.48
CA ASP A 156 -16.22 -0.71 -16.06
C ASP A 156 -16.02 -0.70 -17.57
N LEU A 157 -14.93 -1.32 -18.01
CA LEU A 157 -14.61 -1.39 -19.44
C LEU A 157 -15.05 -2.72 -20.03
N GLY A 158 -16.22 -2.72 -20.66
CA GLY A 158 -16.74 -3.94 -21.26
C GLY A 158 -17.39 -4.86 -20.24
N ASN A 159 -17.28 -6.16 -20.48
CA ASN A 159 -17.87 -7.15 -19.57
C ASN A 159 -16.81 -8.12 -19.06
N SER A 160 -15.85 -8.45 -19.93
CA SER A 160 -14.78 -9.37 -19.56
C SER A 160 -14.11 -8.94 -18.26
N TRP A 161 -13.51 -7.75 -18.28
CA TRP A 161 -12.84 -7.22 -17.09
C TRP A 161 -13.12 -5.73 -16.93
N MET A 162 -13.04 -5.26 -15.68
CA MET A 162 -13.29 -3.85 -15.40
C MET A 162 -11.99 -3.13 -15.03
N LEU A 163 -12.07 -1.83 -14.81
CA LEU A 163 -10.90 -1.03 -14.46
C LEU A 163 -11.06 -0.43 -13.06
N ASN A 164 -9.94 -0.31 -12.35
CA ASN A 164 -9.95 0.25 -11.01
C ASN A 164 -8.72 1.12 -10.77
N SER A 165 -8.94 2.30 -10.19
CA SER A 165 -7.85 3.23 -9.91
C SER A 165 -8.00 3.83 -8.52
N ASP A 166 -6.96 3.69 -7.70
CA ASP A 166 -6.97 4.22 -6.35
C ASP A 166 -5.59 4.72 -5.95
N VAL A 167 -5.54 5.57 -4.92
CA VAL A 167 -4.28 6.12 -4.45
C VAL A 167 -4.35 6.42 -2.96
N ARG A 168 -3.38 5.89 -2.21
CA ARG A 168 -3.33 6.10 -0.76
C ARG A 168 -2.24 7.10 -0.40
N TYR A 169 -2.58 8.06 0.46
CA TYR A 169 -1.63 9.08 0.89
C TYR A 169 -1.72 9.31 2.39
N ILE A 170 -0.58 9.34 3.05
CA ILE A 170 -0.53 9.55 4.49
C ILE A 170 0.90 9.50 5.00
N PRO A 171 1.27 10.48 5.83
CA PRO A 171 2.61 10.57 6.42
C PRO A 171 2.87 9.48 7.46
N PHE A 172 3.78 8.56 7.13
CA PHE A 172 4.10 7.47 8.04
C PHE A 172 5.60 7.46 8.36
N LYS A 173 5.94 6.95 9.54
CA LYS A 173 7.33 6.88 9.97
C LYS A 173 7.72 5.45 10.33
N THR A 174 8.88 5.03 9.85
CA THR A 174 9.38 3.68 10.12
C THR A 174 10.43 3.69 11.23
N ASP A 175 10.81 2.50 11.68
CA ASP A 175 11.81 2.38 12.74
C ASP A 175 12.98 1.51 12.28
N VAL A 176 14.11 1.62 12.97
CA VAL A 176 15.29 0.85 12.64
C VAL A 176 16.15 0.60 13.86
N THR A 177 16.75 -0.60 13.93
CA THR A 177 17.59 -0.97 15.05
C THR A 177 18.40 -2.22 14.74
N GLY A 178 19.18 -2.67 15.72
CA GLY A 178 20.00 -3.86 15.53
C GLY A 178 19.65 -4.96 16.51
N THR A 179 20.59 -5.88 16.72
CA THR A 179 20.38 -6.99 17.64
C THR A 179 21.53 -7.10 18.64
N LEU A 180 21.51 -8.17 19.43
CA LEU A 180 22.56 -8.40 20.42
C LEU A 180 23.90 -8.63 19.76
N GLY A 181 24.96 -8.07 20.35
CA GLY A 181 26.30 -8.23 19.80
C GLY A 181 26.91 -6.91 19.38
N PRO A 182 26.55 -6.44 18.17
CA PRO A 182 27.05 -5.17 17.63
C PRO A 182 26.51 -3.96 18.37
N VAL A 183 26.61 -2.80 17.74
CA VAL A 183 26.12 -1.56 18.34
C VAL A 183 24.85 -1.08 17.65
N PRO A 184 23.70 -1.59 18.12
CA PRO A 184 22.39 -1.23 17.56
C PRO A 184 21.99 0.19 17.90
N VAL A 185 21.20 0.81 17.02
CA VAL A 185 20.74 2.18 17.23
C VAL A 185 19.27 2.34 16.85
N SER A 186 18.44 2.59 17.84
CA SER A 186 17.01 2.76 17.62
C SER A 186 16.72 4.12 16.99
N THR A 187 16.43 4.11 15.69
CA THR A 187 16.12 5.35 14.97
C THR A 187 14.76 5.27 14.28
N LYS A 188 14.33 6.38 13.70
CA LYS A 188 13.05 6.44 13.01
C LYS A 188 13.09 7.46 11.87
N ILE A 189 12.37 7.16 10.80
CA ILE A 189 12.33 8.05 9.65
C ILE A 189 10.89 8.37 9.26
N GLU A 190 10.48 9.62 9.47
CA GLU A 190 9.13 10.06 9.13
C GLU A 190 9.07 10.62 7.72
N VAL A 191 8.36 9.92 6.85
CA VAL A 191 8.21 10.35 5.46
C VAL A 191 6.77 10.19 4.98
N ASP A 192 6.48 10.79 3.83
CA ASP A 192 5.13 10.72 3.26
C ASP A 192 5.11 9.81 2.04
N PRO A 193 4.87 8.51 2.29
CA PRO A 193 4.82 7.50 1.22
C PRO A 193 3.59 7.65 0.34
N PHE A 194 3.80 7.62 -0.97
CA PHE A 194 2.70 7.76 -1.93
C PHE A 194 2.44 6.44 -2.65
N ILE A 195 1.27 5.86 -2.40
CA ILE A 195 0.88 4.60 -3.02
C ILE A 195 -0.15 4.81 -4.11
N LEU A 196 0.19 4.43 -5.34
CA LEU A 196 -0.72 4.58 -6.47
C LEU A 196 -1.10 3.22 -7.04
N SER A 197 -2.35 2.83 -6.82
CA SER A 197 -2.85 1.54 -7.31
C SER A 197 -3.65 1.73 -8.60
N LEU A 198 -3.12 1.19 -9.69
CA LEU A 198 -3.77 1.29 -10.99
C LEU A 198 -3.78 -0.06 -11.71
N GLY A 199 -4.98 -0.53 -12.04
CA GLY A 199 -5.11 -1.81 -12.72
C GLY A 199 -6.53 -2.13 -13.10
N ALA A 200 -6.92 -3.39 -12.96
CA ALA A 200 -8.28 -3.82 -13.29
C ALA A 200 -8.93 -4.55 -12.13
N SER A 201 -10.20 -4.88 -12.28
CA SER A 201 -10.95 -5.57 -11.23
C SER A 201 -12.00 -6.50 -11.84
N TYR A 202 -12.54 -7.38 -11.02
CA TYR A 202 -13.57 -8.32 -11.47
C TYR A 202 -14.73 -8.37 -10.48
N VAL A 203 -15.94 -8.38 -11.01
CA VAL A 203 -17.15 -8.44 -10.18
C VAL A 203 -17.58 -9.88 -9.94
N PHE A 204 -18.20 -10.12 -8.78
CA PHE A 204 -18.67 -11.45 -8.43
C PHE A 204 -19.90 -11.38 -7.53
N LYS A 205 -21.02 -11.86 -8.05
CA LYS A 205 -22.28 -11.85 -7.30
C LYS A 205 -22.18 -12.74 -6.06
N LEU A 206 -23.15 -12.62 -5.17
CA LEU A 206 -23.18 -13.42 -3.95
C LEU A 206 -24.56 -14.01 -3.71
N ALA A 207 -24.67 -15.33 -3.84
CA ALA A 207 -25.93 -16.02 -3.64
C ALA A 207 -25.72 -17.37 -2.98
N ALA A 208 -26.77 -17.91 -2.38
CA ALA A 208 -26.71 -19.21 -1.70
C ALA A 208 -27.62 -20.22 -2.38
N ALA A 209 -27.41 -21.49 -2.08
CA ALA A 209 -28.21 -22.56 -2.66
C ALA A 209 -29.64 -22.53 -2.11
N LEU A 210 -30.61 -22.85 -2.95
CA LEU A 210 -32.02 -22.86 -2.55
C LEU A 210 -32.40 -24.20 -1.94
N GLU A 211 -33.35 -24.16 -1.01
CA GLU A 211 -33.81 -25.37 -0.35
C GLU A 211 -34.23 -26.42 -1.37
N MET A 1 -51.79 3.14 -11.53
CA MET A 1 -50.69 2.66 -10.70
C MET A 1 -49.51 2.25 -11.56
N ASN A 2 -49.76 1.38 -12.52
CA ASN A 2 -48.70 0.89 -13.41
C ASN A 2 -47.54 0.31 -12.62
N GLU A 3 -47.86 -0.35 -11.51
CA GLU A 3 -46.84 -0.96 -10.67
C GLU A 3 -46.01 -1.98 -11.45
N ASN A 4 -44.71 -1.79 -11.46
CA ASN A 4 -43.80 -2.69 -12.17
C ASN A 4 -42.69 -3.19 -11.25
N TYR A 5 -42.22 -4.39 -11.51
CA TYR A 5 -41.16 -4.99 -10.70
C TYR A 5 -39.91 -5.25 -11.54
N PRO A 6 -38.77 -5.41 -10.86
CA PRO A 6 -37.48 -5.66 -11.53
C PRO A 6 -37.42 -7.05 -12.15
N ALA A 7 -36.36 -7.30 -12.92
CA ALA A 7 -36.18 -8.58 -13.57
C ALA A 7 -35.00 -9.35 -12.97
N LYS A 8 -33.91 -8.63 -12.71
CA LYS A 8 -32.72 -9.23 -12.13
C LYS A 8 -32.00 -8.25 -11.22
N SER A 9 -31.48 -8.75 -10.10
CA SER A 9 -30.77 -7.91 -9.14
C SER A 9 -29.30 -8.33 -9.03
N ALA A 10 -28.64 -8.45 -10.18
CA ALA A 10 -27.24 -8.84 -10.22
C ALA A 10 -26.34 -7.66 -10.55
N GLY A 11 -25.05 -7.93 -10.71
CA GLY A 11 -24.11 -6.87 -11.02
C GLY A 11 -23.52 -6.22 -9.79
N TYR A 12 -24.37 -5.58 -9.00
CA TYR A 12 -23.93 -4.92 -7.78
C TYR A 12 -25.05 -4.86 -6.75
N ASN A 13 -24.84 -5.53 -5.62
CA ASN A 13 -25.84 -5.57 -4.56
C ASN A 13 -25.17 -5.76 -3.19
N GLN A 14 -25.86 -5.35 -2.14
CA GLN A 14 -25.33 -5.47 -0.79
C GLN A 14 -24.88 -6.90 -0.50
N GLY A 15 -23.60 -7.05 -0.17
CA GLY A 15 -23.06 -8.37 0.12
C GLY A 15 -22.31 -8.95 -1.06
N ASP A 16 -22.14 -8.16 -2.11
CA ASP A 16 -21.44 -8.61 -3.30
C ASP A 16 -19.93 -8.59 -3.08
N TRP A 17 -19.22 -9.48 -3.78
CA TRP A 17 -17.77 -9.57 -3.65
C TRP A 17 -17.10 -9.27 -4.97
N VAL A 18 -16.00 -8.51 -4.92
CA VAL A 18 -15.25 -8.14 -6.12
C VAL A 18 -13.76 -8.15 -5.85
N ALA A 19 -13.01 -8.74 -6.77
CA ALA A 19 -11.56 -8.82 -6.65
C ALA A 19 -10.87 -7.75 -7.49
N SER A 20 -10.24 -6.80 -6.81
CA SER A 20 -9.56 -5.71 -7.49
C SER A 20 -8.05 -5.97 -7.58
N PHE A 21 -7.57 -6.26 -8.78
CA PHE A 21 -6.15 -6.54 -8.99
C PHE A 21 -5.47 -5.39 -9.72
N ASN A 22 -4.52 -4.75 -9.04
CA ASN A 22 -3.79 -3.63 -9.61
C ASN A 22 -2.41 -3.49 -8.98
N PHE A 23 -1.59 -2.60 -9.53
CA PHE A 23 -0.25 -2.37 -9.02
C PHE A 23 -0.19 -1.08 -8.21
N SER A 24 0.46 -1.14 -7.05
CA SER A 24 0.60 0.01 -6.18
C SER A 24 2.01 0.60 -6.25
N LYS A 25 2.13 1.75 -6.89
CA LYS A 25 3.42 2.41 -7.03
C LYS A 25 3.70 3.31 -5.83
N VAL A 26 4.65 2.91 -5.00
CA VAL A 26 5.02 3.68 -3.82
C VAL A 26 6.18 4.63 -4.12
N TYR A 27 6.01 5.89 -3.73
CA TYR A 27 7.04 6.90 -3.96
C TYR A 27 7.52 7.49 -2.64
N VAL A 28 8.68 7.02 -2.18
CA VAL A 28 9.26 7.49 -0.93
C VAL A 28 10.79 7.44 -0.98
N GLY A 29 11.43 8.40 -0.33
CA GLY A 29 12.88 8.44 -0.32
C GLY A 29 13.42 9.85 -0.25
N GLU A 30 13.19 10.52 0.88
CA GLU A 30 13.65 11.90 1.07
C GLU A 30 15.06 11.91 1.67
N GLU A 31 15.18 11.44 2.91
CA GLU A 31 16.46 11.40 3.58
C GLU A 31 16.37 10.60 4.88
N LEU A 32 17.52 10.32 5.48
CA LEU A 32 17.57 9.56 6.73
C LEU A 32 17.37 10.48 7.93
N GLY A 33 17.03 9.89 9.07
CA GLY A 33 16.82 10.67 10.27
C GLY A 33 18.00 11.58 10.59
N ASP A 34 19.19 11.12 10.26
CA ASP A 34 20.40 11.89 10.50
C ASP A 34 20.50 12.30 11.97
N LEU A 35 20.07 11.41 12.85
CA LEU A 35 20.10 11.67 14.29
C LEU A 35 21.54 11.76 14.79
N ASN A 36 21.85 12.85 15.49
CA ASN A 36 23.19 13.06 16.03
C ASN A 36 23.18 12.98 17.55
N VAL A 37 23.65 11.84 18.08
CA VAL A 37 23.70 11.64 19.52
C VAL A 37 24.85 12.42 20.15
N GLY A 38 25.95 12.54 19.42
CA GLY A 38 27.11 13.26 19.92
C GLY A 38 28.15 13.50 18.85
N GLY A 39 28.36 14.76 18.50
CA GLY A 39 29.34 15.10 17.48
C GLY A 39 29.26 16.54 17.04
N GLY A 40 30.09 16.92 16.08
CA GLY A 40 30.09 18.29 15.60
C GLY A 40 29.39 18.44 14.26
N ALA A 41 30.12 18.89 13.25
CA ALA A 41 29.56 19.07 11.91
C ALA A 41 29.73 17.82 11.07
N LEU A 42 28.63 17.10 10.86
CA LEU A 42 28.66 15.87 10.08
C LEU A 42 27.75 15.99 8.85
N PRO A 43 28.00 15.14 7.84
CA PRO A 43 27.21 15.14 6.61
C PRO A 43 25.80 14.61 6.82
N ASN A 44 25.07 14.42 5.72
CA ASN A 44 23.71 13.92 5.80
C ASN A 44 23.51 12.71 4.89
N ALA A 45 22.67 11.78 5.31
CA ALA A 45 22.41 10.58 4.53
C ALA A 45 21.20 10.77 3.62
N ASP A 46 21.00 9.84 2.69
CA ASP A 46 19.89 9.92 1.76
C ASP A 46 19.25 8.55 1.57
N VAL A 47 17.91 8.50 1.62
CA VAL A 47 17.18 7.25 1.45
C VAL A 47 16.54 7.17 0.07
N SER A 48 16.54 5.97 -0.50
CA SER A 48 15.96 5.75 -1.82
C SER A 48 15.53 4.31 -1.99
N ILE A 49 14.53 4.09 -2.85
CA ILE A 49 14.02 2.75 -3.10
C ILE A 49 13.79 2.52 -4.60
N GLY A 50 13.77 1.26 -5.00
CA GLY A 50 13.56 0.93 -6.40
C GLY A 50 12.09 0.77 -6.75
N ASN A 51 11.58 -0.45 -6.62
CA ASN A 51 10.18 -0.73 -6.92
C ASN A 51 9.85 -0.34 -8.35
N ASP A 52 10.57 -0.90 -9.30
CA ASP A 52 10.34 -0.62 -10.71
C ASP A 52 8.90 -0.89 -11.10
N THR A 53 8.45 -2.12 -10.89
CA THR A 53 7.09 -2.52 -11.22
C THR A 53 6.71 -3.81 -10.51
N THR A 54 5.48 -3.85 -9.99
CA THR A 54 4.99 -5.03 -9.29
C THR A 54 3.47 -5.02 -9.19
N LEU A 55 2.86 -6.20 -9.23
CA LEU A 55 1.41 -6.33 -9.14
C LEU A 55 0.97 -6.48 -7.69
N THR A 56 -0.29 -6.13 -7.43
CA THR A 56 -0.83 -6.23 -6.08
C THR A 56 -2.28 -6.71 -6.10
N PHE A 57 -2.66 -7.50 -5.11
CA PHE A 57 -4.02 -8.03 -5.02
C PHE A 57 -4.83 -7.25 -3.98
N ASP A 58 -6.04 -6.85 -4.36
CA ASP A 58 -6.92 -6.10 -3.47
C ASP A 58 -8.30 -6.74 -3.40
N ILE A 59 -8.86 -6.79 -2.20
CA ILE A 59 -10.19 -7.38 -1.99
C ILE A 59 -11.22 -6.31 -1.67
N ALA A 60 -12.19 -6.14 -2.57
CA ALA A 60 -13.24 -5.15 -2.37
C ALA A 60 -14.60 -5.83 -2.24
N TYR A 61 -15.50 -5.20 -1.49
CA TYR A 61 -16.83 -5.74 -1.28
C TYR A 61 -17.90 -4.69 -1.55
N PHE A 62 -18.97 -5.08 -2.24
CA PHE A 62 -20.05 -4.17 -2.57
C PHE A 62 -21.21 -4.33 -1.58
N VAL A 63 -21.30 -3.39 -0.65
CA VAL A 63 -22.36 -3.41 0.37
C VAL A 63 -23.50 -2.47 -0.01
N SER A 64 -23.15 -1.35 -0.65
CA SER A 64 -24.14 -0.37 -1.06
C SER A 64 -23.87 0.11 -2.48
N SER A 65 -24.91 0.65 -3.12
CA SER A 65 -24.78 1.14 -4.49
C SER A 65 -24.23 2.57 -4.50
N ASN A 66 -23.89 3.08 -3.32
CA ASN A 66 -23.35 4.43 -3.20
C ASN A 66 -21.90 4.40 -2.72
N ILE A 67 -21.57 3.38 -1.93
CA ILE A 67 -20.22 3.22 -1.41
C ILE A 67 -19.79 1.76 -1.40
N ALA A 68 -18.49 1.54 -1.24
CA ALA A 68 -17.96 0.18 -1.21
C ALA A 68 -16.64 0.13 -0.44
N VAL A 69 -16.18 -1.09 -0.15
CA VAL A 69 -14.93 -1.28 0.58
C VAL A 69 -13.85 -1.88 -0.31
N ASP A 70 -12.60 -1.52 -0.05
CA ASP A 70 -11.48 -2.03 -0.84
C ASP A 70 -10.22 -2.10 0.02
N PHE A 71 -9.58 -3.26 0.02
CA PHE A 71 -8.36 -3.46 0.79
C PHE A 71 -7.20 -3.87 -0.11
N PHE A 72 -6.05 -3.23 0.08
CA PHE A 72 -4.87 -3.52 -0.72
C PHE A 72 -3.96 -4.52 -0.01
N VAL A 73 -3.48 -5.51 -0.76
CA VAL A 73 -2.61 -6.53 -0.20
C VAL A 73 -1.57 -6.98 -1.21
N GLY A 74 -0.32 -7.12 -0.75
CA GLY A 74 0.75 -7.53 -1.63
C GLY A 74 1.89 -8.21 -0.88
N VAL A 75 2.44 -9.26 -1.47
CA VAL A 75 3.54 -9.99 -0.86
C VAL A 75 4.75 -10.05 -1.78
N PRO A 76 5.37 -8.88 -2.03
CA PRO A 76 6.55 -8.78 -2.90
C PRO A 76 7.78 -9.41 -2.28
N ALA A 77 8.72 -9.83 -3.13
CA ALA A 77 9.95 -10.45 -2.66
C ALA A 77 10.82 -9.44 -1.93
N ARG A 78 12.08 -9.82 -1.68
CA ARG A 78 13.02 -8.95 -0.99
C ARG A 78 13.55 -7.87 -1.93
N ALA A 79 13.48 -6.62 -1.49
CA ALA A 79 13.96 -5.50 -2.29
C ALA A 79 15.05 -4.73 -1.56
N LYS A 80 16.05 -4.27 -2.30
CA LYS A 80 17.16 -3.51 -1.73
C LYS A 80 16.88 -2.02 -1.76
N PHE A 81 17.15 -1.35 -0.65
CA PHE A 81 16.92 0.08 -0.54
C PHE A 81 18.15 0.79 0.04
N GLN A 82 18.32 2.06 -0.33
CA GLN A 82 19.45 2.84 0.15
C GLN A 82 19.03 3.75 1.31
N GLY A 83 19.99 4.13 2.14
CA GLY A 83 19.71 5.00 3.26
C GLY A 83 20.94 5.30 4.09
N GLU A 84 21.86 6.07 3.50
CA GLU A 84 23.09 6.43 4.19
C GLU A 84 23.87 7.49 3.41
N LYS A 85 25.04 7.84 3.90
CA LYS A 85 25.88 8.84 3.25
C LYS A 85 26.76 8.20 2.18
N SER A 86 27.73 7.41 2.61
CA SER A 86 28.64 6.74 1.68
C SER A 86 28.04 5.42 1.20
N ILE A 87 27.25 4.79 2.06
CA ILE A 87 26.62 3.52 1.73
C ILE A 87 25.57 3.70 0.63
N SER A 88 24.90 4.85 0.64
CA SER A 88 23.88 5.15 -0.35
C SER A 88 24.47 5.21 -1.75
N SER A 89 25.58 5.94 -1.88
CA SER A 89 26.24 6.09 -3.18
C SER A 89 26.52 4.72 -3.80
N LEU A 90 26.96 3.77 -2.99
CA LEU A 90 27.25 2.43 -3.46
C LEU A 90 26.03 1.79 -4.10
N GLY A 91 24.89 1.88 -3.41
CA GLY A 91 23.66 1.31 -3.94
C GLY A 91 23.15 0.17 -3.08
N ARG A 92 24.00 -0.35 -2.21
CA ARG A 92 23.62 -1.46 -1.35
C ARG A 92 23.76 -1.06 0.13
N VAL A 93 22.66 -0.58 0.71
CA VAL A 93 22.66 -0.17 2.11
C VAL A 93 21.87 -1.15 2.97
N SER A 94 20.64 -1.42 2.57
CA SER A 94 19.78 -2.34 3.30
C SER A 94 18.96 -3.21 2.34
N GLU A 95 18.72 -4.45 2.75
CA GLU A 95 17.95 -5.37 1.92
C GLU A 95 16.85 -6.05 2.75
N VAL A 96 15.62 -5.96 2.26
CA VAL A 96 14.48 -6.54 2.94
C VAL A 96 13.20 -6.41 2.11
N ASP A 97 12.24 -7.30 2.37
CA ASP A 97 10.97 -7.27 1.65
C ASP A 97 9.99 -6.32 2.30
N TYR A 98 8.85 -6.11 1.65
CA TYR A 98 7.82 -5.21 2.18
C TYR A 98 6.44 -5.87 2.10
N GLY A 99 5.76 -5.91 3.24
CA GLY A 99 4.43 -6.50 3.28
C GLY A 99 3.35 -5.48 3.57
N PRO A 100 3.05 -4.63 2.57
CA PRO A 100 2.03 -3.60 2.70
C PRO A 100 0.61 -4.18 2.77
N ALA A 101 -0.05 -4.01 3.91
CA ALA A 101 -1.40 -4.51 4.09
C ALA A 101 -2.31 -3.43 4.64
N ILE A 102 -3.17 -2.89 3.77
CA ILE A 102 -4.11 -1.84 4.16
C ILE A 102 -5.53 -2.20 3.77
N LEU A 103 -6.50 -1.69 4.52
CA LEU A 103 -7.90 -1.95 4.25
C LEU A 103 -8.76 -0.71 4.50
N SER A 104 -9.29 -0.14 3.42
CA SER A 104 -10.11 1.06 3.52
C SER A 104 -11.38 0.91 2.68
N LEU A 105 -12.15 1.99 2.60
CA LEU A 105 -13.39 1.99 1.83
C LEU A 105 -13.50 3.25 0.98
N GLN A 106 -14.14 3.13 -0.19
CA GLN A 106 -14.31 4.25 -1.08
C GLN A 106 -15.75 4.78 -1.03
N TYR A 107 -15.89 6.10 -0.95
CA TYR A 107 -17.20 6.72 -0.90
C TYR A 107 -17.21 8.05 -1.65
N HIS A 108 -18.40 8.50 -2.03
CA HIS A 108 -18.54 9.75 -2.76
C HIS A 108 -19.61 10.63 -2.11
N TYR A 109 -19.43 11.95 -2.23
CA TYR A 109 -20.37 12.90 -1.65
C TYR A 109 -21.47 13.26 -2.64
N ASP A 110 -22.65 13.58 -2.12
CA ASP A 110 -23.78 13.95 -2.96
C ASP A 110 -23.42 15.10 -3.88
N SER A 111 -23.26 14.81 -5.17
CA SER A 111 -22.91 15.83 -6.15
C SER A 111 -23.49 15.49 -7.51
N PHE A 112 -24.24 16.44 -8.08
CA PHE A 112 -24.86 16.25 -9.38
C PHE A 112 -24.39 17.31 -10.37
N GLU A 113 -23.11 17.62 -10.32
CA GLU A 113 -22.53 18.62 -11.22
C GLU A 113 -21.87 17.97 -12.43
N ARG A 114 -20.88 17.13 -12.18
CA ARG A 114 -20.16 16.44 -13.25
C ARG A 114 -19.45 15.20 -12.71
N LEU A 115 -18.93 14.39 -13.62
CA LEU A 115 -18.22 13.16 -13.24
C LEU A 115 -16.97 13.49 -12.45
N TYR A 116 -16.77 12.79 -11.34
CA TYR A 116 -15.60 13.00 -10.49
C TYR A 116 -15.25 11.73 -9.71
N PRO A 117 -14.01 11.67 -9.23
CA PRO A 117 -13.52 10.52 -8.46
C PRO A 117 -14.16 10.43 -7.07
N TYR A 118 -13.82 9.38 -6.34
CA TYR A 118 -14.36 9.18 -5.00
C TYR A 118 -13.27 9.25 -3.94
N VAL A 119 -13.64 9.59 -2.72
CA VAL A 119 -12.69 9.70 -1.62
C VAL A 119 -12.79 8.48 -0.70
N GLY A 120 -11.66 7.84 -0.45
CA GLY A 120 -11.63 6.67 0.41
C GLY A 120 -10.74 6.86 1.62
N VAL A 121 -10.86 5.95 2.59
CA VAL A 121 -10.05 6.03 3.80
C VAL A 121 -10.22 4.77 4.65
N GLY A 122 -9.21 4.47 5.45
CA GLY A 122 -9.26 3.29 6.30
C GLY A 122 -8.00 3.11 7.13
N VAL A 123 -7.64 1.86 7.37
CA VAL A 123 -6.44 1.55 8.16
C VAL A 123 -5.38 0.88 7.29
N GLY A 124 -4.15 1.38 7.41
CA GLY A 124 -3.06 0.83 6.63
C GLY A 124 -1.90 0.35 7.50
N ARG A 125 -1.73 -0.96 7.58
CA ARG A 125 -0.66 -1.54 8.38
C ARG A 125 0.42 -2.15 7.50
N VAL A 126 1.66 -1.69 7.69
CA VAL A 126 2.78 -2.17 6.90
C VAL A 126 3.69 -3.07 7.74
N LEU A 127 3.83 -4.33 7.33
CA LEU A 127 4.66 -5.28 8.05
C LEU A 127 5.63 -5.98 7.09
N PHE A 128 6.76 -6.43 7.63
CA PHE A 128 7.78 -7.11 6.83
C PHE A 128 8.69 -7.94 7.71
N PHE A 129 9.52 -8.76 7.08
CA PHE A 129 10.46 -9.62 7.81
C PHE A 129 11.87 -9.03 7.77
N ASP A 130 12.40 -8.68 8.93
CA ASP A 130 13.74 -8.12 9.02
C ASP A 130 14.76 -9.02 8.32
N LYS A 131 15.15 -8.64 7.11
CA LYS A 131 16.11 -9.41 6.34
C LYS A 131 17.53 -9.14 6.83
N THR A 132 18.13 -8.05 6.34
CA THR A 132 19.48 -7.69 6.73
C THR A 132 19.86 -6.32 6.17
N ASP A 133 20.34 -5.44 7.04
CA ASP A 133 20.74 -4.09 6.63
C ASP A 133 22.25 -3.90 6.80
N GLY A 134 22.95 -3.71 5.69
CA GLY A 134 24.38 -3.51 5.74
C GLY A 134 24.76 -2.09 6.11
N ALA A 135 23.76 -1.23 6.25
CA ALA A 135 23.99 0.17 6.61
C ALA A 135 24.98 0.28 7.76
N LEU A 136 24.99 -0.73 8.63
CA LEU A 136 25.89 -0.74 9.78
C LEU A 136 26.09 -2.15 10.30
N SER A 137 26.87 -2.28 11.38
CA SER A 137 27.14 -3.58 11.98
C SER A 137 25.83 -4.35 12.25
N SER A 138 25.46 -5.22 11.32
CA SER A 138 24.24 -6.00 11.46
C SER A 138 23.07 -5.12 11.87
N PHE A 139 22.57 -4.33 10.92
CA PHE A 139 21.45 -3.44 11.18
C PHE A 139 20.14 -4.08 10.77
N ASP A 140 19.03 -3.58 11.33
CA ASP A 140 17.71 -4.11 11.02
C ASP A 140 16.68 -2.99 10.93
N ILE A 141 15.46 -3.33 10.56
CA ILE A 141 14.39 -2.35 10.44
C ILE A 141 13.12 -2.83 11.14
N LYS A 142 12.32 -1.89 11.59
CA LYS A 142 11.07 -2.21 12.28
C LYS A 142 9.87 -1.58 11.57
N ASP A 143 8.93 -2.42 11.16
CA ASP A 143 7.73 -1.95 10.48
C ASP A 143 6.80 -1.23 11.44
N LYS A 144 5.57 -0.99 11.01
CA LYS A 144 4.57 -0.31 11.82
C LYS A 144 3.20 -0.32 11.15
N TRP A 145 2.20 0.22 11.84
CA TRP A 145 0.85 0.28 11.30
C TRP A 145 0.13 1.54 11.76
N ALA A 146 -0.84 1.99 10.97
CA ALA A 146 -1.60 3.19 11.30
C ALA A 146 -2.63 3.50 10.22
N PRO A 147 -3.55 4.42 10.53
CA PRO A 147 -4.60 4.83 9.60
C PRO A 147 -4.06 5.62 8.41
N ALA A 148 -4.73 5.52 7.28
CA ALA A 148 -4.32 6.24 6.07
C ALA A 148 -5.52 6.62 5.22
N PHE A 149 -5.29 7.49 4.24
CA PHE A 149 -6.35 7.94 3.36
C PHE A 149 -6.05 7.57 1.91
N GLN A 150 -7.07 7.67 1.05
CA GLN A 150 -6.91 7.34 -0.36
C GLN A 150 -7.98 8.03 -1.20
N VAL A 151 -7.74 8.12 -2.51
CA VAL A 151 -8.68 8.75 -3.42
C VAL A 151 -8.59 8.12 -4.81
N GLY A 152 -9.74 7.66 -5.32
CA GLY A 152 -9.77 7.04 -6.62
C GLY A 152 -11.19 6.76 -7.10
N LEU A 153 -11.30 5.97 -8.16
CA LEU A 153 -12.62 5.63 -8.71
C LEU A 153 -12.62 4.20 -9.25
N ARG A 154 -13.81 3.62 -9.37
CA ARG A 154 -13.94 2.26 -9.88
C ARG A 154 -14.91 2.22 -11.06
N TYR A 155 -14.42 1.75 -12.20
CA TYR A 155 -15.24 1.65 -13.40
C TYR A 155 -15.18 0.25 -14.00
N ASP A 156 -15.99 0.01 -15.02
CA ASP A 156 -16.03 -1.30 -15.68
C ASP A 156 -15.72 -1.16 -17.17
N LEU A 157 -14.53 -1.58 -17.56
CA LEU A 157 -14.10 -1.50 -18.95
C LEU A 157 -14.20 -2.88 -19.63
N GLY A 158 -15.30 -3.10 -20.34
CA GLY A 158 -15.49 -4.37 -21.02
C GLY A 158 -16.10 -5.42 -20.13
N ASN A 159 -16.64 -6.47 -20.74
CA ASN A 159 -17.27 -7.55 -19.99
C ASN A 159 -16.21 -8.43 -19.32
N SER A 160 -16.55 -8.97 -18.16
CA SER A 160 -15.63 -9.83 -17.42
C SER A 160 -14.27 -9.15 -17.24
N TRP A 161 -14.30 -7.84 -17.05
CA TRP A 161 -13.07 -7.07 -16.87
C TRP A 161 -13.38 -5.63 -16.48
N MET A 162 -13.04 -5.26 -15.25
CA MET A 162 -13.28 -3.91 -14.76
C MET A 162 -11.97 -3.15 -14.58
N LEU A 163 -12.08 -1.86 -14.27
CA LEU A 163 -10.91 -1.03 -14.08
C LEU A 163 -10.99 -0.25 -12.76
N ASN A 164 -9.87 -0.15 -12.06
CA ASN A 164 -9.83 0.58 -10.79
C ASN A 164 -8.57 1.42 -10.69
N SER A 165 -8.73 2.66 -10.22
CA SER A 165 -7.59 3.57 -10.08
C SER A 165 -7.76 4.44 -8.84
N ASP A 166 -6.78 4.37 -7.94
CA ASP A 166 -6.82 5.15 -6.70
C ASP A 166 -5.40 5.48 -6.23
N VAL A 167 -5.31 6.33 -5.22
CA VAL A 167 -4.02 6.72 -4.66
C VAL A 167 -4.08 6.85 -3.15
N ARG A 168 -3.26 6.06 -2.46
CA ARG A 168 -3.22 6.09 -1.00
C ARG A 168 -2.14 7.04 -0.50
N TYR A 169 -2.48 7.84 0.50
CA TYR A 169 -1.53 8.80 1.06
C TYR A 169 -1.57 8.76 2.59
N ILE A 170 -0.39 8.79 3.19
CA ILE A 170 -0.29 8.76 4.65
C ILE A 170 1.17 8.76 5.09
N PRO A 171 1.56 9.80 5.85
CA PRO A 171 2.93 9.95 6.36
C PRO A 171 3.25 8.92 7.43
N PHE A 172 4.18 8.02 7.12
CA PHE A 172 4.58 6.98 8.06
C PHE A 172 6.06 7.12 8.43
N LYS A 173 6.52 6.26 9.33
CA LYS A 173 7.91 6.29 9.77
C LYS A 173 8.37 4.91 10.21
N THR A 174 9.59 4.54 9.83
CA THR A 174 10.15 3.24 10.19
C THR A 174 11.15 3.37 11.34
N ASP A 175 11.33 2.29 12.09
CA ASP A 175 12.27 2.29 13.21
C ASP A 175 13.41 1.30 12.96
N VAL A 176 14.56 1.82 12.57
CA VAL A 176 15.73 0.99 12.31
C VAL A 176 16.65 0.93 13.52
N THR A 177 17.30 -0.21 13.71
CA THR A 177 18.22 -0.39 14.83
C THR A 177 19.07 -1.65 14.64
N GLY A 178 20.15 -1.73 15.40
CA GLY A 178 21.04 -2.88 15.30
C GLY A 178 21.22 -3.58 16.64
N THR A 179 21.70 -4.82 16.59
CA THR A 179 21.92 -5.60 17.80
C THR A 179 23.40 -5.80 18.07
N LEU A 180 23.92 -5.09 19.07
CA LEU A 180 25.33 -5.19 19.43
C LEU A 180 25.51 -5.17 20.95
N GLY A 181 26.71 -5.52 21.39
CA GLY A 181 27.00 -5.53 22.81
C GLY A 181 26.59 -4.25 23.51
N PRO A 182 27.33 -3.17 23.25
CA PRO A 182 27.07 -1.86 23.84
C PRO A 182 25.80 -1.23 23.29
N VAL A 183 25.56 0.04 23.65
CA VAL A 183 24.38 0.76 23.18
C VAL A 183 24.33 0.81 21.66
N PRO A 184 23.35 0.09 21.08
CA PRO A 184 23.16 0.03 19.63
C PRO A 184 22.68 1.36 19.06
N VAL A 185 22.75 1.50 17.74
CA VAL A 185 22.32 2.71 17.06
C VAL A 185 20.89 2.58 16.55
N SER A 186 19.96 3.27 17.22
CA SER A 186 18.56 3.22 16.83
C SER A 186 18.12 4.56 16.24
N THR A 187 17.56 4.50 15.03
CA THR A 187 17.10 5.70 14.35
C THR A 187 15.76 5.46 13.66
N LYS A 188 15.04 6.55 13.39
CA LYS A 188 13.75 6.45 12.72
C LYS A 188 13.68 7.39 11.52
N ILE A 189 12.90 7.00 10.52
CA ILE A 189 12.75 7.80 9.31
C ILE A 189 11.28 7.97 8.94
N GLU A 190 10.77 9.18 9.13
CA GLU A 190 9.37 9.48 8.82
C GLU A 190 9.25 10.16 7.46
N VAL A 191 8.55 9.51 6.54
CA VAL A 191 8.36 10.05 5.20
C VAL A 191 6.92 9.85 4.72
N ASP A 192 6.55 10.58 3.67
CA ASP A 192 5.20 10.49 3.12
C ASP A 192 5.21 9.73 1.80
N PRO A 193 5.08 8.40 1.88
CA PRO A 193 5.07 7.53 0.69
C PRO A 193 3.81 7.70 -0.14
N PHE A 194 3.97 7.86 -1.44
CA PHE A 194 2.84 8.04 -2.35
C PHE A 194 2.52 6.73 -3.06
N ILE A 195 1.41 6.10 -2.66
CA ILE A 195 0.99 4.84 -3.26
C ILE A 195 -0.08 5.07 -4.31
N LEU A 196 0.17 4.58 -5.53
CA LEU A 196 -0.77 4.72 -6.62
C LEU A 196 -1.24 3.37 -7.14
N SER A 197 -2.50 3.03 -6.84
CA SER A 197 -3.07 1.76 -7.26
C SER A 197 -3.79 1.90 -8.60
N LEU A 198 -3.34 1.15 -9.59
CA LEU A 198 -3.94 1.19 -10.92
C LEU A 198 -3.93 -0.19 -11.58
N GLY A 199 -5.10 -0.64 -12.02
CA GLY A 199 -5.20 -1.93 -12.67
C GLY A 199 -6.63 -2.29 -13.03
N ALA A 200 -6.95 -3.58 -12.96
CA ALA A 200 -8.29 -4.04 -13.29
C ALA A 200 -8.95 -4.72 -12.09
N SER A 201 -10.22 -5.07 -12.24
CA SER A 201 -10.97 -5.71 -11.16
C SER A 201 -12.07 -6.61 -11.72
N TYR A 202 -12.70 -7.37 -10.84
CA TYR A 202 -13.77 -8.29 -11.25
C TYR A 202 -14.84 -8.38 -10.17
N VAL A 203 -16.09 -8.59 -10.59
CA VAL A 203 -17.20 -8.70 -9.66
C VAL A 203 -17.76 -10.12 -9.65
N PHE A 204 -18.44 -10.47 -8.56
CA PHE A 204 -19.01 -11.80 -8.42
C PHE A 204 -19.87 -11.89 -7.15
N LYS A 205 -20.83 -12.80 -7.15
CA LYS A 205 -21.70 -13.00 -6.00
C LYS A 205 -21.83 -14.47 -5.66
N LEU A 206 -22.59 -14.78 -4.61
CA LEU A 206 -22.81 -16.15 -4.17
C LEU A 206 -23.63 -16.91 -5.20
N ALA A 207 -23.19 -18.12 -5.53
CA ALA A 207 -23.91 -18.95 -6.49
C ALA A 207 -25.23 -19.45 -5.91
N ALA A 208 -26.25 -19.50 -6.77
CA ALA A 208 -27.57 -19.95 -6.35
C ALA A 208 -27.64 -21.47 -6.31
N ALA A 209 -27.65 -22.02 -5.10
CA ALA A 209 -27.71 -23.48 -4.91
C ALA A 209 -29.15 -23.94 -4.75
N LEU A 210 -29.90 -23.23 -3.90
CA LEU A 210 -31.30 -23.58 -3.64
C LEU A 210 -32.24 -22.52 -4.22
N GLU A 211 -33.01 -22.91 -5.23
CA GLU A 211 -33.95 -21.99 -5.86
C GLU A 211 -35.37 -22.24 -5.37
N MET A 1 -56.68 -1.43 -2.21
CA MET A 1 -55.37 -1.63 -1.58
C MET A 1 -54.65 -2.83 -2.19
N ASN A 2 -53.42 -2.60 -2.62
CA ASN A 2 -52.61 -3.67 -3.21
C ASN A 2 -51.31 -3.87 -2.44
N GLU A 3 -50.56 -4.90 -2.81
CA GLU A 3 -49.30 -5.20 -2.15
C GLU A 3 -48.17 -5.30 -3.17
N ASN A 4 -46.98 -4.85 -2.77
CA ASN A 4 -45.82 -4.88 -3.65
C ASN A 4 -44.56 -5.23 -2.87
N TYR A 5 -43.50 -5.61 -3.57
CA TYR A 5 -42.24 -5.96 -2.95
C TYR A 5 -41.15 -4.97 -3.32
N PRO A 6 -40.07 -4.94 -2.52
CA PRO A 6 -38.94 -4.04 -2.75
C PRO A 6 -38.13 -4.43 -3.98
N ALA A 7 -37.09 -3.66 -4.28
CA ALA A 7 -36.23 -3.92 -5.43
C ALA A 7 -34.80 -3.45 -5.16
N LYS A 8 -33.84 -4.20 -5.67
CA LYS A 8 -32.43 -3.86 -5.50
C LYS A 8 -31.66 -4.03 -6.80
N SER A 9 -30.67 -3.17 -7.01
CA SER A 9 -29.86 -3.22 -8.23
C SER A 9 -29.15 -4.57 -8.34
N ALA A 10 -29.05 -5.07 -9.57
CA ALA A 10 -28.40 -6.35 -9.83
C ALA A 10 -26.88 -6.17 -9.96
N GLY A 11 -26.48 -5.16 -10.72
CA GLY A 11 -25.06 -4.89 -10.93
C GLY A 11 -24.32 -4.76 -9.62
N TYR A 12 -24.93 -4.11 -8.65
CA TYR A 12 -24.31 -3.91 -7.33
C TYR A 12 -25.35 -3.98 -6.23
N ASN A 13 -25.25 -5.02 -5.39
CA ASN A 13 -26.18 -5.20 -4.29
C ASN A 13 -25.44 -5.48 -2.99
N GLN A 14 -26.09 -5.20 -1.86
CA GLN A 14 -25.47 -5.44 -0.56
C GLN A 14 -24.99 -6.87 -0.42
N GLY A 15 -23.70 -7.04 -0.20
CA GLY A 15 -23.12 -8.36 -0.05
C GLY A 15 -22.40 -8.82 -1.30
N ASP A 16 -22.27 -7.92 -2.27
CA ASP A 16 -21.59 -8.25 -3.52
C ASP A 16 -20.08 -8.32 -3.32
N TRP A 17 -19.41 -9.14 -4.11
CA TRP A 17 -17.97 -9.30 -4.02
C TRP A 17 -17.30 -8.97 -5.35
N VAL A 18 -16.14 -8.31 -5.28
CA VAL A 18 -15.40 -7.94 -6.47
C VAL A 18 -13.90 -7.92 -6.20
N ALA A 19 -13.16 -8.71 -6.97
CA ALA A 19 -11.71 -8.78 -6.83
C ALA A 19 -11.01 -7.67 -7.61
N SER A 20 -10.37 -6.76 -6.88
CA SER A 20 -9.67 -5.64 -7.50
C SER A 20 -8.16 -5.85 -7.44
N PHE A 21 -7.57 -6.11 -8.60
CA PHE A 21 -6.13 -6.33 -8.69
C PHE A 21 -5.45 -5.21 -9.47
N ASN A 22 -4.48 -4.55 -8.83
CA ASN A 22 -3.76 -3.46 -9.48
C ASN A 22 -2.34 -3.35 -8.91
N PHE A 23 -1.51 -2.55 -9.57
CA PHE A 23 -0.13 -2.35 -9.14
C PHE A 23 0.00 -1.10 -8.29
N SER A 24 0.60 -1.24 -7.11
CA SER A 24 0.78 -0.12 -6.20
C SER A 24 2.17 0.47 -6.33
N LYS A 25 2.26 1.67 -6.89
CA LYS A 25 3.53 2.34 -7.09
C LYS A 25 3.90 3.17 -5.86
N VAL A 26 4.88 2.67 -5.10
CA VAL A 26 5.33 3.37 -3.89
C VAL A 26 6.39 4.40 -4.21
N TYR A 27 6.29 5.57 -3.57
CA TYR A 27 7.25 6.65 -3.79
C TYR A 27 7.69 7.26 -2.47
N VAL A 28 8.90 6.90 -2.03
CA VAL A 28 9.44 7.41 -0.78
C VAL A 28 10.92 7.07 -0.65
N GLY A 29 11.65 7.88 0.11
CA GLY A 29 13.07 7.65 0.31
C GLY A 29 13.91 8.89 0.06
N GLU A 30 13.80 9.85 0.97
CA GLU A 30 14.56 11.10 0.84
C GLU A 30 15.92 10.98 1.51
N GLU A 31 15.91 10.84 2.84
CA GLU A 31 17.14 10.73 3.61
C GLU A 31 16.86 10.15 4.99
N LEU A 32 17.88 9.52 5.58
CA LEU A 32 17.75 8.92 6.89
C LEU A 32 17.61 9.99 7.97
N GLY A 33 17.23 9.58 9.17
CA GLY A 33 17.08 10.52 10.27
C GLY A 33 18.38 10.77 11.00
N ASP A 34 19.34 11.38 10.31
CA ASP A 34 20.63 11.69 10.90
C ASP A 34 20.58 13.02 11.65
N LEU A 35 20.54 12.94 12.98
CA LEU A 35 20.49 14.13 13.81
C LEU A 35 21.89 14.70 14.04
N ASN A 36 22.87 13.80 14.15
CA ASN A 36 24.26 14.21 14.38
C ASN A 36 24.69 15.24 13.33
N VAL A 37 24.20 15.07 12.11
CA VAL A 37 24.54 15.98 11.02
C VAL A 37 23.66 17.23 11.05
N GLY A 38 24.29 18.39 11.03
CA GLY A 38 23.55 19.65 11.05
C GLY A 38 23.80 20.50 9.84
N GLY A 39 23.58 19.92 8.66
CA GLY A 39 23.80 20.65 7.42
C GLY A 39 25.17 21.27 7.35
N GLY A 40 26.17 20.58 7.91
CA GLY A 40 27.53 21.09 7.89
C GLY A 40 28.56 19.99 8.06
N ALA A 41 29.12 19.88 9.25
CA ALA A 41 30.13 18.86 9.53
C ALA A 41 29.50 17.47 9.55
N LEU A 42 30.36 16.45 9.51
CA LEU A 42 29.89 15.06 9.53
C LEU A 42 29.13 14.73 8.25
N PRO A 43 29.40 13.55 7.68
CA PRO A 43 28.74 13.08 6.46
C PRO A 43 27.26 12.76 6.67
N ASN A 44 26.45 13.12 5.69
CA ASN A 44 25.01 12.87 5.77
C ASN A 44 24.65 11.53 5.11
N ALA A 45 23.59 10.90 5.60
CA ALA A 45 23.15 9.63 5.06
C ALA A 45 22.07 9.83 4.00
N ASP A 46 21.87 8.82 3.17
CA ASP A 46 20.87 8.88 2.10
C ASP A 46 20.27 7.50 1.85
N VAL A 47 18.96 7.47 1.61
CA VAL A 47 18.26 6.22 1.34
C VAL A 47 17.92 6.08 -0.14
N SER A 48 17.92 4.85 -0.63
CA SER A 48 17.61 4.59 -2.04
C SER A 48 16.73 3.34 -2.17
N ILE A 49 15.58 3.51 -2.82
CA ILE A 49 14.66 2.41 -3.02
C ILE A 49 14.41 2.16 -4.51
N GLY A 50 15.00 1.09 -5.04
CA GLY A 50 14.82 0.77 -6.44
C GLY A 50 14.56 -0.71 -6.65
N ASN A 51 13.34 -1.04 -7.05
CA ASN A 51 12.95 -2.42 -7.30
C ASN A 51 11.92 -2.52 -8.42
N ASP A 52 11.91 -3.64 -9.12
CA ASP A 52 10.97 -3.86 -10.22
C ASP A 52 9.54 -3.59 -9.75
N THR A 53 8.71 -3.12 -10.69
CA THR A 53 7.31 -2.82 -10.38
C THR A 53 6.48 -4.09 -10.28
N THR A 54 6.07 -4.44 -9.06
CA THR A 54 5.27 -5.64 -8.84
C THR A 54 3.78 -5.31 -8.83
N LEU A 55 2.96 -6.34 -8.69
CA LEU A 55 1.51 -6.16 -8.68
C LEU A 55 0.96 -6.42 -7.28
N THR A 56 -0.20 -5.82 -6.99
CA THR A 56 -0.84 -5.98 -5.70
C THR A 56 -2.28 -6.47 -5.84
N PHE A 57 -2.70 -7.35 -4.94
CA PHE A 57 -4.05 -7.90 -4.96
C PHE A 57 -4.92 -7.23 -3.90
N ASP A 58 -6.12 -6.80 -4.30
CA ASP A 58 -7.05 -6.16 -3.39
C ASP A 58 -8.44 -6.76 -3.52
N ILE A 59 -9.15 -6.87 -2.39
CA ILE A 59 -10.49 -7.42 -2.39
C ILE A 59 -11.52 -6.36 -1.99
N ALA A 60 -12.39 -6.02 -2.93
CA ALA A 60 -13.43 -5.03 -2.67
C ALA A 60 -14.79 -5.70 -2.45
N TYR A 61 -15.45 -5.31 -1.37
CA TYR A 61 -16.76 -5.87 -1.04
C TYR A 61 -17.84 -4.80 -1.10
N PHE A 62 -18.85 -5.03 -1.93
CA PHE A 62 -19.95 -4.09 -2.08
C PHE A 62 -21.06 -4.38 -1.07
N VAL A 63 -21.10 -3.61 0.00
CA VAL A 63 -22.11 -3.78 1.04
C VAL A 63 -23.28 -2.83 0.84
N SER A 64 -22.99 -1.64 0.32
CA SER A 64 -24.01 -0.64 0.07
C SER A 64 -23.88 -0.05 -1.34
N SER A 65 -24.97 0.53 -1.83
CA SER A 65 -24.98 1.12 -3.16
C SER A 65 -24.42 2.54 -3.13
N ASN A 66 -23.97 2.97 -1.95
CA ASN A 66 -23.42 4.30 -1.80
C ASN A 66 -21.95 4.25 -1.40
N ILE A 67 -21.59 3.19 -0.67
CA ILE A 67 -20.21 3.02 -0.22
C ILE A 67 -19.83 1.53 -0.22
N ALA A 68 -18.52 1.27 -0.19
CA ALA A 68 -18.02 -0.10 -0.17
C ALA A 68 -16.66 -0.18 0.50
N VAL A 69 -16.19 -1.40 0.75
CA VAL A 69 -14.90 -1.62 1.38
C VAL A 69 -13.92 -2.31 0.44
N ASP A 70 -12.64 -2.06 0.65
CA ASP A 70 -11.60 -2.66 -0.19
C ASP A 70 -10.31 -2.86 0.61
N PHE A 71 -9.78 -4.08 0.56
CA PHE A 71 -8.56 -4.41 1.27
C PHE A 71 -7.37 -4.52 0.31
N PHE A 72 -6.27 -3.87 0.66
CA PHE A 72 -5.08 -3.90 -0.17
C PHE A 72 -4.00 -4.80 0.44
N VAL A 73 -3.59 -5.81 -0.32
CA VAL A 73 -2.57 -6.75 0.15
C VAL A 73 -1.69 -7.22 -1.00
N GLY A 74 -0.50 -7.71 -0.67
CA GLY A 74 0.42 -8.19 -1.69
C GLY A 74 1.36 -9.26 -1.16
N VAL A 75 2.10 -9.89 -2.07
CA VAL A 75 3.03 -10.95 -1.70
C VAL A 75 4.45 -10.58 -2.10
N PRO A 76 4.99 -9.52 -1.47
CA PRO A 76 6.35 -9.05 -1.75
C PRO A 76 7.41 -10.01 -1.23
N ALA A 77 8.63 -9.85 -1.72
CA ALA A 77 9.75 -10.70 -1.30
C ALA A 77 10.86 -9.88 -0.68
N ARG A 78 12.02 -10.50 -0.50
CA ARG A 78 13.17 -9.83 0.09
C ARG A 78 13.84 -8.89 -0.92
N ALA A 79 13.89 -7.61 -0.58
CA ALA A 79 14.51 -6.61 -1.45
C ALA A 79 15.60 -5.85 -0.72
N LYS A 80 16.59 -5.38 -1.48
CA LYS A 80 17.71 -4.64 -0.91
C LYS A 80 17.54 -3.14 -1.16
N PHE A 81 17.88 -2.35 -0.15
CA PHE A 81 17.77 -0.89 -0.25
C PHE A 81 18.95 -0.21 0.43
N GLN A 82 19.21 1.03 0.04
CA GLN A 82 20.31 1.80 0.61
C GLN A 82 19.81 2.76 1.68
N GLY A 83 20.70 3.15 2.59
CA GLY A 83 20.33 4.05 3.66
C GLY A 83 21.50 4.37 4.58
N GLU A 84 22.44 5.16 4.07
CA GLU A 84 23.62 5.54 4.85
C GLU A 84 24.51 6.47 4.05
N LYS A 85 25.65 6.84 4.64
CA LYS A 85 26.60 7.73 3.99
C LYS A 85 27.56 6.95 3.10
N SER A 86 28.43 6.16 3.73
CA SER A 86 29.40 5.36 3.00
C SER A 86 28.79 4.05 2.53
N ILE A 87 27.89 3.50 3.34
CA ILE A 87 27.22 2.25 3.00
C ILE A 87 26.37 2.40 1.76
N SER A 88 25.79 3.58 1.58
CA SER A 88 24.94 3.85 0.42
C SER A 88 25.74 3.74 -0.88
N SER A 89 26.90 4.40 -0.91
CA SER A 89 27.75 4.37 -2.10
C SER A 89 28.00 2.94 -2.55
N LEU A 90 28.20 2.04 -1.59
CA LEU A 90 28.45 0.64 -1.90
C LEU A 90 27.27 0.02 -2.64
N GLY A 91 26.06 0.29 -2.15
CA GLY A 91 24.86 -0.25 -2.78
C GLY A 91 24.17 -1.28 -1.92
N ARG A 92 24.85 -1.76 -0.89
CA ARG A 92 24.29 -2.76 0.01
C ARG A 92 24.27 -2.25 1.45
N VAL A 93 23.13 -1.72 1.86
CA VAL A 93 22.98 -1.19 3.21
C VAL A 93 21.98 -2.01 4.02
N SER A 94 20.86 -2.34 3.39
CA SER A 94 19.82 -3.13 4.05
C SER A 94 19.18 -4.11 3.07
N GLU A 95 18.77 -5.26 3.59
CA GLU A 95 18.13 -6.29 2.76
C GLU A 95 17.11 -7.09 3.57
N VAL A 96 15.87 -7.04 3.14
CA VAL A 96 14.79 -7.76 3.83
C VAL A 96 13.46 -7.58 3.11
N ASP A 97 12.49 -8.41 3.47
CA ASP A 97 11.16 -8.34 2.86
C ASP A 97 10.26 -7.41 3.65
N TYR A 98 9.23 -6.88 2.99
CA TYR A 98 8.29 -5.97 3.63
C TYR A 98 6.90 -6.60 3.73
N GLY A 99 6.11 -6.14 4.69
CA GLY A 99 4.77 -6.67 4.87
C GLY A 99 3.71 -5.59 4.79
N PRO A 100 3.50 -5.05 3.58
CA PRO A 100 2.50 -4.00 3.34
C PRO A 100 1.08 -4.52 3.47
N ALA A 101 0.37 -4.04 4.49
CA ALA A 101 -1.00 -4.45 4.73
C ALA A 101 -1.90 -3.25 4.99
N ILE A 102 -2.78 -2.96 4.03
CA ILE A 102 -3.69 -1.83 4.15
C ILE A 102 -5.13 -2.25 3.87
N LEU A 103 -6.08 -1.57 4.50
CA LEU A 103 -7.49 -1.87 4.32
C LEU A 103 -8.35 -0.64 4.56
N SER A 104 -9.02 -0.18 3.51
CA SER A 104 -9.88 1.00 3.60
C SER A 104 -11.17 0.79 2.82
N LEU A 105 -12.00 1.83 2.77
CA LEU A 105 -13.28 1.76 2.06
C LEU A 105 -13.44 2.96 1.13
N GLN A 106 -14.25 2.79 0.09
CA GLN A 106 -14.49 3.85 -0.88
C GLN A 106 -15.85 4.50 -0.63
N TYR A 107 -15.88 5.83 -0.69
CA TYR A 107 -17.12 6.57 -0.48
C TYR A 107 -17.46 7.42 -1.69
N HIS A 108 -18.62 7.13 -2.29
CA HIS A 108 -19.07 7.88 -3.47
C HIS A 108 -20.27 8.74 -3.13
N TYR A 109 -20.05 10.04 -3.03
CA TYR A 109 -21.12 10.98 -2.72
C TYR A 109 -21.88 11.40 -3.98
N ASP A 110 -23.08 11.94 -3.80
CA ASP A 110 -23.89 12.38 -4.91
C ASP A 110 -23.13 13.36 -5.79
N SER A 111 -22.66 12.89 -6.94
CA SER A 111 -21.91 13.74 -7.86
C SER A 111 -22.83 14.35 -8.92
N PHE A 112 -22.45 15.51 -9.42
CA PHE A 112 -23.24 16.21 -10.43
C PHE A 112 -23.28 15.41 -11.73
N GLU A 113 -23.97 15.95 -12.74
CA GLU A 113 -24.08 15.28 -14.03
C GLU A 113 -22.71 14.89 -14.56
N ARG A 114 -21.71 15.72 -14.29
CA ARG A 114 -20.35 15.46 -14.76
C ARG A 114 -19.77 14.24 -14.05
N LEU A 115 -18.52 13.90 -14.38
CA LEU A 115 -17.86 12.75 -13.78
C LEU A 115 -17.04 13.18 -12.57
N TYR A 116 -17.24 12.49 -11.46
CA TYR A 116 -16.51 12.81 -10.22
C TYR A 116 -16.01 11.53 -9.55
N PRO A 117 -14.74 11.54 -9.12
CA PRO A 117 -14.11 10.40 -8.46
C PRO A 117 -14.68 10.16 -7.07
N TYR A 118 -14.20 9.11 -6.41
CA TYR A 118 -14.67 8.76 -5.08
C TYR A 118 -13.56 8.95 -4.04
N VAL A 119 -13.96 9.17 -2.79
CA VAL A 119 -13.00 9.37 -1.71
C VAL A 119 -12.92 8.15 -0.80
N GLY A 120 -11.72 7.61 -0.65
CA GLY A 120 -11.54 6.44 0.19
C GLY A 120 -10.65 6.72 1.38
N VAL A 121 -10.70 5.82 2.38
CA VAL A 121 -9.89 5.99 3.58
C VAL A 121 -10.05 4.79 4.52
N GLY A 122 -9.01 4.49 5.28
CA GLY A 122 -9.05 3.37 6.20
C GLY A 122 -7.80 3.26 7.04
N VAL A 123 -7.45 2.03 7.42
CA VAL A 123 -6.26 1.79 8.23
C VAL A 123 -5.18 1.10 7.41
N GLY A 124 -3.97 1.64 7.47
CA GLY A 124 -2.86 1.07 6.73
C GLY A 124 -1.67 0.72 7.63
N ARG A 125 -1.44 -0.57 7.82
CA ARG A 125 -0.33 -1.03 8.65
C ARG A 125 0.82 -1.55 7.81
N VAL A 126 2.03 -1.10 8.11
CA VAL A 126 3.21 -1.52 7.37
C VAL A 126 4.18 -2.28 8.28
N LEU A 127 4.44 -3.54 7.92
CA LEU A 127 5.34 -4.37 8.69
C LEU A 127 6.61 -4.70 7.89
N PHE A 128 7.56 -5.34 8.55
CA PHE A 128 8.81 -5.72 7.91
C PHE A 128 9.16 -7.17 8.18
N PHE A 129 10.20 -7.67 7.51
CA PHE A 129 10.63 -9.05 7.69
C PHE A 129 11.99 -9.12 8.39
N ASP A 130 12.43 -10.32 8.70
CA ASP A 130 13.71 -10.53 9.36
C ASP A 130 14.70 -11.22 8.44
N LYS A 131 15.74 -10.50 8.03
CA LYS A 131 16.76 -11.05 7.15
C LYS A 131 18.13 -10.47 7.47
N THR A 132 18.43 -9.31 6.88
CA THR A 132 19.70 -8.64 7.10
C THR A 132 19.65 -7.18 6.67
N ASP A 133 19.39 -6.30 7.63
CA ASP A 133 19.31 -4.87 7.35
C ASP A 133 20.48 -4.12 8.00
N GLY A 134 20.69 -2.88 7.58
CA GLY A 134 21.77 -2.08 8.13
C GLY A 134 23.13 -2.65 7.81
N ALA A 135 24.14 -1.78 7.76
CA ALA A 135 25.50 -2.20 7.46
C ALA A 135 26.19 -2.75 8.71
N LEU A 136 25.47 -2.77 9.81
CA LEU A 136 26.02 -3.27 11.08
C LEU A 136 25.84 -4.78 11.20
N SER A 137 26.27 -5.33 12.33
CA SER A 137 26.16 -6.76 12.57
C SER A 137 24.71 -7.20 12.61
N SER A 138 24.15 -7.52 11.45
CA SER A 138 22.76 -7.96 11.36
C SER A 138 21.84 -6.94 12.01
N PHE A 139 21.61 -5.83 11.33
CA PHE A 139 20.74 -4.77 11.83
C PHE A 139 19.30 -4.99 11.38
N ASP A 140 18.36 -4.38 12.09
CA ASP A 140 16.95 -4.50 11.77
C ASP A 140 16.28 -3.14 11.73
N ILE A 141 15.02 -3.11 11.30
CA ILE A 141 14.27 -1.87 11.21
C ILE A 141 13.06 -1.90 12.13
N LYS A 142 12.40 -0.75 12.26
CA LYS A 142 11.21 -0.63 13.11
C LYS A 142 10.00 -0.22 12.29
N ASP A 143 9.11 -1.18 12.01
CA ASP A 143 7.90 -0.91 11.25
C ASP A 143 6.90 -0.12 12.07
N LYS A 144 5.69 0.03 11.54
CA LYS A 144 4.64 0.76 12.22
C LYS A 144 3.31 0.63 11.49
N TRP A 145 2.27 1.25 12.03
CA TRP A 145 0.95 1.20 11.42
C TRP A 145 0.14 2.45 11.77
N ALA A 146 -0.81 2.79 10.91
CA ALA A 146 -1.67 3.96 11.14
C ALA A 146 -2.67 4.13 10.00
N PRO A 147 -3.67 5.00 10.23
CA PRO A 147 -4.71 5.28 9.24
C PRO A 147 -4.18 6.05 8.03
N ALA A 148 -4.60 5.65 6.85
CA ALA A 148 -4.17 6.30 5.61
C ALA A 148 -5.37 6.72 4.77
N PHE A 149 -5.14 7.66 3.85
CA PHE A 149 -6.20 8.16 2.98
C PHE A 149 -6.07 7.57 1.58
N GLN A 150 -7.13 7.67 0.80
CA GLN A 150 -7.14 7.14 -0.56
C GLN A 150 -8.13 7.91 -1.44
N VAL A 151 -7.82 8.01 -2.73
CA VAL A 151 -8.67 8.71 -3.67
C VAL A 151 -8.64 8.05 -5.04
N GLY A 152 -9.82 7.79 -5.59
CA GLY A 152 -9.91 7.16 -6.90
C GLY A 152 -11.33 6.78 -7.27
N LEU A 153 -11.48 5.99 -8.32
CA LEU A 153 -12.80 5.56 -8.78
C LEU A 153 -12.73 4.16 -9.39
N ARG A 154 -13.90 3.57 -9.63
CA ARG A 154 -13.98 2.24 -10.21
C ARG A 154 -14.67 2.28 -11.58
N TYR A 155 -13.95 1.88 -12.61
CA TYR A 155 -14.49 1.87 -13.97
C TYR A 155 -14.90 0.47 -14.38
N ASP A 156 -15.91 0.38 -15.24
CA ASP A 156 -16.40 -0.91 -15.72
C ASP A 156 -16.29 -1.00 -17.25
N LEU A 157 -15.23 -1.64 -17.72
CA LEU A 157 -15.01 -1.79 -19.16
C LEU A 157 -15.53 -3.14 -19.64
N GLY A 158 -16.74 -3.14 -20.20
CA GLY A 158 -17.32 -4.37 -20.70
C GLY A 158 -17.78 -5.28 -19.59
N ASN A 159 -17.68 -6.59 -19.82
CA ASN A 159 -18.09 -7.58 -18.83
C ASN A 159 -16.91 -8.48 -18.44
N SER A 160 -16.03 -8.73 -19.39
CA SER A 160 -14.86 -9.57 -19.15
C SER A 160 -14.11 -9.12 -17.90
N TRP A 161 -13.55 -7.91 -17.98
CA TRP A 161 -12.79 -7.35 -16.87
C TRP A 161 -13.06 -5.86 -16.72
N MET A 162 -13.05 -5.37 -15.48
CA MET A 162 -13.30 -3.96 -15.21
C MET A 162 -11.99 -3.23 -14.93
N LEU A 163 -12.08 -1.93 -14.70
CA LEU A 163 -10.91 -1.11 -14.41
C LEU A 163 -11.02 -0.46 -13.04
N ASN A 164 -9.87 -0.23 -12.40
CA ASN A 164 -9.85 0.39 -11.09
C ASN A 164 -8.65 1.33 -10.96
N SER A 165 -8.90 2.53 -10.44
CA SER A 165 -7.84 3.52 -10.26
C SER A 165 -7.97 4.23 -8.92
N ASP A 166 -6.92 4.15 -8.11
CA ASP A 166 -6.93 4.78 -6.80
C ASP A 166 -5.50 5.12 -6.35
N VAL A 167 -5.38 5.99 -5.36
CA VAL A 167 -4.08 6.38 -4.85
C VAL A 167 -4.15 6.67 -3.35
N ARG A 168 -3.29 6.00 -2.59
CA ARG A 168 -3.26 6.17 -1.14
C ARG A 168 -2.10 7.09 -0.73
N TYR A 169 -2.24 7.72 0.43
CA TYR A 169 -1.21 8.63 0.93
C TYR A 169 -1.40 8.90 2.41
N ILE A 170 -0.29 9.01 3.14
CA ILE A 170 -0.33 9.27 4.57
C ILE A 170 1.07 9.37 5.16
N PRO A 171 1.31 10.42 5.95
CA PRO A 171 2.61 10.65 6.59
C PRO A 171 2.91 9.64 7.69
N PHE A 172 3.94 8.83 7.48
CA PHE A 172 4.32 7.82 8.46
C PHE A 172 5.73 8.09 9.00
N LYS A 173 6.15 7.26 9.96
CA LYS A 173 7.48 7.41 10.55
C LYS A 173 8.03 6.06 10.97
N THR A 174 9.15 5.67 10.36
CA THR A 174 9.79 4.40 10.67
C THR A 174 11.05 4.61 11.49
N ASP A 175 11.50 3.54 12.14
CA ASP A 175 12.71 3.61 12.98
C ASP A 175 13.70 2.51 12.58
N VAL A 176 14.86 2.51 13.23
CA VAL A 176 15.88 1.51 12.95
C VAL A 176 16.65 1.15 14.21
N THR A 177 17.00 -0.14 14.35
CA THR A 177 17.73 -0.61 15.51
C THR A 177 18.29 -2.01 15.27
N GLY A 178 19.29 -2.39 16.06
CA GLY A 178 19.89 -3.70 15.92
C GLY A 178 20.64 -4.14 17.17
N THR A 179 21.57 -5.05 17.00
CA THR A 179 22.36 -5.56 18.13
C THR A 179 23.85 -5.46 17.84
N LEU A 180 24.47 -4.39 18.32
CA LEU A 180 25.90 -4.17 18.12
C LEU A 180 26.54 -3.59 19.37
N GLY A 181 27.24 -4.42 20.13
CA GLY A 181 27.90 -3.97 21.34
C GLY A 181 26.92 -3.35 22.32
N PRO A 182 27.43 -3.01 23.52
CA PRO A 182 26.61 -2.40 24.58
C PRO A 182 26.20 -0.98 24.24
N VAL A 183 25.24 -0.83 23.33
CA VAL A 183 24.76 0.48 22.94
C VAL A 183 24.06 0.42 21.59
N PRO A 184 22.77 0.06 21.60
CA PRO A 184 21.96 -0.05 20.38
C PRO A 184 21.67 1.31 19.76
N VAL A 185 21.68 1.36 18.44
CA VAL A 185 21.41 2.60 17.71
C VAL A 185 19.94 2.69 17.30
N SER A 186 19.19 3.53 18.00
CA SER A 186 17.77 3.71 17.72
C SER A 186 17.52 5.04 17.00
N THR A 187 17.19 4.97 15.72
CA THR A 187 16.92 6.17 14.93
C THR A 187 15.49 6.18 14.40
N LYS A 188 15.02 7.35 14.02
CA LYS A 188 13.67 7.50 13.50
C LYS A 188 13.64 8.41 12.27
N ILE A 189 12.61 8.26 11.46
CA ILE A 189 12.47 9.08 10.25
C ILE A 189 11.01 9.19 9.82
N GLU A 190 10.52 10.42 9.77
CA GLU A 190 9.14 10.67 9.38
C GLU A 190 9.05 11.13 7.92
N VAL A 191 8.41 10.33 7.08
CA VAL A 191 8.26 10.65 5.67
C VAL A 191 6.85 10.37 5.19
N ASP A 192 6.44 11.06 4.13
CA ASP A 192 5.11 10.89 3.57
C ASP A 192 5.17 10.13 2.24
N PRO A 193 5.11 8.80 2.33
CA PRO A 193 5.16 7.92 1.14
C PRO A 193 3.90 8.03 0.29
N PHE A 194 4.07 7.97 -1.02
CA PHE A 194 2.94 8.06 -1.94
C PHE A 194 2.73 6.75 -2.67
N ILE A 195 1.54 6.19 -2.55
CA ILE A 195 1.21 4.92 -3.21
C ILE A 195 0.11 5.10 -4.24
N LEU A 196 0.38 4.69 -5.48
CA LEU A 196 -0.60 4.80 -6.55
C LEU A 196 -1.00 3.43 -7.07
N SER A 197 -2.24 3.04 -6.79
CA SER A 197 -2.76 1.75 -7.23
C SER A 197 -3.55 1.89 -8.52
N LEU A 198 -3.10 1.21 -9.57
CA LEU A 198 -3.76 1.26 -10.86
C LEU A 198 -3.77 -0.12 -11.52
N GLY A 199 -4.96 -0.57 -11.90
CA GLY A 199 -5.09 -1.87 -12.54
C GLY A 199 -6.51 -2.18 -12.97
N ALA A 200 -6.93 -3.43 -12.81
CA ALA A 200 -8.27 -3.84 -13.18
C ALA A 200 -8.94 -4.59 -12.04
N SER A 201 -10.23 -4.90 -12.21
CA SER A 201 -10.99 -5.61 -11.19
C SER A 201 -12.04 -6.52 -11.84
N TYR A 202 -12.65 -7.36 -11.02
CA TYR A 202 -13.66 -8.31 -11.50
C TYR A 202 -14.82 -8.41 -10.52
N VAL A 203 -15.99 -7.93 -10.94
CA VAL A 203 -17.19 -7.97 -10.10
C VAL A 203 -17.78 -9.37 -10.08
N PHE A 204 -18.50 -9.68 -8.99
CA PHE A 204 -19.13 -10.98 -8.85
C PHE A 204 -20.26 -10.92 -7.82
N LYS A 205 -21.46 -11.28 -8.24
CA LYS A 205 -22.63 -11.27 -7.35
C LYS A 205 -22.97 -12.68 -6.90
N LEU A 206 -23.76 -12.79 -5.83
CA LEU A 206 -24.17 -14.09 -5.31
C LEU A 206 -25.56 -14.45 -5.80
N ALA A 207 -25.78 -14.33 -7.10
CA ALA A 207 -27.06 -14.65 -7.70
C ALA A 207 -26.89 -15.51 -8.95
N ALA A 208 -25.95 -15.12 -9.80
CA ALA A 208 -25.68 -15.85 -11.04
C ALA A 208 -25.13 -17.24 -10.73
N ALA A 209 -25.65 -18.24 -11.45
CA ALA A 209 -25.21 -19.62 -11.25
C ALA A 209 -25.49 -20.46 -12.49
N LEU A 210 -24.94 -21.67 -12.52
CA LEU A 210 -25.12 -22.57 -13.65
C LEU A 210 -24.52 -21.97 -14.92
N GLU A 211 -23.36 -21.34 -14.78
CA GLU A 211 -22.69 -20.73 -15.92
C GLU A 211 -22.23 -21.78 -16.92
N MET A 1 -34.57 -7.35 -35.55
CA MET A 1 -35.89 -6.94 -35.08
C MET A 1 -36.30 -7.71 -33.83
N ASN A 2 -36.64 -8.98 -34.01
CA ASN A 2 -37.04 -9.83 -32.90
C ASN A 2 -35.91 -10.78 -32.50
N GLU A 3 -34.74 -10.22 -32.25
CA GLU A 3 -33.58 -11.02 -31.86
C GLU A 3 -32.76 -10.30 -30.79
N ASN A 4 -33.41 -9.94 -29.70
CA ASN A 4 -32.75 -9.24 -28.60
C ASN A 4 -32.47 -10.19 -27.43
N TYR A 5 -31.27 -10.12 -26.89
CA TYR A 5 -30.88 -10.97 -25.78
C TYR A 5 -30.45 -10.13 -24.57
N PRO A 6 -30.92 -10.54 -23.38
CA PRO A 6 -30.60 -9.84 -22.13
C PRO A 6 -29.14 -10.01 -21.73
N ALA A 7 -28.27 -9.24 -22.37
CA ALA A 7 -26.84 -9.29 -22.08
C ALA A 7 -26.40 -8.12 -21.22
N LYS A 8 -25.15 -8.14 -20.79
CA LYS A 8 -24.61 -7.06 -19.96
C LYS A 8 -25.49 -6.83 -18.74
N SER A 9 -26.05 -7.91 -18.20
CA SER A 9 -26.92 -7.82 -17.03
C SER A 9 -26.22 -7.07 -15.90
N ALA A 10 -26.93 -6.11 -15.31
CA ALA A 10 -26.38 -5.33 -14.22
C ALA A 10 -26.74 -5.94 -12.87
N GLY A 11 -25.77 -6.01 -11.96
CA GLY A 11 -26.00 -6.58 -10.65
C GLY A 11 -25.17 -5.92 -9.57
N TYR A 12 -25.83 -5.37 -8.56
CA TYR A 12 -25.15 -4.70 -7.46
C TYR A 12 -26.03 -4.63 -6.23
N ASN A 13 -25.58 -5.29 -5.15
CA ASN A 13 -26.34 -5.31 -3.91
C ASN A 13 -25.40 -5.50 -2.72
N GLN A 14 -25.86 -5.09 -1.54
CA GLN A 14 -25.06 -5.20 -0.32
C GLN A 14 -24.58 -6.64 -0.13
N GLY A 15 -23.28 -6.80 0.08
CA GLY A 15 -22.71 -8.12 0.28
C GLY A 15 -22.04 -8.66 -0.98
N ASP A 16 -21.97 -7.83 -2.01
CA ASP A 16 -21.36 -8.23 -3.26
C ASP A 16 -19.84 -8.32 -3.12
N TRP A 17 -19.23 -9.21 -3.92
CA TRP A 17 -17.78 -9.38 -3.88
C TRP A 17 -17.15 -8.99 -5.21
N VAL A 18 -15.95 -8.40 -5.13
CA VAL A 18 -15.24 -7.98 -6.34
C VAL A 18 -13.74 -8.15 -6.17
N ALA A 19 -13.12 -8.92 -7.07
CA ALA A 19 -11.69 -9.14 -7.02
C ALA A 19 -10.92 -7.99 -7.66
N SER A 20 -10.23 -7.22 -6.83
CA SER A 20 -9.45 -6.08 -7.32
C SER A 20 -8.00 -6.46 -7.53
N PHE A 21 -7.49 -6.18 -8.72
CA PHE A 21 -6.10 -6.50 -9.06
C PHE A 21 -5.46 -5.36 -9.84
N ASN A 22 -4.43 -4.76 -9.25
CA ASN A 22 -3.73 -3.64 -9.89
C ASN A 22 -2.28 -3.57 -9.41
N PHE A 23 -1.51 -2.68 -10.02
CA PHE A 23 -0.10 -2.52 -9.66
C PHE A 23 0.08 -1.26 -8.80
N SER A 24 0.74 -1.43 -7.66
CA SER A 24 0.98 -0.31 -6.75
C SER A 24 2.37 0.27 -6.97
N LYS A 25 2.45 1.60 -6.98
CA LYS A 25 3.72 2.29 -7.18
C LYS A 25 4.07 3.15 -5.97
N VAL A 26 5.04 2.70 -5.19
CA VAL A 26 5.47 3.43 -4.01
C VAL A 26 6.38 4.60 -4.38
N TYR A 27 6.02 5.79 -3.90
CA TYR A 27 6.79 7.00 -4.19
C TYR A 27 7.32 7.62 -2.90
N VAL A 28 8.61 7.47 -2.66
CA VAL A 28 9.25 8.02 -1.47
C VAL A 28 10.75 7.83 -1.51
N GLY A 29 11.48 8.73 -0.84
CA GLY A 29 12.93 8.64 -0.81
C GLY A 29 13.58 9.99 -0.60
N GLU A 30 13.48 10.51 0.63
CA GLU A 30 14.07 11.81 0.95
C GLU A 30 15.50 11.65 1.44
N GLU A 31 15.66 11.02 2.59
CA GLU A 31 16.98 10.80 3.16
C GLU A 31 16.90 9.87 4.38
N LEU A 32 17.96 9.10 4.60
CA LEU A 32 18.01 8.18 5.73
C LEU A 32 18.88 8.73 6.85
N GLY A 33 18.48 8.46 8.09
CA GLY A 33 19.23 8.94 9.24
C GLY A 33 20.62 8.33 9.32
N ASP A 34 21.63 9.13 8.99
CA ASP A 34 23.01 8.66 9.03
C ASP A 34 23.67 9.01 10.36
N LEU A 35 23.57 10.28 10.74
CA LEU A 35 24.17 10.75 11.99
C LEU A 35 23.44 11.99 12.51
N ASN A 36 23.34 12.11 13.82
CA ASN A 36 22.67 13.24 14.45
C ASN A 36 23.68 14.29 14.89
N VAL A 37 24.81 13.84 15.42
CA VAL A 37 25.86 14.74 15.88
C VAL A 37 27.24 14.17 15.58
N GLY A 38 28.14 15.05 15.13
CA GLY A 38 29.49 14.62 14.82
C GLY A 38 30.16 15.52 13.80
N GLY A 39 30.85 14.91 12.83
CA GLY A 39 31.53 15.68 11.81
C GLY A 39 31.61 14.95 10.48
N GLY A 40 32.65 15.23 9.71
CA GLY A 40 32.81 14.58 8.42
C GLY A 40 32.55 15.53 7.26
N ALA A 41 33.04 15.15 6.08
CA ALA A 41 32.86 15.98 4.89
C ALA A 41 31.45 15.80 4.31
N LEU A 42 30.66 16.86 4.37
CA LEU A 42 29.29 16.82 3.86
C LEU A 42 28.53 15.63 4.44
N PRO A 43 28.19 15.72 5.73
CA PRO A 43 27.45 14.66 6.43
C PRO A 43 26.01 14.57 5.96
N ASN A 44 25.79 13.88 4.85
CA ASN A 44 24.45 13.71 4.30
C ASN A 44 24.36 12.43 3.47
N ALA A 45 23.37 11.61 3.78
CA ALA A 45 23.17 10.35 3.06
C ALA A 45 22.06 10.49 2.01
N ASP A 46 21.77 9.39 1.32
CA ASP A 46 20.74 9.38 0.29
C ASP A 46 19.98 8.06 0.30
N VAL A 47 18.66 8.15 0.36
CA VAL A 47 17.81 6.95 0.36
C VAL A 47 17.14 6.75 -0.98
N SER A 48 16.94 5.48 -1.36
CA SER A 48 16.31 5.15 -2.62
C SER A 48 15.69 3.76 -2.58
N ILE A 49 14.50 3.63 -3.13
CA ILE A 49 13.80 2.34 -3.15
C ILE A 49 13.68 1.80 -4.57
N GLY A 50 13.77 0.49 -4.70
CA GLY A 50 13.68 -0.14 -6.01
C GLY A 50 12.47 -1.06 -6.12
N ASN A 51 11.69 -0.88 -7.18
CA ASN A 51 10.50 -1.70 -7.39
C ASN A 51 10.20 -1.83 -8.89
N ASP A 52 10.03 -3.06 -9.35
CA ASP A 52 9.75 -3.32 -10.76
C ASP A 52 8.99 -4.64 -10.92
N THR A 53 8.37 -4.82 -12.09
CA THR A 53 7.62 -6.03 -12.37
C THR A 53 6.88 -6.53 -11.12
N THR A 54 6.26 -5.60 -10.40
CA THR A 54 5.51 -5.94 -9.20
C THR A 54 4.01 -5.77 -9.41
N LEU A 55 3.24 -6.23 -8.45
CA LEU A 55 1.78 -6.14 -8.53
C LEU A 55 1.15 -6.18 -7.14
N THR A 56 -0.12 -5.83 -7.06
CA THR A 56 -0.84 -5.82 -5.80
C THR A 56 -2.26 -6.33 -5.96
N PHE A 57 -2.76 -7.04 -4.96
CA PHE A 57 -4.11 -7.58 -5.00
C PHE A 57 -4.96 -7.01 -3.86
N ASP A 58 -6.17 -6.57 -4.20
CA ASP A 58 -7.08 -6.01 -3.22
C ASP A 58 -8.47 -6.61 -3.35
N ILE A 59 -9.19 -6.67 -2.23
CA ILE A 59 -10.54 -7.24 -2.23
C ILE A 59 -11.58 -6.15 -1.99
N ALA A 60 -12.42 -5.90 -2.99
CA ALA A 60 -13.46 -4.89 -2.89
C ALA A 60 -14.82 -5.54 -2.68
N TYR A 61 -15.49 -5.13 -1.60
CA TYR A 61 -16.81 -5.67 -1.27
C TYR A 61 -17.88 -4.60 -1.39
N PHE A 62 -18.84 -4.84 -2.28
CA PHE A 62 -19.93 -3.90 -2.50
C PHE A 62 -21.00 -4.03 -1.42
N VAL A 63 -21.15 -2.99 -0.60
CA VAL A 63 -22.13 -3.00 0.47
C VAL A 63 -23.25 -2.00 0.20
N SER A 64 -22.91 -0.90 -0.47
CA SER A 64 -23.89 0.13 -0.80
C SER A 64 -23.91 0.40 -2.30
N SER A 65 -24.65 1.42 -2.70
CA SER A 65 -24.77 1.78 -4.11
C SER A 65 -23.63 2.70 -4.53
N ASN A 66 -23.21 3.58 -3.63
CA ASN A 66 -22.13 4.51 -3.91
C ASN A 66 -21.05 4.42 -2.83
N ILE A 67 -21.04 3.31 -2.11
CA ILE A 67 -20.05 3.10 -1.05
C ILE A 67 -19.73 1.62 -0.89
N ALA A 68 -18.44 1.31 -0.76
CA ALA A 68 -17.99 -0.07 -0.59
C ALA A 68 -16.67 -0.13 0.16
N VAL A 69 -16.27 -1.34 0.54
CA VAL A 69 -15.02 -1.54 1.27
C VAL A 69 -13.96 -2.16 0.38
N ASP A 70 -12.70 -1.87 0.68
CA ASP A 70 -11.58 -2.40 -0.10
C ASP A 70 -10.41 -2.73 0.81
N PHE A 71 -9.77 -3.86 0.55
CA PHE A 71 -8.61 -4.29 1.34
C PHE A 71 -7.39 -4.47 0.46
N PHE A 72 -6.41 -3.58 0.60
CA PHE A 72 -5.19 -3.64 -0.18
C PHE A 72 -4.19 -4.60 0.46
N VAL A 73 -3.78 -5.62 -0.29
CA VAL A 73 -2.82 -6.60 0.20
C VAL A 73 -1.77 -6.91 -0.86
N GLY A 74 -0.55 -7.19 -0.40
CA GLY A 74 0.53 -7.50 -1.32
C GLY A 74 1.69 -8.20 -0.63
N VAL A 75 2.06 -9.37 -1.14
CA VAL A 75 3.16 -10.13 -0.57
C VAL A 75 4.33 -10.24 -1.55
N PRO A 76 5.01 -9.12 -1.79
CA PRO A 76 6.15 -9.07 -2.72
C PRO A 76 7.37 -9.80 -2.18
N ALA A 77 8.31 -10.12 -3.06
CA ALA A 77 9.52 -10.82 -2.66
C ALA A 77 10.49 -9.89 -1.96
N ARG A 78 11.71 -10.37 -1.74
CA ARG A 78 12.74 -9.58 -1.07
C ARG A 78 13.35 -8.56 -2.02
N ALA A 79 13.55 -7.33 -1.53
CA ALA A 79 14.12 -6.27 -2.35
C ALA A 79 15.20 -5.52 -1.57
N LYS A 80 16.17 -4.98 -2.30
CA LYS A 80 17.27 -4.24 -1.69
C LYS A 80 17.03 -2.73 -1.81
N PHE A 81 17.33 -2.01 -0.74
CA PHE A 81 17.16 -0.56 -0.73
C PHE A 81 18.43 0.14 -0.26
N GLN A 82 18.59 1.39 -0.68
CA GLN A 82 19.77 2.17 -0.30
C GLN A 82 19.40 3.28 0.67
N GLY A 83 20.36 3.69 1.49
CA GLY A 83 20.12 4.74 2.46
C GLY A 83 21.36 5.05 3.29
N GLU A 84 22.31 5.76 2.69
CA GLU A 84 23.54 6.12 3.38
C GLU A 84 24.44 6.97 2.49
N LYS A 85 25.63 7.31 3.00
CA LYS A 85 26.57 8.12 2.25
C LYS A 85 27.43 7.26 1.34
N SER A 86 28.31 6.46 1.94
CA SER A 86 29.19 5.58 1.18
C SER A 86 28.49 4.26 0.85
N ILE A 87 27.62 3.82 1.75
CA ILE A 87 26.88 2.58 1.54
C ILE A 87 25.95 2.69 0.35
N SER A 88 25.39 3.88 0.14
CA SER A 88 24.48 4.12 -0.96
C SER A 88 25.18 3.92 -2.31
N SER A 89 26.33 4.58 -2.46
CA SER A 89 27.10 4.49 -3.69
C SER A 89 27.32 3.03 -4.09
N LEU A 90 27.56 2.19 -3.09
CA LEU A 90 27.79 0.76 -3.33
C LEU A 90 26.55 0.10 -3.92
N GLY A 91 25.38 0.45 -3.36
CA GLY A 91 24.14 -0.12 -3.84
C GLY A 91 23.56 -1.15 -2.88
N ARG A 92 24.38 -1.60 -1.94
CA ARG A 92 23.95 -2.59 -0.95
C ARG A 92 23.94 -2.00 0.45
N VAL A 93 22.77 -1.50 0.86
CA VAL A 93 22.63 -0.91 2.18
C VAL A 93 21.72 -1.76 3.08
N SER A 94 20.54 -2.08 2.57
CA SER A 94 19.58 -2.89 3.31
C SER A 94 18.91 -3.91 2.40
N GLU A 95 18.64 -5.10 2.95
CA GLU A 95 17.99 -6.16 2.18
C GLU A 95 16.83 -6.75 2.96
N VAL A 96 15.62 -6.64 2.40
CA VAL A 96 14.43 -7.17 3.04
C VAL A 96 13.21 -6.98 2.14
N ASP A 97 12.15 -7.75 2.43
CA ASP A 97 10.92 -7.68 1.66
C ASP A 97 9.96 -6.65 2.27
N TYR A 98 8.85 -6.41 1.57
CA TYR A 98 7.86 -5.46 2.04
C TYR A 98 6.50 -6.14 2.25
N GLY A 99 5.86 -5.85 3.38
CA GLY A 99 4.58 -6.45 3.68
C GLY A 99 3.50 -5.40 3.89
N PRO A 100 3.15 -4.67 2.83
CA PRO A 100 2.13 -3.63 2.88
C PRO A 100 0.72 -4.20 3.06
N ALA A 101 0.09 -3.86 4.18
CA ALA A 101 -1.25 -4.34 4.47
C ALA A 101 -2.16 -3.19 4.92
N ILE A 102 -3.04 -2.75 4.02
CA ILE A 102 -3.95 -1.66 4.33
C ILE A 102 -5.39 -2.04 3.96
N LEU A 103 -6.35 -1.47 4.69
CA LEU A 103 -7.76 -1.75 4.45
C LEU A 103 -8.60 -0.49 4.67
N SER A 104 -9.22 0.00 3.60
CA SER A 104 -10.05 1.19 3.68
C SER A 104 -11.27 1.07 2.76
N LEU A 105 -12.29 1.86 3.04
CA LEU A 105 -13.52 1.84 2.25
C LEU A 105 -13.63 3.10 1.39
N GLN A 106 -14.22 2.95 0.21
CA GLN A 106 -14.39 4.08 -0.70
C GLN A 106 -15.82 4.62 -0.64
N TYR A 107 -15.95 5.93 -0.65
CA TYR A 107 -17.26 6.57 -0.58
C TYR A 107 -17.30 7.81 -1.47
N HIS A 108 -18.51 8.18 -1.89
CA HIS A 108 -18.69 9.35 -2.75
C HIS A 108 -19.04 10.58 -1.92
N TYR A 109 -18.33 11.68 -2.17
CA TYR A 109 -18.57 12.92 -1.44
C TYR A 109 -19.45 13.87 -2.25
N ASP A 110 -20.36 14.55 -1.56
CA ASP A 110 -21.26 15.50 -2.23
C ASP A 110 -20.48 16.64 -2.86
N SER A 111 -20.70 16.85 -4.16
CA SER A 111 -20.01 17.92 -4.88
C SER A 111 -20.88 18.45 -6.02
N PHE A 112 -20.74 19.74 -6.31
CA PHE A 112 -21.51 20.37 -7.36
C PHE A 112 -21.26 19.68 -8.70
N GLU A 113 -20.01 19.30 -8.95
CA GLU A 113 -19.65 18.63 -10.18
C GLU A 113 -20.52 17.39 -10.42
N ARG A 114 -20.38 16.79 -11.59
CA ARG A 114 -21.16 15.61 -11.94
C ARG A 114 -20.24 14.40 -12.16
N LEU A 115 -19.08 14.64 -12.75
CA LEU A 115 -18.13 13.57 -13.02
C LEU A 115 -16.85 13.76 -12.20
N TYR A 116 -16.65 12.89 -11.23
CA TYR A 116 -15.47 12.97 -10.36
C TYR A 116 -15.27 11.66 -9.60
N PRO A 117 -14.02 11.40 -9.20
CA PRO A 117 -13.67 10.19 -8.45
C PRO A 117 -14.23 10.20 -7.03
N TYR A 118 -14.00 9.11 -6.30
CA TYR A 118 -14.48 8.99 -4.93
C TYR A 118 -13.33 9.01 -3.94
N VAL A 119 -13.64 9.26 -2.67
CA VAL A 119 -12.63 9.30 -1.62
C VAL A 119 -12.93 8.28 -0.53
N GLY A 120 -11.90 7.57 -0.09
CA GLY A 120 -12.08 6.57 0.96
C GLY A 120 -11.09 6.75 2.10
N VAL A 121 -11.19 5.89 3.10
CA VAL A 121 -10.31 5.95 4.26
C VAL A 121 -10.35 4.65 5.05
N GLY A 122 -9.28 4.39 5.80
CA GLY A 122 -9.21 3.18 6.60
C GLY A 122 -7.92 3.07 7.38
N VAL A 123 -7.55 1.85 7.74
CA VAL A 123 -6.33 1.61 8.51
C VAL A 123 -5.26 0.96 7.64
N GLY A 124 -4.09 1.60 7.56
CA GLY A 124 -3.01 1.08 6.75
C GLY A 124 -1.81 0.69 7.59
N ARG A 125 -1.58 -0.61 7.74
CA ARG A 125 -0.46 -1.11 8.53
C ARG A 125 0.63 -1.66 7.63
N VAL A 126 1.85 -1.17 7.81
CA VAL A 126 2.99 -1.61 7.01
C VAL A 126 3.91 -2.53 7.82
N LEU A 127 3.89 -3.81 7.47
CA LEU A 127 4.73 -4.80 8.16
C LEU A 127 5.74 -5.41 7.21
N PHE A 128 6.69 -6.17 7.77
CA PHE A 128 7.73 -6.81 6.97
C PHE A 128 8.38 -7.95 7.75
N PHE A 129 9.34 -8.62 7.11
CA PHE A 129 10.04 -9.73 7.74
C PHE A 129 11.52 -9.42 7.88
N ASP A 130 11.98 -9.33 9.12
CA ASP A 130 13.38 -9.04 9.41
C ASP A 130 14.30 -9.92 8.57
N LYS A 131 14.98 -9.32 7.61
CA LYS A 131 15.90 -10.05 6.74
C LYS A 131 17.35 -9.80 7.14
N THR A 132 17.95 -8.76 6.57
CA THR A 132 19.33 -8.41 6.87
C THR A 132 19.73 -7.12 6.16
N ASP A 133 20.39 -6.23 6.90
CA ASP A 133 20.83 -4.96 6.34
C ASP A 133 22.36 -4.86 6.35
N GLY A 134 22.93 -4.54 5.19
CA GLY A 134 24.37 -4.43 5.08
C GLY A 134 24.89 -3.13 5.66
N ALA A 135 23.99 -2.22 5.96
CA ALA A 135 24.36 -0.92 6.53
C ALA A 135 25.39 -1.09 7.64
N LEU A 136 25.31 -2.21 8.34
CA LEU A 136 26.23 -2.49 9.44
C LEU A 136 26.18 -3.96 9.83
N SER A 137 26.94 -4.32 10.86
CA SER A 137 26.98 -5.70 11.34
C SER A 137 25.58 -6.24 11.57
N SER A 138 25.04 -6.93 10.56
CA SER A 138 23.70 -7.49 10.67
C SER A 138 22.71 -6.46 11.21
N PHE A 139 22.39 -5.48 10.38
CA PHE A 139 21.45 -4.43 10.76
C PHE A 139 20.01 -4.83 10.44
N ASP A 140 19.06 -4.17 11.10
CA ASP A 140 17.65 -4.46 10.88
C ASP A 140 16.81 -3.19 11.03
N ILE A 141 15.50 -3.34 10.89
CA ILE A 141 14.58 -2.21 11.02
C ILE A 141 13.29 -2.63 11.71
N LYS A 142 12.43 -1.65 11.98
CA LYS A 142 11.16 -1.91 12.65
C LYS A 142 9.99 -1.40 11.80
N ASP A 143 8.95 -2.21 11.68
CA ASP A 143 7.77 -1.83 10.91
C ASP A 143 6.88 -0.88 11.71
N LYS A 144 5.71 -0.57 11.17
CA LYS A 144 4.77 0.33 11.83
C LYS A 144 3.40 0.25 11.17
N TRP A 145 2.45 0.99 11.72
CA TRP A 145 1.08 1.01 11.18
C TRP A 145 0.36 2.28 11.58
N ALA A 146 -0.71 2.61 10.85
CA ALA A 146 -1.48 3.81 11.14
C ALA A 146 -2.61 3.99 10.12
N PRO A 147 -3.55 4.89 10.43
CA PRO A 147 -4.69 5.18 9.55
C PRO A 147 -4.27 5.91 8.28
N ALA A 148 -4.71 5.39 7.13
CA ALA A 148 -4.38 6.01 5.85
C ALA A 148 -5.64 6.37 5.08
N PHE A 149 -5.47 7.11 3.99
CA PHE A 149 -6.60 7.53 3.16
C PHE A 149 -6.40 7.09 1.71
N GLN A 150 -7.51 6.93 1.00
CA GLN A 150 -7.47 6.52 -0.40
C GLN A 150 -8.32 7.43 -1.27
N VAL A 151 -7.95 7.54 -2.54
CA VAL A 151 -8.68 8.39 -3.48
C VAL A 151 -8.52 7.89 -4.91
N GLY A 152 -9.63 7.66 -5.58
CA GLY A 152 -9.59 7.18 -6.96
C GLY A 152 -10.98 6.98 -7.55
N LEU A 153 -11.05 6.23 -8.64
CA LEU A 153 -12.31 5.97 -9.30
C LEU A 153 -12.36 4.53 -9.82
N ARG A 154 -13.55 3.93 -9.80
CA ARG A 154 -13.73 2.57 -10.27
C ARG A 154 -14.65 2.54 -11.49
N TYR A 155 -14.12 2.05 -12.60
CA TYR A 155 -14.90 1.96 -13.84
C TYR A 155 -15.20 0.52 -14.20
N ASP A 156 -16.33 0.30 -14.86
CA ASP A 156 -16.73 -1.04 -15.27
C ASP A 156 -16.89 -1.13 -16.79
N LEU A 157 -16.17 -2.05 -17.40
CA LEU A 157 -16.23 -2.23 -18.85
C LEU A 157 -17.27 -3.28 -19.22
N GLY A 158 -18.08 -2.99 -20.25
CA GLY A 158 -19.10 -3.91 -20.68
C GLY A 158 -18.53 -5.09 -21.46
N ASN A 159 -19.04 -6.29 -21.17
CA ASN A 159 -18.57 -7.49 -21.85
C ASN A 159 -17.05 -7.61 -21.75
N SER A 160 -16.50 -7.22 -20.62
CA SER A 160 -15.05 -7.28 -20.40
C SER A 160 -14.71 -6.94 -18.95
N TRP A 161 -13.44 -7.09 -18.61
CA TRP A 161 -12.97 -6.80 -17.25
C TRP A 161 -13.18 -5.34 -16.90
N MET A 162 -13.23 -5.04 -15.61
CA MET A 162 -13.41 -3.67 -15.15
C MET A 162 -12.07 -2.98 -14.91
N LEU A 163 -12.12 -1.67 -14.66
CA LEU A 163 -10.91 -0.90 -14.42
C LEU A 163 -10.99 -0.17 -13.08
N ASN A 164 -9.85 -0.04 -12.41
CA ASN A 164 -9.79 0.64 -11.12
C ASN A 164 -8.49 1.42 -10.98
N SER A 165 -8.60 2.66 -10.51
CA SER A 165 -7.44 3.52 -10.32
C SER A 165 -7.61 4.41 -9.10
N ASP A 166 -6.68 4.30 -8.16
CA ASP A 166 -6.72 5.08 -6.93
C ASP A 166 -5.32 5.28 -6.36
N VAL A 167 -5.22 6.09 -5.32
CA VAL A 167 -3.94 6.35 -4.67
C VAL A 167 -4.06 6.30 -3.16
N ARG A 168 -2.96 5.95 -2.49
CA ARG A 168 -2.95 5.87 -1.04
C ARG A 168 -1.96 6.87 -0.44
N TYR A 169 -2.41 7.61 0.56
CA TYR A 169 -1.57 8.60 1.22
C TYR A 169 -1.66 8.48 2.73
N ILE A 170 -0.51 8.53 3.38
CA ILE A 170 -0.44 8.42 4.84
C ILE A 170 0.98 8.52 5.35
N PRO A 171 1.25 9.52 6.19
CA PRO A 171 2.57 9.76 6.77
C PRO A 171 2.97 8.68 7.77
N PHE A 172 3.92 7.84 7.38
CA PHE A 172 4.39 6.76 8.25
C PHE A 172 5.86 6.95 8.59
N LYS A 173 6.28 6.35 9.71
CA LYS A 173 7.66 6.45 10.16
C LYS A 173 8.25 5.06 10.41
N THR A 174 9.30 4.74 9.68
CA THR A 174 9.96 3.45 9.82
C THR A 174 11.16 3.53 10.76
N ASP A 175 11.38 2.47 11.53
CA ASP A 175 12.49 2.43 12.47
C ASP A 175 13.66 1.64 11.91
N VAL A 176 14.87 2.00 12.33
CA VAL A 176 16.08 1.34 11.85
C VAL A 176 17.13 1.28 12.95
N THR A 177 17.65 0.09 13.22
CA THR A 177 18.67 -0.10 14.25
C THR A 177 19.31 -1.48 14.15
N GLY A 178 20.36 -1.70 14.93
CA GLY A 178 21.04 -2.98 14.91
C GLY A 178 21.57 -3.36 16.27
N THR A 179 22.06 -4.59 16.39
CA THR A 179 22.60 -5.09 17.65
C THR A 179 24.09 -5.38 17.53
N LEU A 180 24.91 -4.60 18.23
CA LEU A 180 26.35 -4.78 18.21
C LEU A 180 26.95 -4.58 19.60
N GLY A 181 28.21 -4.97 19.76
CA GLY A 181 28.88 -4.82 21.04
C GLY A 181 28.66 -3.46 21.65
N PRO A 182 29.25 -2.42 21.03
CA PRO A 182 29.14 -1.04 21.51
C PRO A 182 27.74 -0.47 21.32
N VAL A 183 27.59 0.83 21.53
CA VAL A 183 26.30 1.50 21.38
C VAL A 183 25.85 1.49 19.92
N PRO A 184 24.73 0.80 19.66
CA PRO A 184 24.17 0.71 18.31
C PRO A 184 23.58 2.03 17.83
N VAL A 185 23.34 2.13 16.53
CA VAL A 185 22.78 3.34 15.94
C VAL A 185 21.27 3.23 15.78
N SER A 186 20.54 3.96 16.61
CA SER A 186 19.08 3.95 16.57
C SER A 186 18.54 5.22 15.90
N THR A 187 17.83 5.04 14.80
CA THR A 187 17.26 6.17 14.07
C THR A 187 15.93 5.80 13.44
N LYS A 188 15.28 6.77 12.81
CA LYS A 188 14.00 6.55 12.17
C LYS A 188 13.76 7.56 11.05
N ILE A 189 12.76 7.29 10.21
CA ILE A 189 12.44 8.19 9.10
C ILE A 189 10.93 8.31 8.92
N GLU A 190 10.41 9.51 9.16
CA GLU A 190 8.98 9.77 9.02
C GLU A 190 8.68 10.51 7.73
N VAL A 191 8.10 9.79 6.76
CA VAL A 191 7.76 10.38 5.48
C VAL A 191 6.38 9.94 5.01
N ASP A 192 5.83 10.66 4.04
CA ASP A 192 4.51 10.34 3.51
C ASP A 192 4.62 9.74 2.11
N PRO A 193 4.76 8.40 2.05
CA PRO A 193 4.88 7.67 0.78
C PRO A 193 3.58 7.67 -0.01
N PHE A 194 3.68 7.88 -1.32
CA PHE A 194 2.51 7.90 -2.19
C PHE A 194 2.42 6.61 -3.00
N ILE A 195 1.37 5.85 -2.74
CA ILE A 195 1.15 4.59 -3.44
C ILE A 195 0.09 4.74 -4.53
N LEU A 196 0.49 4.49 -5.77
CA LEU A 196 -0.42 4.60 -6.91
C LEU A 196 -0.83 3.22 -7.41
N SER A 197 -2.10 2.87 -7.17
CA SER A 197 -2.62 1.58 -7.60
C SER A 197 -3.47 1.72 -8.85
N LEU A 198 -3.06 1.04 -9.92
CA LEU A 198 -3.78 1.09 -11.19
C LEU A 198 -3.84 -0.28 -11.84
N GLY A 199 -5.04 -0.70 -12.23
CA GLY A 199 -5.21 -2.00 -12.86
C GLY A 199 -6.65 -2.27 -13.23
N ALA A 200 -7.06 -3.54 -13.10
CA ALA A 200 -8.42 -3.93 -13.43
C ALA A 200 -9.06 -4.68 -12.26
N SER A 201 -10.35 -4.98 -12.40
CA SER A 201 -11.08 -5.69 -11.36
C SER A 201 -12.16 -6.58 -11.97
N TYR A 202 -12.75 -7.44 -11.13
CA TYR A 202 -13.79 -8.35 -11.59
C TYR A 202 -14.89 -8.49 -10.54
N VAL A 203 -16.14 -8.36 -10.97
CA VAL A 203 -17.28 -8.48 -10.07
C VAL A 203 -17.63 -9.94 -9.81
N PHE A 204 -18.32 -10.19 -8.70
CA PHE A 204 -18.72 -11.54 -8.35
C PHE A 204 -19.81 -11.52 -7.27
N LYS A 205 -20.68 -12.51 -7.31
CA LYS A 205 -21.77 -12.61 -6.34
C LYS A 205 -22.73 -11.43 -6.47
N LEU A 206 -23.33 -11.29 -7.65
CA LEU A 206 -24.27 -10.21 -7.91
C LEU A 206 -25.62 -10.75 -8.37
N ALA A 207 -26.55 -9.85 -8.65
CA ALA A 207 -27.88 -10.24 -9.12
C ALA A 207 -27.91 -10.39 -10.63
N ALA A 208 -27.81 -11.62 -11.11
CA ALA A 208 -27.84 -11.90 -12.54
C ALA A 208 -29.04 -12.75 -12.91
N ALA A 209 -29.85 -12.24 -13.83
CA ALA A 209 -31.04 -12.96 -14.28
C ALA A 209 -31.50 -12.46 -15.65
N LEU A 210 -32.25 -13.30 -16.36
CA LEU A 210 -32.75 -12.95 -17.68
C LEU A 210 -34.28 -12.93 -17.70
N GLU A 211 -34.85 -12.25 -18.69
CA GLU A 211 -36.29 -12.15 -18.82
C GLU A 211 -36.92 -13.54 -18.88
N MET A 1 -30.79 -25.18 1.50
CA MET A 1 -30.33 -26.30 0.68
C MET A 1 -29.55 -25.79 -0.53
N ASN A 2 -28.82 -26.70 -1.18
CA ASN A 2 -28.03 -26.35 -2.35
C ASN A 2 -28.41 -27.21 -3.55
N GLU A 3 -28.97 -26.57 -4.57
CA GLU A 3 -29.39 -27.28 -5.78
C GLU A 3 -28.77 -26.65 -7.02
N ASN A 4 -29.05 -27.24 -8.18
CA ASN A 4 -28.53 -26.73 -9.44
C ASN A 4 -29.52 -25.79 -10.11
N TYR A 5 -29.15 -24.53 -10.24
CA TYR A 5 -30.01 -23.53 -10.84
C TYR A 5 -29.22 -22.29 -11.25
N PRO A 6 -28.43 -22.42 -12.32
CA PRO A 6 -27.60 -21.31 -12.83
C PRO A 6 -28.44 -20.20 -13.45
N ALA A 7 -27.91 -18.98 -13.41
CA ALA A 7 -28.61 -17.83 -13.96
C ALA A 7 -27.64 -16.69 -14.26
N LYS A 8 -28.13 -15.68 -14.97
CA LYS A 8 -27.30 -14.53 -15.32
C LYS A 8 -26.67 -13.90 -14.09
N SER A 9 -25.83 -12.90 -14.29
CA SER A 9 -25.16 -12.22 -13.19
C SER A 9 -25.81 -10.86 -12.91
N ALA A 10 -25.46 -10.28 -11.78
CA ALA A 10 -26.00 -8.97 -11.40
C ALA A 10 -24.94 -7.88 -11.53
N GLY A 11 -25.34 -6.64 -11.21
CA GLY A 11 -24.41 -5.53 -11.29
C GLY A 11 -23.75 -5.22 -9.96
N TYR A 12 -24.42 -4.42 -9.14
CA TYR A 12 -23.89 -4.04 -7.84
C TYR A 12 -25.01 -3.93 -6.80
N ASN A 13 -25.01 -4.84 -5.84
CA ASN A 13 -26.02 -4.85 -4.79
C ASN A 13 -25.40 -5.16 -3.43
N GLN A 14 -26.11 -4.79 -2.37
CA GLN A 14 -25.63 -5.04 -1.02
C GLN A 14 -25.22 -6.50 -0.83
N GLY A 15 -23.95 -6.72 -0.50
CA GLY A 15 -23.45 -8.06 -0.30
C GLY A 15 -22.67 -8.57 -1.49
N ASP A 16 -22.39 -7.69 -2.44
CA ASP A 16 -21.64 -8.05 -3.63
C ASP A 16 -20.15 -8.08 -3.34
N TRP A 17 -19.41 -8.84 -4.15
CA TRP A 17 -17.97 -8.96 -3.97
C TRP A 17 -17.24 -8.80 -5.30
N VAL A 18 -16.08 -8.16 -5.26
CA VAL A 18 -15.28 -7.94 -6.46
C VAL A 18 -13.79 -8.08 -6.17
N ALA A 19 -13.07 -8.74 -7.07
CA ALA A 19 -11.64 -8.94 -6.91
C ALA A 19 -10.85 -7.89 -7.68
N SER A 20 -10.29 -6.92 -6.96
CA SER A 20 -9.51 -5.86 -7.58
C SER A 20 -8.04 -6.22 -7.65
N PHE A 21 -7.44 -6.07 -8.83
CA PHE A 21 -6.03 -6.39 -9.02
C PHE A 21 -5.33 -5.29 -9.81
N ASN A 22 -4.36 -4.64 -9.17
CA ASN A 22 -3.61 -3.56 -9.82
C ASN A 22 -2.20 -3.48 -9.25
N PHE A 23 -1.37 -2.64 -9.87
CA PHE A 23 0.01 -2.46 -9.42
C PHE A 23 0.18 -1.13 -8.70
N SER A 24 0.81 -1.18 -7.53
CA SER A 24 1.03 0.02 -6.73
C SER A 24 2.43 0.59 -6.98
N LYS A 25 2.50 1.91 -7.11
CA LYS A 25 3.77 2.58 -7.35
C LYS A 25 4.14 3.49 -6.18
N VAL A 26 5.19 3.12 -5.45
CA VAL A 26 5.63 3.91 -4.30
C VAL A 26 6.37 5.17 -4.76
N TYR A 27 5.95 6.32 -4.24
CA TYR A 27 6.56 7.59 -4.60
C TYR A 27 7.01 8.34 -3.35
N VAL A 28 8.33 8.38 -3.12
CA VAL A 28 8.89 9.06 -1.98
C VAL A 28 10.41 9.14 -2.06
N GLY A 29 10.98 10.16 -1.43
CA GLY A 29 12.43 10.33 -1.45
C GLY A 29 12.87 11.67 -0.91
N GLU A 30 12.61 11.89 0.37
CA GLU A 30 12.98 13.15 1.02
C GLU A 30 14.39 13.07 1.60
N GLU A 31 14.57 12.22 2.61
CA GLU A 31 15.86 12.06 3.26
C GLU A 31 15.80 10.94 4.30
N LEU A 32 16.95 10.35 4.59
CA LEU A 32 17.04 9.27 5.56
C LEU A 32 17.79 9.72 6.81
N GLY A 33 17.23 9.41 7.97
CA GLY A 33 17.86 9.79 9.23
C GLY A 33 19.22 9.16 9.41
N ASP A 34 20.25 9.99 9.56
CA ASP A 34 21.60 9.51 9.74
C ASP A 34 22.30 10.24 10.88
N LEU A 35 22.90 9.48 11.79
CA LEU A 35 23.61 10.05 12.93
C LEU A 35 25.02 9.51 13.04
N ASN A 36 25.79 10.06 13.97
CA ASN A 36 27.18 9.62 14.18
C ASN A 36 27.44 9.38 15.65
N VAL A 37 28.33 8.42 15.94
CA VAL A 37 28.68 8.08 17.31
C VAL A 37 29.85 8.93 17.80
N GLY A 38 30.76 9.24 16.89
CA GLY A 38 31.92 10.05 17.25
C GLY A 38 31.86 11.44 16.66
N GLY A 39 32.49 12.40 17.33
CA GLY A 39 32.49 13.77 16.86
C GLY A 39 33.12 13.89 15.47
N GLY A 40 32.38 14.51 14.55
CA GLY A 40 32.88 14.68 13.20
C GLY A 40 31.97 15.56 12.36
N ALA A 41 31.83 15.19 11.08
CA ALA A 41 30.98 15.94 10.18
C ALA A 41 29.52 15.52 10.29
N LEU A 42 28.62 16.37 9.81
CA LEU A 42 27.19 16.08 9.86
C LEU A 42 26.55 16.22 8.48
N PRO A 43 26.90 15.30 7.57
CA PRO A 43 26.37 15.30 6.20
C PRO A 43 24.89 14.93 6.15
N ASN A 44 24.38 14.72 4.94
CA ASN A 44 22.98 14.36 4.76
C ASN A 44 22.84 13.17 3.83
N ALA A 45 22.19 12.11 4.31
CA ALA A 45 21.99 10.90 3.52
C ALA A 45 20.88 11.11 2.50
N ASP A 46 20.63 10.07 1.69
CA ASP A 46 19.60 10.13 0.67
C ASP A 46 18.88 8.80 0.53
N VAL A 47 17.55 8.84 0.55
CA VAL A 47 16.75 7.63 0.43
C VAL A 47 16.13 7.51 -0.95
N SER A 48 16.14 6.30 -1.50
CA SER A 48 15.58 6.05 -2.82
C SER A 48 14.88 4.70 -2.88
N ILE A 49 13.99 4.53 -3.84
CA ILE A 49 13.26 3.29 -4.00
C ILE A 49 13.73 2.52 -5.24
N GLY A 50 13.98 1.23 -5.07
CA GLY A 50 14.43 0.40 -6.17
C GLY A 50 13.63 -0.88 -6.31
N ASN A 51 12.31 -0.74 -6.35
CA ASN A 51 11.44 -1.91 -6.47
C ASN A 51 10.92 -2.05 -7.90
N ASP A 52 11.35 -3.10 -8.59
CA ASP A 52 10.92 -3.34 -9.96
C ASP A 52 9.40 -3.38 -10.06
N THR A 53 8.89 -3.50 -11.29
CA THR A 53 7.45 -3.55 -11.51
C THR A 53 6.80 -4.63 -10.66
N THR A 54 6.17 -4.22 -9.57
CA THR A 54 5.49 -5.15 -8.68
C THR A 54 3.99 -5.16 -8.91
N LEU A 55 3.29 -6.03 -8.20
CA LEU A 55 1.84 -6.14 -8.34
C LEU A 55 1.16 -6.10 -6.97
N THR A 56 -0.14 -5.81 -6.97
CA THR A 56 -0.90 -5.74 -5.73
C THR A 56 -2.32 -6.25 -5.93
N PHE A 57 -2.84 -6.94 -4.92
CA PHE A 57 -4.20 -7.49 -4.99
C PHE A 57 -5.05 -6.98 -3.83
N ASP A 58 -6.26 -6.52 -4.16
CA ASP A 58 -7.17 -6.01 -3.15
C ASP A 58 -8.58 -6.56 -3.36
N ILE A 59 -9.28 -6.79 -2.25
CA ILE A 59 -10.64 -7.32 -2.31
C ILE A 59 -11.66 -6.25 -1.92
N ALA A 60 -12.52 -5.89 -2.87
CA ALA A 60 -13.55 -4.88 -2.63
C ALA A 60 -14.91 -5.53 -2.40
N TYR A 61 -15.53 -5.21 -1.27
CA TYR A 61 -16.83 -5.76 -0.92
C TYR A 61 -17.92 -4.70 -0.99
N PHE A 62 -18.86 -4.87 -1.92
CA PHE A 62 -19.96 -3.92 -2.09
C PHE A 62 -21.09 -4.21 -1.11
N VAL A 63 -21.16 -3.43 -0.04
CA VAL A 63 -22.19 -3.61 0.97
C VAL A 63 -23.39 -2.69 0.70
N SER A 64 -23.11 -1.53 0.14
CA SER A 64 -24.17 -0.56 -0.18
C SER A 64 -23.99 0.00 -1.59
N SER A 65 -25.03 0.63 -2.10
CA SER A 65 -25.00 1.21 -3.45
C SER A 65 -24.44 2.63 -3.40
N ASN A 66 -24.05 3.06 -2.21
CA ASN A 66 -23.50 4.40 -2.03
C ASN A 66 -22.02 4.34 -1.67
N ILE A 67 -21.63 3.30 -0.95
CA ILE A 67 -20.24 3.12 -0.54
C ILE A 67 -19.86 1.65 -0.50
N ALA A 68 -18.57 1.37 -0.39
CA ALA A 68 -18.08 0.01 -0.33
C ALA A 68 -16.74 -0.07 0.39
N VAL A 69 -16.30 -1.28 0.70
CA VAL A 69 -15.03 -1.49 1.40
C VAL A 69 -14.01 -2.16 0.48
N ASP A 70 -12.74 -1.82 0.67
CA ASP A 70 -11.67 -2.38 -0.13
C ASP A 70 -10.45 -2.70 0.74
N PHE A 71 -9.97 -3.94 0.65
CA PHE A 71 -8.81 -4.36 1.43
C PHE A 71 -7.59 -4.55 0.53
N PHE A 72 -6.62 -3.67 0.66
CA PHE A 72 -5.39 -3.74 -0.13
C PHE A 72 -4.36 -4.65 0.51
N VAL A 73 -3.84 -5.59 -0.26
CA VAL A 73 -2.84 -6.52 0.25
C VAL A 73 -1.88 -6.95 -0.86
N GLY A 74 -0.75 -7.52 -0.46
CA GLY A 74 0.24 -7.97 -1.43
C GLY A 74 1.51 -8.48 -0.78
N VAL A 75 2.09 -9.52 -1.36
CA VAL A 75 3.32 -10.11 -0.82
C VAL A 75 4.46 -10.02 -1.84
N PRO A 76 5.05 -8.83 -1.95
CA PRO A 76 6.16 -8.59 -2.88
C PRO A 76 7.43 -9.29 -2.46
N ALA A 77 8.24 -9.69 -3.43
CA ALA A 77 9.50 -10.37 -3.15
C ALA A 77 10.50 -9.43 -2.47
N ARG A 78 11.76 -9.84 -2.44
CA ARG A 78 12.80 -9.04 -1.81
C ARG A 78 13.20 -7.88 -2.71
N ALA A 79 12.96 -6.66 -2.24
CA ALA A 79 13.29 -5.46 -3.00
C ALA A 79 14.45 -4.70 -2.35
N LYS A 80 15.24 -4.02 -3.16
CA LYS A 80 16.37 -3.25 -2.66
C LYS A 80 16.06 -1.76 -2.66
N PHE A 81 16.52 -1.07 -1.61
CA PHE A 81 16.28 0.36 -1.47
C PHE A 81 17.53 1.07 -0.95
N GLN A 82 17.61 2.37 -1.23
CA GLN A 82 18.76 3.16 -0.79
C GLN A 82 18.38 4.06 0.38
N GLY A 83 19.37 4.45 1.18
CA GLY A 83 19.12 5.31 2.32
C GLY A 83 20.37 5.56 3.15
N GLU A 84 21.26 6.39 2.62
CA GLU A 84 22.51 6.71 3.31
C GLU A 84 23.28 7.78 2.56
N LYS A 85 24.47 8.11 3.07
CA LYS A 85 25.32 9.12 2.45
C LYS A 85 26.20 8.50 1.37
N SER A 86 27.17 7.70 1.80
CA SER A 86 28.09 7.05 0.87
C SER A 86 27.48 5.77 0.32
N ILE A 87 26.69 5.08 1.16
CA ILE A 87 26.06 3.84 0.75
C ILE A 87 25.03 4.07 -0.36
N SER A 88 24.37 5.23 -0.32
CA SER A 88 23.38 5.58 -1.32
C SER A 88 24.00 5.64 -2.71
N SER A 89 25.12 6.36 -2.81
CA SER A 89 25.82 6.51 -4.09
C SER A 89 26.08 5.15 -4.72
N LEU A 90 26.44 4.17 -3.90
CA LEU A 90 26.71 2.82 -4.39
C LEU A 90 25.48 2.22 -5.06
N GLY A 91 24.34 2.33 -4.39
CA GLY A 91 23.11 1.80 -4.95
C GLY A 91 22.55 0.66 -4.12
N ARG A 92 23.37 0.11 -3.23
CA ARG A 92 22.95 -0.99 -2.38
C ARG A 92 23.09 -0.63 -0.91
N VAL A 93 21.98 -0.20 -0.30
CA VAL A 93 21.97 0.18 1.10
C VAL A 93 21.14 -0.79 1.94
N SER A 94 19.99 -1.18 1.40
CA SER A 94 19.10 -2.11 2.09
C SER A 94 18.47 -3.09 1.11
N GLU A 95 18.09 -4.26 1.62
CA GLU A 95 17.47 -5.29 0.78
C GLU A 95 16.55 -6.18 1.61
N VAL A 96 15.27 -6.19 1.27
CA VAL A 96 14.29 -6.99 1.98
C VAL A 96 12.91 -6.85 1.37
N ASP A 97 12.01 -7.77 1.70
CA ASP A 97 10.65 -7.74 1.19
C ASP A 97 9.74 -6.94 2.11
N TYR A 98 8.93 -6.07 1.52
CA TYR A 98 8.01 -5.24 2.28
C TYR A 98 6.64 -5.90 2.40
N GLY A 99 5.98 -5.69 3.54
CA GLY A 99 4.67 -6.27 3.75
C GLY A 99 3.57 -5.24 3.83
N PRO A 100 3.26 -4.61 2.68
CA PRO A 100 2.22 -3.58 2.60
C PRO A 100 0.82 -4.15 2.79
N ALA A 101 0.18 -3.79 3.90
CA ALA A 101 -1.16 -4.26 4.20
C ALA A 101 -2.04 -3.13 4.73
N ILE A 102 -3.05 -2.77 3.96
CA ILE A 102 -3.97 -1.70 4.35
C ILE A 102 -5.41 -2.05 4.01
N LEU A 103 -6.35 -1.47 4.75
CA LEU A 103 -7.77 -1.72 4.51
C LEU A 103 -8.58 -0.45 4.72
N SER A 104 -9.22 0.01 3.66
CA SER A 104 -10.04 1.22 3.73
C SER A 104 -11.29 1.08 2.86
N LEU A 105 -12.28 1.93 3.13
CA LEU A 105 -13.53 1.90 2.37
C LEU A 105 -13.66 3.13 1.49
N GLN A 106 -14.27 2.97 0.33
CA GLN A 106 -14.46 4.07 -0.61
C GLN A 106 -15.88 4.61 -0.53
N TYR A 107 -16.02 5.93 -0.70
CA TYR A 107 -17.32 6.57 -0.63
C TYR A 107 -17.34 7.85 -1.48
N HIS A 108 -18.54 8.28 -1.85
CA HIS A 108 -18.69 9.50 -2.65
C HIS A 108 -19.77 10.41 -2.06
N TYR A 109 -19.59 11.71 -2.22
CA TYR A 109 -20.54 12.69 -1.70
C TYR A 109 -20.39 14.03 -2.40
N ASP A 110 -21.36 14.91 -2.21
CA ASP A 110 -21.34 16.22 -2.81
C ASP A 110 -21.28 16.12 -4.34
N SER A 111 -22.14 15.27 -4.90
CA SER A 111 -22.17 15.07 -6.34
C SER A 111 -22.35 16.40 -7.08
N PHE A 112 -21.31 16.79 -7.82
CA PHE A 112 -21.35 18.04 -8.56
C PHE A 112 -21.36 17.78 -10.07
N GLU A 113 -20.64 16.75 -10.49
CA GLU A 113 -20.56 16.39 -11.90
C GLU A 113 -21.14 15.00 -12.14
N ARG A 114 -21.60 14.76 -13.36
CA ARG A 114 -22.19 13.47 -13.72
C ARG A 114 -21.23 12.32 -13.40
N LEU A 115 -19.96 12.51 -13.76
CA LEU A 115 -18.94 11.50 -13.51
C LEU A 115 -17.79 12.08 -12.69
N TYR A 116 -17.45 11.40 -11.60
CA TYR A 116 -16.37 11.84 -10.73
C TYR A 116 -15.88 10.71 -9.83
N PRO A 117 -14.62 10.78 -9.42
CA PRO A 117 -14.00 9.78 -8.54
C PRO A 117 -14.57 9.79 -7.14
N TYR A 118 -14.10 8.88 -6.30
CA TYR A 118 -14.57 8.79 -4.92
C TYR A 118 -13.39 8.82 -3.94
N VAL A 119 -13.67 9.18 -2.69
CA VAL A 119 -12.64 9.24 -1.67
C VAL A 119 -12.87 8.17 -0.59
N GLY A 120 -11.79 7.51 -0.19
CA GLY A 120 -11.89 6.47 0.82
C GLY A 120 -10.92 6.69 1.97
N VAL A 121 -11.06 5.88 3.02
CA VAL A 121 -10.19 5.98 4.18
C VAL A 121 -10.24 4.71 5.02
N GLY A 122 -9.15 4.43 5.72
CA GLY A 122 -9.09 3.24 6.56
C GLY A 122 -7.79 3.14 7.33
N VAL A 123 -7.43 1.93 7.72
CA VAL A 123 -6.21 1.70 8.48
C VAL A 123 -5.15 1.02 7.61
N GLY A 124 -4.00 1.67 7.49
CA GLY A 124 -2.92 1.11 6.68
C GLY A 124 -1.69 0.78 7.52
N ARG A 125 -1.29 -0.49 7.49
CA ARG A 125 -0.13 -0.93 8.24
C ARG A 125 0.97 -1.43 7.31
N VAL A 126 2.20 -0.99 7.55
CA VAL A 126 3.34 -1.39 6.72
C VAL A 126 4.24 -2.35 7.48
N LEU A 127 4.23 -3.62 7.08
CA LEU A 127 5.06 -4.62 7.73
C LEU A 127 6.45 -4.68 7.10
N PHE A 128 7.37 -5.35 7.77
CA PHE A 128 8.74 -5.48 7.28
C PHE A 128 9.36 -6.80 7.72
N PHE A 129 10.02 -7.47 6.78
CA PHE A 129 10.67 -8.75 7.07
C PHE A 129 12.17 -8.58 7.28
N ASP A 130 12.79 -9.60 7.85
CA ASP A 130 14.23 -9.56 8.11
C ASP A 130 15.01 -10.27 7.00
N LYS A 131 15.89 -9.52 6.32
CA LYS A 131 16.69 -10.08 5.25
C LYS A 131 18.11 -9.52 5.29
N THR A 132 18.29 -8.33 4.73
CA THR A 132 19.60 -7.69 4.70
C THR A 132 19.48 -6.20 4.42
N ASP A 133 19.23 -5.42 5.46
CA ASP A 133 19.09 -3.97 5.32
C ASP A 133 20.33 -3.25 5.84
N GLY A 134 20.46 -1.98 5.49
CA GLY A 134 21.61 -1.20 5.93
C GLY A 134 22.92 -1.75 5.41
N ALA A 135 23.92 -0.89 5.29
CA ALA A 135 25.23 -1.30 4.81
C ALA A 135 26.09 -1.88 5.93
N LEU A 136 25.50 -1.94 7.12
CA LEU A 136 26.21 -2.48 8.29
C LEU A 136 26.07 -4.00 8.36
N SER A 137 26.60 -4.58 9.43
CA SER A 137 26.53 -6.03 9.62
C SER A 137 25.09 -6.50 9.76
N SER A 138 24.46 -6.77 8.63
CA SER A 138 23.07 -7.23 8.63
C SER A 138 22.19 -6.28 9.46
N PHE A 139 21.87 -5.14 8.88
CA PHE A 139 21.04 -4.15 9.56
C PHE A 139 19.56 -4.43 9.33
N ASP A 140 18.73 -4.08 10.32
CA ASP A 140 17.29 -4.30 10.21
C ASP A 140 16.53 -2.99 10.37
N ILE A 141 15.21 -3.07 10.33
CA ILE A 141 14.37 -1.89 10.46
C ILE A 141 13.07 -2.21 11.21
N LYS A 142 12.42 -1.18 11.74
CA LYS A 142 11.18 -1.36 12.47
C LYS A 142 9.99 -0.89 11.64
N ASP A 143 9.04 -1.79 11.41
CA ASP A 143 7.85 -1.48 10.63
C ASP A 143 7.02 -0.41 11.32
N LYS A 144 5.84 -0.13 10.77
CA LYS A 144 4.95 0.88 11.34
C LYS A 144 3.50 0.64 10.88
N TRP A 145 2.57 1.28 11.57
CA TRP A 145 1.15 1.14 11.23
C TRP A 145 0.36 2.35 11.71
N ALA A 146 -0.67 2.71 10.95
CA ALA A 146 -1.51 3.86 11.30
C ALA A 146 -2.62 4.06 10.28
N PRO A 147 -3.58 4.93 10.61
CA PRO A 147 -4.71 5.23 9.72
C PRO A 147 -4.29 6.03 8.49
N ALA A 148 -4.62 5.51 7.32
CA ALA A 148 -4.28 6.17 6.07
C ALA A 148 -5.53 6.56 5.28
N PHE A 149 -5.34 7.32 4.21
CA PHE A 149 -6.46 7.76 3.39
C PHE A 149 -6.25 7.35 1.93
N GLN A 150 -7.31 6.88 1.29
CA GLN A 150 -7.25 6.45 -0.10
C GLN A 150 -8.19 7.27 -0.97
N VAL A 151 -7.93 7.29 -2.27
CA VAL A 151 -8.76 8.04 -3.21
C VAL A 151 -8.56 7.53 -4.64
N GLY A 152 -9.66 7.32 -5.34
CA GLY A 152 -9.60 6.84 -6.71
C GLY A 152 -10.97 6.66 -7.33
N LEU A 153 -11.04 5.83 -8.37
CA LEU A 153 -12.31 5.57 -9.05
C LEU A 153 -12.35 4.14 -9.58
N ARG A 154 -13.54 3.69 -9.97
CA ARG A 154 -13.71 2.35 -10.50
C ARG A 154 -14.47 2.37 -11.82
N TYR A 155 -13.82 1.91 -12.88
CA TYR A 155 -14.43 1.89 -14.21
C TYR A 155 -14.86 0.47 -14.58
N ASP A 156 -15.97 0.37 -15.29
CA ASP A 156 -16.50 -0.93 -15.72
C ASP A 156 -16.60 -1.00 -17.24
N LEU A 157 -15.60 -1.61 -17.86
CA LEU A 157 -15.57 -1.74 -19.31
C LEU A 157 -16.65 -2.72 -19.79
N GLY A 158 -17.11 -2.53 -21.02
CA GLY A 158 -18.12 -3.40 -21.57
C GLY A 158 -17.76 -4.86 -21.47
N ASN A 159 -16.47 -5.16 -21.60
CA ASN A 159 -15.99 -6.53 -21.51
C ASN A 159 -16.21 -7.11 -20.12
N SER A 160 -15.83 -8.37 -19.95
CA SER A 160 -15.99 -9.04 -18.65
C SER A 160 -15.09 -8.41 -17.60
N TRP A 161 -13.90 -7.98 -18.02
CA TRP A 161 -12.95 -7.36 -17.11
C TRP A 161 -13.27 -5.87 -16.92
N MET A 162 -12.88 -5.33 -15.77
CA MET A 162 -13.14 -3.92 -15.47
C MET A 162 -11.83 -3.21 -15.14
N LEU A 163 -11.92 -1.91 -14.89
CA LEU A 163 -10.75 -1.10 -14.56
C LEU A 163 -10.89 -0.49 -13.17
N ASN A 164 -9.76 -0.39 -12.46
CA ASN A 164 -9.76 0.18 -11.12
C ASN A 164 -8.49 0.98 -10.88
N SER A 165 -8.64 2.15 -10.25
CA SER A 165 -7.51 3.01 -9.95
C SER A 165 -7.68 3.71 -8.61
N ASP A 166 -6.73 3.49 -7.71
CA ASP A 166 -6.78 4.11 -6.39
C ASP A 166 -5.41 4.62 -5.97
N VAL A 167 -5.39 5.54 -5.02
CA VAL A 167 -4.14 6.12 -4.52
C VAL A 167 -4.11 6.14 -3.01
N ARG A 168 -2.98 5.72 -2.44
CA ARG A 168 -2.81 5.69 -0.99
C ARG A 168 -1.90 6.82 -0.53
N TYR A 169 -2.27 7.47 0.57
CA TYR A 169 -1.49 8.56 1.12
C TYR A 169 -1.63 8.62 2.64
N ILE A 170 -0.49 8.75 3.32
CA ILE A 170 -0.48 8.83 4.78
C ILE A 170 0.94 9.00 5.30
N PRO A 171 1.15 10.07 6.09
CA PRO A 171 2.46 10.37 6.68
C PRO A 171 2.85 9.37 7.76
N PHE A 172 3.77 8.47 7.43
CA PHE A 172 4.21 7.46 8.38
C PHE A 172 5.71 7.62 8.66
N LYS A 173 6.22 6.82 9.60
CA LYS A 173 7.63 6.87 9.96
C LYS A 173 8.17 5.47 10.24
N THR A 174 9.33 5.16 9.67
CA THR A 174 9.95 3.86 9.85
C THR A 174 11.22 3.96 10.68
N ASP A 175 11.54 2.90 11.41
CA ASP A 175 12.74 2.88 12.24
C ASP A 175 13.82 2.00 11.63
N VAL A 176 15.06 2.22 12.03
CA VAL A 176 16.19 1.45 11.52
C VAL A 176 17.16 1.11 12.63
N THR A 177 17.42 -0.19 12.81
CA THR A 177 18.34 -0.66 13.83
C THR A 177 18.70 -2.12 13.62
N GLY A 178 19.66 -2.62 14.40
CA GLY A 178 20.08 -4.00 14.29
C GLY A 178 21.54 -4.12 13.89
N THR A 179 22.24 -5.08 14.49
CA THR A 179 23.65 -5.30 14.21
C THR A 179 24.13 -6.63 14.79
N LEU A 180 25.01 -7.30 14.06
CA LEU A 180 25.55 -8.58 14.50
C LEU A 180 26.97 -8.41 15.06
N GLY A 181 27.06 -8.15 16.35
CA GLY A 181 28.36 -7.97 16.99
C GLY A 181 28.42 -6.73 17.84
N PRO A 182 28.84 -5.61 17.23
CA PRO A 182 28.96 -4.32 17.92
C PRO A 182 27.60 -3.73 18.28
N VAL A 183 27.62 -2.53 18.85
CA VAL A 183 26.39 -1.85 19.25
C VAL A 183 25.66 -1.30 18.03
N PRO A 184 24.42 -1.75 17.82
CA PRO A 184 23.59 -1.31 16.70
C PRO A 184 23.13 0.14 16.85
N VAL A 185 22.79 0.76 15.72
CA VAL A 185 22.33 2.15 15.73
C VAL A 185 20.81 2.23 15.75
N SER A 186 20.28 3.36 16.18
CA SER A 186 18.85 3.57 16.25
C SER A 186 18.44 4.88 15.59
N THR A 187 17.81 4.80 14.43
CA THR A 187 17.38 5.97 13.69
C THR A 187 15.89 5.89 13.34
N LYS A 188 15.34 7.02 12.91
CA LYS A 188 13.93 7.07 12.53
C LYS A 188 13.68 8.15 11.48
N ILE A 189 12.79 7.86 10.55
CA ILE A 189 12.47 8.82 9.48
C ILE A 189 10.96 8.87 9.24
N GLU A 190 10.40 10.07 9.29
CA GLU A 190 8.97 10.25 9.08
C GLU A 190 8.70 10.90 7.72
N VAL A 191 8.10 10.14 6.82
CA VAL A 191 7.79 10.63 5.48
C VAL A 191 6.40 10.19 5.03
N ASP A 192 5.84 10.91 4.07
CA ASP A 192 4.52 10.60 3.56
C ASP A 192 4.61 10.01 2.15
N PRO A 193 4.74 8.67 2.09
CA PRO A 193 4.84 7.96 0.80
C PRO A 193 3.52 7.96 0.03
N PHE A 194 3.61 8.09 -1.29
CA PHE A 194 2.43 8.09 -2.13
C PHE A 194 2.39 6.86 -3.03
N ILE A 195 1.42 5.99 -2.78
CA ILE A 195 1.27 4.77 -3.56
C ILE A 195 0.16 4.92 -4.61
N LEU A 196 0.51 4.68 -5.87
CA LEU A 196 -0.45 4.78 -6.96
C LEU A 196 -0.83 3.40 -7.48
N SER A 197 -2.06 2.98 -7.21
CA SER A 197 -2.54 1.68 -7.65
C SER A 197 -3.35 1.81 -8.94
N LEU A 198 -2.94 1.09 -9.97
CA LEU A 198 -3.63 1.12 -11.26
C LEU A 198 -3.66 -0.26 -11.90
N GLY A 199 -4.85 -0.71 -12.27
CA GLY A 199 -4.99 -2.01 -12.90
C GLY A 199 -6.43 -2.32 -13.28
N ALA A 200 -6.81 -3.59 -13.14
CA ALA A 200 -8.17 -4.00 -13.48
C ALA A 200 -8.83 -4.69 -12.29
N SER A 201 -10.12 -5.00 -12.44
CA SER A 201 -10.88 -5.65 -11.37
C SER A 201 -12.04 -6.45 -11.94
N TYR A 202 -12.59 -7.34 -11.13
CA TYR A 202 -13.71 -8.17 -11.56
C TYR A 202 -14.84 -8.16 -10.51
N VAL A 203 -16.06 -7.94 -10.97
CA VAL A 203 -17.22 -7.90 -10.09
C VAL A 203 -18.01 -9.20 -10.17
N PHE A 204 -18.60 -9.60 -9.04
CA PHE A 204 -19.38 -10.82 -8.99
C PHE A 204 -20.32 -10.81 -7.78
N LYS A 205 -21.38 -11.60 -7.85
CA LYS A 205 -22.35 -11.69 -6.76
C LYS A 205 -22.23 -13.02 -6.03
N LEU A 206 -21.94 -14.08 -6.79
CA LEU A 206 -21.80 -15.41 -6.21
C LEU A 206 -21.33 -16.41 -7.26
N ALA A 207 -20.85 -17.56 -6.80
CA ALA A 207 -20.37 -18.60 -7.71
C ALA A 207 -21.50 -19.16 -8.55
N ALA A 208 -22.69 -19.26 -7.95
CA ALA A 208 -23.85 -19.78 -8.65
C ALA A 208 -25.04 -18.83 -8.52
N ALA A 209 -26.16 -19.20 -9.15
CA ALA A 209 -27.36 -18.38 -9.10
C ALA A 209 -28.22 -18.74 -7.89
N LEU A 210 -28.79 -19.93 -7.92
CA LEU A 210 -29.64 -20.40 -6.83
C LEU A 210 -30.74 -19.40 -6.53
N GLU A 211 -31.28 -18.79 -7.58
CA GLU A 211 -32.35 -17.82 -7.43
C GLU A 211 -33.71 -18.43 -7.78
N MET A 1 -59.76 -8.66 -18.40
CA MET A 1 -58.79 -7.73 -17.84
C MET A 1 -57.53 -8.47 -17.37
N ASN A 2 -56.37 -7.84 -17.57
CA ASN A 2 -55.11 -8.44 -17.17
C ASN A 2 -54.02 -7.38 -17.04
N GLU A 3 -53.01 -7.66 -16.22
CA GLU A 3 -51.92 -6.73 -16.01
C GLU A 3 -50.59 -7.47 -15.88
N ASN A 4 -49.56 -6.94 -16.51
CA ASN A 4 -48.22 -7.56 -16.46
C ASN A 4 -47.13 -6.49 -16.40
N TYR A 5 -46.20 -6.66 -15.48
CA TYR A 5 -45.10 -5.72 -15.31
C TYR A 5 -44.10 -6.22 -14.27
N PRO A 6 -43.38 -7.29 -14.63
CA PRO A 6 -42.37 -7.88 -13.74
C PRO A 6 -41.15 -6.99 -13.55
N ALA A 7 -40.72 -6.83 -12.31
CA ALA A 7 -39.57 -6.00 -11.99
C ALA A 7 -38.26 -6.74 -12.27
N LYS A 8 -37.16 -6.02 -12.31
CA LYS A 8 -35.85 -6.60 -12.56
C LYS A 8 -34.85 -6.16 -11.50
N SER A 9 -33.83 -6.99 -11.28
CA SER A 9 -32.80 -6.69 -10.29
C SER A 9 -31.52 -6.21 -10.97
N ALA A 10 -30.80 -5.32 -10.29
CA ALA A 10 -29.55 -4.78 -10.82
C ALA A 10 -28.35 -5.62 -10.40
N GLY A 11 -27.16 -5.23 -10.84
CA GLY A 11 -25.96 -5.96 -10.49
C GLY A 11 -25.24 -5.35 -9.30
N TYR A 12 -26.00 -4.86 -8.33
CA TYR A 12 -25.43 -4.24 -7.14
C TYR A 12 -26.35 -4.41 -5.94
N ASN A 13 -25.87 -5.14 -4.94
CA ASN A 13 -26.65 -5.38 -3.73
C ASN A 13 -25.74 -5.48 -2.50
N GLN A 14 -26.34 -5.40 -1.32
CA GLN A 14 -25.59 -5.48 -0.08
C GLN A 14 -25.03 -6.88 0.13
N GLY A 15 -23.71 -6.99 0.23
CA GLY A 15 -23.08 -8.27 0.43
C GLY A 15 -22.38 -8.78 -0.81
N ASP A 16 -22.35 -7.95 -1.85
CA ASP A 16 -21.71 -8.31 -3.11
C ASP A 16 -20.20 -8.48 -2.92
N TRP A 17 -19.60 -9.30 -3.77
CA TRP A 17 -18.15 -9.53 -3.70
C TRP A 17 -17.49 -9.22 -5.04
N VAL A 18 -16.48 -8.36 -5.00
CA VAL A 18 -15.77 -7.97 -6.21
C VAL A 18 -14.26 -7.92 -5.96
N ALA A 19 -13.49 -8.49 -6.89
CA ALA A 19 -12.04 -8.51 -6.77
C ALA A 19 -11.42 -7.32 -7.48
N SER A 20 -10.20 -6.97 -7.10
CA SER A 20 -9.50 -5.84 -7.70
C SER A 20 -8.00 -6.13 -7.80
N PHE A 21 -7.52 -6.33 -9.02
CA PHE A 21 -6.11 -6.61 -9.26
C PHE A 21 -5.43 -5.45 -9.97
N ASN A 22 -4.48 -4.82 -9.29
CA ASN A 22 -3.75 -3.70 -9.86
C ASN A 22 -2.34 -3.61 -9.30
N PHE A 23 -1.53 -2.71 -9.85
CA PHE A 23 -0.16 -2.53 -9.40
C PHE A 23 0.00 -1.22 -8.63
N SER A 24 0.65 -1.29 -7.47
CA SER A 24 0.85 -0.10 -6.64
C SER A 24 2.30 0.37 -6.73
N LYS A 25 2.48 1.68 -6.74
CA LYS A 25 3.81 2.27 -6.82
C LYS A 25 4.09 3.17 -5.62
N VAL A 26 5.17 2.87 -4.89
CA VAL A 26 5.53 3.65 -3.72
C VAL A 26 6.47 4.80 -4.09
N TYR A 27 6.21 5.97 -3.55
CA TYR A 27 7.02 7.15 -3.83
C TYR A 27 7.50 7.81 -2.54
N VAL A 28 8.81 7.77 -2.32
CA VAL A 28 9.40 8.36 -1.13
C VAL A 28 10.92 8.30 -1.17
N GLY A 29 11.57 9.24 -0.48
CA GLY A 29 13.02 9.28 -0.47
C GLY A 29 13.56 10.68 -0.28
N GLU A 30 13.32 11.25 0.91
CA GLU A 30 13.78 12.59 1.21
C GLU A 30 15.19 12.56 1.82
N GLU A 31 15.29 12.01 3.03
CA GLU A 31 16.56 11.92 3.72
C GLU A 31 16.43 11.13 5.02
N LEU A 32 17.55 10.81 5.64
CA LEU A 32 17.56 10.05 6.89
C LEU A 32 17.70 10.98 8.09
N GLY A 33 17.13 10.58 9.22
CA GLY A 33 17.20 11.39 10.42
C GLY A 33 18.47 11.13 11.21
N ASP A 34 19.59 11.65 10.71
CA ASP A 34 20.88 11.48 11.37
C ASP A 34 21.28 12.75 12.12
N LEU A 35 21.56 12.61 13.41
CA LEU A 35 21.95 13.75 14.24
C LEU A 35 22.85 13.30 15.38
N ASN A 36 23.59 14.24 15.95
CA ASN A 36 24.50 13.95 17.06
C ASN A 36 24.83 15.22 17.84
N VAL A 37 25.25 15.04 19.09
CA VAL A 37 25.60 16.17 19.95
C VAL A 37 27.06 16.58 19.73
N GLY A 38 27.97 15.71 20.18
CA GLY A 38 29.39 16.01 20.03
C GLY A 38 30.09 15.02 19.12
N GLY A 39 30.67 15.52 18.03
CA GLY A 39 31.36 14.66 17.09
C GLY A 39 30.46 14.17 15.97
N GLY A 40 31.05 13.86 14.82
CA GLY A 40 30.28 13.38 13.70
C GLY A 40 30.82 13.88 12.37
N ALA A 41 30.21 13.43 11.28
CA ALA A 41 30.63 13.83 9.95
C ALA A 41 29.89 15.09 9.49
N LEU A 42 30.55 15.89 8.67
CA LEU A 42 29.95 17.13 8.16
C LEU A 42 28.62 16.84 7.47
N PRO A 43 28.66 16.01 6.42
CA PRO A 43 27.46 15.64 5.67
C PRO A 43 26.52 14.74 6.46
N ASN A 44 25.23 14.89 6.23
CA ASN A 44 24.23 14.08 6.93
C ASN A 44 23.78 12.91 6.07
N ALA A 45 23.54 11.77 6.71
CA ALA A 45 23.11 10.56 6.00
C ALA A 45 21.87 10.85 5.16
N ASP A 46 21.57 9.95 4.23
CA ASP A 46 20.42 10.10 3.35
C ASP A 46 19.74 8.75 3.10
N VAL A 47 18.42 8.73 3.17
CA VAL A 47 17.66 7.51 2.94
C VAL A 47 16.97 7.53 1.59
N SER A 48 16.92 6.37 0.93
CA SER A 48 16.30 6.26 -0.38
C SER A 48 15.89 4.81 -0.66
N ILE A 49 14.67 4.65 -1.17
CA ILE A 49 14.17 3.32 -1.49
C ILE A 49 14.53 2.91 -2.92
N GLY A 50 14.57 1.61 -3.17
CA GLY A 50 14.90 1.11 -4.49
C GLY A 50 13.73 1.21 -5.45
N ASN A 51 13.77 0.40 -6.51
CA ASN A 51 12.70 0.40 -7.50
C ASN A 51 12.57 -0.97 -8.16
N ASP A 52 11.35 -1.49 -8.17
CA ASP A 52 11.08 -2.80 -8.78
C ASP A 52 9.59 -2.99 -9.03
N THR A 53 9.23 -3.18 -10.30
CA THR A 53 7.83 -3.36 -10.67
C THR A 53 7.23 -4.58 -9.97
N THR A 54 5.97 -4.45 -9.57
CA THR A 54 5.28 -5.54 -8.88
C THR A 54 3.76 -5.37 -8.97
N LEU A 55 3.04 -6.44 -8.66
CA LEU A 55 1.58 -6.41 -8.71
C LEU A 55 0.99 -6.46 -7.30
N THR A 56 -0.29 -6.10 -7.19
CA THR A 56 -0.97 -6.11 -5.90
C THR A 56 -2.41 -6.57 -6.05
N PHE A 57 -2.90 -7.30 -5.06
CA PHE A 57 -4.28 -7.79 -5.08
C PHE A 57 -5.11 -7.14 -3.96
N ASP A 58 -6.31 -6.71 -4.31
CA ASP A 58 -7.20 -6.07 -3.36
C ASP A 58 -8.59 -6.69 -3.41
N ILE A 59 -9.23 -6.82 -2.25
CA ILE A 59 -10.57 -7.39 -2.18
C ILE A 59 -11.61 -6.33 -1.84
N ALA A 60 -12.51 -6.07 -2.77
CA ALA A 60 -13.56 -5.08 -2.57
C ALA A 60 -14.90 -5.75 -2.27
N TYR A 61 -15.60 -5.22 -1.27
CA TYR A 61 -16.90 -5.77 -0.88
C TYR A 61 -17.99 -4.72 -1.00
N PHE A 62 -19.02 -5.02 -1.79
CA PHE A 62 -20.13 -4.11 -1.98
C PHE A 62 -21.22 -4.33 -0.93
N VAL A 63 -21.25 -3.46 0.08
CA VAL A 63 -22.24 -3.57 1.14
C VAL A 63 -23.38 -2.59 0.91
N SER A 64 -23.06 -1.40 0.44
CA SER A 64 -24.07 -0.37 0.18
C SER A 64 -23.98 0.13 -1.25
N SER A 65 -25.08 0.71 -1.73
CA SER A 65 -25.12 1.22 -3.10
C SER A 65 -24.54 2.64 -3.17
N ASN A 66 -24.03 3.12 -2.04
CA ASN A 66 -23.44 4.45 -1.97
C ASN A 66 -21.97 4.37 -1.62
N ILE A 67 -21.60 3.38 -0.82
CA ILE A 67 -20.21 3.18 -0.41
C ILE A 67 -19.83 1.71 -0.42
N ALA A 68 -18.54 1.44 -0.39
CA ALA A 68 -18.04 0.06 -0.38
C ALA A 68 -16.71 -0.04 0.36
N VAL A 69 -16.29 -1.27 0.64
CA VAL A 69 -15.04 -1.50 1.34
C VAL A 69 -14.02 -2.20 0.44
N ASP A 70 -12.74 -1.97 0.72
CA ASP A 70 -11.67 -2.58 -0.06
C ASP A 70 -10.45 -2.86 0.80
N PHE A 71 -9.73 -3.94 0.48
CA PHE A 71 -8.54 -4.32 1.23
C PHE A 71 -7.35 -4.49 0.31
N PHE A 72 -6.39 -3.58 0.40
CA PHE A 72 -5.19 -3.64 -0.43
C PHE A 72 -4.11 -4.50 0.23
N VAL A 73 -3.67 -5.53 -0.48
CA VAL A 73 -2.63 -6.43 0.02
C VAL A 73 -1.74 -6.93 -1.10
N GLY A 74 -0.48 -7.18 -0.76
CA GLY A 74 0.47 -7.67 -1.76
C GLY A 74 1.58 -8.49 -1.14
N VAL A 75 2.35 -9.18 -1.99
CA VAL A 75 3.44 -10.01 -1.52
C VAL A 75 4.70 -9.79 -2.37
N PRO A 76 5.28 -8.59 -2.25
CA PRO A 76 6.48 -8.23 -3.00
C PRO A 76 7.73 -8.98 -2.51
N ALA A 77 8.77 -8.97 -3.32
CA ALA A 77 10.01 -9.65 -2.96
C ALA A 77 10.89 -8.77 -2.07
N ARG A 78 12.12 -9.21 -1.85
CA ARG A 78 13.06 -8.46 -1.02
C ARG A 78 13.63 -7.27 -1.78
N ALA A 79 13.68 -6.12 -1.11
CA ALA A 79 14.21 -4.91 -1.73
C ALA A 79 15.25 -4.25 -0.83
N LYS A 80 16.27 -3.65 -1.45
CA LYS A 80 17.33 -2.99 -0.71
C LYS A 80 17.18 -1.48 -0.80
N PHE A 81 17.38 -0.79 0.33
CA PHE A 81 17.28 0.66 0.38
C PHE A 81 18.51 1.28 1.04
N GLN A 82 18.74 2.55 0.77
CA GLN A 82 19.88 3.26 1.34
C GLN A 82 19.46 4.08 2.56
N GLY A 83 20.44 4.38 3.41
CA GLY A 83 20.15 5.15 4.61
C GLY A 83 21.40 5.43 5.43
N GLU A 84 22.36 6.13 4.82
CA GLU A 84 23.60 6.47 5.49
C GLU A 84 24.38 7.51 4.69
N LYS A 85 25.59 7.82 5.17
CA LYS A 85 26.45 8.79 4.50
C LYS A 85 27.27 8.14 3.41
N SER A 86 28.22 7.30 3.82
CA SER A 86 29.10 6.61 2.88
C SER A 86 28.43 5.32 2.37
N ILE A 87 27.64 4.70 3.23
CA ILE A 87 26.95 3.47 2.86
C ILE A 87 25.93 3.72 1.76
N SER A 88 25.30 4.89 1.80
CA SER A 88 24.30 5.26 0.81
C SER A 88 24.91 5.33 -0.59
N SER A 89 26.06 6.02 -0.69
CA SER A 89 26.74 6.16 -1.97
C SER A 89 26.94 4.81 -2.63
N LEU A 90 27.24 3.80 -1.82
CA LEU A 90 27.46 2.45 -2.34
C LEU A 90 26.19 1.90 -2.99
N GLY A 91 25.04 2.20 -2.38
CA GLY A 91 23.77 1.74 -2.92
C GLY A 91 23.21 0.55 -2.15
N ARG A 92 24.07 -0.08 -1.34
CA ARG A 92 23.65 -1.23 -0.55
C ARG A 92 23.83 -0.96 0.94
N VAL A 93 22.81 -0.40 1.58
CA VAL A 93 22.86 -0.09 2.99
C VAL A 93 22.02 -1.08 3.80
N SER A 94 20.81 -1.34 3.34
CA SER A 94 19.91 -2.27 4.02
C SER A 94 19.10 -3.08 3.01
N GLU A 95 18.85 -4.35 3.35
CA GLU A 95 18.09 -5.23 2.48
C GLU A 95 17.03 -5.99 3.26
N VAL A 96 15.80 -5.94 2.79
CA VAL A 96 14.69 -6.63 3.44
C VAL A 96 13.40 -6.50 2.64
N ASP A 97 12.47 -7.42 2.84
CA ASP A 97 11.20 -7.41 2.15
C ASP A 97 10.23 -6.43 2.79
N TYR A 98 9.09 -6.22 2.15
CA TYR A 98 8.07 -5.30 2.66
C TYR A 98 6.69 -5.94 2.62
N GLY A 99 5.97 -5.88 3.74
CA GLY A 99 4.64 -6.45 3.80
C GLY A 99 3.57 -5.40 3.97
N PRO A 100 3.32 -4.62 2.91
CA PRO A 100 2.31 -3.56 2.91
C PRO A 100 0.89 -4.11 2.96
N ALA A 101 0.19 -3.85 4.06
CA ALA A 101 -1.18 -4.31 4.22
C ALA A 101 -2.08 -3.20 4.74
N ILE A 102 -2.94 -2.69 3.86
CA ILE A 102 -3.86 -1.62 4.23
C ILE A 102 -5.28 -1.94 3.79
N LEU A 103 -6.26 -1.44 4.54
CA LEU A 103 -7.66 -1.67 4.22
C LEU A 103 -8.48 -0.40 4.42
N SER A 104 -9.17 0.02 3.37
CA SER A 104 -9.99 1.23 3.42
C SER A 104 -11.26 1.06 2.58
N LEU A 105 -12.22 1.96 2.79
CA LEU A 105 -13.47 1.92 2.04
C LEU A 105 -13.60 3.13 1.11
N GLN A 106 -14.39 2.97 0.05
CA GLN A 106 -14.59 4.05 -0.92
C GLN A 106 -15.93 4.73 -0.69
N TYR A 107 -15.92 6.05 -0.66
CA TYR A 107 -17.14 6.82 -0.45
C TYR A 107 -17.41 7.75 -1.63
N HIS A 108 -18.57 7.59 -2.26
CA HIS A 108 -18.95 8.41 -3.40
C HIS A 108 -19.01 9.88 -3.01
N TYR A 109 -18.29 10.71 -3.75
CA TYR A 109 -18.26 12.15 -3.48
C TYR A 109 -17.89 12.94 -4.74
N ASP A 110 -18.87 13.63 -5.30
CA ASP A 110 -18.65 14.42 -6.51
C ASP A 110 -17.69 15.57 -6.23
N SER A 111 -16.64 15.68 -7.05
CA SER A 111 -15.65 16.74 -6.88
C SER A 111 -15.70 17.71 -8.05
N PHE A 112 -15.27 17.25 -9.22
CA PHE A 112 -15.26 18.07 -10.42
C PHE A 112 -16.33 17.61 -11.40
N GLU A 113 -16.49 18.36 -12.49
CA GLU A 113 -17.48 18.04 -13.50
C GLU A 113 -17.00 16.89 -14.39
N ARG A 114 -15.92 17.15 -15.14
CA ARG A 114 -15.36 16.14 -16.02
C ARG A 114 -15.09 14.84 -15.28
N LEU A 115 -14.16 14.89 -14.33
CA LEU A 115 -13.82 13.71 -13.53
C LEU A 115 -14.51 13.75 -12.19
N TYR A 116 -15.30 12.71 -11.91
CA TYR A 116 -16.03 12.62 -10.65
C TYR A 116 -15.60 11.38 -9.86
N PRO A 117 -14.35 11.39 -9.38
CA PRO A 117 -13.79 10.28 -8.62
C PRO A 117 -14.42 10.15 -7.23
N TYR A 118 -14.00 9.14 -6.48
CA TYR A 118 -14.53 8.91 -5.13
C TYR A 118 -13.44 9.08 -4.09
N VAL A 119 -13.85 9.32 -2.84
CA VAL A 119 -12.90 9.50 -1.75
C VAL A 119 -12.95 8.32 -0.79
N GLY A 120 -11.80 7.69 -0.57
CA GLY A 120 -11.73 6.55 0.33
C GLY A 120 -10.83 6.80 1.52
N VAL A 121 -10.97 5.98 2.55
CA VAL A 121 -10.15 6.12 3.75
C VAL A 121 -10.20 4.86 4.60
N GLY A 122 -9.13 4.61 5.35
CA GLY A 122 -9.07 3.43 6.19
C GLY A 122 -7.77 3.33 6.97
N VAL A 123 -7.36 2.11 7.29
CA VAL A 123 -6.13 1.89 8.04
C VAL A 123 -5.06 1.25 7.15
N GLY A 124 -3.80 1.51 7.49
CA GLY A 124 -2.71 0.94 6.72
C GLY A 124 -1.57 0.46 7.60
N ARG A 125 -1.45 -0.86 7.73
CA ARG A 125 -0.40 -1.44 8.56
C ARG A 125 0.70 -2.06 7.69
N VAL A 126 1.95 -1.67 7.97
CA VAL A 126 3.09 -2.19 7.21
C VAL A 126 3.98 -3.06 8.08
N LEU A 127 4.05 -4.34 7.76
CA LEU A 127 4.87 -5.28 8.51
C LEU A 127 5.90 -5.96 7.60
N PHE A 128 7.02 -6.37 8.18
CA PHE A 128 8.08 -7.03 7.42
C PHE A 128 9.02 -7.78 8.36
N PHE A 129 9.78 -8.71 7.79
CA PHE A 129 10.73 -9.50 8.58
C PHE A 129 12.15 -8.97 8.40
N ASP A 130 12.73 -8.50 9.51
CA ASP A 130 14.09 -7.97 9.48
C ASP A 130 15.05 -8.94 8.80
N LYS A 131 15.43 -8.63 7.57
CA LYS A 131 16.33 -9.48 6.81
C LYS A 131 17.78 -9.25 7.24
N THR A 132 18.38 -8.17 6.75
CA THR A 132 19.76 -7.84 7.09
C THR A 132 20.10 -6.41 6.65
N ASP A 133 20.60 -5.63 7.60
CA ASP A 133 20.97 -4.25 7.32
C ASP A 133 22.47 -4.05 7.48
N GLY A 134 23.14 -3.72 6.38
CA GLY A 134 24.58 -3.51 6.41
C GLY A 134 24.95 -2.14 6.92
N ALA A 135 23.95 -1.28 7.10
CA ALA A 135 24.17 0.07 7.58
C ALA A 135 25.11 0.08 8.78
N LEU A 136 25.09 -1.00 9.55
CA LEU A 136 25.94 -1.12 10.73
C LEU A 136 26.16 -2.59 11.10
N SER A 137 26.87 -2.81 12.20
CA SER A 137 27.15 -4.17 12.65
C SER A 137 25.86 -4.96 12.86
N SER A 138 25.44 -5.68 11.82
CA SER A 138 24.22 -6.47 11.90
C SER A 138 23.06 -5.63 12.40
N PHE A 139 22.53 -4.76 11.53
CA PHE A 139 21.42 -3.89 11.90
C PHE A 139 20.11 -4.41 11.30
N ASP A 140 19.00 -3.97 11.87
CA ASP A 140 17.68 -4.40 11.40
C ASP A 140 16.71 -3.23 11.38
N ILE A 141 15.52 -3.45 10.84
CA ILE A 141 14.49 -2.42 10.76
C ILE A 141 13.29 -2.78 11.61
N LYS A 142 12.47 -1.79 11.93
CA LYS A 142 11.27 -2.00 12.74
C LYS A 142 10.03 -1.50 12.01
N ASP A 143 9.13 -2.42 11.68
CA ASP A 143 7.91 -2.08 10.98
C ASP A 143 6.96 -1.30 11.89
N LYS A 144 5.76 -1.02 11.39
CA LYS A 144 4.77 -0.29 12.17
C LYS A 144 3.43 -0.25 11.43
N TRP A 145 2.48 0.50 11.99
CA TRP A 145 1.16 0.62 11.38
C TRP A 145 0.56 1.99 11.66
N ALA A 146 -0.42 2.38 10.86
CA ALA A 146 -1.09 3.67 11.02
C ALA A 146 -2.17 3.87 9.97
N PRO A 147 -3.06 4.84 10.21
CA PRO A 147 -4.17 5.15 9.30
C PRO A 147 -3.68 5.80 8.00
N ALA A 148 -4.58 5.90 7.03
CA ALA A 148 -4.24 6.50 5.74
C ALA A 148 -5.50 6.79 4.92
N PHE A 149 -5.38 7.72 3.98
CA PHE A 149 -6.51 8.08 3.13
C PHE A 149 -6.22 7.75 1.67
N GLN A 150 -7.23 7.21 0.98
CA GLN A 150 -7.07 6.85 -0.42
C GLN A 150 -8.00 7.67 -1.30
N VAL A 151 -7.68 7.76 -2.58
CA VAL A 151 -8.48 8.52 -3.53
C VAL A 151 -8.54 7.82 -4.88
N GLY A 152 -9.76 7.65 -5.41
CA GLY A 152 -9.92 7.00 -6.70
C GLY A 152 -11.35 6.60 -6.96
N LEU A 153 -11.55 5.73 -7.95
CA LEU A 153 -12.89 5.27 -8.30
C LEU A 153 -12.83 3.97 -9.11
N ARG A 154 -13.98 3.39 -9.38
CA ARG A 154 -14.06 2.16 -10.15
C ARG A 154 -14.65 2.40 -11.54
N TYR A 155 -13.88 2.07 -12.56
CA TYR A 155 -14.32 2.26 -13.94
C TYR A 155 -14.66 0.93 -14.60
N ASP A 156 -15.63 0.96 -15.50
CA ASP A 156 -16.06 -0.25 -16.20
C ASP A 156 -15.65 -0.20 -17.66
N LEU A 157 -14.73 -1.08 -18.05
CA LEU A 157 -14.25 -1.14 -19.43
C LEU A 157 -15.15 -2.03 -20.28
N GLY A 158 -15.11 -1.81 -21.59
CA GLY A 158 -15.92 -2.61 -22.50
C GLY A 158 -15.65 -4.09 -22.38
N ASN A 159 -14.37 -4.44 -22.23
CA ASN A 159 -13.98 -5.83 -22.10
C ASN A 159 -14.56 -6.46 -20.84
N SER A 160 -14.45 -7.78 -20.73
CA SER A 160 -14.97 -8.51 -19.58
C SER A 160 -14.40 -7.93 -18.28
N TRP A 161 -13.10 -7.73 -18.26
CA TRP A 161 -12.42 -7.19 -17.08
C TRP A 161 -12.71 -5.70 -16.93
N MET A 162 -12.81 -5.23 -15.70
CA MET A 162 -13.07 -3.83 -15.42
C MET A 162 -11.78 -3.09 -15.05
N LEU A 163 -11.90 -1.79 -14.81
CA LEU A 163 -10.74 -0.98 -14.45
C LEU A 163 -10.93 -0.35 -13.06
N ASN A 164 -9.85 -0.29 -12.30
CA ASN A 164 -9.90 0.29 -10.95
C ASN A 164 -8.71 1.23 -10.72
N SER A 165 -8.98 2.37 -10.13
CA SER A 165 -7.93 3.36 -9.85
C SER A 165 -8.06 3.89 -8.42
N ASP A 166 -6.93 3.95 -7.72
CA ASP A 166 -6.90 4.44 -6.35
C ASP A 166 -5.48 4.78 -5.91
N VAL A 167 -5.35 5.71 -4.98
CA VAL A 167 -4.05 6.13 -4.48
C VAL A 167 -4.11 6.46 -2.99
N ARG A 168 -3.34 5.73 -2.19
CA ARG A 168 -3.32 5.94 -0.76
C ARG A 168 -2.18 6.89 -0.37
N TYR A 169 -2.40 7.69 0.67
CA TYR A 169 -1.40 8.64 1.13
C TYR A 169 -1.57 8.92 2.63
N ILE A 170 -0.45 9.02 3.33
CA ILE A 170 -0.46 9.29 4.76
C ILE A 170 0.95 9.32 5.33
N PRO A 171 1.24 10.37 6.13
CA PRO A 171 2.56 10.55 6.74
C PRO A 171 2.83 9.51 7.84
N PHE A 172 3.72 8.58 7.55
CA PHE A 172 4.07 7.53 8.50
C PHE A 172 5.56 7.51 8.77
N LYS A 173 5.95 7.05 9.95
CA LYS A 173 7.36 6.98 10.33
C LYS A 173 7.75 5.56 10.71
N THR A 174 8.88 5.10 10.17
CA THR A 174 9.36 3.75 10.45
C THR A 174 10.46 3.77 11.50
N ASP A 175 10.71 2.61 12.10
CA ASP A 175 11.75 2.49 13.12
C ASP A 175 12.93 1.68 12.62
N VAL A 176 14.10 1.88 13.23
CA VAL A 176 15.30 1.16 12.84
C VAL A 176 16.24 0.97 14.03
N THR A 177 16.79 -0.23 14.16
CA THR A 177 17.71 -0.54 15.24
C THR A 177 18.45 -1.85 14.99
N GLY A 178 19.55 -2.05 15.70
CA GLY A 178 20.33 -3.26 15.54
C GLY A 178 20.52 -4.01 16.85
N THR A 179 21.12 -5.19 16.76
CA THR A 179 21.36 -6.01 17.95
C THR A 179 22.85 -6.17 18.22
N LEU A 180 23.37 -5.37 19.13
CA LEU A 180 24.79 -5.42 19.47
C LEU A 180 24.97 -5.52 20.99
N GLY A 181 26.19 -5.87 21.41
CA GLY A 181 26.47 -6.00 22.83
C GLY A 181 26.05 -4.77 23.61
N PRO A 182 26.76 -3.65 23.40
CA PRO A 182 26.47 -2.39 24.09
C PRO A 182 25.16 -1.77 23.63
N VAL A 183 24.82 -0.62 24.21
CA VAL A 183 23.59 0.08 23.86
C VAL A 183 23.53 0.36 22.36
N PRO A 184 22.62 -0.31 21.67
CA PRO A 184 22.43 -0.15 20.22
C PRO A 184 21.84 1.21 19.86
N VAL A 185 21.90 1.56 18.58
CA VAL A 185 21.37 2.83 18.11
C VAL A 185 19.99 2.66 17.51
N SER A 186 19.02 3.45 18.00
CA SER A 186 17.65 3.37 17.51
C SER A 186 17.27 4.65 16.77
N THR A 187 17.09 4.54 15.46
CA THR A 187 16.73 5.68 14.63
C THR A 187 15.34 5.49 14.01
N LYS A 188 14.81 6.57 13.45
CA LYS A 188 13.49 6.52 12.82
C LYS A 188 13.43 7.49 11.63
N ILE A 189 12.47 7.26 10.75
CA ILE A 189 12.30 8.11 9.57
C ILE A 189 10.82 8.40 9.32
N GLU A 190 10.43 9.65 9.56
CA GLU A 190 9.04 10.06 9.35
C GLU A 190 8.87 10.71 7.98
N VAL A 191 8.24 9.99 7.06
CA VAL A 191 8.01 10.50 5.72
C VAL A 191 6.60 10.17 5.24
N ASP A 192 6.17 10.84 4.18
CA ASP A 192 4.84 10.62 3.62
C ASP A 192 4.93 9.86 2.30
N PRO A 193 4.89 8.52 2.38
CA PRO A 193 4.97 7.64 1.22
C PRO A 193 3.70 7.72 0.36
N PHE A 194 3.89 7.82 -0.95
CA PHE A 194 2.78 7.89 -1.89
C PHE A 194 2.54 6.55 -2.58
N ILE A 195 1.38 5.97 -2.36
CA ILE A 195 1.03 4.69 -2.97
C ILE A 195 -0.04 4.86 -4.05
N LEU A 196 0.38 4.66 -5.30
CA LEU A 196 -0.55 4.79 -6.43
C LEU A 196 -0.86 3.43 -7.04
N SER A 197 -2.07 2.95 -6.83
CA SER A 197 -2.49 1.66 -7.36
C SER A 197 -3.43 1.84 -8.54
N LEU A 198 -3.18 1.09 -9.61
CA LEU A 198 -4.00 1.16 -10.81
C LEU A 198 -3.95 -0.15 -11.60
N GLY A 199 -5.10 -0.58 -12.09
CA GLY A 199 -5.16 -1.82 -12.85
C GLY A 199 -6.59 -2.20 -13.22
N ALA A 200 -6.90 -3.49 -13.14
CA ALA A 200 -8.23 -3.98 -13.47
C ALA A 200 -8.90 -4.61 -12.25
N SER A 201 -10.16 -4.97 -12.41
CA SER A 201 -10.93 -5.58 -11.32
C SER A 201 -12.08 -6.41 -11.86
N TYR A 202 -12.67 -7.24 -11.01
CA TYR A 202 -13.78 -8.09 -11.40
C TYR A 202 -14.92 -8.00 -10.39
N VAL A 203 -16.15 -8.19 -10.87
CA VAL A 203 -17.33 -8.13 -10.01
C VAL A 203 -17.98 -9.51 -9.88
N PHE A 204 -18.51 -9.80 -8.70
CA PHE A 204 -19.16 -11.07 -8.45
C PHE A 204 -20.38 -10.90 -7.55
N LYS A 205 -21.56 -11.03 -8.13
CA LYS A 205 -22.81 -10.87 -7.39
C LYS A 205 -23.31 -12.23 -6.90
N LEU A 206 -23.56 -12.33 -5.59
CA LEU A 206 -24.05 -13.56 -5.00
C LEU A 206 -25.56 -13.69 -5.17
N ALA A 207 -25.98 -14.59 -6.05
CA ALA A 207 -27.39 -14.81 -6.30
C ALA A 207 -28.11 -15.30 -5.04
N ALA A 208 -27.53 -16.30 -4.39
CA ALA A 208 -28.11 -16.85 -3.17
C ALA A 208 -27.08 -16.89 -2.03
N ALA A 209 -27.55 -16.78 -0.81
CA ALA A 209 -26.68 -16.81 0.36
C ALA A 209 -25.86 -18.10 0.40
N LEU A 210 -24.54 -17.96 0.36
CA LEU A 210 -23.65 -19.12 0.40
C LEU A 210 -23.71 -19.81 1.76
N GLU A 211 -23.63 -21.14 1.74
CA GLU A 211 -23.67 -21.92 2.97
C GLU A 211 -22.57 -21.49 3.93
N MET A 1 -47.63 -2.49 17.30
CA MET A 1 -47.09 -3.41 18.31
C MET A 1 -45.92 -4.19 17.75
N ASN A 2 -46.00 -4.54 16.47
CA ASN A 2 -44.94 -5.31 15.81
C ASN A 2 -44.36 -4.52 14.64
N GLU A 3 -43.35 -5.10 13.99
CA GLU A 3 -42.71 -4.46 12.84
C GLU A 3 -42.21 -5.50 11.85
N ASN A 4 -42.00 -5.07 10.60
CA ASN A 4 -41.53 -5.96 9.56
C ASN A 4 -40.93 -5.17 8.40
N TYR A 5 -40.07 -5.83 7.62
CA TYR A 5 -39.44 -5.18 6.48
C TYR A 5 -39.37 -6.13 5.28
N PRO A 6 -39.51 -5.57 4.07
CA PRO A 6 -39.46 -6.34 2.84
C PRO A 6 -38.07 -6.88 2.54
N ALA A 7 -38.00 -7.86 1.64
CA ALA A 7 -36.73 -8.47 1.27
C ALA A 7 -36.75 -8.96 -0.18
N LYS A 8 -35.79 -8.50 -0.97
CA LYS A 8 -35.70 -8.89 -2.37
C LYS A 8 -34.26 -9.16 -2.77
N SER A 9 -34.06 -9.61 -4.01
CA SER A 9 -32.73 -9.91 -4.51
C SER A 9 -32.48 -9.18 -5.83
N ALA A 10 -31.21 -9.13 -6.24
CA ALA A 10 -30.84 -8.47 -7.47
C ALA A 10 -29.43 -8.86 -7.90
N GLY A 11 -28.99 -8.36 -9.06
CA GLY A 11 -27.67 -8.67 -9.55
C GLY A 11 -26.57 -8.19 -8.61
N TYR A 12 -26.82 -7.08 -7.93
CA TYR A 12 -25.86 -6.52 -7.00
C TYR A 12 -26.54 -5.99 -5.75
N ASN A 13 -26.32 -6.67 -4.62
CA ASN A 13 -26.92 -6.26 -3.36
C ASN A 13 -25.86 -6.19 -2.25
N GLN A 14 -26.30 -5.87 -1.04
CA GLN A 14 -25.40 -5.77 0.10
C GLN A 14 -24.63 -7.08 0.30
N GLY A 15 -23.30 -7.00 0.24
CA GLY A 15 -22.47 -8.17 0.41
C GLY A 15 -21.79 -8.60 -0.86
N ASP A 16 -21.93 -7.79 -1.91
CA ASP A 16 -21.33 -8.09 -3.19
C ASP A 16 -19.80 -8.19 -3.07
N TRP A 17 -19.19 -8.97 -3.96
CA TRP A 17 -17.75 -9.15 -3.94
C TRP A 17 -17.13 -8.72 -5.27
N VAL A 18 -15.95 -8.11 -5.20
CA VAL A 18 -15.26 -7.65 -6.41
C VAL A 18 -13.75 -7.75 -6.23
N ALA A 19 -13.12 -8.58 -7.05
CA ALA A 19 -11.68 -8.76 -6.99
C ALA A 19 -10.95 -7.73 -7.85
N SER A 20 -10.34 -6.75 -7.20
CA SER A 20 -9.63 -5.69 -7.90
C SER A 20 -8.12 -5.94 -7.85
N PHE A 21 -7.54 -6.22 -9.01
CA PHE A 21 -6.11 -6.47 -9.10
C PHE A 21 -5.40 -5.34 -9.82
N ASN A 22 -4.44 -4.71 -9.15
CA ASN A 22 -3.69 -3.60 -9.73
C ASN A 22 -2.30 -3.51 -9.12
N PHE A 23 -1.42 -2.73 -9.75
CA PHE A 23 -0.05 -2.56 -9.27
C PHE A 23 0.08 -1.24 -8.51
N SER A 24 0.67 -1.31 -7.32
CA SER A 24 0.87 -0.14 -6.49
C SER A 24 2.28 0.42 -6.66
N LYS A 25 2.38 1.75 -6.73
CA LYS A 25 3.67 2.40 -6.88
C LYS A 25 4.06 3.16 -5.62
N VAL A 26 5.03 2.62 -4.89
CA VAL A 26 5.50 3.24 -3.66
C VAL A 26 6.44 4.41 -3.95
N TYR A 27 6.21 5.53 -3.29
CA TYR A 27 7.05 6.72 -3.48
C TYR A 27 7.57 7.24 -2.15
N VAL A 28 8.81 6.89 -1.83
CA VAL A 28 9.43 7.33 -0.59
C VAL A 28 10.94 7.10 -0.63
N GLY A 29 11.68 7.95 0.10
CA GLY A 29 13.12 7.82 0.13
C GLY A 29 13.83 9.15 -0.10
N GLU A 30 13.88 9.98 0.93
CA GLU A 30 14.52 11.28 0.83
C GLU A 30 16.00 11.18 1.19
N GLU A 31 16.28 10.87 2.45
CA GLU A 31 17.65 10.75 2.92
C GLU A 31 17.69 10.18 4.34
N LEU A 32 18.90 9.92 4.83
CA LEU A 32 19.07 9.37 6.18
C LEU A 32 19.00 10.47 7.23
N GLY A 33 18.64 10.10 8.45
CA GLY A 33 18.54 11.06 9.52
C GLY A 33 19.80 11.88 9.69
N ASP A 34 20.94 11.26 9.39
CA ASP A 34 22.23 11.94 9.51
C ASP A 34 22.28 12.78 10.79
N LEU A 35 21.72 12.24 11.87
CA LEU A 35 21.70 12.93 13.15
C LEU A 35 23.12 13.15 13.66
N ASN A 36 24.00 12.17 13.43
CA ASN A 36 25.38 12.26 13.87
C ASN A 36 26.13 13.33 13.08
N VAL A 37 26.77 14.25 13.80
CA VAL A 37 27.53 15.32 13.17
C VAL A 37 28.99 14.92 12.96
N GLY A 38 29.57 15.38 11.86
CA GLY A 38 30.95 15.06 11.56
C GLY A 38 31.75 16.28 11.17
N GLY A 39 33.00 16.05 10.73
CA GLY A 39 33.85 17.15 10.34
C GLY A 39 34.90 16.74 9.31
N GLY A 40 34.93 17.44 8.20
CA GLY A 40 35.89 17.13 7.14
C GLY A 40 35.50 15.90 6.35
N ALA A 41 36.13 14.77 6.66
CA ALA A 41 35.83 13.52 5.96
C ALA A 41 34.54 12.90 6.47
N LEU A 42 34.07 11.87 5.77
CA LEU A 42 32.84 11.19 6.15
C LEU A 42 31.66 12.16 6.16
N PRO A 43 31.21 12.55 4.97
CA PRO A 43 30.08 13.48 4.82
C PRO A 43 28.75 12.85 5.23
N ASN A 44 27.66 13.59 5.05
CA ASN A 44 26.34 13.10 5.41
C ASN A 44 26.01 11.81 4.67
N ALA A 45 24.93 11.15 5.07
CA ALA A 45 24.52 9.91 4.45
C ALA A 45 23.56 10.17 3.29
N ASP A 46 23.09 9.09 2.67
CA ASP A 46 22.18 9.20 1.54
C ASP A 46 21.31 7.95 1.42
N VAL A 47 19.99 8.16 1.40
CA VAL A 47 19.05 7.05 1.29
C VAL A 47 18.37 7.03 -0.07
N SER A 48 18.16 5.84 -0.62
CA SER A 48 17.54 5.69 -1.92
C SER A 48 17.16 4.23 -2.17
N ILE A 49 16.22 4.02 -3.09
CA ILE A 49 15.76 2.67 -3.43
C ILE A 49 15.86 2.42 -4.93
N GLY A 50 15.93 1.15 -5.30
CA GLY A 50 16.02 0.79 -6.70
C GLY A 50 14.72 1.00 -7.44
N ASN A 51 14.38 0.05 -8.33
CA ASN A 51 13.14 0.14 -9.10
C ASN A 51 12.67 -1.24 -9.51
N ASP A 52 11.49 -1.62 -9.03
CA ASP A 52 10.92 -2.93 -9.35
C ASP A 52 9.39 -2.88 -9.31
N THR A 53 8.77 -2.89 -10.48
CA THR A 53 7.31 -2.85 -10.57
C THR A 53 6.70 -4.17 -10.14
N THR A 54 5.91 -4.14 -9.07
CA THR A 54 5.26 -5.34 -8.57
C THR A 54 3.74 -5.22 -8.62
N LEU A 55 3.05 -6.34 -8.54
CA LEU A 55 1.59 -6.36 -8.59
C LEU A 55 1.01 -6.33 -7.18
N THR A 56 -0.27 -5.97 -7.09
CA THR A 56 -0.96 -5.91 -5.80
C THR A 56 -2.39 -6.40 -5.91
N PHE A 57 -2.85 -7.15 -4.91
CA PHE A 57 -4.20 -7.68 -4.89
C PHE A 57 -5.09 -6.87 -3.95
N ASP A 58 -6.27 -6.49 -4.44
CA ASP A 58 -7.21 -5.71 -3.64
C ASP A 58 -8.60 -6.34 -3.68
N ILE A 59 -9.22 -6.47 -2.51
CA ILE A 59 -10.56 -7.06 -2.42
C ILE A 59 -11.60 -5.99 -2.07
N ALA A 60 -12.50 -5.73 -3.01
CA ALA A 60 -13.55 -4.74 -2.81
C ALA A 60 -14.88 -5.41 -2.53
N TYR A 61 -15.43 -5.16 -1.34
CA TYR A 61 -16.71 -5.74 -0.95
C TYR A 61 -17.82 -4.70 -0.98
N PHE A 62 -18.77 -4.88 -1.88
CA PHE A 62 -19.89 -3.95 -2.00
C PHE A 62 -20.97 -4.25 -0.96
N VAL A 63 -20.93 -3.52 0.14
CA VAL A 63 -21.91 -3.70 1.22
C VAL A 63 -23.14 -2.85 0.99
N SER A 64 -22.95 -1.66 0.41
CA SER A 64 -24.06 -0.76 0.13
C SER A 64 -23.93 -0.16 -1.27
N SER A 65 -25.00 0.48 -1.72
CA SER A 65 -25.01 1.10 -3.05
C SER A 65 -24.46 2.52 -2.99
N ASN A 66 -24.02 2.93 -1.80
CA ASN A 66 -23.47 4.27 -1.61
C ASN A 66 -22.00 4.21 -1.27
N ILE A 67 -21.60 3.17 -0.55
CA ILE A 67 -20.20 2.98 -0.16
C ILE A 67 -19.83 1.51 -0.13
N ALA A 68 -18.54 1.24 -0.01
CA ALA A 68 -18.05 -0.14 0.03
C ALA A 68 -16.70 -0.22 0.74
N VAL A 69 -16.23 -1.44 0.97
CA VAL A 69 -14.94 -1.65 1.64
C VAL A 69 -13.91 -2.22 0.67
N ASP A 70 -12.64 -1.91 0.94
CA ASP A 70 -11.55 -2.40 0.09
C ASP A 70 -10.34 -2.80 0.94
N PHE A 71 -9.79 -3.98 0.64
CA PHE A 71 -8.64 -4.47 1.38
C PHE A 71 -7.40 -4.54 0.48
N PHE A 72 -6.40 -3.72 0.79
CA PHE A 72 -5.18 -3.68 0.02
C PHE A 72 -4.14 -4.63 0.59
N VAL A 73 -3.72 -5.60 -0.22
CA VAL A 73 -2.72 -6.58 0.20
C VAL A 73 -1.83 -7.00 -0.95
N GLY A 74 -0.59 -7.34 -0.64
CA GLY A 74 0.35 -7.76 -1.67
C GLY A 74 1.47 -8.62 -1.12
N VAL A 75 2.18 -9.30 -2.02
CA VAL A 75 3.28 -10.16 -1.61
C VAL A 75 4.49 -9.99 -2.53
N PRO A 76 5.09 -8.79 -2.50
CA PRO A 76 6.25 -8.46 -3.31
C PRO A 76 7.50 -9.21 -2.87
N ALA A 77 8.50 -9.26 -3.75
CA ALA A 77 9.76 -9.95 -3.45
C ALA A 77 10.65 -9.09 -2.57
N ARG A 78 11.91 -9.51 -2.42
CA ARG A 78 12.87 -8.78 -1.61
C ARG A 78 13.40 -7.56 -2.35
N ALA A 79 13.53 -6.44 -1.65
CA ALA A 79 14.03 -5.22 -2.25
C ALA A 79 15.18 -4.63 -1.43
N LYS A 80 16.24 -4.21 -2.12
CA LYS A 80 17.40 -3.63 -1.45
C LYS A 80 17.45 -2.12 -1.68
N PHE A 81 17.86 -1.38 -0.66
CA PHE A 81 17.97 0.07 -0.75
C PHE A 81 19.19 0.58 0.02
N GLN A 82 19.64 1.77 -0.34
CA GLN A 82 20.80 2.37 0.31
C GLN A 82 20.37 3.37 1.39
N GLY A 83 21.27 3.63 2.32
CA GLY A 83 20.97 4.57 3.40
C GLY A 83 22.14 4.78 4.33
N GLU A 84 23.18 5.45 3.83
CA GLU A 84 24.36 5.72 4.63
C GLU A 84 25.38 6.54 3.83
N LYS A 85 26.53 6.80 4.45
CA LYS A 85 27.59 7.56 3.79
C LYS A 85 28.49 6.66 2.97
N SER A 86 29.24 5.79 3.64
CA SER A 86 30.14 4.87 2.97
C SER A 86 29.39 3.64 2.48
N ILE A 87 28.42 3.20 3.26
CA ILE A 87 27.62 2.02 2.92
C ILE A 87 26.81 2.26 1.64
N SER A 88 26.38 3.51 1.45
CA SER A 88 25.60 3.86 0.28
C SER A 88 26.40 3.64 -1.00
N SER A 89 27.64 4.13 -1.01
CA SER A 89 28.51 3.99 -2.17
C SER A 89 28.61 2.53 -2.60
N LEU A 90 28.69 1.64 -1.62
CA LEU A 90 28.79 0.20 -1.90
C LEU A 90 27.58 -0.28 -2.69
N GLY A 91 26.39 0.19 -2.30
CA GLY A 91 25.18 -0.22 -2.99
C GLY A 91 24.36 -1.21 -2.20
N ARG A 92 24.97 -1.78 -1.16
CA ARG A 92 24.30 -2.76 -0.32
C ARG A 92 24.24 -2.28 1.13
N VAL A 93 23.11 -1.69 1.51
CA VAL A 93 22.93 -1.19 2.87
C VAL A 93 21.85 -1.98 3.60
N SER A 94 20.66 -2.03 3.01
CA SER A 94 19.54 -2.75 3.61
C SER A 94 18.74 -3.50 2.55
N GLU A 95 18.26 -4.69 2.90
CA GLU A 95 17.47 -5.51 1.98
C GLU A 95 16.41 -6.30 2.72
N VAL A 96 15.17 -6.16 2.29
CA VAL A 96 14.05 -6.86 2.91
C VAL A 96 12.80 -6.81 2.04
N ASP A 97 11.91 -7.78 2.23
CA ASP A 97 10.67 -7.83 1.46
C ASP A 97 9.70 -6.75 1.90
N TYR A 98 8.60 -6.61 1.17
CA TYR A 98 7.60 -5.60 1.48
C TYR A 98 6.28 -6.26 1.87
N GLY A 99 5.77 -5.89 3.05
CA GLY A 99 4.51 -6.45 3.52
C GLY A 99 3.46 -5.39 3.74
N PRO A 100 3.00 -4.77 2.63
CA PRO A 100 1.98 -3.72 2.69
C PRO A 100 0.60 -4.27 3.06
N ALA A 101 0.12 -3.90 4.24
CA ALA A 101 -1.18 -4.35 4.71
C ALA A 101 -2.09 -3.18 5.04
N ILE A 102 -2.93 -2.81 4.08
CA ILE A 102 -3.86 -1.69 4.27
C ILE A 102 -5.30 -2.14 4.08
N LEU A 103 -6.21 -1.47 4.78
CA LEU A 103 -7.63 -1.80 4.70
C LEU A 103 -8.49 -0.57 4.94
N SER A 104 -9.17 -0.10 3.89
CA SER A 104 -10.03 1.08 4.00
C SER A 104 -11.27 0.91 3.15
N LEU A 105 -12.24 1.79 3.35
CA LEU A 105 -13.49 1.75 2.60
C LEU A 105 -13.62 2.97 1.68
N GLN A 106 -14.30 2.79 0.56
CA GLN A 106 -14.50 3.88 -0.39
C GLN A 106 -15.91 4.45 -0.27
N TYR A 107 -16.04 5.75 -0.56
CA TYR A 107 -17.33 6.43 -0.48
C TYR A 107 -17.35 7.65 -1.39
N HIS A 108 -18.53 7.97 -1.89
CA HIS A 108 -18.71 9.12 -2.78
C HIS A 108 -19.66 10.14 -2.17
N TYR A 109 -19.27 11.41 -2.22
CA TYR A 109 -20.10 12.48 -1.66
C TYR A 109 -20.79 13.27 -2.77
N ASP A 110 -22.01 13.71 -2.50
CA ASP A 110 -22.77 14.48 -3.48
C ASP A 110 -22.07 15.80 -3.81
N SER A 111 -21.75 15.98 -5.08
CA SER A 111 -21.06 17.18 -5.53
C SER A 111 -21.77 17.79 -6.74
N PHE A 112 -21.29 18.95 -7.18
CA PHE A 112 -21.87 19.63 -8.34
C PHE A 112 -21.42 18.98 -9.64
N GLU A 113 -20.11 18.82 -9.79
CA GLU A 113 -19.54 18.22 -11.00
C GLU A 113 -20.18 16.84 -11.26
N ARG A 114 -20.48 16.58 -12.52
CA ARG A 114 -21.08 15.32 -12.91
C ARG A 114 -20.07 14.17 -12.82
N LEU A 115 -18.91 14.37 -13.43
CA LEU A 115 -17.85 13.36 -13.41
C LEU A 115 -16.83 13.66 -12.32
N TYR A 116 -16.78 12.80 -11.31
CA TYR A 116 -15.84 12.97 -10.21
C TYR A 116 -15.56 11.64 -9.52
N PRO A 117 -14.29 11.42 -9.15
CA PRO A 117 -13.86 10.19 -8.48
C PRO A 117 -14.40 10.09 -7.06
N TYR A 118 -14.10 8.98 -6.39
CA TYR A 118 -14.55 8.76 -5.03
C TYR A 118 -13.38 8.81 -4.04
N VAL A 119 -13.69 8.98 -2.77
CA VAL A 119 -12.67 9.04 -1.73
C VAL A 119 -12.98 8.07 -0.59
N GLY A 120 -11.93 7.48 -0.03
CA GLY A 120 -12.11 6.53 1.06
C GLY A 120 -11.14 6.77 2.19
N VAL A 121 -11.15 5.89 3.19
CA VAL A 121 -10.27 6.00 4.33
C VAL A 121 -10.31 4.74 5.19
N GLY A 122 -9.23 4.50 5.94
CA GLY A 122 -9.18 3.33 6.80
C GLY A 122 -7.84 3.22 7.52
N VAL A 123 -7.45 1.99 7.84
CA VAL A 123 -6.20 1.75 8.55
C VAL A 123 -5.16 1.13 7.63
N GLY A 124 -3.96 1.70 7.62
CA GLY A 124 -2.90 1.19 6.78
C GLY A 124 -1.64 0.87 7.56
N ARG A 125 -1.30 -0.41 7.63
CA ARG A 125 -0.11 -0.84 8.35
C ARG A 125 0.92 -1.44 7.40
N VAL A 126 2.14 -0.89 7.43
CA VAL A 126 3.22 -1.37 6.57
C VAL A 126 4.23 -2.17 7.36
N LEU A 127 4.27 -3.48 7.13
CA LEU A 127 5.20 -4.35 7.82
C LEU A 127 6.02 -5.17 6.83
N PHE A 128 6.99 -5.92 7.34
CA PHE A 128 7.84 -6.76 6.50
C PHE A 128 8.49 -7.87 7.32
N PHE A 129 9.16 -8.79 6.64
CA PHE A 129 9.84 -9.90 7.29
C PHE A 129 11.33 -9.65 7.42
N ASP A 130 11.82 -9.61 8.66
CA ASP A 130 13.24 -9.37 8.91
C ASP A 130 14.10 -10.24 8.00
N LYS A 131 14.72 -9.61 7.01
CA LYS A 131 15.57 -10.32 6.08
C LYS A 131 17.05 -10.03 6.35
N THR A 132 17.52 -8.87 5.89
CA THR A 132 18.91 -8.48 6.09
C THR A 132 19.08 -6.98 5.90
N ASP A 133 18.83 -6.22 6.97
CA ASP A 133 18.96 -4.77 6.93
C ASP A 133 20.26 -4.32 7.60
N GLY A 134 20.62 -3.06 7.40
CA GLY A 134 21.83 -2.54 7.98
C GLY A 134 23.07 -2.86 7.17
N ALA A 135 24.02 -1.93 7.16
CA ALA A 135 25.26 -2.13 6.40
C ALA A 135 25.71 -3.58 6.46
N LEU A 136 26.06 -4.05 7.65
CA LEU A 136 26.51 -5.43 7.84
C LEU A 136 26.55 -5.80 9.31
N SER A 137 25.46 -6.37 9.81
CA SER A 137 25.37 -6.77 11.21
C SER A 137 23.93 -7.13 11.58
N SER A 138 23.38 -8.12 10.89
CA SER A 138 22.02 -8.55 11.15
C SER A 138 21.18 -7.42 11.73
N PHE A 139 20.81 -6.46 10.89
CA PHE A 139 20.02 -5.32 11.31
C PHE A 139 18.57 -5.45 10.83
N ASP A 140 17.63 -5.01 11.66
CA ASP A 140 16.22 -5.07 11.31
C ASP A 140 15.65 -3.67 11.10
N ILE A 141 14.40 -3.61 10.65
CA ILE A 141 13.75 -2.33 10.41
C ILE A 141 12.40 -2.26 11.12
N LYS A 142 12.20 -1.22 11.92
CA LYS A 142 10.95 -1.04 12.65
C LYS A 142 9.83 -0.58 11.72
N ASP A 143 8.92 -1.48 11.40
CA ASP A 143 7.80 -1.17 10.52
C ASP A 143 6.99 0.00 11.07
N LYS A 144 5.89 0.32 10.39
CA LYS A 144 5.03 1.42 10.81
C LYS A 144 3.56 1.06 10.63
N TRP A 145 2.69 1.79 11.31
CA TRP A 145 1.26 1.54 11.22
C TRP A 145 0.47 2.80 11.55
N ALA A 146 -0.56 3.09 10.75
CA ALA A 146 -1.40 4.27 10.97
C ALA A 146 -2.50 4.35 9.91
N PRO A 147 -3.50 5.21 10.18
CA PRO A 147 -4.63 5.40 9.26
C PRO A 147 -4.21 6.12 7.98
N ALA A 148 -4.81 5.71 6.86
CA ALA A 148 -4.51 6.31 5.57
C ALA A 148 -5.78 6.61 4.80
N PHE A 149 -5.65 7.39 3.73
CA PHE A 149 -6.79 7.76 2.90
C PHE A 149 -6.62 7.23 1.48
N GLN A 150 -7.75 7.06 0.78
CA GLN A 150 -7.72 6.56 -0.59
C GLN A 150 -8.51 7.49 -1.52
N VAL A 151 -8.09 7.56 -2.78
CA VAL A 151 -8.75 8.40 -3.76
C VAL A 151 -8.61 7.83 -5.17
N GLY A 152 -9.74 7.58 -5.83
CA GLY A 152 -9.70 7.04 -7.17
C GLY A 152 -11.09 6.83 -7.74
N LEU A 153 -11.20 5.96 -8.74
CA LEU A 153 -12.48 5.67 -9.38
C LEU A 153 -12.51 4.26 -9.93
N ARG A 154 -13.71 3.75 -10.17
CA ARG A 154 -13.87 2.39 -10.70
C ARG A 154 -14.55 2.43 -12.07
N TYR A 155 -13.85 1.94 -13.08
CA TYR A 155 -14.37 1.91 -14.44
C TYR A 155 -14.83 0.50 -14.82
N ASP A 156 -15.92 0.42 -15.57
CA ASP A 156 -16.45 -0.87 -16.00
C ASP A 156 -16.52 -0.94 -17.53
N LEU A 157 -15.51 -1.55 -18.13
CA LEU A 157 -15.46 -1.68 -19.58
C LEU A 157 -16.48 -2.72 -20.08
N GLY A 158 -16.83 -2.63 -21.35
CA GLY A 158 -17.79 -3.56 -21.91
C GLY A 158 -17.39 -5.01 -21.69
N ASN A 159 -16.13 -5.32 -21.92
CA ASN A 159 -15.63 -6.68 -21.74
C ASN A 159 -15.84 -7.14 -20.31
N SER A 160 -15.68 -8.45 -20.07
CA SER A 160 -15.86 -9.01 -18.75
C SER A 160 -14.93 -8.35 -17.74
N TRP A 161 -13.73 -8.03 -18.19
CA TRP A 161 -12.73 -7.39 -17.33
C TRP A 161 -13.00 -5.90 -17.20
N MET A 162 -12.93 -5.40 -15.96
CA MET A 162 -13.18 -3.98 -15.70
C MET A 162 -11.89 -3.27 -15.33
N LEU A 163 -11.98 -1.96 -15.14
CA LEU A 163 -10.81 -1.16 -14.78
C LEU A 163 -10.97 -0.55 -13.39
N ASN A 164 -9.85 -0.37 -12.70
CA ASN A 164 -9.86 0.19 -11.35
C ASN A 164 -8.61 1.02 -11.10
N SER A 165 -8.79 2.22 -10.55
CA SER A 165 -7.67 3.11 -10.26
C SER A 165 -7.87 3.81 -8.93
N ASP A 166 -6.91 3.64 -8.02
CA ASP A 166 -6.99 4.26 -6.70
C ASP A 166 -5.59 4.61 -6.20
N VAL A 167 -5.52 5.59 -5.30
CA VAL A 167 -4.24 6.02 -4.73
C VAL A 167 -4.33 6.15 -3.21
N ARG A 168 -3.34 5.62 -2.51
CA ARG A 168 -3.31 5.69 -1.06
C ARG A 168 -2.25 6.69 -0.59
N TYR A 169 -2.64 7.55 0.35
CA TYR A 169 -1.73 8.55 0.88
C TYR A 169 -1.80 8.60 2.41
N ILE A 170 -0.64 8.74 3.04
CA ILE A 170 -0.57 8.79 4.49
C ILE A 170 0.86 9.01 4.97
N PRO A 171 1.17 10.25 5.36
CA PRO A 171 2.51 10.63 5.84
C PRO A 171 2.82 10.01 7.21
N PHE A 172 3.96 9.34 7.31
CA PHE A 172 4.38 8.71 8.55
C PHE A 172 5.90 8.60 8.63
N LYS A 173 6.38 8.07 9.75
CA LYS A 173 7.83 7.91 9.95
C LYS A 173 8.16 6.48 10.34
N THR A 174 9.21 5.93 9.73
CA THR A 174 9.63 4.56 10.01
C THR A 174 10.86 4.55 10.92
N ASP A 175 11.15 3.39 11.49
CA ASP A 175 12.29 3.24 12.37
C ASP A 175 13.17 2.07 11.93
N VAL A 176 14.37 2.00 12.50
CA VAL A 176 15.32 0.94 12.16
C VAL A 176 16.19 0.58 13.36
N THR A 177 16.43 -0.72 13.54
CA THR A 177 17.25 -1.19 14.64
C THR A 177 17.64 -2.65 14.47
N GLY A 178 18.73 -3.06 15.08
CA GLY A 178 19.19 -4.43 14.97
C GLY A 178 19.69 -4.99 16.30
N THR A 179 20.46 -6.08 16.22
CA THR A 179 21.00 -6.70 17.43
C THR A 179 22.51 -6.82 17.34
N LEU A 180 23.21 -6.00 18.12
CA LEU A 180 24.67 -6.01 18.14
C LEU A 180 25.19 -6.03 19.57
N GLY A 181 26.49 -6.31 19.72
CA GLY A 181 27.09 -6.35 21.03
C GLY A 181 26.77 -5.12 21.86
N PRO A 182 27.34 -3.97 21.46
CA PRO A 182 27.12 -2.69 22.15
C PRO A 182 25.70 -2.17 21.97
N VAL A 183 25.47 -0.94 22.42
CA VAL A 183 24.15 -0.32 22.31
C VAL A 183 23.67 -0.32 20.86
N PRO A 184 22.41 -0.72 20.65
CA PRO A 184 21.80 -0.77 19.32
C PRO A 184 21.54 0.62 18.75
N VAL A 185 21.60 0.73 17.43
CA VAL A 185 21.37 2.01 16.77
C VAL A 185 19.92 2.14 16.30
N SER A 186 19.16 2.98 16.98
CA SER A 186 17.75 3.19 16.64
C SER A 186 17.58 4.47 15.83
N THR A 187 17.35 4.31 14.53
CA THR A 187 17.15 5.45 13.63
C THR A 187 15.69 5.63 13.27
N LYS A 188 15.34 6.81 12.79
CA LYS A 188 13.97 7.11 12.40
C LYS A 188 13.93 8.17 11.31
N ILE A 189 12.89 8.15 10.48
CA ILE A 189 12.74 9.10 9.40
C ILE A 189 11.27 9.31 9.06
N GLU A 190 10.85 10.57 8.99
CA GLU A 190 9.47 10.90 8.66
C GLU A 190 9.33 11.32 7.20
N VAL A 191 8.61 10.52 6.42
CA VAL A 191 8.40 10.80 5.02
C VAL A 191 6.96 10.55 4.60
N ASP A 192 6.59 11.03 3.42
CA ASP A 192 5.23 10.85 2.92
C ASP A 192 5.21 9.81 1.79
N PRO A 193 5.00 8.54 2.15
CA PRO A 193 4.95 7.43 1.19
C PRO A 193 3.70 7.49 0.32
N PHE A 194 3.90 7.65 -0.99
CA PHE A 194 2.79 7.72 -1.93
C PHE A 194 2.60 6.37 -2.64
N ILE A 195 1.41 5.80 -2.50
CA ILE A 195 1.10 4.53 -3.13
C ILE A 195 0.06 4.69 -4.23
N LEU A 196 0.51 4.58 -5.48
CA LEU A 196 -0.38 4.72 -6.63
C LEU A 196 -0.77 3.35 -7.19
N SER A 197 -2.02 2.96 -6.96
CA SER A 197 -2.52 1.67 -7.44
C SER A 197 -3.32 1.84 -8.72
N LEU A 198 -2.96 1.08 -9.75
CA LEU A 198 -3.65 1.14 -11.04
C LEU A 198 -3.68 -0.23 -11.70
N GLY A 199 -4.85 -0.63 -12.18
CA GLY A 199 -4.99 -1.90 -12.84
C GLY A 199 -6.43 -2.20 -13.25
N ALA A 200 -6.84 -3.46 -13.11
CA ALA A 200 -8.18 -3.86 -13.47
C ALA A 200 -8.88 -4.53 -12.30
N SER A 201 -10.18 -4.81 -12.46
CA SER A 201 -10.97 -5.45 -11.42
C SER A 201 -12.08 -6.30 -12.01
N TYR A 202 -12.73 -7.08 -11.17
CA TYR A 202 -13.82 -7.95 -11.60
C TYR A 202 -14.89 -8.08 -10.53
N VAL A 203 -16.15 -7.90 -10.93
CA VAL A 203 -17.26 -8.00 -9.99
C VAL A 203 -17.78 -9.43 -9.89
N PHE A 204 -18.50 -9.73 -8.82
CA PHE A 204 -19.04 -11.06 -8.61
C PHE A 204 -20.03 -11.07 -7.45
N LYS A 205 -21.02 -11.94 -7.54
CA LYS A 205 -22.05 -12.06 -6.50
C LYS A 205 -21.79 -13.27 -5.61
N LEU A 206 -22.62 -13.43 -4.58
CA LEU A 206 -22.48 -14.56 -3.65
C LEU A 206 -23.30 -15.75 -4.13
N ALA A 207 -22.88 -16.95 -3.74
CA ALA A 207 -23.58 -18.16 -4.12
C ALA A 207 -23.58 -18.35 -5.63
N ALA A 208 -22.42 -18.18 -6.25
CA ALA A 208 -22.29 -18.32 -7.69
C ALA A 208 -21.17 -19.29 -8.05
N ALA A 209 -21.34 -20.03 -9.14
CA ALA A 209 -20.35 -20.99 -9.59
C ALA A 209 -20.13 -20.88 -11.10
N LEU A 210 -19.11 -21.60 -11.59
CA LEU A 210 -18.81 -21.58 -13.02
C LEU A 210 -19.59 -22.65 -13.76
N GLU A 211 -19.98 -22.35 -15.00
CA GLU A 211 -20.75 -23.28 -15.81
C GLU A 211 -19.94 -24.54 -16.08
N MET A 1 -47.46 -7.84 7.88
CA MET A 1 -47.45 -7.72 6.42
C MET A 1 -46.12 -8.15 5.84
N ASN A 2 -45.54 -9.20 6.41
CA ASN A 2 -44.25 -9.71 5.96
C ASN A 2 -44.41 -11.05 5.25
N GLU A 3 -45.19 -11.06 4.18
CA GLU A 3 -45.43 -12.28 3.42
C GLU A 3 -45.02 -12.11 1.96
N ASN A 4 -44.44 -13.16 1.39
CA ASN A 4 -44.00 -13.12 -0.01
C ASN A 4 -43.33 -11.78 -0.33
N TYR A 5 -42.53 -11.29 0.60
CA TYR A 5 -41.84 -10.02 0.42
C TYR A 5 -40.93 -10.06 -0.80
N PRO A 6 -40.68 -8.89 -1.39
CA PRO A 6 -39.83 -8.76 -2.58
C PRO A 6 -38.36 -9.03 -2.26
N ALA A 7 -37.65 -9.63 -3.22
CA ALA A 7 -36.24 -9.94 -3.05
C ALA A 7 -35.46 -9.68 -4.33
N LYS A 8 -34.14 -9.59 -4.20
CA LYS A 8 -33.27 -9.34 -5.35
C LYS A 8 -31.99 -10.17 -5.25
N SER A 9 -31.89 -11.19 -6.10
CA SER A 9 -30.72 -12.05 -6.11
C SER A 9 -29.95 -11.92 -7.42
N ALA A 10 -29.68 -10.68 -7.81
CA ALA A 10 -28.94 -10.42 -9.05
C ALA A 10 -28.62 -8.93 -9.19
N GLY A 11 -27.60 -8.62 -9.98
CA GLY A 11 -27.21 -7.24 -10.18
C GLY A 11 -26.18 -6.77 -9.18
N TYR A 12 -26.65 -6.18 -8.08
CA TYR A 12 -25.76 -5.69 -7.04
C TYR A 12 -26.50 -5.54 -5.71
N ASN A 13 -26.05 -6.27 -4.70
CA ASN A 13 -26.68 -6.23 -3.38
C ASN A 13 -25.62 -6.25 -2.28
N GLN A 14 -26.02 -5.86 -1.08
CA GLN A 14 -25.11 -5.82 0.06
C GLN A 14 -24.42 -7.18 0.25
N GLY A 15 -23.10 -7.18 0.16
CA GLY A 15 -22.35 -8.41 0.32
C GLY A 15 -21.73 -8.88 -0.97
N ASP A 16 -21.85 -8.07 -2.02
CA ASP A 16 -21.28 -8.41 -3.32
C ASP A 16 -19.76 -8.54 -3.24
N TRP A 17 -19.22 -9.46 -4.02
CA TRP A 17 -17.78 -9.69 -4.05
C TRP A 17 -17.15 -9.11 -5.31
N VAL A 18 -16.00 -8.46 -5.16
CA VAL A 18 -15.30 -7.87 -6.29
C VAL A 18 -13.79 -7.96 -6.11
N ALA A 19 -13.15 -8.76 -6.96
CA ALA A 19 -11.71 -8.94 -6.90
C ALA A 19 -10.98 -7.82 -7.65
N SER A 20 -10.39 -6.91 -6.90
CA SER A 20 -9.67 -5.79 -7.49
C SER A 20 -8.17 -6.09 -7.60
N PHE A 21 -7.69 -6.23 -8.82
CA PHE A 21 -6.28 -6.53 -9.06
C PHE A 21 -5.59 -5.36 -9.75
N ASN A 22 -4.61 -4.78 -9.06
CA ASN A 22 -3.87 -3.63 -9.62
C ASN A 22 -2.47 -3.55 -9.00
N PHE A 23 -1.63 -2.71 -9.59
CA PHE A 23 -0.27 -2.54 -9.10
C PHE A 23 -0.14 -1.25 -8.28
N SER A 24 0.50 -1.36 -7.13
CA SER A 24 0.68 -0.21 -6.24
C SER A 24 2.14 0.24 -6.22
N LYS A 25 2.39 1.44 -6.75
CA LYS A 25 3.73 1.99 -6.80
C LYS A 25 3.97 2.96 -5.63
N VAL A 26 4.76 2.51 -4.66
CA VAL A 26 5.06 3.33 -3.50
C VAL A 26 6.24 4.27 -3.77
N TYR A 27 6.18 5.48 -3.24
CA TYR A 27 7.24 6.45 -3.43
C TYR A 27 7.79 6.93 -2.08
N VAL A 28 9.07 6.63 -1.85
CA VAL A 28 9.72 7.03 -0.61
C VAL A 28 11.20 7.30 -0.83
N GLY A 29 11.94 7.48 0.27
CA GLY A 29 13.36 7.74 0.17
C GLY A 29 13.69 9.22 0.32
N GLU A 30 13.45 9.76 1.50
CA GLU A 30 13.71 11.17 1.77
C GLU A 30 15.12 11.36 2.31
N GLU A 31 15.37 10.87 3.52
CA GLU A 31 16.69 10.99 4.14
C GLU A 31 16.68 10.38 5.53
N LEU A 32 17.54 9.39 5.74
CA LEU A 32 17.65 8.71 7.03
C LEU A 32 18.53 9.50 7.99
N GLY A 33 18.28 9.34 9.29
CA GLY A 33 19.06 10.03 10.29
C GLY A 33 18.59 11.46 10.50
N ASP A 34 19.54 12.39 10.52
CA ASP A 34 19.22 13.81 10.72
C ASP A 34 20.01 14.68 9.75
N LEU A 35 19.55 15.92 9.57
CA LEU A 35 20.22 16.85 8.68
C LEU A 35 21.44 17.49 9.35
N ASN A 36 21.30 17.76 10.64
CA ASN A 36 22.39 18.37 11.41
C ASN A 36 23.66 17.54 11.30
N VAL A 37 24.81 18.22 11.31
CA VAL A 37 26.10 17.54 11.22
C VAL A 37 27.12 18.17 12.16
N GLY A 38 28.29 17.54 12.26
CA GLY A 38 29.33 18.05 13.13
C GLY A 38 30.55 18.52 12.36
N GLY A 39 31.72 18.08 12.79
CA GLY A 39 32.96 18.47 12.13
C GLY A 39 33.48 17.39 11.21
N GLY A 40 34.69 17.58 10.68
CA GLY A 40 35.28 16.60 9.79
C GLY A 40 34.37 16.25 8.64
N ALA A 41 34.43 15.00 8.19
CA ALA A 41 33.60 14.52 7.09
C ALA A 41 32.39 13.74 7.60
N LEU A 42 31.23 14.38 7.58
CA LEU A 42 30.00 13.74 8.04
C LEU A 42 28.79 14.29 7.31
N PRO A 43 28.62 13.90 6.04
CA PRO A 43 27.50 14.36 5.21
C PRO A 43 26.18 13.77 5.66
N ASN A 44 25.12 14.07 4.92
CA ASN A 44 23.79 13.57 5.24
C ASN A 44 23.50 12.27 4.50
N ALA A 45 22.86 11.33 5.19
CA ALA A 45 22.53 10.05 4.59
C ALA A 45 21.52 10.21 3.46
N ASP A 46 21.33 9.14 2.68
CA ASP A 46 20.40 9.16 1.56
C ASP A 46 19.72 7.80 1.39
N VAL A 47 18.39 7.83 1.34
CA VAL A 47 17.61 6.60 1.18
C VAL A 47 17.06 6.48 -0.23
N SER A 48 17.11 5.27 -0.78
CA SER A 48 16.62 5.03 -2.12
C SER A 48 16.34 3.53 -2.34
N ILE A 49 15.40 3.23 -3.22
CA ILE A 49 15.04 1.86 -3.52
C ILE A 49 14.83 1.65 -5.02
N GLY A 50 15.30 0.51 -5.52
CA GLY A 50 15.15 0.21 -6.94
C GLY A 50 13.71 0.16 -7.37
N ASN A 51 13.47 -0.31 -8.59
CA ASN A 51 12.12 -0.41 -9.12
C ASN A 51 11.30 -1.44 -8.36
N ASP A 52 11.80 -2.68 -8.33
CA ASP A 52 11.12 -3.76 -7.63
C ASP A 52 9.61 -3.70 -7.87
N THR A 53 9.22 -3.39 -9.11
CA THR A 53 7.81 -3.30 -9.45
C THR A 53 7.14 -4.66 -9.42
N THR A 54 5.90 -4.70 -8.93
CA THR A 54 5.15 -5.94 -8.84
C THR A 54 3.65 -5.68 -8.83
N LEU A 55 2.86 -6.75 -8.86
CA LEU A 55 1.41 -6.64 -8.85
C LEU A 55 0.87 -6.64 -7.43
N THR A 56 -0.34 -6.12 -7.27
CA THR A 56 -0.98 -6.06 -5.95
C THR A 56 -2.41 -6.60 -6.00
N PHE A 57 -2.76 -7.39 -5.00
CA PHE A 57 -4.10 -7.97 -4.92
C PHE A 57 -4.95 -7.25 -3.89
N ASP A 58 -6.17 -6.88 -4.28
CA ASP A 58 -7.08 -6.19 -3.38
C ASP A 58 -8.49 -6.78 -3.48
N ILE A 59 -9.15 -6.91 -2.33
CA ILE A 59 -10.49 -7.46 -2.28
C ILE A 59 -11.52 -6.39 -1.96
N ALA A 60 -12.39 -6.10 -2.92
CA ALA A 60 -13.42 -5.08 -2.73
C ALA A 60 -14.79 -5.73 -2.55
N TYR A 61 -15.48 -5.33 -1.48
CA TYR A 61 -16.81 -5.87 -1.18
C TYR A 61 -17.88 -4.79 -1.30
N PHE A 62 -18.89 -5.07 -2.12
CA PHE A 62 -19.97 -4.12 -2.33
C PHE A 62 -21.08 -4.34 -1.30
N VAL A 63 -21.13 -3.46 -0.30
CA VAL A 63 -22.14 -3.54 0.75
C VAL A 63 -23.33 -2.64 0.45
N SER A 64 -23.05 -1.49 -0.18
CA SER A 64 -24.10 -0.54 -0.52
C SER A 64 -23.92 -0.05 -1.95
N SER A 65 -25.00 0.53 -2.50
CA SER A 65 -24.96 1.04 -3.87
C SER A 65 -24.40 2.45 -3.90
N ASN A 66 -23.98 2.95 -2.74
CA ASN A 66 -23.42 4.29 -2.64
C ASN A 66 -21.95 4.24 -2.22
N ILE A 67 -21.61 3.23 -1.41
CA ILE A 67 -20.24 3.07 -0.94
C ILE A 67 -19.86 1.60 -0.88
N ALA A 68 -18.56 1.34 -0.68
CA ALA A 68 -18.07 -0.03 -0.60
C ALA A 68 -16.75 -0.09 0.17
N VAL A 69 -16.28 -1.30 0.43
CA VAL A 69 -15.03 -1.50 1.15
C VAL A 69 -14.01 -2.24 0.29
N ASP A 70 -12.73 -1.99 0.55
CA ASP A 70 -11.67 -2.65 -0.19
C ASP A 70 -10.43 -2.83 0.68
N PHE A 71 -9.73 -3.95 0.48
CA PHE A 71 -8.53 -4.25 1.25
C PHE A 71 -7.35 -4.56 0.34
N PHE A 72 -6.34 -3.69 0.36
CA PHE A 72 -5.16 -3.87 -0.47
C PHE A 72 -4.15 -4.77 0.22
N VAL A 73 -3.65 -5.77 -0.50
CA VAL A 73 -2.67 -6.70 0.03
C VAL A 73 -1.69 -7.16 -1.04
N GLY A 74 -0.50 -7.55 -0.62
CA GLY A 74 0.50 -8.01 -1.56
C GLY A 74 1.54 -8.91 -0.91
N VAL A 75 2.07 -9.86 -1.69
CA VAL A 75 3.06 -10.79 -1.19
C VAL A 75 4.36 -10.68 -1.97
N PRO A 76 5.01 -9.51 -1.88
CA PRO A 76 6.27 -9.25 -2.57
C PRO A 76 7.44 -10.05 -2.00
N ALA A 77 8.53 -10.13 -2.74
CA ALA A 77 9.70 -10.87 -2.30
C ALA A 77 10.67 -9.96 -1.55
N ARG A 78 11.88 -10.45 -1.32
CA ARG A 78 12.89 -9.68 -0.61
C ARG A 78 13.52 -8.63 -1.51
N ALA A 79 13.69 -7.43 -0.98
CA ALA A 79 14.28 -6.33 -1.75
C ALA A 79 15.34 -5.60 -0.94
N LYS A 80 16.33 -5.03 -1.63
CA LYS A 80 17.41 -4.31 -0.98
C LYS A 80 17.39 -2.84 -1.36
N PHE A 81 17.47 -1.97 -0.37
CA PHE A 81 17.47 -0.53 -0.61
C PHE A 81 18.61 0.16 0.15
N GLN A 82 18.97 1.35 -0.30
CA GLN A 82 20.05 2.11 0.33
C GLN A 82 19.49 3.09 1.36
N GLY A 83 20.34 3.47 2.32
CA GLY A 83 19.91 4.41 3.34
C GLY A 83 21.05 4.80 4.27
N GLU A 84 22.00 5.55 3.74
CA GLU A 84 23.14 5.98 4.53
C GLU A 84 24.04 6.93 3.72
N LYS A 85 25.14 7.35 4.32
CA LYS A 85 26.08 8.25 3.65
C LYS A 85 27.07 7.47 2.79
N SER A 86 27.96 6.72 3.45
CA SER A 86 28.96 5.93 2.74
C SER A 86 28.38 4.59 2.30
N ILE A 87 27.49 4.04 3.12
CA ILE A 87 26.87 2.76 2.83
C ILE A 87 26.01 2.85 1.57
N SER A 88 25.40 4.00 1.35
CA SER A 88 24.56 4.22 0.19
C SER A 88 25.37 4.09 -1.11
N SER A 89 26.54 4.70 -1.12
CA SER A 89 27.42 4.66 -2.29
C SER A 89 27.75 3.21 -2.66
N LEU A 90 27.88 2.37 -1.66
CA LEU A 90 28.21 0.96 -1.88
C LEU A 90 27.06 0.25 -2.61
N GLY A 91 25.85 0.41 -2.10
CA GLY A 91 24.70 -0.21 -2.72
C GLY A 91 24.04 -1.22 -1.82
N ARG A 92 24.73 -1.62 -0.75
CA ARG A 92 24.21 -2.60 0.19
C ARG A 92 24.06 -1.99 1.58
N VAL A 93 22.87 -1.50 1.88
CA VAL A 93 22.59 -0.88 3.17
C VAL A 93 21.57 -1.69 3.96
N SER A 94 20.40 -1.90 3.36
CA SER A 94 19.34 -2.66 4.01
C SER A 94 18.66 -3.60 3.02
N GLU A 95 18.30 -4.78 3.49
CA GLU A 95 17.65 -5.77 2.65
C GLU A 95 16.64 -6.60 3.45
N VAL A 96 15.37 -6.49 3.10
CA VAL A 96 14.31 -7.22 3.78
C VAL A 96 13.09 -7.41 2.89
N ASP A 97 12.11 -8.15 3.38
CA ASP A 97 10.89 -8.41 2.62
C ASP A 97 9.90 -7.26 2.77
N TYR A 98 8.81 -7.32 2.01
CA TYR A 98 7.79 -6.28 2.06
C TYR A 98 6.44 -6.85 2.49
N GLY A 99 5.80 -6.18 3.43
CA GLY A 99 4.50 -6.63 3.92
C GLY A 99 3.48 -5.52 3.96
N PRO A 100 3.16 -4.95 2.80
CA PRO A 100 2.18 -3.86 2.69
C PRO A 100 0.75 -4.33 2.95
N ALA A 101 0.18 -3.86 4.04
CA ALA A 101 -1.19 -4.23 4.41
C ALA A 101 -2.06 -3.00 4.62
N ILE A 102 -2.97 -2.75 3.68
CA ILE A 102 -3.86 -1.61 3.77
C ILE A 102 -5.31 -2.03 3.58
N LEU A 103 -6.22 -1.31 4.24
CA LEU A 103 -7.64 -1.61 4.15
C LEU A 103 -8.48 -0.35 4.38
N SER A 104 -9.20 0.07 3.35
CA SER A 104 -10.03 1.26 3.43
C SER A 104 -11.30 1.11 2.60
N LEU A 105 -12.26 1.98 2.82
CA LEU A 105 -13.52 1.95 2.10
C LEU A 105 -13.65 3.14 1.14
N GLN A 106 -14.36 2.93 0.04
CA GLN A 106 -14.56 3.99 -0.94
C GLN A 106 -15.94 4.63 -0.79
N TYR A 107 -15.98 5.95 -0.81
CA TYR A 107 -17.23 6.68 -0.67
C TYR A 107 -17.46 7.61 -1.87
N HIS A 108 -18.55 7.37 -2.59
CA HIS A 108 -18.88 8.19 -3.75
C HIS A 108 -19.50 9.52 -3.33
N TYR A 109 -18.72 10.59 -3.46
CA TYR A 109 -19.20 11.92 -3.09
C TYR A 109 -20.10 12.50 -4.19
N ASP A 110 -21.07 13.30 -3.77
CA ASP A 110 -22.00 13.92 -4.71
C ASP A 110 -21.33 15.07 -5.45
N SER A 111 -21.48 15.08 -6.77
CA SER A 111 -20.88 16.12 -7.61
C SER A 111 -21.89 16.64 -8.63
N PHE A 112 -21.64 17.84 -9.13
CA PHE A 112 -22.52 18.46 -10.12
C PHE A 112 -22.22 17.93 -11.51
N GLU A 113 -20.94 17.89 -11.87
CA GLU A 113 -20.52 17.41 -13.17
C GLU A 113 -20.99 15.97 -13.41
N ARG A 114 -20.79 15.48 -14.63
CA ARG A 114 -21.19 14.13 -14.98
C ARG A 114 -20.20 13.10 -14.44
N LEU A 115 -18.92 13.46 -14.44
CA LEU A 115 -17.87 12.57 -13.96
C LEU A 115 -17.25 13.11 -12.67
N TYR A 116 -16.93 12.21 -11.75
CA TYR A 116 -16.34 12.60 -10.48
C TYR A 116 -15.76 11.38 -9.76
N PRO A 117 -14.54 11.53 -9.23
CA PRO A 117 -13.85 10.45 -8.50
C PRO A 117 -14.50 10.15 -7.16
N TYR A 118 -13.97 9.15 -6.46
CA TYR A 118 -14.51 8.76 -5.16
C TYR A 118 -13.47 8.95 -4.06
N VAL A 119 -13.93 9.28 -2.87
CA VAL A 119 -13.04 9.49 -1.74
C VAL A 119 -13.08 8.30 -0.77
N GLY A 120 -11.93 7.72 -0.50
CA GLY A 120 -11.85 6.59 0.40
C GLY A 120 -10.97 6.85 1.60
N VAL A 121 -11.13 6.04 2.65
CA VAL A 121 -10.34 6.19 3.86
C VAL A 121 -10.35 4.91 4.68
N GLY A 122 -9.23 4.65 5.37
CA GLY A 122 -9.13 3.45 6.18
C GLY A 122 -7.84 3.40 6.97
N VAL A 123 -7.42 2.20 7.35
CA VAL A 123 -6.19 2.00 8.10
C VAL A 123 -5.09 1.41 7.23
N GLY A 124 -3.90 1.99 7.32
CA GLY A 124 -2.78 1.50 6.53
C GLY A 124 -1.62 1.03 7.39
N ARG A 125 -1.38 -0.28 7.41
CA ARG A 125 -0.30 -0.84 8.21
C ARG A 125 0.79 -1.39 7.31
N VAL A 126 2.01 -0.89 7.48
CA VAL A 126 3.15 -1.34 6.68
C VAL A 126 4.11 -2.19 7.52
N LEU A 127 4.15 -3.49 7.23
CA LEU A 127 5.03 -4.40 7.95
C LEU A 127 6.07 -5.01 7.02
N PHE A 128 7.08 -5.64 7.60
CA PHE A 128 8.14 -6.27 6.82
C PHE A 128 8.73 -7.47 7.57
N PHE A 129 9.69 -8.13 6.95
CA PHE A 129 10.33 -9.29 7.54
C PHE A 129 11.75 -8.96 8.00
N ASP A 130 12.17 -9.56 9.11
CA ASP A 130 13.49 -9.33 9.66
C ASP A 130 14.53 -10.18 8.94
N LYS A 131 15.19 -9.60 7.94
CA LYS A 131 16.21 -10.31 7.17
C LYS A 131 17.60 -9.74 7.47
N THR A 132 17.89 -8.58 6.90
CA THR A 132 19.18 -7.93 7.10
C THR A 132 19.11 -6.44 6.77
N ASP A 133 18.78 -5.63 7.76
CA ASP A 133 18.68 -4.19 7.57
C ASP A 133 19.91 -3.49 8.14
N GLY A 134 20.12 -2.23 7.72
CA GLY A 134 21.26 -1.48 8.20
C GLY A 134 22.57 -2.04 7.71
N ALA A 135 23.60 -1.19 7.68
CA ALA A 135 24.92 -1.60 7.22
C ALA A 135 25.64 -2.40 8.30
N LEU A 136 24.97 -2.61 9.43
CA LEU A 136 25.55 -3.35 10.54
C LEU A 136 25.33 -4.85 10.37
N SER A 137 25.79 -5.63 11.34
CA SER A 137 25.64 -7.08 11.29
C SER A 137 24.17 -7.47 11.43
N SER A 138 23.47 -7.50 10.30
CA SER A 138 22.06 -7.86 10.28
C SER A 138 21.28 -7.05 11.33
N PHE A 139 21.04 -5.78 11.02
CA PHE A 139 20.31 -4.90 11.93
C PHE A 139 18.80 -5.05 11.74
N ASP A 140 18.05 -4.71 12.78
CA ASP A 140 16.59 -4.81 12.72
C ASP A 140 15.97 -3.44 12.52
N ILE A 141 14.65 -3.41 12.32
CA ILE A 141 13.93 -2.16 12.12
C ILE A 141 12.47 -2.30 12.54
N LYS A 142 11.92 -1.22 13.10
CA LYS A 142 10.54 -1.22 13.55
C LYS A 142 9.61 -0.72 12.44
N ASP A 143 8.70 -1.59 12.02
CA ASP A 143 7.74 -1.24 10.96
C ASP A 143 6.92 -0.02 11.35
N LYS A 144 5.88 0.24 10.58
CA LYS A 144 5.01 1.39 10.85
C LYS A 144 3.53 1.00 10.67
N TRP A 145 2.66 1.72 11.35
CA TRP A 145 1.22 1.46 11.28
C TRP A 145 0.42 2.69 11.66
N ALA A 146 -0.53 3.06 10.81
CA ALA A 146 -1.37 4.23 11.06
C ALA A 146 -2.47 4.34 10.02
N PRO A 147 -3.44 5.23 10.27
CA PRO A 147 -4.57 5.47 9.37
C PRO A 147 -4.15 6.16 8.08
N ALA A 148 -4.60 5.63 6.94
CA ALA A 148 -4.28 6.20 5.64
C ALA A 148 -5.53 6.64 4.90
N PHE A 149 -5.34 7.41 3.84
CA PHE A 149 -6.47 7.90 3.05
C PHE A 149 -6.30 7.50 1.58
N GLN A 150 -7.39 7.06 0.97
CA GLN A 150 -7.38 6.65 -0.43
C GLN A 150 -8.23 7.57 -1.29
N VAL A 151 -7.80 7.80 -2.52
CA VAL A 151 -8.52 8.67 -3.44
C VAL A 151 -8.45 8.13 -4.86
N GLY A 152 -9.61 7.85 -5.45
CA GLY A 152 -9.67 7.34 -6.81
C GLY A 152 -11.08 6.98 -7.24
N LEU A 153 -11.20 6.36 -8.40
CA LEU A 153 -12.49 5.96 -8.93
C LEU A 153 -12.48 4.50 -9.39
N ARG A 154 -13.67 3.92 -9.52
CA ARG A 154 -13.79 2.54 -9.96
C ARG A 154 -14.79 2.40 -11.10
N TYR A 155 -14.31 1.91 -12.23
CA TYR A 155 -15.16 1.74 -13.41
C TYR A 155 -15.54 0.27 -13.59
N ASP A 156 -16.82 0.03 -13.90
CA ASP A 156 -17.31 -1.32 -14.11
C ASP A 156 -17.90 -1.48 -15.50
N LEU A 157 -17.17 -2.15 -16.38
CA LEU A 157 -17.62 -2.36 -17.75
C LEU A 157 -18.33 -3.71 -17.89
N GLY A 158 -19.09 -3.87 -18.97
CA GLY A 158 -19.79 -5.12 -19.20
C GLY A 158 -19.05 -6.04 -20.14
N ASN A 159 -17.73 -6.05 -20.05
CA ASN A 159 -16.91 -6.89 -20.91
C ASN A 159 -16.00 -7.80 -20.08
N SER A 160 -16.52 -8.26 -18.94
CA SER A 160 -15.77 -9.14 -18.06
C SER A 160 -14.39 -8.55 -17.75
N TRP A 161 -14.35 -7.22 -17.57
CA TRP A 161 -13.10 -6.53 -17.27
C TRP A 161 -13.37 -5.12 -16.76
N MET A 162 -13.18 -4.91 -15.46
CA MET A 162 -13.39 -3.62 -14.85
C MET A 162 -12.08 -2.87 -14.68
N LEU A 163 -12.18 -1.59 -14.32
CA LEU A 163 -10.99 -0.76 -14.12
C LEU A 163 -11.03 -0.06 -12.77
N ASN A 164 -9.87 0.11 -12.16
CA ASN A 164 -9.77 0.77 -10.87
C ASN A 164 -8.49 1.60 -10.77
N SER A 165 -8.62 2.83 -10.29
CA SER A 165 -7.49 3.73 -10.15
C SER A 165 -7.64 4.62 -8.92
N ASP A 166 -6.69 4.53 -8.01
CA ASP A 166 -6.72 5.33 -6.78
C ASP A 166 -5.31 5.56 -6.25
N VAL A 167 -5.20 6.34 -5.18
CA VAL A 167 -3.91 6.64 -4.57
C VAL A 167 -4.01 6.61 -3.05
N ARG A 168 -3.05 5.93 -2.42
CA ARG A 168 -3.02 5.82 -0.97
C ARG A 168 -1.87 6.64 -0.38
N TYR A 169 -2.22 7.53 0.54
CA TYR A 169 -1.21 8.39 1.18
C TYR A 169 -1.34 8.32 2.70
N ILE A 170 -0.20 8.44 3.39
CA ILE A 170 -0.18 8.40 4.84
C ILE A 170 1.23 8.63 5.37
N PRO A 171 1.51 9.88 5.77
CA PRO A 171 2.82 10.26 6.31
C PRO A 171 3.07 9.66 7.69
N PHE A 172 4.22 9.01 7.85
CA PHE A 172 4.58 8.40 9.12
C PHE A 172 6.10 8.27 9.25
N LYS A 173 6.55 7.74 10.38
CA LYS A 173 7.97 7.55 10.64
C LYS A 173 8.26 6.14 11.11
N THR A 174 9.38 5.58 10.64
CA THR A 174 9.77 4.23 11.02
C THR A 174 10.91 4.25 12.02
N ASP A 175 11.18 3.09 12.63
CA ASP A 175 12.25 2.97 13.61
C ASP A 175 13.31 1.98 13.15
N VAL A 176 14.50 2.09 13.74
CA VAL A 176 15.60 1.19 13.38
C VAL A 176 16.47 0.88 14.60
N THR A 177 16.82 -0.39 14.76
CA THR A 177 17.64 -0.81 15.88
C THR A 177 18.18 -2.22 15.66
N GLY A 178 19.25 -2.56 16.38
CA GLY A 178 19.85 -3.88 16.25
C GLY A 178 20.43 -4.38 17.55
N THR A 179 21.63 -4.93 17.49
CA THR A 179 22.31 -5.45 18.67
C THR A 179 23.81 -5.55 18.46
N LEU A 180 24.53 -4.51 18.87
CA LEU A 180 25.98 -4.48 18.72
C LEU A 180 26.63 -3.81 19.92
N GLY A 181 27.45 -4.56 20.65
CA GLY A 181 28.12 -4.03 21.82
C GLY A 181 27.15 -3.41 22.81
N PRO A 182 27.67 -3.03 24.00
CA PRO A 182 26.87 -2.41 25.05
C PRO A 182 26.40 -1.01 24.69
N VAL A 183 25.47 -0.92 23.75
CA VAL A 183 24.94 0.37 23.31
C VAL A 183 24.32 0.27 21.92
N PRO A 184 23.05 -0.16 21.87
CA PRO A 184 22.32 -0.31 20.61
C PRO A 184 22.00 1.03 19.96
N VAL A 185 21.97 1.05 18.63
CA VAL A 185 21.67 2.26 17.89
C VAL A 185 20.20 2.35 17.52
N SER A 186 19.47 3.21 18.21
CA SER A 186 18.03 3.38 17.96
C SER A 186 17.75 4.73 17.32
N THR A 187 17.17 4.70 16.12
CA THR A 187 16.85 5.91 15.39
C THR A 187 15.50 5.80 14.69
N LYS A 188 15.07 6.88 14.06
CA LYS A 188 13.80 6.90 13.35
C LYS A 188 13.83 7.90 12.19
N ILE A 189 12.90 7.74 11.26
CA ILE A 189 12.82 8.64 10.10
C ILE A 189 11.38 8.86 9.68
N GLU A 190 10.96 10.13 9.69
CA GLU A 190 9.59 10.48 9.31
C GLU A 190 9.54 10.92 7.84
N VAL A 191 8.78 10.18 7.03
CA VAL A 191 8.64 10.49 5.62
C VAL A 191 7.19 10.34 5.16
N ASP A 192 6.86 10.98 4.05
CA ASP A 192 5.51 10.90 3.50
C ASP A 192 5.47 10.03 2.25
N PRO A 193 5.21 8.73 2.44
CA PRO A 193 5.15 7.77 1.35
C PRO A 193 3.92 7.98 0.47
N PHE A 194 4.10 7.87 -0.84
CA PHE A 194 3.02 8.05 -1.79
C PHE A 194 2.83 6.81 -2.65
N ILE A 195 1.75 6.09 -2.43
CA ILE A 195 1.46 4.88 -3.20
C ILE A 195 0.35 5.11 -4.21
N LEU A 196 0.55 4.63 -5.43
CA LEU A 196 -0.43 4.79 -6.49
C LEU A 196 -0.88 3.43 -7.02
N SER A 197 -2.17 3.14 -6.82
CA SER A 197 -2.73 1.86 -7.27
C SER A 197 -3.48 2.04 -8.59
N LEU A 198 -3.15 1.19 -9.56
CA LEU A 198 -3.79 1.25 -10.88
C LEU A 198 -3.85 -0.13 -11.51
N GLY A 199 -5.04 -0.52 -11.97
CA GLY A 199 -5.20 -1.81 -12.61
C GLY A 199 -6.64 -2.09 -13.00
N ALA A 200 -7.04 -3.35 -12.93
CA ALA A 200 -8.40 -3.74 -13.29
C ALA A 200 -9.09 -4.47 -12.14
N SER A 201 -10.37 -4.75 -12.31
CA SER A 201 -11.13 -5.45 -11.27
C SER A 201 -12.06 -6.49 -11.89
N TYR A 202 -12.57 -7.39 -11.07
CA TYR A 202 -13.46 -8.45 -11.53
C TYR A 202 -14.69 -8.57 -10.62
N VAL A 203 -15.87 -8.57 -11.21
CA VAL A 203 -17.11 -8.69 -10.46
C VAL A 203 -17.35 -10.13 -10.02
N PHE A 204 -17.99 -10.30 -8.87
CA PHE A 204 -18.29 -11.63 -8.34
C PHE A 204 -19.53 -11.60 -7.46
N LYS A 205 -20.63 -12.12 -7.98
CA LYS A 205 -21.89 -12.17 -7.25
C LYS A 205 -22.15 -13.55 -6.68
N LEU A 206 -23.27 -13.71 -6.00
CA LEU A 206 -23.65 -15.00 -5.41
C LEU A 206 -24.84 -15.60 -6.13
N ALA A 207 -25.02 -16.91 -5.98
CA ALA A 207 -26.13 -17.61 -6.62
C ALA A 207 -27.47 -17.11 -6.10
N ALA A 208 -27.76 -17.38 -4.83
CA ALA A 208 -29.00 -16.96 -4.21
C ALA A 208 -28.80 -16.63 -2.73
N ALA A 209 -29.45 -15.56 -2.28
CA ALA A 209 -29.35 -15.15 -0.88
C ALA A 209 -30.63 -14.49 -0.41
N LEU A 210 -30.92 -14.61 0.89
CA LEU A 210 -32.12 -14.03 1.46
C LEU A 210 -31.77 -12.89 2.41
N GLU A 211 -32.65 -11.89 2.49
CA GLU A 211 -32.42 -10.75 3.36
C GLU A 211 -32.90 -11.05 4.78
N MET A 1 -26.76 -21.24 5.74
CA MET A 1 -27.03 -21.53 4.33
C MET A 1 -26.07 -20.77 3.42
N ASN A 2 -25.71 -21.38 2.30
CA ASN A 2 -24.79 -20.77 1.34
C ASN A 2 -24.79 -21.52 0.02
N GLU A 3 -24.34 -20.85 -1.03
CA GLU A 3 -24.29 -21.45 -2.36
C GLU A 3 -23.15 -20.87 -3.18
N ASN A 4 -22.66 -21.66 -4.13
CA ASN A 4 -21.56 -21.22 -5.00
C ASN A 4 -22.02 -21.11 -6.45
N TYR A 5 -22.22 -19.88 -6.91
CA TYR A 5 -22.65 -19.64 -8.28
C TYR A 5 -21.60 -18.86 -9.06
N PRO A 6 -21.69 -18.93 -10.40
CA PRO A 6 -20.75 -18.24 -11.29
C PRO A 6 -20.93 -16.72 -11.25
N ALA A 7 -20.06 -16.02 -11.96
CA ALA A 7 -20.12 -14.56 -12.01
C ALA A 7 -21.05 -14.09 -13.12
N LYS A 8 -22.17 -13.51 -12.73
CA LYS A 8 -23.16 -13.01 -13.68
C LYS A 8 -22.93 -11.53 -13.98
N SER A 9 -22.54 -10.78 -12.95
CA SER A 9 -22.30 -9.36 -13.10
C SER A 9 -23.57 -8.62 -13.49
N ALA A 10 -24.70 -9.07 -12.94
CA ALA A 10 -25.99 -8.46 -13.22
C ALA A 10 -26.14 -7.12 -12.51
N GLY A 11 -25.59 -7.04 -11.30
CA GLY A 11 -25.68 -5.82 -10.53
C GLY A 11 -24.74 -5.83 -9.33
N TYR A 12 -25.17 -5.20 -8.24
CA TYR A 12 -24.36 -5.13 -7.03
C TYR A 12 -25.22 -4.77 -5.82
N ASN A 13 -25.23 -5.66 -4.83
CA ASN A 13 -26.01 -5.44 -3.61
C ASN A 13 -25.16 -5.70 -2.36
N GLN A 14 -25.74 -5.43 -1.20
CA GLN A 14 -25.03 -5.63 0.06
C GLN A 14 -24.55 -7.07 0.19
N GLY A 15 -23.30 -7.23 0.62
CA GLY A 15 -22.74 -8.56 0.78
C GLY A 15 -22.10 -9.07 -0.49
N ASP A 16 -22.02 -8.21 -1.50
CA ASP A 16 -21.42 -8.59 -2.78
C ASP A 16 -19.91 -8.60 -2.69
N TRP A 17 -19.29 -9.52 -3.41
CA TRP A 17 -17.83 -9.65 -3.41
C TRP A 17 -17.25 -9.14 -4.72
N VAL A 18 -16.01 -8.63 -4.66
CA VAL A 18 -15.34 -8.11 -5.84
C VAL A 18 -13.84 -8.38 -5.78
N ALA A 19 -13.31 -9.01 -6.81
CA ALA A 19 -11.89 -9.32 -6.88
C ALA A 19 -11.19 -8.48 -7.94
N SER A 20 -10.32 -7.59 -7.48
CA SER A 20 -9.59 -6.71 -8.39
C SER A 20 -8.08 -6.83 -8.17
N PHE A 21 -7.31 -6.69 -9.25
CA PHE A 21 -5.87 -6.80 -9.18
C PHE A 21 -5.20 -5.57 -9.81
N ASN A 22 -4.38 -4.89 -9.02
CA ASN A 22 -3.69 -3.70 -9.49
C ASN A 22 -2.31 -3.56 -8.84
N PHE A 23 -1.42 -2.82 -9.48
CA PHE A 23 -0.08 -2.62 -8.96
C PHE A 23 0.00 -1.35 -8.13
N SER A 24 0.62 -1.44 -6.95
CA SER A 24 0.75 -0.30 -6.06
C SER A 24 2.14 0.33 -6.20
N LYS A 25 2.16 1.58 -6.68
CA LYS A 25 3.41 2.29 -6.87
C LYS A 25 3.73 3.14 -5.64
N VAL A 26 4.75 2.71 -4.88
CA VAL A 26 5.16 3.44 -3.69
C VAL A 26 6.16 4.53 -4.02
N TYR A 27 6.02 5.67 -3.36
CA TYR A 27 6.93 6.79 -3.58
C TYR A 27 7.38 7.40 -2.26
N VAL A 28 8.68 7.27 -1.97
CA VAL A 28 9.24 7.80 -0.74
C VAL A 28 9.34 9.33 -0.80
N GLY A 29 9.91 9.91 0.25
CA GLY A 29 10.06 11.35 0.30
C GLY A 29 11.41 11.81 -0.21
N GLU A 30 12.12 12.58 0.62
CA GLU A 30 13.43 13.09 0.24
C GLU A 30 14.53 12.14 0.71
N GLU A 31 14.69 12.02 2.03
CA GLU A 31 15.71 11.15 2.60
C GLU A 31 15.27 10.62 3.95
N LEU A 32 16.16 9.91 4.63
CA LEU A 32 15.87 9.34 5.94
C LEU A 32 16.15 10.35 7.05
N GLY A 33 16.05 9.90 8.29
CA GLY A 33 16.29 10.77 9.42
C GLY A 33 17.77 10.97 9.69
N ASP A 34 18.46 11.60 8.75
CA ASP A 34 19.90 11.85 8.88
C ASP A 34 20.15 13.19 9.56
N LEU A 35 19.51 13.41 10.70
CA LEU A 35 19.66 14.67 11.43
C LEU A 35 19.78 14.40 12.93
N ASN A 36 20.64 13.46 13.30
CA ASN A 36 20.84 13.11 14.70
C ASN A 36 21.89 14.02 15.33
N VAL A 37 21.53 14.60 16.48
CA VAL A 37 22.44 15.49 17.19
C VAL A 37 23.73 14.76 17.60
N GLY A 38 24.87 15.38 17.32
CA GLY A 38 26.14 14.78 17.67
C GLY A 38 27.22 15.09 16.65
N GLY A 39 28.06 14.09 16.37
CA GLY A 39 29.14 14.29 15.42
C GLY A 39 28.93 13.49 14.15
N GLY A 40 28.04 13.96 13.29
CA GLY A 40 27.75 13.28 12.05
C GLY A 40 28.78 13.59 10.97
N ALA A 41 28.35 13.54 9.71
CA ALA A 41 29.24 13.82 8.59
C ALA A 41 28.75 15.02 7.79
N LEU A 42 29.60 15.52 6.90
CA LEU A 42 29.25 16.67 6.07
C LEU A 42 28.01 16.38 5.22
N PRO A 43 28.13 15.34 4.35
CA PRO A 43 27.03 14.94 3.47
C PRO A 43 25.87 14.31 4.24
N ASN A 44 24.76 14.08 3.55
CA ASN A 44 23.58 13.48 4.16
C ASN A 44 23.22 12.17 3.46
N ALA A 45 22.37 11.38 4.12
CA ALA A 45 21.94 10.10 3.57
C ALA A 45 20.95 10.31 2.42
N ASP A 46 20.43 9.19 1.90
CA ASP A 46 19.48 9.25 0.80
C ASP A 46 18.78 7.90 0.62
N VAL A 47 17.45 7.92 0.63
CA VAL A 47 16.67 6.70 0.47
C VAL A 47 16.04 6.63 -0.92
N SER A 48 16.19 5.49 -1.58
CA SER A 48 15.63 5.30 -2.92
C SER A 48 15.50 3.81 -3.24
N ILE A 49 14.52 3.49 -4.08
CA ILE A 49 14.29 2.10 -4.48
C ILE A 49 14.88 1.82 -5.86
N GLY A 50 15.14 0.54 -6.12
CA GLY A 50 15.71 0.15 -7.39
C GLY A 50 14.69 0.26 -8.53
N ASN A 51 14.81 -0.63 -9.51
CA ASN A 51 13.91 -0.63 -10.66
C ASN A 51 13.26 -1.99 -10.84
N ASP A 52 11.95 -2.06 -10.60
CA ASP A 52 11.21 -3.30 -10.74
C ASP A 52 9.71 -3.04 -10.78
N THR A 53 8.97 -4.00 -11.33
CA THR A 53 7.52 -3.86 -11.44
C THR A 53 6.82 -5.06 -10.82
N THR A 54 5.92 -4.78 -9.86
CA THR A 54 5.18 -5.83 -9.18
C THR A 54 3.71 -5.44 -9.01
N LEU A 55 2.82 -6.41 -9.22
CA LEU A 55 1.39 -6.17 -9.08
C LEU A 55 0.88 -6.65 -7.73
N THR A 56 -0.21 -6.04 -7.27
CA THR A 56 -0.80 -6.41 -5.98
C THR A 56 -2.25 -6.82 -6.15
N PHE A 57 -2.78 -7.52 -5.15
CA PHE A 57 -4.17 -7.97 -5.18
C PHE A 57 -5.04 -7.14 -4.23
N ASP A 58 -6.19 -6.71 -4.72
CA ASP A 58 -7.11 -5.90 -3.93
C ASP A 58 -8.48 -6.55 -3.87
N ILE A 59 -9.02 -6.69 -2.66
CA ILE A 59 -10.33 -7.30 -2.47
C ILE A 59 -11.37 -6.24 -2.11
N ALA A 60 -12.33 -6.04 -3.00
CA ALA A 60 -13.40 -5.06 -2.76
C ALA A 60 -14.70 -5.75 -2.38
N TYR A 61 -15.39 -5.19 -1.40
CA TYR A 61 -16.66 -5.74 -0.94
C TYR A 61 -17.78 -4.72 -1.04
N PHE A 62 -18.82 -5.05 -1.79
CA PHE A 62 -19.97 -4.16 -1.96
C PHE A 62 -21.01 -4.39 -0.87
N VAL A 63 -21.03 -3.50 0.12
CA VAL A 63 -21.98 -3.60 1.22
C VAL A 63 -23.15 -2.65 1.03
N SER A 64 -22.88 -1.49 0.42
CA SER A 64 -23.91 -0.50 0.17
C SER A 64 -23.79 0.08 -1.24
N SER A 65 -24.88 0.64 -1.73
CA SER A 65 -24.90 1.22 -3.07
C SER A 65 -24.36 2.65 -3.05
N ASN A 66 -23.91 3.09 -1.88
CA ASN A 66 -23.36 4.43 -1.73
C ASN A 66 -21.88 4.37 -1.36
N ILE A 67 -21.50 3.32 -0.65
CA ILE A 67 -20.10 3.15 -0.23
C ILE A 67 -19.66 1.70 -0.40
N ALA A 68 -18.34 1.50 -0.50
CA ALA A 68 -17.80 0.16 -0.66
C ALA A 68 -16.44 0.04 0.05
N VAL A 69 -16.07 -1.18 0.38
CA VAL A 69 -14.81 -1.44 1.07
C VAL A 69 -13.78 -2.07 0.13
N ASP A 70 -12.52 -1.73 0.33
CA ASP A 70 -11.44 -2.26 -0.50
C ASP A 70 -10.21 -2.57 0.34
N PHE A 71 -9.70 -3.79 0.20
CA PHE A 71 -8.52 -4.22 0.95
C PHE A 71 -7.31 -4.35 0.04
N PHE A 72 -6.36 -3.45 0.20
CA PHE A 72 -5.14 -3.45 -0.60
C PHE A 72 -4.08 -4.36 0.01
N VAL A 73 -3.73 -5.43 -0.69
CA VAL A 73 -2.73 -6.37 -0.20
C VAL A 73 -1.82 -6.83 -1.34
N GLY A 74 -0.61 -7.27 -0.99
CA GLY A 74 0.33 -7.73 -1.99
C GLY A 74 1.47 -8.54 -1.38
N VAL A 75 1.89 -9.58 -2.09
CA VAL A 75 2.98 -10.43 -1.62
C VAL A 75 4.16 -10.40 -2.58
N PRO A 76 4.80 -9.23 -2.69
CA PRO A 76 5.96 -9.05 -3.57
C PRO A 76 7.20 -9.79 -3.08
N ALA A 77 8.15 -9.99 -3.98
CA ALA A 77 9.39 -10.68 -3.63
C ALA A 77 10.34 -9.76 -2.88
N ARG A 78 11.56 -10.25 -2.64
CA ARG A 78 12.57 -9.48 -1.93
C ARG A 78 13.21 -8.44 -2.85
N ALA A 79 13.31 -7.21 -2.37
CA ALA A 79 13.90 -6.13 -3.16
C ALA A 79 14.94 -5.36 -2.33
N LYS A 80 15.94 -4.81 -3.02
CA LYS A 80 16.99 -4.05 -2.36
C LYS A 80 16.86 -2.56 -2.67
N PHE A 81 16.97 -1.72 -1.64
CA PHE A 81 16.87 -0.28 -1.81
C PHE A 81 17.97 0.43 -1.04
N GLN A 82 18.26 1.66 -1.44
CA GLN A 82 19.31 2.46 -0.79
C GLN A 82 18.72 3.30 0.34
N GLY A 83 19.57 3.67 1.29
CA GLY A 83 19.12 4.48 2.42
C GLY A 83 20.25 4.86 3.34
N GLU A 84 21.19 5.67 2.83
CA GLU A 84 22.33 6.11 3.62
C GLU A 84 23.16 7.13 2.85
N LYS A 85 24.29 7.52 3.43
CA LYS A 85 25.18 8.49 2.80
C LYS A 85 26.14 7.79 1.83
N SER A 86 27.08 7.03 2.39
CA SER A 86 28.07 6.32 1.58
C SER A 86 27.51 4.98 1.10
N ILE A 87 26.66 4.38 1.93
CA ILE A 87 26.05 3.10 1.59
C ILE A 87 25.11 3.22 0.40
N SER A 88 24.44 4.37 0.30
CA SER A 88 23.51 4.62 -0.80
C SER A 88 24.24 4.62 -2.13
N SER A 89 25.42 5.22 -2.17
CA SER A 89 26.21 5.29 -3.38
C SER A 89 26.57 3.90 -3.88
N LEU A 90 26.84 2.99 -2.95
CA LEU A 90 27.19 1.62 -3.29
C LEU A 90 26.03 0.91 -3.98
N GLY A 91 24.84 0.99 -3.38
CA GLY A 91 23.68 0.36 -3.96
C GLY A 91 23.12 -0.75 -3.07
N ARG A 92 23.90 -1.16 -2.09
CA ARG A 92 23.48 -2.22 -1.18
C ARG A 92 23.34 -1.68 0.24
N VAL A 93 22.16 -1.21 0.58
CA VAL A 93 21.89 -0.66 1.91
C VAL A 93 20.89 -1.53 2.67
N SER A 94 19.75 -1.78 2.04
CA SER A 94 18.70 -2.59 2.66
C SER A 94 18.07 -3.53 1.64
N GLU A 95 17.73 -4.73 2.09
CA GLU A 95 17.12 -5.72 1.21
C GLU A 95 16.09 -6.57 1.97
N VAL A 96 14.82 -6.44 1.60
CA VAL A 96 13.75 -7.18 2.25
C VAL A 96 12.51 -7.23 1.36
N ASP A 97 11.45 -7.86 1.88
CA ASP A 97 10.20 -7.98 1.14
C ASP A 97 9.20 -6.91 1.59
N TYR A 98 8.35 -6.49 0.67
CA TYR A 98 7.35 -5.47 0.97
C TYR A 98 6.03 -6.12 1.38
N GLY A 99 5.52 -5.73 2.55
CA GLY A 99 4.27 -6.27 3.05
C GLY A 99 3.21 -5.21 3.24
N PRO A 100 2.81 -4.56 2.14
CA PRO A 100 1.79 -3.51 2.18
C PRO A 100 0.40 -4.05 2.48
N ALA A 101 -0.21 -3.54 3.55
CA ALA A 101 -1.54 -3.97 3.95
C ALA A 101 -2.40 -2.79 4.39
N ILE A 102 -3.22 -2.29 3.48
CA ILE A 102 -4.10 -1.16 3.78
C ILE A 102 -5.54 -1.45 3.39
N LEU A 103 -6.43 -1.47 4.39
CA LEU A 103 -7.84 -1.73 4.15
C LEU A 103 -8.69 -0.50 4.44
N SER A 104 -9.28 0.07 3.40
CA SER A 104 -10.12 1.25 3.54
C SER A 104 -11.34 1.16 2.65
N LEU A 105 -12.32 2.02 2.90
CA LEU A 105 -13.55 2.04 2.12
C LEU A 105 -13.66 3.33 1.31
N GLN A 106 -14.18 3.21 0.09
CA GLN A 106 -14.34 4.37 -0.78
C GLN A 106 -15.79 4.86 -0.79
N TYR A 107 -15.97 6.15 -1.02
CA TYR A 107 -17.30 6.74 -1.05
C TYR A 107 -17.35 7.92 -2.00
N HIS A 108 -18.42 7.99 -2.81
CA HIS A 108 -18.58 9.07 -3.77
C HIS A 108 -18.78 10.40 -3.05
N TYR A 109 -17.74 11.24 -3.06
CA TYR A 109 -17.80 12.54 -2.41
C TYR A 109 -17.81 13.66 -3.44
N ASP A 110 -18.90 14.42 -3.48
CA ASP A 110 -19.03 15.52 -4.42
C ASP A 110 -20.18 16.44 -4.01
N SER A 111 -20.22 17.63 -4.61
CA SER A 111 -21.25 18.60 -4.31
C SER A 111 -22.52 18.31 -5.10
N PHE A 112 -22.35 18.05 -6.39
CA PHE A 112 -23.48 17.76 -7.27
C PHE A 112 -23.14 16.62 -8.22
N GLU A 113 -24.19 15.94 -8.73
CA GLU A 113 -24.00 14.83 -9.65
C GLU A 113 -23.11 15.24 -10.81
N ARG A 114 -21.89 14.71 -10.83
CA ARG A 114 -20.94 15.02 -11.89
C ARG A 114 -19.84 13.96 -11.97
N LEU A 115 -19.16 13.90 -13.11
CA LEU A 115 -18.09 12.93 -13.30
C LEU A 115 -16.87 13.30 -12.45
N TYR A 116 -16.74 12.63 -11.30
CA TYR A 116 -15.63 12.89 -10.40
C TYR A 116 -15.24 11.61 -9.65
N PRO A 117 -14.00 11.59 -9.13
CA PRO A 117 -13.49 10.44 -8.38
C PRO A 117 -14.17 10.28 -7.02
N TYR A 118 -13.80 9.23 -6.30
CA TYR A 118 -14.36 8.95 -4.99
C TYR A 118 -13.29 9.03 -3.90
N VAL A 119 -13.71 9.40 -2.69
CA VAL A 119 -12.78 9.52 -1.57
C VAL A 119 -12.95 8.33 -0.62
N GLY A 120 -11.82 7.75 -0.22
CA GLY A 120 -11.86 6.62 0.70
C GLY A 120 -10.89 6.78 1.86
N VAL A 121 -11.13 6.03 2.92
CA VAL A 121 -10.28 6.09 4.11
C VAL A 121 -10.38 4.80 4.93
N GLY A 122 -9.33 4.50 5.69
CA GLY A 122 -9.31 3.31 6.50
C GLY A 122 -8.01 3.14 7.26
N VAL A 123 -7.62 1.89 7.47
CA VAL A 123 -6.38 1.59 8.19
C VAL A 123 -5.29 1.12 7.23
N GLY A 124 -4.11 1.70 7.37
CA GLY A 124 -2.99 1.32 6.52
C GLY A 124 -1.77 0.89 7.30
N ARG A 125 -1.44 -0.39 7.22
CA ARG A 125 -0.29 -0.94 7.95
C ARG A 125 0.77 -1.42 6.97
N VAL A 126 2.02 -0.99 7.20
CA VAL A 126 3.13 -1.38 6.34
C VAL A 126 4.09 -2.31 7.08
N LEU A 127 4.16 -3.55 6.64
CA LEU A 127 5.04 -4.53 7.26
C LEU A 127 6.12 -4.98 6.29
N PHE A 128 7.09 -5.74 6.79
CA PHE A 128 8.19 -6.24 5.97
C PHE A 128 8.54 -7.68 6.33
N PHE A 129 9.51 -8.24 5.63
CA PHE A 129 9.94 -9.61 5.88
C PHE A 129 11.39 -9.66 6.32
N ASP A 130 11.62 -10.17 7.52
CA ASP A 130 12.97 -10.27 8.06
C ASP A 130 13.91 -10.97 7.08
N LYS A 131 14.72 -10.17 6.38
CA LYS A 131 15.67 -10.71 5.41
C LYS A 131 17.08 -10.17 5.65
N THR A 132 17.32 -8.95 5.18
CA THR A 132 18.62 -8.31 5.34
C THR A 132 18.54 -6.81 5.06
N ASP A 133 18.26 -6.04 6.09
CA ASP A 133 18.16 -4.58 5.96
C ASP A 133 19.36 -3.89 6.60
N GLY A 134 19.46 -2.59 6.40
CA GLY A 134 20.55 -1.83 6.96
C GLY A 134 21.89 -2.25 6.40
N ALA A 135 22.85 -1.33 6.38
CA ALA A 135 24.19 -1.61 5.87
C ALA A 135 25.02 -2.37 6.89
N LEU A 136 24.44 -2.61 8.06
CA LEU A 136 25.13 -3.33 9.13
C LEU A 136 24.93 -4.83 8.99
N SER A 137 25.48 -5.59 9.93
CA SER A 137 25.37 -7.04 9.90
C SER A 137 23.93 -7.48 10.11
N SER A 138 23.24 -7.77 9.02
CA SER A 138 21.85 -8.21 9.08
C SER A 138 21.04 -7.29 9.99
N PHE A 139 20.73 -6.09 9.51
CA PHE A 139 19.96 -5.13 10.27
C PHE A 139 18.47 -5.31 10.05
N ASP A 140 17.67 -5.02 11.07
CA ASP A 140 16.22 -5.16 10.99
C ASP A 140 15.56 -3.79 10.89
N ILE A 141 14.33 -3.76 10.39
CA ILE A 141 13.58 -2.52 10.25
C ILE A 141 12.21 -2.62 10.93
N LYS A 142 11.99 -1.78 11.93
CA LYS A 142 10.73 -1.76 12.65
C LYS A 142 9.60 -1.24 11.76
N ASP A 143 8.68 -2.13 11.39
CA ASP A 143 7.55 -1.76 10.54
C ASP A 143 6.74 -0.64 11.18
N LYS A 144 5.60 -0.32 10.58
CA LYS A 144 4.74 0.73 11.08
C LYS A 144 3.27 0.44 10.75
N TRP A 145 2.37 1.11 11.44
CA TRP A 145 0.93 0.93 11.20
C TRP A 145 0.15 2.15 11.67
N ALA A 146 -0.84 2.55 10.87
CA ALA A 146 -1.66 3.71 11.19
C ALA A 146 -2.73 3.93 10.14
N PRO A 147 -3.71 4.80 10.45
CA PRO A 147 -4.81 5.11 9.54
C PRO A 147 -4.34 5.93 8.34
N ALA A 148 -4.87 5.59 7.16
CA ALA A 148 -4.51 6.30 5.93
C ALA A 148 -5.75 6.66 5.13
N PHE A 149 -5.58 7.56 4.16
CA PHE A 149 -6.69 7.99 3.32
C PHE A 149 -6.38 7.75 1.84
N GLN A 150 -7.27 7.04 1.16
CA GLN A 150 -7.08 6.75 -0.26
C GLN A 150 -8.09 7.53 -1.11
N VAL A 151 -7.73 7.75 -2.37
CA VAL A 151 -8.59 8.47 -3.29
C VAL A 151 -8.49 7.92 -4.71
N GLY A 152 -9.63 7.55 -5.28
CA GLY A 152 -9.65 7.01 -6.63
C GLY A 152 -11.05 6.75 -7.13
N LEU A 153 -11.15 6.01 -8.24
CA LEU A 153 -12.45 5.69 -8.83
C LEU A 153 -12.43 4.29 -9.42
N ARG A 154 -13.62 3.73 -9.63
CA ARG A 154 -13.74 2.39 -10.20
C ARG A 154 -14.48 2.43 -11.54
N TYR A 155 -13.79 1.99 -12.59
CA TYR A 155 -14.38 1.98 -13.93
C TYR A 155 -14.87 0.60 -14.30
N ASP A 156 -16.04 0.54 -14.94
CA ASP A 156 -16.62 -0.73 -15.36
C ASP A 156 -16.61 -0.87 -16.87
N LEU A 157 -15.56 -1.47 -17.41
CA LEU A 157 -15.43 -1.67 -18.84
C LEU A 157 -16.13 -2.95 -19.29
N GLY A 158 -17.36 -2.80 -19.77
CA GLY A 158 -18.13 -3.95 -20.22
C GLY A 158 -18.31 -4.99 -19.13
N ASN A 159 -18.18 -6.26 -19.49
CA ASN A 159 -18.35 -7.34 -18.53
C ASN A 159 -17.06 -8.16 -18.41
N SER A 160 -16.31 -8.23 -19.51
CA SER A 160 -15.06 -8.99 -19.52
C SER A 160 -14.20 -8.64 -18.31
N TRP A 161 -13.72 -7.40 -18.28
CA TRP A 161 -12.87 -6.93 -17.19
C TRP A 161 -13.13 -5.47 -16.88
N MET A 162 -12.93 -5.08 -15.63
CA MET A 162 -13.15 -3.70 -15.21
C MET A 162 -11.82 -3.01 -14.93
N LEU A 163 -11.88 -1.72 -14.58
CA LEU A 163 -10.68 -0.95 -14.28
C LEU A 163 -10.79 -0.29 -12.92
N ASN A 164 -9.65 -0.11 -12.26
CA ASN A 164 -9.62 0.51 -10.93
C ASN A 164 -8.36 1.38 -10.78
N SER A 165 -8.56 2.61 -10.30
CA SER A 165 -7.44 3.53 -10.11
C SER A 165 -7.64 4.35 -8.83
N ASP A 166 -6.66 4.29 -7.94
CA ASP A 166 -6.71 5.03 -6.68
C ASP A 166 -5.31 5.29 -6.14
N VAL A 167 -5.23 6.13 -5.12
CA VAL A 167 -3.95 6.46 -4.50
C VAL A 167 -4.09 6.60 -2.99
N ARG A 168 -3.17 5.99 -2.25
CA ARG A 168 -3.18 6.05 -0.79
C ARG A 168 -2.15 7.05 -0.28
N TYR A 169 -2.51 7.77 0.78
CA TYR A 169 -1.61 8.76 1.37
C TYR A 169 -1.72 8.75 2.89
N ILE A 170 -0.58 8.84 3.56
CA ILE A 170 -0.54 8.84 5.02
C ILE A 170 0.88 9.02 5.53
N PRO A 171 1.21 10.25 5.97
CA PRO A 171 2.53 10.57 6.50
C PRO A 171 2.80 9.91 7.85
N PHE A 172 3.90 9.16 7.93
CA PHE A 172 4.26 8.48 9.17
C PHE A 172 5.78 8.31 9.28
N LYS A 173 6.23 7.74 10.38
CA LYS A 173 7.66 7.53 10.61
C LYS A 173 7.92 6.09 11.04
N THR A 174 8.83 5.43 10.33
CA THR A 174 9.18 4.04 10.65
C THR A 174 10.40 3.98 11.57
N ASP A 175 10.74 2.78 12.00
CA ASP A 175 11.88 2.58 12.88
C ASP A 175 12.84 1.53 12.32
N VAL A 176 14.07 1.51 12.84
CA VAL A 176 15.07 0.56 12.39
C VAL A 176 16.01 0.18 13.51
N THR A 177 16.26 -1.12 13.65
CA THR A 177 17.16 -1.62 14.69
C THR A 177 17.55 -3.07 14.43
N GLY A 178 18.41 -3.61 15.30
CA GLY A 178 18.85 -4.98 15.14
C GLY A 178 20.36 -5.09 15.02
N THR A 179 20.93 -6.12 15.62
CA THR A 179 22.37 -6.33 15.58
C THR A 179 22.75 -7.68 16.21
N LEU A 180 23.72 -8.35 15.60
CA LEU A 180 24.17 -9.64 16.09
C LEU A 180 25.51 -9.52 16.81
N GLY A 181 25.46 -9.27 18.11
CA GLY A 181 26.68 -9.13 18.89
C GLY A 181 26.74 -7.82 19.64
N PRO A 182 27.23 -6.77 18.97
CA PRO A 182 27.35 -5.44 19.56
C PRO A 182 25.99 -4.78 19.81
N VAL A 183 26.01 -3.50 20.16
CA VAL A 183 24.78 -2.76 20.41
C VAL A 183 24.19 -2.21 19.12
N PRO A 184 22.91 -2.53 18.88
CA PRO A 184 22.20 -2.07 17.68
C PRO A 184 21.94 -0.57 17.69
N VAL A 185 21.57 -0.02 16.53
CA VAL A 185 21.29 1.40 16.41
C VAL A 185 19.81 1.65 16.11
N SER A 186 19.09 2.14 17.10
CA SER A 186 17.66 2.42 16.94
C SER A 186 17.44 3.76 16.25
N THR A 187 17.03 3.70 14.98
CA THR A 187 16.79 4.91 14.19
C THR A 187 15.35 4.95 13.70
N LYS A 188 14.99 6.06 13.06
CA LYS A 188 13.64 6.23 12.54
C LYS A 188 13.65 7.11 11.28
N ILE A 189 12.56 7.06 10.53
CA ILE A 189 12.44 7.85 9.31
C ILE A 189 11.01 8.37 9.11
N GLU A 190 10.82 9.66 9.36
CA GLU A 190 9.50 10.27 9.20
C GLU A 190 9.32 10.82 7.78
N VAL A 191 8.58 10.07 6.97
CA VAL A 191 8.32 10.48 5.59
C VAL A 191 6.87 10.22 5.20
N ASP A 192 6.44 10.84 4.10
CA ASP A 192 5.07 10.66 3.62
C ASP A 192 5.06 9.87 2.32
N PRO A 193 4.98 8.53 2.45
CA PRO A 193 4.96 7.61 1.30
C PRO A 193 3.65 7.72 0.51
N PHE A 194 3.75 7.61 -0.81
CA PHE A 194 2.57 7.68 -1.67
C PHE A 194 2.40 6.38 -2.46
N ILE A 195 1.24 5.76 -2.33
CA ILE A 195 0.95 4.52 -3.04
C ILE A 195 -0.09 4.75 -4.14
N LEU A 196 0.21 4.23 -5.33
CA LEU A 196 -0.69 4.37 -6.47
C LEU A 196 -1.12 3.01 -6.99
N SER A 197 -2.38 2.66 -6.76
CA SER A 197 -2.91 1.38 -7.20
C SER A 197 -3.63 1.53 -8.54
N LEU A 198 -3.15 0.80 -9.55
CA LEU A 198 -3.74 0.85 -10.88
C LEU A 198 -3.81 -0.54 -11.50
N GLY A 199 -5.01 -0.95 -11.90
CA GLY A 199 -5.18 -2.26 -12.51
C GLY A 199 -6.61 -2.50 -12.96
N ALA A 200 -7.04 -3.76 -12.91
CA ALA A 200 -8.38 -4.12 -13.32
C ALA A 200 -9.19 -4.67 -12.14
N SER A 201 -10.48 -4.85 -12.35
CA SER A 201 -11.36 -5.37 -11.30
C SER A 201 -12.34 -6.39 -11.87
N TYR A 202 -12.86 -7.25 -11.00
CA TYR A 202 -13.80 -8.29 -11.40
C TYR A 202 -14.93 -8.43 -10.39
N VAL A 203 -16.15 -8.53 -10.89
CA VAL A 203 -17.32 -8.66 -10.03
C VAL A 203 -17.44 -10.08 -9.50
N PHE A 204 -17.97 -10.22 -8.28
CA PHE A 204 -18.14 -11.54 -7.67
C PHE A 204 -19.41 -11.57 -6.83
N LYS A 205 -20.53 -11.91 -7.46
CA LYS A 205 -21.81 -11.98 -6.76
C LYS A 205 -21.84 -13.18 -5.81
N LEU A 206 -22.84 -13.19 -4.94
CA LEU A 206 -22.98 -14.28 -3.97
C LEU A 206 -24.03 -15.29 -4.44
N ALA A 207 -25.12 -14.80 -5.00
CA ALA A 207 -26.19 -15.66 -5.50
C ALA A 207 -26.78 -15.10 -6.79
N ALA A 208 -27.04 -15.98 -7.75
CA ALA A 208 -27.61 -15.58 -9.03
C ALA A 208 -29.09 -15.94 -9.11
N ALA A 209 -29.44 -17.09 -8.52
CA ALA A 209 -30.83 -17.54 -8.52
C ALA A 209 -31.15 -18.34 -7.27
N LEU A 210 -32.42 -18.41 -6.92
CA LEU A 210 -32.86 -19.15 -5.73
C LEU A 210 -34.28 -19.67 -5.91
N GLU A 211 -34.42 -20.99 -5.93
CA GLU A 211 -35.73 -21.61 -6.09
C GLU A 211 -36.42 -21.12 -7.35
N MET A 1 -49.89 -16.70 -25.76
CA MET A 1 -48.99 -17.52 -26.56
C MET A 1 -47.58 -16.91 -26.58
N ASN A 2 -46.58 -17.76 -26.82
CA ASN A 2 -45.20 -17.31 -26.86
C ASN A 2 -44.92 -16.28 -25.77
N GLU A 3 -45.48 -16.53 -24.59
CA GLU A 3 -45.30 -15.62 -23.46
C GLU A 3 -43.93 -15.83 -22.81
N ASN A 4 -43.15 -14.75 -22.73
CA ASN A 4 -41.82 -14.82 -22.14
C ASN A 4 -41.59 -13.64 -21.19
N TYR A 5 -40.54 -13.74 -20.39
CA TYR A 5 -40.21 -12.69 -19.43
C TYR A 5 -38.72 -12.37 -19.47
N PRO A 6 -38.36 -11.16 -19.01
CA PRO A 6 -36.97 -10.71 -18.98
C PRO A 6 -36.13 -11.44 -17.95
N ALA A 7 -34.88 -11.72 -18.28
CA ALA A 7 -33.98 -12.42 -17.37
C ALA A 7 -33.65 -11.56 -16.15
N LYS A 8 -34.12 -11.99 -14.99
CA LYS A 8 -33.88 -11.27 -13.75
C LYS A 8 -32.46 -11.51 -13.24
N SER A 9 -31.78 -10.45 -12.83
CA SER A 9 -30.41 -10.55 -12.33
C SER A 9 -30.23 -9.66 -11.10
N ALA A 10 -29.40 -10.13 -10.18
CA ALA A 10 -29.12 -9.38 -8.96
C ALA A 10 -28.40 -8.07 -9.25
N GLY A 11 -27.24 -8.17 -9.90
CA GLY A 11 -26.47 -6.99 -10.24
C GLY A 11 -25.50 -6.60 -9.15
N TYR A 12 -26.03 -6.10 -8.04
CA TYR A 12 -25.21 -5.68 -6.91
C TYR A 12 -26.00 -5.72 -5.61
N ASN A 13 -25.58 -6.58 -4.70
CA ASN A 13 -26.24 -6.72 -3.41
C ASN A 13 -25.24 -6.62 -2.26
N GLN A 14 -25.74 -6.27 -1.07
CA GLN A 14 -24.89 -6.14 0.10
C GLN A 14 -24.11 -7.43 0.36
N GLY A 15 -22.78 -7.33 0.37
CA GLY A 15 -21.95 -8.49 0.61
C GLY A 15 -21.31 -9.01 -0.66
N ASP A 16 -21.48 -8.27 -1.75
CA ASP A 16 -20.90 -8.66 -3.04
C ASP A 16 -19.37 -8.71 -2.96
N TRP A 17 -18.78 -9.64 -3.70
CA TRP A 17 -17.33 -9.79 -3.71
C TRP A 17 -16.75 -9.39 -5.06
N VAL A 18 -15.86 -8.41 -5.05
CA VAL A 18 -15.23 -7.92 -6.27
C VAL A 18 -13.71 -8.01 -6.19
N ALA A 19 -13.12 -8.78 -7.10
CA ALA A 19 -11.67 -8.95 -7.12
C ALA A 19 -11.00 -7.85 -7.93
N SER A 20 -10.24 -6.99 -7.25
CA SER A 20 -9.55 -5.88 -7.90
C SER A 20 -8.05 -6.12 -7.94
N PHE A 21 -7.53 -6.38 -9.13
CA PHE A 21 -6.10 -6.63 -9.30
C PHE A 21 -5.42 -5.46 -9.97
N ASN A 22 -4.45 -4.86 -9.29
CA ASN A 22 -3.71 -3.72 -9.83
C ASN A 22 -2.28 -3.69 -9.29
N PHE A 23 -1.49 -2.74 -9.80
CA PHE A 23 -0.11 -2.60 -9.37
C PHE A 23 0.09 -1.33 -8.57
N SER A 24 0.76 -1.44 -7.43
CA SER A 24 1.02 -0.29 -6.57
C SER A 24 2.41 0.28 -6.81
N LYS A 25 2.55 1.59 -6.68
CA LYS A 25 3.83 2.25 -6.88
C LYS A 25 4.17 3.13 -5.69
N VAL A 26 5.14 2.68 -4.89
CA VAL A 26 5.56 3.44 -3.71
C VAL A 26 6.47 4.60 -4.10
N TYR A 27 6.15 5.79 -3.60
CA TYR A 27 6.93 6.98 -3.90
C TYR A 27 7.36 7.68 -2.61
N VAL A 28 8.66 7.57 -2.30
CA VAL A 28 9.20 8.20 -1.11
C VAL A 28 10.71 8.03 -1.04
N GLY A 29 11.38 8.95 -0.35
CA GLY A 29 12.83 8.89 -0.22
C GLY A 29 13.46 10.26 -0.10
N GLU A 30 13.27 10.90 1.05
CA GLU A 30 13.82 12.22 1.29
C GLU A 30 15.23 12.13 1.89
N GLU A 31 15.31 11.60 3.10
CA GLU A 31 16.59 11.45 3.79
C GLU A 31 16.41 10.71 5.12
N LEU A 32 17.47 10.03 5.54
CA LEU A 32 17.43 9.28 6.79
C LEU A 32 18.02 10.11 7.94
N GLY A 33 17.73 9.70 9.16
CA GLY A 33 18.24 10.41 10.33
C GLY A 33 19.74 10.57 10.29
N ASP A 34 20.20 11.76 9.93
CA ASP A 34 21.63 12.04 9.86
C ASP A 34 22.26 11.96 11.24
N LEU A 35 21.94 12.92 12.10
CA LEU A 35 22.48 12.96 13.45
C LEU A 35 21.71 12.02 14.37
N ASN A 36 22.41 11.44 15.34
CA ASN A 36 21.81 10.52 16.30
C ASN A 36 22.12 10.93 17.73
N VAL A 37 21.20 10.63 18.65
CA VAL A 37 21.39 10.97 20.05
C VAL A 37 22.72 10.46 20.56
N GLY A 38 23.15 9.31 20.06
CA GLY A 38 24.42 8.73 20.48
C GLY A 38 25.22 8.18 19.31
N GLY A 39 26.49 8.54 19.25
CA GLY A 39 27.35 8.07 18.17
C GLY A 39 28.05 9.20 17.46
N GLY A 40 29.20 8.90 16.86
CA GLY A 40 29.95 9.91 16.14
C GLY A 40 29.51 10.03 14.70
N ALA A 41 28.88 11.16 14.37
CA ALA A 41 28.42 11.41 13.02
C ALA A 41 29.08 12.64 12.41
N LEU A 42 28.71 12.97 11.18
CA LEU A 42 29.28 14.13 10.50
C LEU A 42 28.73 14.24 9.08
N PRO A 43 28.93 13.18 8.28
CA PRO A 43 28.46 13.14 6.89
C PRO A 43 26.95 13.04 6.79
N ASN A 44 26.40 13.56 5.70
CA ASN A 44 24.95 13.53 5.49
C ASN A 44 24.52 12.22 4.84
N ALA A 45 23.38 11.69 5.28
CA ALA A 45 22.86 10.44 4.75
C ALA A 45 21.96 10.70 3.55
N ASP A 46 21.59 9.63 2.84
CA ASP A 46 20.73 9.75 1.67
C ASP A 46 19.96 8.45 1.45
N VAL A 47 18.63 8.56 1.33
CA VAL A 47 17.79 7.39 1.11
C VAL A 47 17.31 7.33 -0.34
N SER A 48 17.34 6.13 -0.91
CA SER A 48 16.91 5.93 -2.28
C SER A 48 16.29 4.55 -2.47
N ILE A 49 15.43 4.43 -3.48
CA ILE A 49 14.77 3.15 -3.76
C ILE A 49 15.11 2.67 -5.17
N GLY A 50 15.03 1.35 -5.37
CA GLY A 50 15.33 0.79 -6.67
C GLY A 50 14.16 0.91 -7.64
N ASN A 51 13.73 -0.22 -8.19
CA ASN A 51 12.61 -0.24 -9.13
C ASN A 51 11.28 -0.24 -8.39
N ASP A 52 11.24 -0.92 -7.25
CA ASP A 52 10.01 -0.99 -6.45
C ASP A 52 8.79 -1.19 -7.35
N THR A 53 8.94 -2.03 -8.36
CA THR A 53 7.85 -2.31 -9.29
C THR A 53 7.32 -3.72 -9.09
N THR A 54 6.07 -3.81 -8.62
CA THR A 54 5.44 -5.10 -8.38
C THR A 54 3.92 -4.98 -8.47
N LEU A 55 3.24 -6.13 -8.38
CA LEU A 55 1.78 -6.16 -8.45
C LEU A 55 1.17 -6.10 -7.06
N THR A 56 -0.14 -5.89 -7.01
CA THR A 56 -0.85 -5.81 -5.73
C THR A 56 -2.27 -6.32 -5.86
N PHE A 57 -2.74 -7.03 -4.84
CA PHE A 57 -4.10 -7.57 -4.85
C PHE A 57 -5.02 -6.73 -3.96
N ASP A 58 -6.19 -6.40 -4.49
CA ASP A 58 -7.17 -5.60 -3.75
C ASP A 58 -8.55 -6.25 -3.80
N ILE A 59 -9.17 -6.40 -2.63
CA ILE A 59 -10.50 -7.00 -2.54
C ILE A 59 -11.56 -5.96 -2.22
N ALA A 60 -12.44 -5.70 -3.18
CA ALA A 60 -13.51 -4.73 -2.99
C ALA A 60 -14.84 -5.41 -2.71
N TYR A 61 -15.43 -5.09 -1.57
CA TYR A 61 -16.71 -5.69 -1.18
C TYR A 61 -17.85 -4.68 -1.31
N PHE A 62 -18.86 -5.02 -2.11
CA PHE A 62 -19.99 -4.15 -2.33
C PHE A 62 -21.09 -4.40 -1.28
N VAL A 63 -21.23 -3.46 -0.34
CA VAL A 63 -22.22 -3.58 0.71
C VAL A 63 -23.43 -2.68 0.43
N SER A 64 -23.15 -1.43 0.09
CA SER A 64 -24.22 -0.47 -0.20
C SER A 64 -24.03 0.14 -1.58
N SER A 65 -25.08 0.80 -2.07
CA SER A 65 -25.03 1.42 -3.39
C SER A 65 -24.48 2.84 -3.30
N ASN A 66 -24.08 3.24 -2.10
CA ASN A 66 -23.53 4.57 -1.87
C ASN A 66 -22.05 4.49 -1.49
N ILE A 67 -21.69 3.44 -0.78
CA ILE A 67 -20.31 3.24 -0.34
C ILE A 67 -19.95 1.76 -0.32
N ALA A 68 -18.65 1.47 -0.35
CA ALA A 68 -18.18 0.10 -0.32
C ALA A 68 -16.85 -0.01 0.43
N VAL A 69 -16.39 -1.24 0.63
CA VAL A 69 -15.13 -1.48 1.34
C VAL A 69 -14.10 -2.11 0.41
N ASP A 70 -12.83 -1.87 0.70
CA ASP A 70 -11.73 -2.41 -0.10
C ASP A 70 -10.55 -2.77 0.77
N PHE A 71 -9.85 -3.85 0.42
CA PHE A 71 -8.69 -4.29 1.17
C PHE A 71 -7.44 -4.32 0.29
N PHE A 72 -6.52 -3.41 0.56
CA PHE A 72 -5.28 -3.32 -0.21
C PHE A 72 -4.17 -4.15 0.45
N VAL A 73 -3.69 -5.16 -0.26
CA VAL A 73 -2.64 -6.02 0.24
C VAL A 73 -1.78 -6.57 -0.89
N GLY A 74 -0.53 -6.91 -0.57
CA GLY A 74 0.38 -7.44 -1.57
C GLY A 74 1.48 -8.29 -0.97
N VAL A 75 1.96 -9.26 -1.73
CA VAL A 75 3.02 -10.14 -1.26
C VAL A 75 4.27 -10.02 -2.13
N PRO A 76 4.91 -8.85 -2.07
CA PRO A 76 6.13 -8.57 -2.84
C PRO A 76 7.33 -9.36 -2.35
N ALA A 77 8.33 -9.52 -3.20
CA ALA A 77 9.54 -10.25 -2.85
C ALA A 77 10.52 -9.37 -2.08
N ARG A 78 11.75 -9.85 -1.93
CA ARG A 78 12.78 -9.11 -1.22
C ARG A 78 13.35 -8.00 -2.10
N ALA A 79 13.36 -6.78 -1.57
CA ALA A 79 13.89 -5.64 -2.31
C ALA A 79 14.99 -4.94 -1.51
N LYS A 80 15.93 -4.33 -2.24
CA LYS A 80 17.04 -3.62 -1.61
C LYS A 80 16.83 -2.11 -1.67
N PHE A 81 17.26 -1.42 -0.63
CA PHE A 81 17.12 0.03 -0.57
C PHE A 81 18.35 0.68 0.08
N GLN A 82 18.59 1.94 -0.26
CA GLN A 82 19.74 2.66 0.28
C GLN A 82 19.28 3.70 1.31
N GLY A 83 20.16 4.00 2.27
CA GLY A 83 19.83 4.97 3.30
C GLY A 83 21.00 5.24 4.23
N GLU A 84 21.97 6.00 3.76
CA GLU A 84 23.15 6.33 4.55
C GLU A 84 24.09 7.25 3.79
N LYS A 85 25.23 7.56 4.40
CA LYS A 85 26.22 8.43 3.77
C LYS A 85 27.14 7.63 2.85
N SER A 86 27.99 6.80 3.44
CA SER A 86 28.92 5.98 2.68
C SER A 86 28.25 4.69 2.20
N ILE A 87 27.35 4.16 3.03
CA ILE A 87 26.64 2.93 2.69
C ILE A 87 25.76 3.13 1.45
N SER A 88 25.21 4.32 1.31
CA SER A 88 24.35 4.63 0.17
C SER A 88 25.13 4.53 -1.13
N SER A 89 26.30 5.17 -1.17
CA SER A 89 27.14 5.16 -2.36
C SER A 89 27.36 3.73 -2.86
N LEU A 90 27.50 2.80 -1.91
CA LEU A 90 27.72 1.40 -2.24
C LEU A 90 26.48 0.79 -2.89
N GLY A 91 25.32 1.04 -2.29
CA GLY A 91 24.08 0.51 -2.82
C GLY A 91 23.52 -0.60 -1.97
N ARG A 92 24.33 -1.11 -1.05
CA ARG A 92 23.90 -2.20 -0.17
C ARG A 92 23.71 -1.69 1.26
N VAL A 93 22.50 -1.22 1.56
CA VAL A 93 22.19 -0.70 2.89
C VAL A 93 21.17 -1.59 3.60
N SER A 94 20.05 -1.84 2.92
CA SER A 94 18.99 -2.66 3.48
C SER A 94 18.39 -3.58 2.41
N GLU A 95 18.01 -4.79 2.82
CA GLU A 95 17.43 -5.75 1.90
C GLU A 95 16.45 -6.67 2.62
N VAL A 96 15.19 -6.65 2.19
CA VAL A 96 14.16 -7.48 2.80
C VAL A 96 12.82 -7.30 2.08
N ASP A 97 11.91 -8.23 2.32
CA ASP A 97 10.59 -8.18 1.70
C ASP A 97 9.71 -7.13 2.37
N TYR A 98 8.62 -6.75 1.71
CA TYR A 98 7.71 -5.76 2.24
C TYR A 98 6.35 -6.38 2.53
N GLY A 99 5.75 -5.99 3.66
CA GLY A 99 4.46 -6.52 4.03
C GLY A 99 3.39 -5.44 4.12
N PRO A 100 3.06 -4.84 2.96
CA PRO A 100 2.06 -3.78 2.88
C PRO A 100 0.64 -4.30 3.12
N ALA A 101 0.02 -3.84 4.20
CA ALA A 101 -1.33 -4.27 4.54
C ALA A 101 -2.16 -3.09 5.05
N ILE A 102 -3.25 -2.80 4.35
CA ILE A 102 -4.13 -1.70 4.73
C ILE A 102 -5.55 -1.91 4.21
N LEU A 103 -6.53 -1.66 5.07
CA LEU A 103 -7.93 -1.82 4.69
C LEU A 103 -8.68 -0.50 4.80
N SER A 104 -9.31 -0.10 3.70
CA SER A 104 -10.07 1.15 3.66
C SER A 104 -11.32 0.99 2.80
N LEU A 105 -12.29 1.88 3.01
CA LEU A 105 -13.54 1.85 2.25
C LEU A 105 -13.58 3.00 1.24
N GLN A 106 -14.31 2.79 0.15
CA GLN A 106 -14.44 3.80 -0.88
C GLN A 106 -15.78 4.52 -0.78
N TYR A 107 -15.76 5.83 -0.99
CA TYR A 107 -16.97 6.64 -0.92
C TYR A 107 -17.22 7.38 -2.23
N HIS A 108 -18.26 6.96 -2.94
CA HIS A 108 -18.61 7.59 -4.22
C HIS A 108 -19.77 8.56 -4.04
N TYR A 109 -19.94 9.45 -5.01
CA TYR A 109 -21.01 10.45 -4.97
C TYR A 109 -22.02 10.20 -6.08
N ASP A 110 -23.07 11.02 -6.11
CA ASP A 110 -24.10 10.90 -7.13
C ASP A 110 -24.02 12.05 -8.14
N SER A 111 -23.95 11.70 -9.41
CA SER A 111 -23.86 12.70 -10.47
C SER A 111 -23.80 12.05 -11.84
N PHE A 112 -24.32 12.74 -12.85
CA PHE A 112 -24.32 12.22 -14.21
C PHE A 112 -23.12 12.75 -15.00
N GLU A 113 -23.20 14.02 -15.39
CA GLU A 113 -22.12 14.65 -16.15
C GLU A 113 -20.90 14.88 -15.27
N ARG A 114 -19.72 14.73 -15.86
CA ARG A 114 -18.47 14.92 -15.12
C ARG A 114 -18.46 14.08 -13.84
N LEU A 115 -18.52 12.77 -14.01
CA LEU A 115 -18.52 11.86 -12.86
C LEU A 115 -17.20 11.94 -12.10
N TYR A 116 -17.17 12.77 -11.07
CA TYR A 116 -15.97 12.95 -10.26
C TYR A 116 -15.55 11.63 -9.61
N PRO A 117 -14.28 11.57 -9.20
CA PRO A 117 -13.72 10.37 -8.56
C PRO A 117 -14.30 10.13 -7.17
N TYR A 118 -13.89 9.04 -6.54
CA TYR A 118 -14.37 8.69 -5.21
C TYR A 118 -13.26 8.81 -4.18
N VAL A 119 -13.63 9.05 -2.93
CA VAL A 119 -12.67 9.20 -1.85
C VAL A 119 -12.79 8.06 -0.84
N GLY A 120 -11.66 7.45 -0.50
CA GLY A 120 -11.67 6.36 0.46
C GLY A 120 -10.75 6.60 1.64
N VAL A 121 -10.88 5.78 2.67
CA VAL A 121 -10.06 5.91 3.86
C VAL A 121 -10.26 4.73 4.81
N GLY A 122 -9.24 4.44 5.61
CA GLY A 122 -9.34 3.34 6.56
C GLY A 122 -8.09 3.21 7.40
N VAL A 123 -7.80 1.99 7.85
CA VAL A 123 -6.64 1.71 8.67
C VAL A 123 -5.56 0.96 7.89
N GLY A 124 -4.32 1.41 8.02
CA GLY A 124 -3.23 0.76 7.32
C GLY A 124 -2.15 0.26 8.26
N ARG A 125 -1.19 -0.48 7.72
CA ARG A 125 -0.09 -1.01 8.52
C ARG A 125 1.00 -1.61 7.62
N VAL A 126 2.24 -1.22 7.88
CA VAL A 126 3.37 -1.70 7.10
C VAL A 126 4.25 -2.64 7.94
N LEU A 127 4.40 -3.87 7.46
CA LEU A 127 5.21 -4.86 8.17
C LEU A 127 6.48 -5.16 7.39
N PHE A 128 7.54 -5.50 8.11
CA PHE A 128 8.83 -5.81 7.50
C PHE A 128 9.40 -7.11 8.05
N PHE A 129 10.21 -7.79 7.24
CA PHE A 129 10.82 -9.05 7.65
C PHE A 129 12.28 -8.84 8.03
N ASP A 130 12.91 -9.90 8.52
CA ASP A 130 14.31 -9.85 8.93
C ASP A 130 15.18 -10.65 7.98
N LYS A 131 15.77 -9.98 6.99
CA LYS A 131 16.63 -10.62 6.01
C LYS A 131 18.04 -10.04 6.06
N THR A 132 18.18 -8.79 5.65
CA THR A 132 19.47 -8.12 5.64
C THR A 132 19.31 -6.60 5.57
N ASP A 133 18.70 -6.03 6.60
CA ASP A 133 18.48 -4.59 6.65
C ASP A 133 19.63 -3.89 7.39
N GLY A 134 19.72 -2.58 7.21
CA GLY A 134 20.77 -1.81 7.87
C GLY A 134 22.15 -2.20 7.39
N ALA A 135 23.08 -1.26 7.43
CA ALA A 135 24.46 -1.51 7.00
C ALA A 135 25.24 -2.24 8.09
N LEU A 136 24.58 -2.55 9.19
CA LEU A 136 25.22 -3.24 10.30
C LEU A 136 25.19 -4.75 10.09
N SER A 137 25.68 -5.49 11.08
CA SER A 137 25.71 -6.94 11.00
C SER A 137 24.30 -7.51 10.98
N SER A 138 23.74 -7.66 9.78
CA SER A 138 22.40 -8.19 9.62
C SER A 138 21.42 -7.47 10.54
N PHE A 139 21.03 -6.25 10.17
CA PHE A 139 20.10 -5.46 10.96
C PHE A 139 18.67 -5.66 10.46
N ASP A 140 17.72 -5.35 11.33
CA ASP A 140 16.31 -5.49 10.98
C ASP A 140 15.60 -4.13 11.03
N ILE A 141 14.36 -4.09 10.55
CA ILE A 141 13.58 -2.87 10.53
C ILE A 141 12.35 -2.98 11.42
N LYS A 142 12.03 -1.89 12.12
CA LYS A 142 10.87 -1.88 13.01
C LYS A 142 9.62 -1.40 12.26
N ASP A 143 8.73 -2.35 11.97
CA ASP A 143 7.48 -2.04 11.27
C ASP A 143 6.69 -0.97 12.02
N LYS A 144 5.50 -0.66 11.52
CA LYS A 144 4.64 0.34 12.14
C LYS A 144 3.21 0.23 11.60
N TRP A 145 2.27 0.80 12.35
CA TRP A 145 0.86 0.76 11.95
C TRP A 145 0.24 2.15 12.08
N ALA A 146 -0.71 2.44 11.18
CA ALA A 146 -1.39 3.73 11.20
C ALA A 146 -2.43 3.82 10.09
N PRO A 147 -3.36 4.78 10.21
CA PRO A 147 -4.42 4.99 9.22
C PRO A 147 -3.88 5.54 7.91
N ALA A 148 -4.72 5.49 6.87
CA ALA A 148 -4.34 5.98 5.55
C ALA A 148 -5.56 6.43 4.76
N PHE A 149 -5.35 7.40 3.87
CA PHE A 149 -6.44 7.92 3.04
C PHE A 149 -6.24 7.54 1.58
N GLN A 150 -7.25 6.90 1.00
CA GLN A 150 -7.20 6.47 -0.39
C GLN A 150 -8.09 7.34 -1.26
N VAL A 151 -7.81 7.36 -2.56
CA VAL A 151 -8.59 8.15 -3.50
C VAL A 151 -8.38 7.67 -4.93
N GLY A 152 -9.48 7.53 -5.67
CA GLY A 152 -9.39 7.09 -7.05
C GLY A 152 -10.75 6.98 -7.72
N LEU A 153 -10.81 6.20 -8.79
CA LEU A 153 -12.08 6.02 -9.52
C LEU A 153 -12.22 4.58 -9.99
N ARG A 154 -13.47 4.12 -10.07
CA ARG A 154 -13.75 2.76 -10.51
C ARG A 154 -14.75 2.75 -11.66
N TYR A 155 -14.36 2.18 -12.78
CA TYR A 155 -15.23 2.11 -13.95
C TYR A 155 -15.37 0.68 -14.45
N ASP A 156 -16.38 0.43 -15.28
CA ASP A 156 -16.62 -0.89 -15.84
C ASP A 156 -16.59 -0.87 -17.36
N LEU A 157 -15.54 -1.44 -17.94
CA LEU A 157 -15.39 -1.48 -19.39
C LEU A 157 -16.67 -2.02 -20.05
N GLY A 158 -16.83 -1.70 -21.33
CA GLY A 158 -18.01 -2.16 -22.05
C GLY A 158 -18.24 -3.64 -21.90
N ASN A 159 -17.16 -4.41 -21.76
CA ASN A 159 -17.26 -5.86 -21.61
C ASN A 159 -17.60 -6.22 -20.16
N SER A 160 -17.49 -7.51 -19.85
CA SER A 160 -17.77 -8.00 -18.50
C SER A 160 -16.71 -7.55 -17.53
N TRP A 161 -15.46 -7.49 -17.99
CA TRP A 161 -14.35 -7.07 -17.15
C TRP A 161 -14.41 -5.58 -16.85
N MET A 162 -13.84 -5.17 -15.73
CA MET A 162 -13.82 -3.77 -15.34
C MET A 162 -12.42 -3.33 -14.93
N LEU A 163 -12.27 -2.03 -14.67
CA LEU A 163 -10.97 -1.48 -14.28
C LEU A 163 -11.14 -0.42 -13.19
N ASN A 164 -10.07 -0.14 -12.46
CA ASN A 164 -10.10 0.86 -11.41
C ASN A 164 -8.69 1.28 -11.02
N SER A 165 -8.57 2.48 -10.44
CA SER A 165 -7.28 3.01 -10.02
C SER A 165 -7.41 3.89 -8.79
N ASP A 166 -6.72 3.53 -7.72
CA ASP A 166 -6.77 4.30 -6.49
C ASP A 166 -5.37 4.59 -5.96
N VAL A 167 -5.25 5.58 -5.10
CA VAL A 167 -3.96 5.96 -4.52
C VAL A 167 -4.09 6.23 -3.02
N ARG A 168 -3.18 5.65 -2.25
CA ARG A 168 -3.18 5.83 -0.80
C ARG A 168 -2.13 6.85 -0.38
N TYR A 169 -2.49 7.69 0.57
CA TYR A 169 -1.58 8.72 1.07
C TYR A 169 -1.76 8.94 2.57
N ILE A 170 -0.65 9.00 3.30
CA ILE A 170 -0.68 9.21 4.74
C ILE A 170 0.72 9.23 5.33
N PRO A 171 1.00 10.26 6.16
CA PRO A 171 2.30 10.42 6.80
C PRO A 171 2.56 9.36 7.86
N PHE A 172 3.48 8.44 7.57
CA PHE A 172 3.82 7.37 8.49
C PHE A 172 5.29 7.45 8.89
N LYS A 173 5.70 6.56 9.79
CA LYS A 173 7.08 6.53 10.26
C LYS A 173 7.50 5.09 10.62
N THR A 174 8.78 4.80 10.41
CA THR A 174 9.31 3.48 10.70
C THR A 174 10.61 3.56 11.50
N ASP A 175 10.99 2.46 12.12
CA ASP A 175 12.22 2.40 12.91
C ASP A 175 13.18 1.36 12.35
N VAL A 176 14.41 1.37 12.87
CA VAL A 176 15.42 0.42 12.43
C VAL A 176 16.38 0.06 13.56
N THR A 177 16.64 -1.23 13.73
CA THR A 177 17.54 -1.70 14.77
C THR A 177 17.94 -3.15 14.55
N GLY A 178 18.83 -3.66 15.38
CA GLY A 178 19.27 -5.04 15.25
C GLY A 178 19.82 -5.59 16.56
N THR A 179 20.93 -6.31 16.47
CA THR A 179 21.55 -6.91 17.65
C THR A 179 23.04 -7.15 17.42
N LEU A 180 23.87 -6.42 18.16
CA LEU A 180 25.32 -6.57 18.04
C LEU A 180 25.98 -6.51 19.41
N GLY A 181 27.27 -6.88 19.45
CA GLY A 181 28.00 -6.87 20.71
C GLY A 181 27.68 -5.64 21.55
N PRO A 182 28.15 -4.47 21.11
CA PRO A 182 27.93 -3.20 21.82
C PRO A 182 26.47 -2.75 21.74
N VAL A 183 26.22 -1.52 22.15
CA VAL A 183 24.88 -0.96 22.13
C VAL A 183 24.33 -0.91 20.71
N PRO A 184 23.08 -1.38 20.54
CA PRO A 184 22.42 -1.40 19.24
C PRO A 184 22.06 0.00 18.74
N VAL A 185 21.78 0.12 17.45
CA VAL A 185 21.42 1.40 16.86
C VAL A 185 19.93 1.46 16.54
N SER A 186 19.22 2.36 17.22
CA SER A 186 17.80 2.52 17.00
C SER A 186 17.49 3.84 16.31
N THR A 187 17.14 3.76 15.02
CA THR A 187 16.83 4.95 14.24
C THR A 187 15.34 5.04 13.95
N LYS A 188 14.86 6.24 13.63
CA LYS A 188 13.45 6.45 13.33
C LYS A 188 13.29 7.56 12.28
N ILE A 189 12.29 7.40 11.43
CA ILE A 189 12.02 8.38 10.38
C ILE A 189 10.52 8.49 10.10
N GLU A 190 10.06 9.72 9.85
CA GLU A 190 8.65 9.96 9.57
C GLU A 190 8.48 10.66 8.22
N VAL A 191 7.93 9.95 7.25
CA VAL A 191 7.70 10.51 5.92
C VAL A 191 6.33 10.12 5.39
N ASP A 192 5.83 10.90 4.44
CA ASP A 192 4.52 10.63 3.83
C ASP A 192 4.68 10.12 2.41
N PRO A 193 4.81 8.79 2.27
CA PRO A 193 4.97 8.15 0.96
C PRO A 193 3.69 8.20 0.13
N PHE A 194 3.81 7.84 -1.14
CA PHE A 194 2.66 7.86 -2.04
C PHE A 194 2.49 6.51 -2.73
N ILE A 195 1.37 5.84 -2.48
CA ILE A 195 1.10 4.55 -3.08
C ILE A 195 0.08 4.67 -4.22
N LEU A 196 0.59 4.59 -5.45
CA LEU A 196 -0.26 4.68 -6.62
C LEU A 196 -0.66 3.30 -7.13
N SER A 197 -1.93 2.95 -6.95
CA SER A 197 -2.42 1.64 -7.39
C SER A 197 -3.35 1.80 -8.59
N LEU A 198 -3.06 1.04 -9.65
CA LEU A 198 -3.88 1.09 -10.86
C LEU A 198 -3.86 -0.25 -11.58
N GLY A 199 -5.04 -0.71 -11.97
CA GLY A 199 -5.15 -1.99 -12.67
C GLY A 199 -6.57 -2.31 -13.07
N ALA A 200 -6.88 -3.59 -13.17
CA ALA A 200 -8.21 -4.04 -13.56
C ALA A 200 -8.93 -4.69 -12.37
N SER A 201 -10.21 -5.00 -12.57
CA SER A 201 -11.01 -5.61 -11.51
C SER A 201 -12.24 -6.31 -12.11
N TYR A 202 -12.84 -7.20 -11.31
CA TYR A 202 -14.02 -7.93 -11.76
C TYR A 202 -14.97 -8.19 -10.59
N VAL A 203 -16.26 -7.97 -10.82
CA VAL A 203 -17.27 -8.18 -9.80
C VAL A 203 -17.69 -9.65 -9.74
N PHE A 204 -18.13 -10.09 -8.57
CA PHE A 204 -18.56 -11.47 -8.38
C PHE A 204 -19.62 -11.57 -7.29
N LYS A 205 -20.71 -12.28 -7.57
CA LYS A 205 -21.78 -12.44 -6.61
C LYS A 205 -21.51 -13.63 -5.69
N LEU A 206 -22.20 -13.66 -4.55
CA LEU A 206 -22.03 -14.74 -3.59
C LEU A 206 -23.35 -15.50 -3.39
N ALA A 207 -23.41 -16.70 -3.94
CA ALA A 207 -24.60 -17.54 -3.82
C ALA A 207 -24.47 -18.53 -2.67
N ALA A 208 -23.26 -19.04 -2.47
CA ALA A 208 -23.00 -19.99 -1.40
C ALA A 208 -23.34 -19.40 -0.04
N ALA A 209 -23.38 -20.25 0.99
CA ALA A 209 -23.69 -19.81 2.34
C ALA A 209 -22.49 -19.12 2.98
N LEU A 210 -22.72 -18.47 4.11
CA LEU A 210 -21.65 -17.77 4.82
C LEU A 210 -21.85 -17.87 6.33
N GLU A 211 -20.77 -18.14 7.05
CA GLU A 211 -20.83 -18.26 8.50
C GLU A 211 -20.48 -16.94 9.18
N MET A 1 -31.27 -22.73 12.19
CA MET A 1 -30.46 -23.76 12.82
C MET A 1 -29.56 -24.45 11.80
N ASN A 2 -30.18 -25.13 10.84
CA ASN A 2 -29.43 -25.84 9.80
C ASN A 2 -30.20 -25.85 8.49
N GLU A 3 -29.72 -25.10 7.51
CA GLU A 3 -30.36 -25.03 6.21
C GLU A 3 -29.34 -25.17 5.08
N ASN A 4 -29.82 -25.18 3.84
CA ASN A 4 -28.96 -25.32 2.68
C ASN A 4 -28.40 -23.96 2.26
N TYR A 5 -29.28 -22.99 2.09
CA TYR A 5 -28.89 -21.65 1.69
C TYR A 5 -28.14 -21.68 0.36
N PRO A 6 -28.88 -22.01 -0.72
CA PRO A 6 -28.31 -22.08 -2.07
C PRO A 6 -27.93 -20.71 -2.61
N ALA A 7 -27.12 -20.69 -3.67
CA ALA A 7 -26.69 -19.45 -4.29
C ALA A 7 -26.64 -19.57 -5.81
N LYS A 8 -26.53 -18.44 -6.49
CA LYS A 8 -26.48 -18.41 -7.95
C LYS A 8 -25.78 -17.16 -8.45
N SER A 9 -24.86 -17.34 -9.39
CA SER A 9 -24.12 -16.21 -9.95
C SER A 9 -25.07 -15.16 -10.51
N ALA A 10 -26.18 -15.62 -11.08
CA ALA A 10 -27.17 -14.72 -11.65
C ALA A 10 -27.57 -13.64 -10.67
N GLY A 11 -27.95 -14.05 -9.45
CA GLY A 11 -28.35 -13.10 -8.44
C GLY A 11 -27.31 -12.02 -8.22
N TYR A 12 -27.75 -10.85 -7.76
CA TYR A 12 -26.85 -9.73 -7.52
C TYR A 12 -27.56 -8.61 -6.76
N ASN A 13 -26.97 -8.19 -5.64
CA ASN A 13 -27.55 -7.13 -4.83
C ASN A 13 -26.56 -6.66 -3.77
N GLN A 14 -27.00 -5.73 -2.92
CA GLN A 14 -26.16 -5.20 -1.87
C GLN A 14 -25.54 -6.32 -1.04
N GLY A 15 -24.22 -6.25 -0.84
CA GLY A 15 -23.53 -7.27 -0.06
C GLY A 15 -22.71 -8.19 -0.94
N ASP A 16 -22.57 -7.83 -2.22
CA ASP A 16 -21.80 -8.63 -3.15
C ASP A 16 -20.30 -8.40 -2.98
N TRP A 17 -19.50 -9.23 -3.63
CA TRP A 17 -18.04 -9.11 -3.53
C TRP A 17 -17.44 -8.75 -4.88
N VAL A 18 -16.23 -8.22 -4.86
CA VAL A 18 -15.54 -7.82 -6.09
C VAL A 18 -14.03 -7.87 -5.91
N ALA A 19 -13.35 -8.58 -6.80
CA ALA A 19 -11.90 -8.71 -6.74
C ALA A 19 -11.23 -7.69 -7.66
N SER A 20 -10.49 -6.76 -7.07
CA SER A 20 -9.80 -5.74 -7.85
C SER A 20 -8.28 -5.92 -7.78
N PHE A 21 -7.68 -6.25 -8.91
CA PHE A 21 -6.23 -6.46 -8.97
C PHE A 21 -5.55 -5.30 -9.68
N ASN A 22 -4.56 -4.71 -9.00
CA ASN A 22 -3.82 -3.58 -9.57
C ASN A 22 -2.43 -3.48 -8.94
N PHE A 23 -1.57 -2.68 -9.57
CA PHE A 23 -0.21 -2.49 -9.06
C PHE A 23 -0.11 -1.20 -8.26
N SER A 24 0.51 -1.30 -7.08
CA SER A 24 0.68 -0.14 -6.21
C SER A 24 2.08 0.46 -6.37
N LYS A 25 2.13 1.74 -6.71
CA LYS A 25 3.39 2.43 -6.90
C LYS A 25 3.75 3.26 -5.67
N VAL A 26 4.71 2.79 -4.89
CA VAL A 26 5.15 3.49 -3.69
C VAL A 26 6.11 4.63 -4.02
N TYR A 27 5.87 5.79 -3.42
CA TYR A 27 6.71 6.95 -3.67
C TYR A 27 7.34 7.44 -2.36
N VAL A 28 8.66 7.30 -2.26
CA VAL A 28 9.39 7.73 -1.07
C VAL A 28 10.83 8.10 -1.41
N GLY A 29 11.59 8.48 -0.39
CA GLY A 29 12.97 8.85 -0.60
C GLY A 29 13.22 10.34 -0.38
N GLU A 30 12.80 10.84 0.77
CA GLU A 30 12.97 12.26 1.09
C GLU A 30 14.30 12.49 1.81
N GLU A 31 14.40 11.96 3.02
CA GLU A 31 15.62 12.11 3.81
C GLU A 31 15.47 11.46 5.18
N LEU A 32 16.58 11.02 5.74
CA LEU A 32 16.57 10.37 7.06
C LEU A 32 17.20 11.27 8.11
N GLY A 33 16.96 10.95 9.38
CA GLY A 33 17.50 11.73 10.46
C GLY A 33 17.20 13.22 10.32
N ASP A 34 18.20 13.98 9.88
CA ASP A 34 18.04 15.42 9.69
C ASP A 34 17.53 16.07 10.97
N LEU A 35 18.08 15.66 12.11
CA LEU A 35 17.68 16.20 13.40
C LEU A 35 18.75 17.14 13.95
N ASN A 36 18.33 18.34 14.34
CA ASN A 36 19.26 19.33 14.89
C ASN A 36 18.50 20.47 15.56
N VAL A 37 19.24 21.40 16.14
CA VAL A 37 18.64 22.55 16.81
C VAL A 37 19.25 23.86 16.33
N GLY A 38 18.41 24.87 16.16
CA GLY A 38 18.89 26.17 15.71
C GLY A 38 19.37 26.14 14.27
N GLY A 39 19.29 27.27 13.59
CA GLY A 39 19.72 27.34 12.21
C GLY A 39 18.74 26.68 11.26
N GLY A 40 19.13 26.57 9.99
CA GLY A 40 18.28 25.95 9.00
C GLY A 40 18.39 24.44 9.00
N ALA A 41 18.26 23.84 7.82
CA ALA A 41 18.36 22.39 7.68
C ALA A 41 19.51 22.00 6.77
N LEU A 42 20.19 20.91 7.10
CA LEU A 42 21.31 20.43 6.31
C LEU A 42 21.39 18.91 6.32
N PRO A 43 20.42 18.25 5.66
CA PRO A 43 20.36 16.79 5.59
C PRO A 43 21.48 16.21 4.74
N ASN A 44 22.49 15.66 5.40
CA ASN A 44 23.63 15.07 4.71
C ASN A 44 23.29 13.66 4.22
N ALA A 45 22.63 12.89 5.07
CA ALA A 45 22.24 11.53 4.72
C ALA A 45 21.29 11.51 3.52
N ASP A 46 20.87 10.32 3.13
CA ASP A 46 19.95 10.17 1.99
C ASP A 46 19.24 8.82 2.05
N VAL A 47 17.90 8.87 2.01
CA VAL A 47 17.10 7.65 2.06
C VAL A 47 16.26 7.50 0.79
N SER A 48 16.02 6.26 0.40
CA SER A 48 15.23 5.97 -0.79
C SER A 48 14.96 4.48 -0.91
N ILE A 49 14.15 4.11 -1.91
CA ILE A 49 13.81 2.72 -2.15
C ILE A 49 13.74 2.41 -3.64
N GLY A 50 13.96 1.14 -3.97
CA GLY A 50 13.92 0.72 -5.36
C GLY A 50 12.94 -0.40 -5.62
N ASN A 51 12.65 -0.66 -6.89
CA ASN A 51 11.71 -1.72 -7.26
C ASN A 51 11.88 -2.10 -8.72
N ASP A 52 11.33 -3.25 -9.09
CA ASP A 52 11.42 -3.73 -10.47
C ASP A 52 10.02 -3.91 -11.06
N THR A 53 9.29 -4.90 -10.56
CA THR A 53 7.95 -5.18 -11.04
C THR A 53 6.90 -4.44 -10.23
N THR A 54 5.65 -4.50 -10.66
CA THR A 54 4.55 -3.82 -9.98
C THR A 54 3.25 -4.59 -10.14
N LEU A 55 2.82 -5.25 -9.06
CA LEU A 55 1.59 -6.02 -9.08
C LEU A 55 1.08 -6.27 -7.66
N THR A 56 -0.19 -5.96 -7.43
CA THR A 56 -0.81 -6.15 -6.12
C THR A 56 -2.25 -6.61 -6.24
N PHE A 57 -2.75 -7.27 -5.21
CA PHE A 57 -4.11 -7.78 -5.21
C PHE A 57 -4.95 -7.09 -4.13
N ASP A 58 -6.13 -6.63 -4.51
CA ASP A 58 -7.03 -5.95 -3.58
C ASP A 58 -8.42 -6.56 -3.63
N ILE A 59 -9.01 -6.78 -2.46
CA ILE A 59 -10.34 -7.36 -2.37
C ILE A 59 -11.36 -6.32 -1.88
N ALA A 60 -12.30 -5.98 -2.75
CA ALA A 60 -13.33 -5.00 -2.42
C ALA A 60 -14.70 -5.67 -2.30
N TYR A 61 -15.56 -5.10 -1.46
CA TYR A 61 -16.90 -5.63 -1.26
C TYR A 61 -17.96 -4.56 -1.51
N PHE A 62 -18.98 -4.92 -2.28
CA PHE A 62 -20.06 -4.00 -2.61
C PHE A 62 -21.27 -4.23 -1.70
N VAL A 63 -21.35 -3.47 -0.62
CA VAL A 63 -22.45 -3.58 0.33
C VAL A 63 -23.57 -2.59 0.01
N SER A 64 -23.18 -1.45 -0.53
CA SER A 64 -24.15 -0.41 -0.89
C SER A 64 -23.84 0.18 -2.26
N SER A 65 -24.86 0.77 -2.89
CA SER A 65 -24.70 1.37 -4.21
C SER A 65 -24.17 2.79 -4.10
N ASN A 66 -23.86 3.22 -2.87
CA ASN A 66 -23.35 4.57 -2.63
C ASN A 66 -21.93 4.51 -2.11
N ILE A 67 -21.59 3.43 -1.41
CA ILE A 67 -20.26 3.26 -0.85
C ILE A 67 -19.80 1.80 -0.94
N ALA A 68 -18.50 1.60 -0.91
CA ALA A 68 -17.93 0.25 -0.99
C ALA A 68 -16.63 0.16 -0.20
N VAL A 69 -16.21 -1.07 0.09
CA VAL A 69 -14.98 -1.30 0.83
C VAL A 69 -13.91 -1.96 -0.04
N ASP A 70 -12.65 -1.70 0.28
CA ASP A 70 -11.55 -2.27 -0.48
C ASP A 70 -10.37 -2.61 0.43
N PHE A 71 -9.69 -3.71 0.13
CA PHE A 71 -8.55 -4.14 0.93
C PHE A 71 -7.32 -4.37 0.05
N PHE A 72 -6.34 -3.47 0.16
CA PHE A 72 -5.12 -3.58 -0.63
C PHE A 72 -4.10 -4.47 0.07
N VAL A 73 -3.60 -5.47 -0.65
CA VAL A 73 -2.61 -6.40 -0.11
C VAL A 73 -1.64 -6.87 -1.19
N GLY A 74 -0.40 -7.12 -0.79
CA GLY A 74 0.61 -7.57 -1.73
C GLY A 74 1.79 -8.22 -1.05
N VAL A 75 2.35 -9.25 -1.68
CA VAL A 75 3.50 -9.95 -1.13
C VAL A 75 4.69 -9.87 -2.07
N PRO A 76 5.32 -8.68 -2.14
CA PRO A 76 6.48 -8.46 -2.99
C PRO A 76 7.73 -9.18 -2.49
N ALA A 77 8.69 -9.39 -3.39
CA ALA A 77 9.92 -10.07 -3.04
C ALA A 77 10.84 -9.16 -2.23
N ARG A 78 12.10 -9.56 -2.10
CA ARG A 78 13.08 -8.78 -1.34
C ARG A 78 13.55 -7.58 -2.16
N ALA A 79 13.68 -6.44 -1.49
CA ALA A 79 14.13 -5.22 -2.14
C ALA A 79 15.21 -4.52 -1.33
N LYS A 80 16.12 -3.84 -2.02
CA LYS A 80 17.21 -3.13 -1.36
C LYS A 80 16.80 -1.71 -1.00
N PHE A 81 16.91 -1.37 0.27
CA PHE A 81 16.55 -0.03 0.74
C PHE A 81 17.79 0.77 1.13
N GLN A 82 17.80 2.04 0.78
CA GLN A 82 18.93 2.91 1.08
C GLN A 82 18.56 3.93 2.16
N GLY A 83 19.55 4.35 2.94
CA GLY A 83 19.29 5.32 3.98
C GLY A 83 20.52 5.57 4.85
N GLU A 84 21.38 6.47 4.40
CA GLU A 84 22.60 6.79 5.13
C GLU A 84 23.40 7.89 4.42
N LYS A 85 24.57 8.21 4.95
CA LYS A 85 25.42 9.23 4.37
C LYS A 85 26.32 8.65 3.29
N SER A 86 27.28 7.84 3.69
CA SER A 86 28.21 7.21 2.75
C SER A 86 27.62 5.92 2.19
N ILE A 87 26.80 5.26 2.98
CA ILE A 87 26.16 4.01 2.57
C ILE A 87 25.13 4.26 1.46
N SER A 88 24.45 5.40 1.55
CA SER A 88 23.44 5.76 0.56
C SER A 88 24.06 5.91 -0.82
N SER A 89 25.17 6.65 -0.88
CA SER A 89 25.86 6.88 -2.15
C SER A 89 26.20 5.56 -2.84
N LEU A 90 26.61 4.58 -2.05
CA LEU A 90 26.95 3.26 -2.58
C LEU A 90 25.76 2.63 -3.28
N GLY A 91 24.59 2.71 -2.65
CA GLY A 91 23.39 2.13 -3.23
C GLY A 91 22.95 0.88 -2.50
N ARG A 92 23.83 0.33 -1.69
CA ARG A 92 23.52 -0.88 -0.94
C ARG A 92 23.64 -0.65 0.56
N VAL A 93 22.51 -0.37 1.21
CA VAL A 93 22.48 -0.12 2.64
C VAL A 93 21.86 -1.30 3.39
N SER A 94 20.62 -1.62 3.05
CA SER A 94 19.91 -2.72 3.69
C SER A 94 19.10 -3.52 2.67
N GLU A 95 18.95 -4.81 2.93
CA GLU A 95 18.21 -5.69 2.03
C GLU A 95 17.11 -6.44 2.79
N VAL A 96 15.88 -6.31 2.33
CA VAL A 96 14.75 -6.98 2.96
C VAL A 96 13.46 -6.74 2.17
N ASP A 97 12.49 -7.64 2.35
CA ASP A 97 11.22 -7.52 1.66
C ASP A 97 10.27 -6.60 2.42
N TYR A 98 9.12 -6.32 1.83
CA TYR A 98 8.13 -5.44 2.44
C TYR A 98 6.74 -6.09 2.41
N GLY A 99 6.06 -6.05 3.55
CA GLY A 99 4.72 -6.63 3.64
C GLY A 99 3.66 -5.59 3.88
N PRO A 100 3.40 -4.75 2.86
CA PRO A 100 2.39 -3.69 2.94
C PRO A 100 0.97 -4.24 2.98
N ALA A 101 0.13 -3.66 3.83
CA ALA A 101 -1.26 -4.10 3.95
C ALA A 101 -2.14 -2.97 4.48
N ILE A 102 -3.12 -2.55 3.68
CA ILE A 102 -4.02 -1.49 4.07
C ILE A 102 -5.46 -1.80 3.63
N LEU A 103 -6.42 -1.37 4.44
CA LEU A 103 -7.83 -1.59 4.13
C LEU A 103 -8.63 -0.32 4.31
N SER A 104 -9.24 0.15 3.22
CA SER A 104 -10.05 1.37 3.26
C SER A 104 -11.28 1.24 2.35
N LEU A 105 -12.24 2.12 2.56
CA LEU A 105 -13.47 2.11 1.76
C LEU A 105 -13.56 3.36 0.89
N GLN A 106 -14.25 3.23 -0.25
CA GLN A 106 -14.41 4.36 -1.16
C GLN A 106 -15.84 4.89 -1.11
N TYR A 107 -15.98 6.21 -1.25
CA TYR A 107 -17.29 6.85 -1.21
C TYR A 107 -17.41 7.88 -2.32
N HIS A 108 -18.45 7.75 -3.13
CA HIS A 108 -18.69 8.68 -4.23
C HIS A 108 -19.49 9.89 -3.76
N TYR A 109 -18.93 11.08 -3.96
CA TYR A 109 -19.58 12.32 -3.55
C TYR A 109 -20.43 12.89 -4.68
N ASP A 110 -21.61 13.38 -4.33
CA ASP A 110 -22.51 13.96 -5.32
C ASP A 110 -21.79 15.01 -6.17
N SER A 111 -21.62 14.71 -7.45
CA SER A 111 -20.94 15.63 -8.36
C SER A 111 -21.71 16.95 -8.47
N PHE A 112 -21.06 17.96 -9.03
CA PHE A 112 -21.68 19.27 -9.20
C PHE A 112 -21.84 19.60 -10.68
N GLU A 113 -20.73 19.79 -11.38
CA GLU A 113 -20.75 20.12 -12.80
C GLU A 113 -20.42 18.89 -13.63
N ARG A 114 -19.16 18.50 -13.64
CA ARG A 114 -18.71 17.35 -14.41
C ARG A 114 -18.43 16.16 -13.50
N LEU A 115 -18.02 15.04 -14.09
CA LEU A 115 -17.72 13.84 -13.32
C LEU A 115 -16.47 14.03 -12.48
N TYR A 116 -16.44 13.40 -11.31
CA TYR A 116 -15.30 13.50 -10.41
C TYR A 116 -15.04 12.16 -9.72
N PRO A 117 -13.81 11.99 -9.20
CA PRO A 117 -13.40 10.77 -8.51
C PRO A 117 -14.10 10.60 -7.17
N TYR A 118 -13.81 9.50 -6.49
CA TYR A 118 -14.42 9.21 -5.20
C TYR A 118 -13.39 9.32 -4.07
N VAL A 119 -13.86 9.65 -2.88
CA VAL A 119 -12.97 9.80 -1.71
C VAL A 119 -13.07 8.57 -0.81
N GLY A 120 -11.91 8.06 -0.41
CA GLY A 120 -11.89 6.89 0.46
C GLY A 120 -10.95 7.08 1.64
N VAL A 121 -10.95 6.10 2.55
CA VAL A 121 -10.10 6.15 3.73
C VAL A 121 -10.21 4.88 4.55
N GLY A 122 -9.15 4.57 5.29
CA GLY A 122 -9.15 3.37 6.12
C GLY A 122 -7.90 3.24 6.96
N VAL A 123 -7.59 2.02 7.38
CA VAL A 123 -6.41 1.77 8.20
C VAL A 123 -5.33 1.05 7.40
N GLY A 124 -4.07 1.28 7.77
CA GLY A 124 -2.96 0.66 7.08
C GLY A 124 -1.98 0.00 8.02
N ARG A 125 -1.07 -0.78 7.48
CA ARG A 125 -0.06 -1.47 8.28
C ARG A 125 1.03 -2.07 7.41
N VAL A 126 2.28 -1.79 7.75
CA VAL A 126 3.41 -2.30 6.99
C VAL A 126 4.30 -3.19 7.86
N LEU A 127 4.33 -4.47 7.55
CA LEU A 127 5.13 -5.42 8.31
C LEU A 127 6.11 -6.16 7.40
N PHE A 128 7.24 -6.57 7.95
CA PHE A 128 8.25 -7.28 7.18
C PHE A 128 9.21 -8.04 8.11
N PHE A 129 9.92 -9.00 7.56
CA PHE A 129 10.86 -9.80 8.33
C PHE A 129 12.30 -9.32 8.10
N ASP A 130 12.94 -8.87 9.18
CA ASP A 130 14.31 -8.38 9.10
C ASP A 130 15.21 -9.39 8.37
N LYS A 131 15.51 -9.11 7.11
CA LYS A 131 16.36 -9.99 6.31
C LYS A 131 17.82 -9.81 6.68
N THR A 132 18.45 -8.77 6.14
CA THR A 132 19.85 -8.49 6.40
C THR A 132 20.22 -7.07 5.96
N ASP A 133 20.52 -6.22 6.93
CA ASP A 133 20.91 -4.84 6.64
C ASP A 133 22.41 -4.65 6.76
N GLY A 134 23.05 -4.25 5.65
CA GLY A 134 24.48 -4.04 5.65
C GLY A 134 24.87 -2.71 6.26
N ALA A 135 23.88 -1.89 6.57
CA ALA A 135 24.12 -0.59 7.16
C ALA A 135 25.14 -0.67 8.30
N LEU A 136 25.19 -1.82 8.95
CA LEU A 136 26.12 -2.04 10.06
C LEU A 136 26.29 -3.53 10.35
N SER A 137 27.09 -3.85 11.36
CA SER A 137 27.33 -5.23 11.75
C SER A 137 26.02 -5.97 11.97
N SER A 138 25.53 -6.63 10.93
CA SER A 138 24.28 -7.38 11.01
C SER A 138 23.17 -6.52 11.59
N PHE A 139 22.71 -5.54 10.80
CA PHE A 139 21.65 -4.64 11.23
C PHE A 139 20.29 -5.16 10.79
N ASP A 140 19.23 -4.68 11.46
CA ASP A 140 17.88 -5.10 11.13
C ASP A 140 16.94 -3.89 11.05
N ILE A 141 15.75 -4.11 10.52
CA ILE A 141 14.76 -3.05 10.38
C ILE A 141 13.51 -3.35 11.19
N LYS A 142 12.85 -2.30 11.67
CA LYS A 142 11.64 -2.44 12.46
C LYS A 142 10.43 -1.88 11.71
N ASP A 143 9.41 -2.72 11.53
CA ASP A 143 8.20 -2.30 10.83
C ASP A 143 7.23 -1.62 11.80
N LYS A 144 6.04 -1.32 11.30
CA LYS A 144 5.01 -0.67 12.11
C LYS A 144 3.68 -0.63 11.38
N TRP A 145 2.70 0.02 11.99
CA TRP A 145 1.37 0.14 11.39
C TRP A 145 0.76 1.50 11.67
N ALA A 146 -0.24 1.88 10.88
CA ALA A 146 -0.91 3.17 11.05
C ALA A 146 -1.99 3.37 9.99
N PRO A 147 -2.90 4.32 10.25
CA PRO A 147 -4.00 4.63 9.33
C PRO A 147 -3.51 5.30 8.05
N ALA A 148 -4.41 5.44 7.08
CA ALA A 148 -4.08 6.06 5.80
C ALA A 148 -5.33 6.42 5.02
N PHE A 149 -5.22 7.45 4.17
CA PHE A 149 -6.35 7.89 3.36
C PHE A 149 -6.30 7.25 1.97
N GLN A 150 -7.44 7.27 1.28
CA GLN A 150 -7.52 6.70 -0.05
C GLN A 150 -8.28 7.63 -1.00
N VAL A 151 -7.91 7.61 -2.27
CA VAL A 151 -8.56 8.45 -3.27
C VAL A 151 -8.51 7.81 -4.65
N GLY A 152 -9.66 7.76 -5.32
CA GLY A 152 -9.73 7.17 -6.65
C GLY A 152 -11.15 6.88 -7.08
N LEU A 153 -11.29 6.04 -8.11
CA LEU A 153 -12.60 5.68 -8.62
C LEU A 153 -12.60 4.25 -9.18
N ARG A 154 -13.79 3.73 -9.46
CA ARG A 154 -13.92 2.39 -9.99
C ARG A 154 -14.89 2.36 -11.17
N TYR A 155 -14.45 1.79 -12.29
CA TYR A 155 -15.29 1.71 -13.48
C TYR A 155 -15.26 0.30 -14.06
N ASP A 156 -16.24 -0.01 -14.90
CA ASP A 156 -16.33 -1.32 -15.53
C ASP A 156 -16.31 -1.20 -17.05
N LEU A 157 -15.21 -1.62 -17.66
CA LEU A 157 -15.06 -1.56 -19.11
C LEU A 157 -16.19 -2.32 -19.81
N GLY A 158 -16.39 -2.02 -21.08
CA GLY A 158 -17.44 -2.68 -21.84
C GLY A 158 -17.35 -4.18 -21.76
N ASN A 159 -16.12 -4.70 -21.67
CA ASN A 159 -15.90 -6.13 -21.58
C ASN A 159 -16.12 -6.64 -20.16
N SER A 160 -16.08 -7.96 -19.99
CA SER A 160 -16.29 -8.57 -18.68
C SER A 160 -15.32 -7.98 -17.65
N TRP A 161 -14.11 -7.68 -18.10
CA TRP A 161 -13.09 -7.10 -17.22
C TRP A 161 -13.46 -5.68 -16.81
N MET A 162 -13.00 -5.27 -15.63
CA MET A 162 -13.28 -3.94 -15.13
C MET A 162 -11.99 -3.17 -14.87
N LEU A 163 -12.12 -1.90 -14.51
CA LEU A 163 -10.95 -1.06 -14.23
C LEU A 163 -11.10 -0.37 -12.87
N ASN A 164 -10.00 -0.30 -12.14
CA ASN A 164 -9.99 0.33 -10.83
C ASN A 164 -8.72 1.15 -10.61
N SER A 165 -8.86 2.33 -10.03
CA SER A 165 -7.72 3.20 -9.78
C SER A 165 -7.88 3.91 -8.43
N ASP A 166 -6.90 3.71 -7.54
CA ASP A 166 -6.92 4.32 -6.23
C ASP A 166 -5.52 4.79 -5.83
N VAL A 167 -5.45 5.59 -4.77
CA VAL A 167 -4.19 6.12 -4.29
C VAL A 167 -4.23 6.36 -2.78
N ARG A 168 -3.23 5.82 -2.08
CA ARG A 168 -3.16 5.98 -0.63
C ARG A 168 -2.20 7.11 -0.25
N TYR A 169 -2.60 7.92 0.72
CA TYR A 169 -1.78 9.03 1.17
C TYR A 169 -1.80 9.14 2.70
N ILE A 170 -0.62 9.14 3.30
CA ILE A 170 -0.50 9.24 4.75
C ILE A 170 0.95 9.20 5.19
N PRO A 171 1.33 10.10 6.11
CA PRO A 171 2.70 10.18 6.63
C PRO A 171 3.05 9.00 7.52
N PHE A 172 3.95 8.15 7.04
CA PHE A 172 4.37 6.98 7.80
C PHE A 172 5.86 7.06 8.16
N LYS A 173 6.26 6.29 9.17
CA LYS A 173 7.64 6.29 9.62
C LYS A 173 8.09 4.87 9.97
N THR A 174 9.36 4.57 9.69
CA THR A 174 9.90 3.26 9.98
C THR A 174 11.04 3.34 10.99
N ASP A 175 11.38 2.21 11.60
CA ASP A 175 12.45 2.16 12.59
C ASP A 175 13.56 1.23 12.13
N VAL A 176 14.75 1.41 12.70
CA VAL A 176 15.90 0.59 12.34
C VAL A 176 16.84 0.42 13.53
N THR A 177 17.34 -0.80 13.72
CA THR A 177 18.25 -1.10 14.82
C THR A 177 18.92 -2.45 14.63
N GLY A 178 19.75 -2.83 15.59
CA GLY A 178 20.45 -4.11 15.51
C GLY A 178 20.14 -5.01 16.68
N THR A 179 20.98 -6.02 16.90
CA THR A 179 20.80 -6.96 17.99
C THR A 179 21.98 -6.92 18.95
N LEU A 180 21.99 -7.86 19.89
CA LEU A 180 23.07 -7.95 20.87
C LEU A 180 24.40 -8.20 20.20
N GLY A 181 25.48 -7.66 20.78
CA GLY A 181 26.80 -7.84 20.22
C GLY A 181 27.42 -6.54 19.77
N PRO A 182 27.15 -6.14 18.52
CA PRO A 182 27.68 -4.90 17.95
C PRO A 182 27.05 -3.66 18.57
N VAL A 183 27.15 -2.54 17.88
CA VAL A 183 26.59 -1.27 18.36
C VAL A 183 25.32 -0.91 17.62
N PRO A 184 24.18 -1.41 18.10
CA PRO A 184 22.87 -1.14 17.49
C PRO A 184 22.43 0.31 17.67
N VAL A 185 22.17 0.98 16.56
CA VAL A 185 21.74 2.38 16.61
C VAL A 185 20.23 2.50 16.35
N SER A 186 19.49 2.82 17.39
CA SER A 186 18.03 2.95 17.28
C SER A 186 17.67 4.25 16.56
N THR A 187 17.26 4.13 15.30
CA THR A 187 16.88 5.29 14.50
C THR A 187 15.47 5.14 13.95
N LYS A 188 14.93 6.22 13.41
CA LYS A 188 13.59 6.21 12.84
C LYS A 188 13.40 7.35 11.85
N ILE A 189 12.83 7.05 10.70
CA ILE A 189 12.58 8.06 9.68
C ILE A 189 11.09 8.26 9.43
N GLU A 190 10.69 9.52 9.26
CA GLU A 190 9.29 9.84 9.02
C GLU A 190 9.11 10.53 7.67
N VAL A 191 8.41 9.87 6.76
CA VAL A 191 8.16 10.41 5.43
C VAL A 191 6.72 10.19 5.00
N ASP A 192 6.34 10.80 3.88
CA ASP A 192 4.99 10.66 3.36
C ASP A 192 4.96 9.79 2.12
N PRO A 193 4.84 8.47 2.34
CA PRO A 193 4.82 7.48 1.25
C PRO A 193 3.53 7.56 0.43
N PHE A 194 3.67 7.82 -0.87
CA PHE A 194 2.52 7.92 -1.76
C PHE A 194 2.35 6.65 -2.58
N ILE A 195 1.25 5.93 -2.33
CA ILE A 195 0.97 4.70 -3.05
C ILE A 195 -0.10 4.91 -4.11
N LEU A 196 0.20 4.51 -5.34
CA LEU A 196 -0.74 4.65 -6.44
C LEU A 196 -1.14 3.29 -7.00
N SER A 197 -2.37 2.88 -6.73
CA SER A 197 -2.87 1.59 -7.21
C SER A 197 -3.66 1.76 -8.50
N LEU A 198 -3.25 1.05 -9.54
CA LEU A 198 -3.91 1.11 -10.83
C LEU A 198 -3.92 -0.25 -11.52
N GLY A 199 -5.10 -0.68 -11.96
CA GLY A 199 -5.21 -1.96 -12.62
C GLY A 199 -6.64 -2.27 -13.04
N ALA A 200 -6.99 -3.55 -13.01
CA ALA A 200 -8.34 -3.98 -13.37
C ALA A 200 -9.03 -4.67 -12.21
N SER A 201 -10.31 -4.99 -12.39
CA SER A 201 -11.08 -5.65 -11.35
C SER A 201 -12.15 -6.56 -11.95
N TYR A 202 -12.87 -7.28 -11.09
CA TYR A 202 -13.92 -8.18 -11.55
C TYR A 202 -14.93 -8.45 -10.43
N VAL A 203 -16.11 -8.91 -10.81
CA VAL A 203 -17.17 -9.21 -9.84
C VAL A 203 -16.89 -10.52 -9.11
N PHE A 204 -17.54 -10.70 -7.97
CA PHE A 204 -17.37 -11.91 -7.18
C PHE A 204 -18.58 -12.16 -6.28
N LYS A 205 -19.14 -13.37 -6.38
CA LYS A 205 -20.30 -13.73 -5.59
C LYS A 205 -21.37 -12.65 -5.64
N LEU A 206 -21.85 -12.36 -6.85
CA LEU A 206 -22.88 -11.35 -7.04
C LEU A 206 -24.07 -11.58 -6.11
N ALA A 207 -24.62 -12.79 -6.17
CA ALA A 207 -25.77 -13.14 -5.32
C ALA A 207 -25.49 -12.80 -3.87
N ALA A 208 -26.24 -11.83 -3.33
CA ALA A 208 -26.09 -11.42 -1.94
C ALA A 208 -27.44 -11.17 -1.29
N ALA A 209 -27.67 -11.82 -0.15
CA ALA A 209 -28.91 -11.66 0.57
C ALA A 209 -30.11 -12.12 -0.27
N LEU A 210 -29.90 -13.20 -1.01
CA LEU A 210 -30.96 -13.75 -1.87
C LEU A 210 -31.06 -15.26 -1.71
N GLU A 211 -32.25 -15.74 -1.40
CA GLU A 211 -32.49 -17.18 -1.23
C GLU A 211 -33.35 -17.73 -2.35
N MET A 1 -46.84 12.30 -13.62
CA MET A 1 -47.62 11.14 -13.18
C MET A 1 -46.90 10.39 -12.06
N ASN A 2 -47.64 9.57 -11.33
CA ASN A 2 -47.07 8.78 -10.24
C ASN A 2 -47.03 7.30 -10.58
N GLU A 3 -46.33 6.97 -11.67
CA GLU A 3 -46.22 5.59 -12.10
C GLU A 3 -44.77 5.10 -11.99
N ASN A 4 -44.62 3.79 -11.84
CA ASN A 4 -43.29 3.19 -11.72
C ASN A 4 -42.90 2.47 -13.00
N TYR A 5 -41.62 2.09 -13.09
CA TYR A 5 -41.12 1.41 -14.27
C TYR A 5 -40.53 0.05 -13.90
N PRO A 6 -40.40 -0.83 -14.90
CA PRO A 6 -39.85 -2.18 -14.71
C PRO A 6 -38.35 -2.15 -14.41
N ALA A 7 -37.77 -3.33 -14.22
CA ALA A 7 -36.35 -3.45 -13.94
C ALA A 7 -35.61 -4.09 -15.11
N LYS A 8 -34.30 -3.87 -15.16
CA LYS A 8 -33.47 -4.42 -16.23
C LYS A 8 -32.52 -5.48 -15.68
N SER A 9 -31.89 -6.23 -16.59
CA SER A 9 -30.96 -7.28 -16.20
C SER A 9 -29.74 -6.69 -15.50
N ALA A 10 -29.69 -6.82 -14.18
CA ALA A 10 -28.57 -6.30 -13.41
C ALA A 10 -27.81 -7.43 -12.72
N GLY A 11 -26.48 -7.33 -12.70
CA GLY A 11 -25.67 -8.35 -12.08
C GLY A 11 -24.88 -7.82 -10.90
N TYR A 12 -25.55 -7.07 -10.03
CA TYR A 12 -24.90 -6.50 -8.85
C TYR A 12 -25.91 -6.18 -7.77
N ASN A 13 -25.77 -6.84 -6.62
CA ASN A 13 -26.68 -6.63 -5.50
C ASN A 13 -25.91 -6.22 -4.25
N GLN A 14 -26.58 -5.49 -3.36
CA GLN A 14 -25.96 -5.03 -2.13
C GLN A 14 -25.35 -6.20 -1.36
N GLY A 15 -24.03 -6.13 -1.15
CA GLY A 15 -23.34 -7.20 -0.43
C GLY A 15 -22.53 -8.08 -1.35
N ASP A 16 -22.35 -7.64 -2.59
CA ASP A 16 -21.59 -8.40 -3.58
C ASP A 16 -20.10 -8.14 -3.42
N TRP A 17 -19.29 -9.05 -3.95
CA TRP A 17 -17.84 -8.91 -3.86
C TRP A 17 -17.24 -8.56 -5.23
N VAL A 18 -16.03 -8.02 -5.22
CA VAL A 18 -15.35 -7.65 -6.46
C VAL A 18 -13.83 -7.75 -6.30
N ALA A 19 -13.22 -8.60 -7.11
CA ALA A 19 -11.77 -8.78 -7.06
C ALA A 19 -11.06 -7.74 -7.91
N SER A 20 -10.40 -6.78 -7.25
CA SER A 20 -9.68 -5.72 -7.96
C SER A 20 -8.18 -5.95 -7.89
N PHE A 21 -7.58 -6.24 -9.04
CA PHE A 21 -6.14 -6.49 -9.11
C PHE A 21 -5.44 -5.36 -9.87
N ASN A 22 -4.43 -4.76 -9.24
CA ASN A 22 -3.68 -3.67 -9.85
C ASN A 22 -2.28 -3.57 -9.24
N PHE A 23 -1.45 -2.72 -9.83
CA PHE A 23 -0.09 -2.52 -9.35
C PHE A 23 0.01 -1.25 -8.51
N SER A 24 0.64 -1.37 -7.34
CA SER A 24 0.80 -0.22 -6.44
C SER A 24 2.21 0.36 -6.56
N LYS A 25 2.28 1.63 -6.94
CA LYS A 25 3.56 2.32 -7.09
C LYS A 25 3.94 3.05 -5.81
N VAL A 26 4.92 2.51 -5.09
CA VAL A 26 5.37 3.12 -3.85
C VAL A 26 6.40 4.21 -4.11
N TYR A 27 6.24 5.34 -3.42
CA TYR A 27 7.15 6.46 -3.59
C TYR A 27 7.73 6.90 -2.25
N VAL A 28 8.95 6.45 -1.97
CA VAL A 28 9.62 6.80 -0.71
C VAL A 28 11.13 6.91 -0.91
N GLY A 29 11.74 7.87 -0.23
CA GLY A 29 13.17 8.07 -0.34
C GLY A 29 13.56 9.53 -0.33
N GLU A 30 13.32 10.20 0.79
CA GLU A 30 13.64 11.62 0.93
C GLU A 30 15.06 11.80 1.47
N GLU A 31 15.26 11.39 2.71
CA GLU A 31 16.57 11.51 3.36
C GLU A 31 16.60 10.77 4.69
N LEU A 32 17.66 10.02 4.92
CA LEU A 32 17.81 9.26 6.16
C LEU A 32 18.82 9.92 7.09
N GLY A 33 18.66 9.71 8.38
CA GLY A 33 19.57 10.29 9.36
C GLY A 33 19.10 11.65 9.85
N ASP A 34 18.67 12.49 8.92
CA ASP A 34 18.19 13.83 9.27
C ASP A 34 17.13 13.76 10.36
N LEU A 35 17.20 14.70 11.30
CA LEU A 35 16.24 14.75 12.40
C LEU A 35 16.35 13.50 13.28
N ASN A 36 17.57 13.22 13.74
CA ASN A 36 17.81 12.06 14.58
C ASN A 36 17.66 12.41 16.06
N VAL A 37 18.21 13.56 16.44
CA VAL A 37 18.13 14.03 17.82
C VAL A 37 18.31 12.87 18.80
N GLY A 38 19.21 11.94 18.46
CA GLY A 38 19.45 10.80 19.31
C GLY A 38 20.58 9.94 18.80
N GLY A 39 21.69 9.90 19.55
CA GLY A 39 22.82 9.10 19.15
C GLY A 39 23.61 9.72 18.01
N GLY A 40 24.27 8.88 17.21
CA GLY A 40 25.04 9.38 16.09
C GLY A 40 24.24 10.30 15.20
N ALA A 41 24.90 11.33 14.67
CA ALA A 41 24.23 12.28 13.79
C ALA A 41 24.83 12.23 12.38
N LEU A 42 24.13 11.57 11.47
CA LEU A 42 24.58 11.45 10.10
C LEU A 42 23.57 12.06 9.13
N PRO A 43 23.43 13.38 9.20
CA PRO A 43 22.49 14.13 8.33
C PRO A 43 22.95 14.16 6.88
N ASN A 44 24.26 13.97 6.67
CA ASN A 44 24.82 13.97 5.32
C ASN A 44 24.73 12.58 4.70
N ALA A 45 23.53 12.00 4.73
CA ALA A 45 23.31 10.67 4.16
C ALA A 45 22.57 10.77 2.84
N ASP A 46 22.13 9.61 2.33
CA ASP A 46 21.41 9.56 1.07
C ASP A 46 20.62 8.26 0.94
N VAL A 47 19.32 8.38 0.69
CA VAL A 47 18.45 7.22 0.56
C VAL A 47 18.11 6.97 -0.91
N SER A 48 18.17 5.71 -1.32
CA SER A 48 17.88 5.33 -2.70
C SER A 48 16.93 4.12 -2.73
N ILE A 49 15.95 4.17 -3.62
CA ILE A 49 14.99 3.09 -3.76
C ILE A 49 15.33 2.21 -4.97
N GLY A 50 15.07 0.92 -4.83
CA GLY A 50 15.35 -0.01 -5.92
C GLY A 50 14.57 0.33 -7.18
N ASN A 51 14.58 -0.59 -8.14
CA ASN A 51 13.87 -0.39 -9.39
C ASN A 51 12.79 -1.46 -9.59
N ASP A 52 13.11 -2.68 -9.18
CA ASP A 52 12.17 -3.80 -9.31
C ASP A 52 10.82 -3.43 -8.72
N THR A 53 9.76 -4.03 -9.26
CA THR A 53 8.40 -3.76 -8.79
C THR A 53 7.53 -5.01 -8.89
N THR A 54 6.28 -4.90 -8.45
CA THR A 54 5.35 -6.02 -8.50
C THR A 54 3.91 -5.53 -8.42
N LEU A 55 2.97 -6.43 -8.66
CA LEU A 55 1.55 -6.10 -8.61
C LEU A 55 0.98 -6.35 -7.22
N THR A 56 -0.23 -5.86 -6.98
CA THR A 56 -0.88 -6.04 -5.69
C THR A 56 -2.35 -6.43 -5.87
N PHE A 57 -2.87 -7.20 -4.91
CA PHE A 57 -4.25 -7.64 -4.96
C PHE A 57 -5.12 -6.82 -4.00
N ASP A 58 -6.27 -6.37 -4.50
CA ASP A 58 -7.18 -5.57 -3.70
C ASP A 58 -8.58 -6.19 -3.70
N ILE A 59 -9.23 -6.20 -2.54
CA ILE A 59 -10.57 -6.75 -2.40
C ILE A 59 -11.61 -5.66 -2.20
N ALA A 60 -12.49 -5.50 -3.19
CA ALA A 60 -13.53 -4.49 -3.11
C ALA A 60 -14.89 -5.13 -2.82
N TYR A 61 -15.52 -4.71 -1.73
CA TYR A 61 -16.83 -5.23 -1.34
C TYR A 61 -17.92 -4.21 -1.61
N PHE A 62 -18.85 -4.57 -2.49
CA PHE A 62 -19.95 -3.68 -2.84
C PHE A 62 -21.17 -3.97 -1.96
N VAL A 63 -21.38 -3.12 -0.95
CA VAL A 63 -22.51 -3.27 -0.04
C VAL A 63 -23.67 -2.36 -0.44
N SER A 64 -23.34 -1.21 -1.02
CA SER A 64 -24.35 -0.24 -1.44
C SER A 64 -24.17 0.11 -2.91
N SER A 65 -24.90 1.14 -3.34
CA SER A 65 -24.82 1.59 -4.73
C SER A 65 -23.65 2.54 -4.93
N ASN A 66 -23.43 3.41 -3.94
CA ASN A 66 -22.33 4.38 -4.01
C ASN A 66 -21.44 4.28 -2.78
N ILE A 67 -21.42 3.09 -2.17
CA ILE A 67 -20.60 2.86 -0.98
C ILE A 67 -20.05 1.45 -0.96
N ALA A 68 -18.74 1.33 -0.81
CA ALA A 68 -18.08 0.03 -0.76
C ALA A 68 -16.77 0.10 0.01
N VAL A 69 -16.20 -1.07 0.31
CA VAL A 69 -14.94 -1.14 1.04
C VAL A 69 -13.81 -1.66 0.15
N ASP A 70 -12.59 -1.27 0.46
CA ASP A 70 -11.43 -1.70 -0.31
C ASP A 70 -10.31 -2.19 0.61
N PHE A 71 -9.80 -3.39 0.32
CA PHE A 71 -8.74 -3.97 1.13
C PHE A 71 -7.46 -4.10 0.32
N PHE A 72 -6.46 -3.29 0.67
CA PHE A 72 -5.17 -3.31 -0.02
C PHE A 72 -4.29 -4.43 0.50
N VAL A 73 -4.03 -5.42 -0.35
CA VAL A 73 -3.20 -6.56 0.02
C VAL A 73 -2.03 -6.72 -0.94
N GLY A 74 -0.82 -6.56 -0.42
CA GLY A 74 0.38 -6.70 -1.24
C GLY A 74 1.42 -7.59 -0.61
N VAL A 75 2.24 -8.24 -1.45
CA VAL A 75 3.29 -9.12 -0.97
C VAL A 75 4.53 -9.02 -1.83
N PRO A 76 5.23 -7.87 -1.74
CA PRO A 76 6.45 -7.62 -2.51
C PRO A 76 7.62 -8.48 -2.03
N ALA A 77 8.41 -8.97 -2.98
CA ALA A 77 9.57 -9.79 -2.65
C ALA A 77 10.63 -9.00 -1.91
N ARG A 78 11.78 -9.61 -1.68
CA ARG A 78 12.87 -8.96 -0.97
C ARG A 78 13.59 -7.97 -1.90
N ALA A 79 13.77 -6.75 -1.41
CA ALA A 79 14.45 -5.71 -2.18
C ALA A 79 15.53 -5.02 -1.35
N LYS A 80 16.55 -4.52 -2.02
CA LYS A 80 17.64 -3.84 -1.35
C LYS A 80 17.45 -2.32 -1.39
N PHE A 81 17.45 -1.70 -0.23
CA PHE A 81 17.27 -0.25 -0.14
C PHE A 81 18.55 0.42 0.34
N GLN A 82 18.74 1.68 -0.06
CA GLN A 82 19.92 2.43 0.32
C GLN A 82 19.57 3.58 1.26
N GLY A 83 20.49 3.90 2.16
CA GLY A 83 20.25 4.98 3.11
C GLY A 83 21.44 5.22 4.02
N GLU A 84 22.41 5.96 3.53
CA GLU A 84 23.61 6.27 4.30
C GLU A 84 24.54 7.21 3.53
N LYS A 85 25.71 7.48 4.11
CA LYS A 85 26.68 8.36 3.48
C LYS A 85 27.58 7.58 2.52
N SER A 86 28.43 6.73 3.08
CA SER A 86 29.34 5.94 2.26
C SER A 86 28.66 4.65 1.79
N ILE A 87 27.75 4.13 2.61
CA ILE A 87 27.04 2.91 2.27
C ILE A 87 26.10 3.13 1.09
N SER A 88 25.52 4.32 1.01
CA SER A 88 24.60 4.67 -0.07
C SER A 88 25.32 4.61 -1.43
N SER A 89 26.51 5.18 -1.48
CA SER A 89 27.30 5.20 -2.70
C SER A 89 27.54 3.79 -3.22
N LEU A 90 27.75 2.86 -2.30
CA LEU A 90 27.99 1.46 -2.65
C LEU A 90 26.78 0.86 -3.35
N GLY A 91 25.61 1.02 -2.73
CA GLY A 91 24.38 0.49 -3.31
C GLY A 91 23.78 -0.62 -2.46
N ARG A 92 24.55 -1.11 -1.50
CA ARG A 92 24.09 -2.18 -0.62
C ARG A 92 24.08 -1.71 0.84
N VAL A 93 22.92 -1.27 1.31
CA VAL A 93 22.77 -0.80 2.67
C VAL A 93 21.86 -1.72 3.47
N SER A 94 20.68 -1.99 2.93
CA SER A 94 19.71 -2.86 3.59
C SER A 94 19.03 -3.78 2.59
N GLU A 95 18.66 -4.97 3.04
CA GLU A 95 18.00 -5.95 2.19
C GLU A 95 16.89 -6.67 2.95
N VAL A 96 15.65 -6.53 2.48
CA VAL A 96 14.51 -7.17 3.11
C VAL A 96 13.22 -6.86 2.37
N ASP A 97 12.14 -7.55 2.73
CA ASP A 97 10.85 -7.34 2.10
C ASP A 97 9.88 -6.65 3.05
N TYR A 98 8.83 -6.06 2.50
CA TYR A 98 7.83 -5.35 3.30
C TYR A 98 6.45 -5.97 3.10
N GLY A 99 5.66 -5.98 4.17
CA GLY A 99 4.32 -6.54 4.08
C GLY A 99 3.25 -5.46 4.15
N PRO A 100 2.89 -4.91 2.98
CA PRO A 100 1.87 -3.86 2.87
C PRO A 100 0.46 -4.39 3.16
N ALA A 101 -0.10 -3.98 4.29
CA ALA A 101 -1.44 -4.41 4.67
C ALA A 101 -2.32 -3.23 5.03
N ILE A 102 -3.09 -2.76 4.07
CA ILE A 102 -3.99 -1.62 4.28
C ILE A 102 -5.44 -2.02 4.11
N LEU A 103 -6.30 -1.46 4.95
CA LEU A 103 -7.73 -1.76 4.90
C LEU A 103 -8.56 -0.50 5.13
N SER A 104 -9.22 -0.03 4.06
CA SER A 104 -10.05 1.16 4.15
C SER A 104 -11.36 0.97 3.38
N LEU A 105 -12.17 2.02 3.34
CA LEU A 105 -13.45 1.96 2.64
C LEU A 105 -13.59 3.15 1.70
N GLN A 106 -14.18 2.90 0.53
CA GLN A 106 -14.38 3.95 -0.47
C GLN A 106 -15.83 4.45 -0.44
N TYR A 107 -15.98 5.77 -0.44
CA TYR A 107 -17.31 6.37 -0.43
C TYR A 107 -17.38 7.55 -1.39
N HIS A 108 -18.55 7.74 -1.99
CA HIS A 108 -18.76 8.82 -2.95
C HIS A 108 -18.80 10.17 -2.22
N TYR A 109 -18.45 11.23 -2.95
CA TYR A 109 -18.45 12.57 -2.38
C TYR A 109 -18.73 13.62 -3.44
N ASP A 110 -19.53 14.62 -3.08
CA ASP A 110 -19.88 15.68 -4.01
C ASP A 110 -18.63 16.39 -4.53
N SER A 111 -18.54 16.54 -5.85
CA SER A 111 -17.39 17.19 -6.47
C SER A 111 -17.84 18.12 -7.60
N PHE A 112 -16.97 19.04 -7.98
CA PHE A 112 -17.28 19.99 -9.05
C PHE A 112 -16.15 20.02 -10.08
N GLU A 113 -15.60 18.85 -10.39
CA GLU A 113 -14.51 18.76 -11.36
C GLU A 113 -14.94 17.93 -12.57
N ARG A 114 -14.04 17.80 -13.54
CA ARG A 114 -14.32 17.04 -14.75
C ARG A 114 -14.70 15.61 -14.41
N LEU A 115 -14.05 15.04 -13.39
CA LEU A 115 -14.32 13.68 -12.97
C LEU A 115 -14.91 13.65 -11.56
N TYR A 116 -15.69 12.62 -11.26
CA TYR A 116 -16.31 12.49 -9.95
C TYR A 116 -15.88 11.18 -9.29
N PRO A 117 -14.61 11.11 -8.88
CA PRO A 117 -14.04 9.93 -8.23
C PRO A 117 -14.59 9.74 -6.81
N TYR A 118 -14.18 8.65 -6.18
CA TYR A 118 -14.63 8.34 -4.82
C TYR A 118 -13.50 8.48 -3.82
N VAL A 119 -13.81 8.96 -2.62
CA VAL A 119 -12.82 9.12 -1.57
C VAL A 119 -12.87 7.98 -0.56
N GLY A 120 -11.70 7.43 -0.23
CA GLY A 120 -11.64 6.35 0.72
C GLY A 120 -10.69 6.63 1.87
N VAL A 121 -10.88 5.92 2.98
CA VAL A 121 -10.04 6.10 4.16
C VAL A 121 -10.15 4.90 5.10
N GLY A 122 -9.06 4.62 5.81
CA GLY A 122 -9.05 3.51 6.74
C GLY A 122 -7.75 3.40 7.50
N VAL A 123 -7.39 2.17 7.89
CA VAL A 123 -6.15 1.94 8.63
C VAL A 123 -5.14 1.19 7.78
N GLY A 124 -3.94 1.75 7.67
CA GLY A 124 -2.89 1.11 6.88
C GLY A 124 -1.71 0.68 7.73
N ARG A 125 -1.42 -0.61 7.72
CA ARG A 125 -0.31 -1.15 8.50
C ARG A 125 0.71 -1.84 7.58
N VAL A 126 1.95 -1.38 7.64
CA VAL A 126 3.02 -1.96 6.82
C VAL A 126 4.11 -2.56 7.68
N LEU A 127 4.33 -3.86 7.55
CA LEU A 127 5.35 -4.55 8.32
C LEU A 127 5.72 -5.88 7.66
N PHE A 128 6.85 -6.44 8.09
CA PHE A 128 7.31 -7.72 7.54
C PHE A 128 8.41 -8.32 8.43
N PHE A 129 9.04 -9.37 7.94
CA PHE A 129 10.10 -10.05 8.68
C PHE A 129 11.47 -9.51 8.27
N ASP A 130 12.31 -9.25 9.27
CA ASP A 130 13.65 -8.73 9.02
C ASP A 130 14.53 -9.79 8.37
N LYS A 131 15.46 -9.36 7.53
CA LYS A 131 16.37 -10.26 6.84
C LYS A 131 17.82 -9.82 7.01
N THR A 132 18.16 -8.70 6.37
CA THR A 132 19.52 -8.17 6.44
C THR A 132 19.55 -6.69 6.08
N ASP A 133 19.08 -5.84 6.99
CA ASP A 133 19.06 -4.41 6.75
C ASP A 133 20.26 -3.73 7.40
N GLY A 134 20.39 -2.43 7.18
CA GLY A 134 21.51 -1.68 7.73
C GLY A 134 22.85 -2.17 7.22
N ALA A 135 23.81 -1.25 7.13
CA ALA A 135 25.14 -1.59 6.65
C ALA A 135 25.94 -2.33 7.71
N LEU A 136 25.33 -2.52 8.88
CA LEU A 136 25.99 -3.21 9.99
C LEU A 136 25.78 -4.72 9.88
N SER A 137 26.28 -5.46 10.87
CA SER A 137 26.15 -6.91 10.88
C SER A 137 24.68 -7.32 10.99
N SER A 138 24.05 -7.55 9.85
CA SER A 138 22.65 -7.94 9.81
C SER A 138 21.82 -7.07 10.75
N PHE A 139 21.54 -5.84 10.31
CA PHE A 139 20.76 -4.91 11.11
C PHE A 139 19.26 -5.16 10.94
N ASP A 140 18.49 -4.85 11.96
CA ASP A 140 17.04 -5.04 11.91
C ASP A 140 16.32 -3.71 11.66
N ILE A 141 15.04 -3.80 11.31
CA ILE A 141 14.25 -2.62 11.03
C ILE A 141 12.97 -2.61 11.85
N LYS A 142 12.34 -1.44 11.95
CA LYS A 142 11.09 -1.30 12.71
C LYS A 142 9.96 -0.84 11.81
N ASP A 143 9.04 -1.74 11.51
CA ASP A 143 7.89 -1.41 10.66
C ASP A 143 7.08 -0.26 11.25
N LYS A 144 5.93 0.01 10.64
CA LYS A 144 5.06 1.10 11.11
C LYS A 144 3.61 0.77 10.81
N TRP A 145 2.71 1.37 11.59
CA TRP A 145 1.28 1.15 11.41
C TRP A 145 0.48 2.37 11.87
N ALA A 146 -0.51 2.75 11.09
CA ALA A 146 -1.36 3.91 11.41
C ALA A 146 -2.43 4.11 10.35
N PRO A 147 -3.35 5.04 10.63
CA PRO A 147 -4.46 5.36 9.71
C PRO A 147 -3.98 6.08 8.45
N ALA A 148 -4.46 5.64 7.30
CA ALA A 148 -4.08 6.24 6.03
C ALA A 148 -5.30 6.57 5.19
N PHE A 149 -5.10 7.38 4.14
CA PHE A 149 -6.19 7.78 3.26
C PHE A 149 -5.91 7.36 1.83
N GLN A 150 -6.93 7.43 0.98
CA GLN A 150 -6.79 7.06 -0.42
C GLN A 150 -7.98 7.55 -1.24
N VAL A 151 -7.81 7.60 -2.56
CA VAL A 151 -8.88 8.05 -3.45
C VAL A 151 -8.72 7.44 -4.83
N GLY A 152 -9.85 7.08 -5.44
CA GLY A 152 -9.82 6.49 -6.76
C GLY A 152 -11.20 6.39 -7.39
N LEU A 153 -11.29 5.71 -8.52
CA LEU A 153 -12.56 5.53 -9.22
C LEU A 153 -12.60 4.21 -9.97
N ARG A 154 -13.81 3.72 -10.24
CA ARG A 154 -13.98 2.47 -10.96
C ARG A 154 -14.49 2.71 -12.37
N TYR A 155 -13.69 2.32 -13.36
CA TYR A 155 -14.07 2.50 -14.76
C TYR A 155 -14.48 1.19 -15.39
N ASP A 156 -15.46 1.24 -16.29
CA ASP A 156 -15.94 0.04 -16.97
C ASP A 156 -15.63 0.11 -18.47
N LEU A 157 -14.66 -0.67 -18.90
CA LEU A 157 -14.27 -0.70 -20.31
C LEU A 157 -14.99 -1.83 -21.05
N GLY A 158 -14.97 -1.76 -22.37
CA GLY A 158 -15.63 -2.78 -23.17
C GLY A 158 -14.83 -4.07 -23.23
N ASN A 159 -14.73 -4.76 -22.10
CA ASN A 159 -13.99 -6.01 -22.02
C ASN A 159 -14.57 -6.93 -20.95
N SER A 160 -14.04 -8.14 -20.86
CA SER A 160 -14.50 -9.11 -19.88
C SER A 160 -14.41 -8.54 -18.46
N TRP A 161 -13.34 -7.79 -18.21
CA TRP A 161 -13.13 -7.18 -16.90
C TRP A 161 -13.27 -5.67 -16.97
N MET A 162 -13.13 -5.01 -15.82
CA MET A 162 -13.24 -3.56 -15.76
C MET A 162 -11.92 -2.93 -15.30
N LEU A 163 -11.83 -1.61 -15.38
CA LEU A 163 -10.63 -0.89 -14.98
C LEU A 163 -10.83 -0.21 -13.62
N ASN A 164 -9.74 -0.06 -12.88
CA ASN A 164 -9.80 0.59 -11.58
C ASN A 164 -8.54 1.41 -11.31
N SER A 165 -8.72 2.59 -10.75
CA SER A 165 -7.59 3.48 -10.45
C SER A 165 -7.74 4.10 -9.06
N ASP A 166 -6.75 3.87 -8.20
CA ASP A 166 -6.76 4.40 -6.85
C ASP A 166 -5.38 4.89 -6.44
N VAL A 167 -5.32 5.68 -5.37
CA VAL A 167 -4.07 6.20 -4.87
C VAL A 167 -4.12 6.43 -3.36
N ARG A 168 -3.28 5.69 -2.63
CA ARG A 168 -3.22 5.81 -1.18
C ARG A 168 -2.09 6.73 -0.75
N TYR A 169 -2.32 7.45 0.35
CA TYR A 169 -1.31 8.38 0.87
C TYR A 169 -1.38 8.45 2.39
N ILE A 170 -0.21 8.57 3.02
CA ILE A 170 -0.13 8.65 4.47
C ILE A 170 1.31 8.82 4.93
N PRO A 171 1.68 10.05 5.32
CA PRO A 171 3.02 10.36 5.79
C PRO A 171 3.32 9.75 7.15
N PHE A 172 4.43 9.02 7.24
CA PHE A 172 4.83 8.37 8.48
C PHE A 172 6.34 8.29 8.59
N LYS A 173 6.83 7.76 9.71
CA LYS A 173 8.26 7.61 9.93
C LYS A 173 8.60 6.20 10.41
N THR A 174 9.55 5.56 9.74
CA THR A 174 9.96 4.20 10.09
C THR A 174 11.13 4.23 11.07
N ASP A 175 11.41 3.09 11.68
CA ASP A 175 12.50 2.98 12.64
C ASP A 175 13.46 1.86 12.24
N VAL A 176 14.63 1.83 12.88
CA VAL A 176 15.64 0.82 12.59
C VAL A 176 16.51 0.55 13.80
N THR A 177 16.83 -0.72 14.03
CA THR A 177 17.66 -1.11 15.15
C THR A 177 18.14 -2.55 15.02
N GLY A 178 18.92 -3.01 15.99
CA GLY A 178 19.44 -4.37 15.96
C GLY A 178 20.93 -4.44 16.23
N THR A 179 21.35 -5.48 16.94
CA THR A 179 22.76 -5.66 17.26
C THR A 179 23.00 -7.00 17.92
N LEU A 180 24.26 -7.28 18.25
CA LEU A 180 24.63 -8.54 18.88
C LEU A 180 25.67 -8.31 19.98
N GLY A 181 25.19 -8.06 21.20
CA GLY A 181 26.10 -7.82 22.31
C GLY A 181 25.95 -6.45 22.90
N PRO A 182 26.60 -5.45 22.26
CA PRO A 182 26.55 -4.06 22.73
C PRO A 182 25.18 -3.43 22.50
N VAL A 183 25.11 -2.11 22.68
CA VAL A 183 23.86 -1.38 22.50
C VAL A 183 23.60 -1.09 21.02
N PRO A 184 22.42 -1.50 20.54
CA PRO A 184 22.03 -1.28 19.14
C PRO A 184 21.75 0.18 18.83
N VAL A 185 21.81 0.54 17.54
CA VAL A 185 21.57 1.91 17.12
C VAL A 185 20.12 2.09 16.67
N SER A 186 19.33 2.78 17.48
CA SER A 186 17.92 3.03 17.17
C SER A 186 17.77 4.32 16.36
N THR A 187 17.53 4.17 15.06
CA THR A 187 17.36 5.32 14.18
C THR A 187 15.91 5.45 13.71
N LYS A 188 15.57 6.60 13.15
CA LYS A 188 14.22 6.85 12.65
C LYS A 188 14.23 7.85 11.50
N ILE A 189 13.31 7.67 10.56
CA ILE A 189 13.23 8.56 9.41
C ILE A 189 11.77 8.80 9.02
N GLU A 190 11.41 10.08 8.85
CA GLU A 190 10.05 10.44 8.47
C GLU A 190 9.95 10.71 6.98
N VAL A 191 9.13 9.92 6.29
CA VAL A 191 8.95 10.07 4.85
C VAL A 191 7.48 9.93 4.47
N ASP A 192 7.12 10.44 3.30
CA ASP A 192 5.75 10.37 2.82
C ASP A 192 5.63 9.36 1.68
N PRO A 193 5.34 8.10 2.04
CA PRO A 193 5.19 7.02 1.07
C PRO A 193 3.93 7.18 0.22
N PHE A 194 4.12 7.35 -1.09
CA PHE A 194 3.00 7.52 -2.00
C PHE A 194 2.71 6.21 -2.74
N ILE A 195 1.49 5.70 -2.56
CA ILE A 195 1.09 4.46 -3.21
C ILE A 195 0.06 4.72 -4.31
N LEU A 196 0.42 4.34 -5.54
CA LEU A 196 -0.46 4.54 -6.68
C LEU A 196 -0.93 3.20 -7.24
N SER A 197 -2.19 2.88 -7.00
CA SER A 197 -2.77 1.63 -7.48
C SER A 197 -3.49 1.83 -8.82
N LEU A 198 -3.08 1.06 -9.82
CA LEU A 198 -3.69 1.15 -11.15
C LEU A 198 -3.72 -0.22 -11.82
N GLY A 199 -4.91 -0.60 -12.30
CA GLY A 199 -5.05 -1.89 -12.97
C GLY A 199 -6.49 -2.16 -13.37
N ALA A 200 -6.95 -3.39 -13.14
CA ALA A 200 -8.31 -3.78 -13.49
C ALA A 200 -8.97 -4.54 -12.34
N SER A 201 -10.26 -4.82 -12.49
CA SER A 201 -11.01 -5.54 -11.47
C SER A 201 -12.06 -6.45 -12.10
N TYR A 202 -12.74 -7.23 -11.27
CA TYR A 202 -13.75 -8.16 -11.75
C TYR A 202 -14.85 -8.34 -10.70
N VAL A 203 -16.10 -8.37 -11.16
CA VAL A 203 -17.23 -8.55 -10.27
C VAL A 203 -17.38 -10.01 -9.83
N PHE A 204 -17.94 -10.20 -8.65
CA PHE A 204 -18.12 -11.55 -8.11
C PHE A 204 -19.30 -11.59 -7.13
N LYS A 205 -20.35 -12.30 -7.51
CA LYS A 205 -21.54 -12.42 -6.68
C LYS A 205 -21.64 -13.81 -6.07
N LEU A 206 -21.24 -14.82 -6.84
CA LEU A 206 -21.29 -16.20 -6.37
C LEU A 206 -19.90 -16.67 -5.93
N ALA A 207 -19.87 -17.61 -4.99
CA ALA A 207 -18.62 -18.14 -4.48
C ALA A 207 -18.23 -19.42 -5.21
N ALA A 208 -17.10 -19.39 -5.89
CA ALA A 208 -16.61 -20.55 -6.64
C ALA A 208 -15.64 -21.36 -5.80
N ALA A 209 -14.65 -20.70 -5.23
CA ALA A 209 -13.66 -21.37 -4.40
C ALA A 209 -14.03 -21.29 -2.92
N LEU A 210 -14.42 -22.43 -2.36
CA LEU A 210 -14.81 -22.48 -0.96
C LEU A 210 -13.98 -23.52 -0.21
N GLU A 211 -13.30 -23.08 0.84
CA GLU A 211 -12.47 -23.97 1.64
C GLU A 211 -13.31 -25.06 2.29
N MET A 1 -55.73 -0.41 -19.91
CA MET A 1 -55.21 -1.77 -19.87
C MET A 1 -54.09 -1.88 -18.84
N ASN A 2 -53.75 -3.12 -18.49
CA ASN A 2 -52.69 -3.37 -17.51
C ASN A 2 -51.78 -4.51 -17.97
N GLU A 3 -50.48 -4.31 -17.80
CA GLU A 3 -49.51 -5.33 -18.20
C GLU A 3 -48.36 -5.41 -17.21
N ASN A 4 -47.49 -6.39 -17.38
CA ASN A 4 -46.35 -6.59 -16.49
C ASN A 4 -45.05 -6.22 -17.19
N TYR A 5 -43.94 -6.23 -16.44
CA TYR A 5 -42.64 -5.90 -16.99
C TYR A 5 -41.54 -6.66 -16.27
N PRO A 6 -40.50 -7.06 -17.02
CA PRO A 6 -39.36 -7.80 -16.47
C PRO A 6 -38.49 -6.93 -15.57
N ALA A 7 -37.34 -7.47 -15.19
CA ALA A 7 -36.42 -6.74 -14.32
C ALA A 7 -35.02 -6.68 -14.95
N LYS A 8 -34.19 -5.78 -14.43
CA LYS A 8 -32.84 -5.61 -14.93
C LYS A 8 -31.81 -5.85 -13.83
N SER A 9 -30.53 -5.90 -14.21
CA SER A 9 -29.46 -6.14 -13.25
C SER A 9 -28.47 -4.98 -13.27
N ALA A 10 -27.51 -5.02 -12.34
CA ALA A 10 -26.49 -3.99 -12.25
C ALA A 10 -25.21 -4.53 -11.66
N GLY A 11 -24.14 -3.73 -11.69
CA GLY A 11 -22.87 -4.14 -11.15
C GLY A 11 -22.61 -3.58 -9.77
N TYR A 12 -23.66 -3.41 -8.99
CA TYR A 12 -23.55 -2.87 -7.64
C TYR A 12 -24.76 -3.23 -6.80
N ASN A 13 -24.54 -3.99 -5.73
CA ASN A 13 -25.62 -4.40 -4.84
C ASN A 13 -25.07 -4.87 -3.50
N GLN A 14 -25.86 -4.68 -2.44
CA GLN A 14 -25.44 -5.08 -1.10
C GLN A 14 -25.02 -6.55 -1.08
N GLY A 15 -23.83 -6.81 -0.56
CA GLY A 15 -23.33 -8.16 -0.49
C GLY A 15 -22.52 -8.54 -1.73
N ASP A 16 -22.29 -7.56 -2.59
CA ASP A 16 -21.53 -7.81 -3.83
C ASP A 16 -20.04 -7.94 -3.53
N TRP A 17 -19.37 -8.80 -4.28
CA TRP A 17 -17.94 -9.01 -4.10
C TRP A 17 -17.19 -8.85 -5.42
N VAL A 18 -16.24 -7.92 -5.44
CA VAL A 18 -15.44 -7.66 -6.63
C VAL A 18 -13.96 -7.63 -6.31
N ALA A 19 -13.19 -8.48 -7.00
CA ALA A 19 -11.74 -8.54 -6.79
C ALA A 19 -11.02 -7.49 -7.61
N SER A 20 -10.39 -6.53 -6.94
CA SER A 20 -9.66 -5.46 -7.60
C SER A 20 -8.16 -5.70 -7.53
N PHE A 21 -7.56 -6.04 -8.67
CA PHE A 21 -6.13 -6.29 -8.74
C PHE A 21 -5.43 -5.22 -9.55
N ASN A 22 -4.42 -4.59 -8.96
CA ASN A 22 -3.66 -3.54 -9.64
C ASN A 22 -2.25 -3.44 -9.07
N PHE A 23 -1.42 -2.61 -9.69
CA PHE A 23 -0.05 -2.41 -9.25
C PHE A 23 0.07 -1.17 -8.38
N SER A 24 0.69 -1.33 -7.21
CA SER A 24 0.87 -0.22 -6.29
C SER A 24 2.27 0.39 -6.44
N LYS A 25 2.29 1.69 -6.73
CA LYS A 25 3.55 2.41 -6.91
C LYS A 25 3.90 3.24 -5.66
N VAL A 26 4.86 2.76 -4.88
CA VAL A 26 5.27 3.46 -3.68
C VAL A 26 6.26 4.57 -3.99
N TYR A 27 6.00 5.75 -3.45
CA TYR A 27 6.86 6.91 -3.68
C TYR A 27 7.36 7.49 -2.36
N VAL A 28 8.58 7.15 -1.98
CA VAL A 28 9.16 7.63 -0.74
C VAL A 28 10.69 7.55 -0.77
N GLY A 29 11.34 8.45 -0.05
CA GLY A 29 12.79 8.45 -0.01
C GLY A 29 13.36 9.85 0.14
N GLU A 30 13.22 10.42 1.34
CA GLU A 30 13.72 11.75 1.60
C GLU A 30 15.17 11.71 2.09
N GLU A 31 15.37 11.13 3.28
CA GLU A 31 16.70 11.03 3.87
C GLU A 31 16.66 10.25 5.17
N LEU A 32 17.83 9.95 5.72
CA LEU A 32 17.93 9.22 6.97
C LEU A 32 18.29 10.15 8.13
N GLY A 33 17.84 9.80 9.33
CA GLY A 33 18.14 10.61 10.50
C GLY A 33 19.61 10.93 10.63
N ASP A 34 19.97 12.17 10.32
CA ASP A 34 21.37 12.60 10.41
C ASP A 34 21.96 12.25 11.77
N LEU A 35 21.12 12.28 12.80
CA LEU A 35 21.56 11.97 14.15
C LEU A 35 22.33 10.65 14.18
N ASN A 36 21.92 9.72 13.34
CA ASN A 36 22.57 8.41 13.27
C ASN A 36 24.08 8.57 13.10
N VAL A 37 24.82 8.35 14.18
CA VAL A 37 26.28 8.46 14.14
C VAL A 37 26.88 7.51 13.12
N GLY A 38 28.04 7.88 12.59
CA GLY A 38 28.69 7.04 11.61
C GLY A 38 30.18 6.92 11.85
N GLY A 39 30.91 8.02 11.70
CA GLY A 39 32.34 8.00 11.92
C GLY A 39 32.99 9.34 11.62
N GLY A 40 33.65 9.91 12.62
CA GLY A 40 34.31 11.20 12.43
C GLY A 40 33.31 12.33 12.25
N ALA A 41 33.36 12.97 11.07
CA ALA A 41 32.47 14.08 10.77
C ALA A 41 31.01 13.67 10.96
N LEU A 42 30.10 14.63 10.81
CA LEU A 42 28.68 14.37 10.97
C LEU A 42 27.93 14.71 9.68
N PRO A 43 28.18 13.91 8.63
CA PRO A 43 27.53 14.11 7.32
C PRO A 43 26.04 13.75 7.36
N ASN A 44 25.42 13.72 6.19
CA ASN A 44 24.01 13.39 6.07
C ASN A 44 23.79 12.19 5.17
N ALA A 45 22.95 11.26 5.62
CA ALA A 45 22.65 10.06 4.85
C ALA A 45 21.47 10.29 3.91
N ASP A 46 21.28 9.38 2.97
CA ASP A 46 20.19 9.48 2.01
C ASP A 46 19.53 8.12 1.80
N VAL A 47 18.20 8.11 1.80
CA VAL A 47 17.44 6.88 1.62
C VAL A 47 16.79 6.85 0.24
N SER A 48 16.60 5.65 -0.29
CA SER A 48 15.99 5.48 -1.61
C SER A 48 15.37 4.09 -1.74
N ILE A 49 14.32 3.99 -2.56
CA ILE A 49 13.65 2.72 -2.78
C ILE A 49 13.68 2.32 -4.25
N GLY A 50 14.34 1.20 -4.55
CA GLY A 50 14.43 0.74 -5.92
C GLY A 50 13.08 0.66 -6.59
N ASN A 51 13.08 0.69 -7.92
CA ASN A 51 11.84 0.61 -8.69
C ASN A 51 11.00 -0.58 -8.25
N ASP A 52 9.95 -0.30 -7.47
CA ASP A 52 9.06 -1.35 -6.99
C ASP A 52 8.45 -2.12 -8.15
N THR A 53 7.76 -1.40 -9.03
CA THR A 53 7.13 -2.01 -10.19
C THR A 53 6.54 -3.38 -9.84
N THR A 54 5.88 -3.46 -8.68
CA THR A 54 5.28 -4.70 -8.23
C THR A 54 3.76 -4.66 -8.34
N LEU A 55 3.12 -5.81 -8.18
CA LEU A 55 1.67 -5.91 -8.26
C LEU A 55 1.06 -6.16 -6.88
N THR A 56 -0.16 -5.68 -6.68
CA THR A 56 -0.85 -5.85 -5.42
C THR A 56 -2.29 -6.29 -5.63
N PHE A 57 -2.80 -7.14 -4.74
CA PHE A 57 -4.16 -7.63 -4.84
C PHE A 57 -5.07 -6.92 -3.84
N ASP A 58 -6.22 -6.47 -4.31
CA ASP A 58 -7.18 -5.77 -3.47
C ASP A 58 -8.57 -6.41 -3.56
N ILE A 59 -9.31 -6.38 -2.46
CA ILE A 59 -10.65 -6.96 -2.42
C ILE A 59 -11.69 -5.90 -2.09
N ALA A 60 -12.55 -5.61 -3.05
CA ALA A 60 -13.61 -4.62 -2.86
C ALA A 60 -14.95 -5.29 -2.61
N TYR A 61 -15.51 -5.06 -1.42
CA TYR A 61 -16.80 -5.64 -1.06
C TYR A 61 -17.89 -4.58 -1.02
N PHE A 62 -18.87 -4.71 -1.92
CA PHE A 62 -19.97 -3.76 -1.99
C PHE A 62 -21.10 -4.16 -1.04
N VAL A 63 -21.11 -3.56 0.16
CA VAL A 63 -22.12 -3.84 1.16
C VAL A 63 -23.35 -2.97 0.95
N SER A 64 -23.14 -1.75 0.47
CA SER A 64 -24.24 -0.82 0.23
C SER A 64 -24.15 -0.22 -1.16
N SER A 65 -25.23 0.39 -1.61
CA SER A 65 -25.27 1.02 -2.93
C SER A 65 -24.77 2.46 -2.86
N ASN A 66 -24.32 2.88 -1.68
CA ASN A 66 -23.81 4.23 -1.48
C ASN A 66 -22.31 4.21 -1.24
N ILE A 67 -21.83 3.15 -0.57
CA ILE A 67 -20.41 3.02 -0.28
C ILE A 67 -20.01 1.55 -0.21
N ALA A 68 -18.70 1.31 -0.10
CA ALA A 68 -18.19 -0.05 -0.02
C ALA A 68 -16.81 -0.07 0.64
N VAL A 69 -16.31 -1.27 0.90
CA VAL A 69 -15.00 -1.43 1.53
C VAL A 69 -13.99 -2.05 0.55
N ASP A 70 -12.72 -1.71 0.73
CA ASP A 70 -11.66 -2.24 -0.12
C ASP A 70 -10.43 -2.63 0.70
N PHE A 71 -9.98 -3.86 0.51
CA PHE A 71 -8.81 -4.35 1.23
C PHE A 71 -7.57 -4.34 0.35
N PHE A 72 -6.41 -4.10 0.96
CA PHE A 72 -5.15 -4.06 0.22
C PHE A 72 -4.17 -5.10 0.77
N VAL A 73 -3.87 -6.10 -0.06
CA VAL A 73 -2.95 -7.16 0.34
C VAL A 73 -1.87 -7.37 -0.72
N GLY A 74 -0.68 -7.74 -0.27
CA GLY A 74 0.42 -7.97 -1.20
C GLY A 74 1.57 -8.73 -0.55
N VAL A 75 1.99 -9.80 -1.21
CA VAL A 75 3.09 -10.62 -0.70
C VAL A 75 4.29 -10.60 -1.65
N PRO A 76 4.94 -9.44 -1.76
CA PRO A 76 6.10 -9.25 -2.63
C PRO A 76 7.33 -10.00 -2.12
N ALA A 77 8.30 -10.20 -3.00
CA ALA A 77 9.53 -10.90 -2.64
C ALA A 77 10.48 -9.98 -1.88
N ARG A 78 11.73 -10.40 -1.76
CA ARG A 78 12.74 -9.62 -1.06
C ARG A 78 13.23 -8.47 -1.92
N ALA A 79 13.42 -7.30 -1.31
CA ALA A 79 13.89 -6.12 -2.01
C ALA A 79 15.00 -5.42 -1.25
N LYS A 80 15.88 -4.74 -1.98
CA LYS A 80 16.99 -4.02 -1.37
C LYS A 80 16.73 -2.52 -1.35
N PHE A 81 16.93 -1.91 -0.18
CA PHE A 81 16.71 -0.48 -0.03
C PHE A 81 18.00 0.23 0.39
N GLN A 82 18.07 1.52 0.12
CA GLN A 82 19.24 2.31 0.47
C GLN A 82 18.93 3.30 1.59
N GLY A 83 19.94 3.60 2.41
CA GLY A 83 19.74 4.53 3.50
C GLY A 83 21.02 4.79 4.27
N GLU A 84 21.91 5.60 3.68
CA GLU A 84 23.18 5.93 4.32
C GLU A 84 23.98 6.89 3.45
N LYS A 85 25.19 7.21 3.90
CA LYS A 85 26.06 8.12 3.17
C LYS A 85 26.88 7.38 2.11
N SER A 86 27.81 6.55 2.56
CA SER A 86 28.65 5.78 1.66
C SER A 86 27.96 4.49 1.23
N ILE A 87 27.16 3.93 2.13
CA ILE A 87 26.44 2.70 1.86
C ILE A 87 25.40 2.91 0.75
N SER A 88 24.81 4.09 0.73
CA SER A 88 23.80 4.42 -0.27
C SER A 88 24.38 4.37 -1.68
N SER A 89 25.47 5.11 -1.89
CA SER A 89 26.13 5.16 -3.18
C SER A 89 26.40 3.75 -3.70
N LEU A 90 26.73 2.83 -2.80
CA LEU A 90 27.01 1.45 -3.15
C LEU A 90 25.78 0.78 -3.75
N GLY A 91 24.61 1.10 -3.20
CA GLY A 91 23.37 0.52 -3.69
C GLY A 91 22.88 -0.63 -2.82
N ARG A 92 23.76 -1.12 -1.96
CA ARG A 92 23.41 -2.23 -1.07
C ARG A 92 23.52 -1.81 0.39
N VAL A 93 22.40 -1.40 0.97
CA VAL A 93 22.36 -0.98 2.36
C VAL A 93 21.59 -1.96 3.23
N SER A 94 20.35 -2.25 2.82
CA SER A 94 19.50 -3.17 3.56
C SER A 94 18.70 -4.06 2.60
N GLU A 95 18.52 -5.32 2.97
CA GLU A 95 17.78 -6.27 2.15
C GLU A 95 16.75 -7.03 2.99
N VAL A 96 15.47 -6.82 2.68
CA VAL A 96 14.39 -7.49 3.39
C VAL A 96 13.15 -7.60 2.53
N ASP A 97 12.16 -8.35 3.02
CA ASP A 97 10.91 -8.54 2.29
C ASP A 97 9.93 -7.41 2.59
N TYR A 98 8.82 -7.39 1.86
CA TYR A 98 7.80 -6.36 2.04
C TYR A 98 6.45 -6.99 2.36
N GLY A 99 5.81 -6.49 3.40
CA GLY A 99 4.50 -7.01 3.79
C GLY A 99 3.47 -5.92 3.98
N PRO A 100 3.12 -5.23 2.87
CA PRO A 100 2.15 -4.15 2.89
C PRO A 100 0.73 -4.66 3.14
N ALA A 101 0.17 -4.30 4.29
CA ALA A 101 -1.18 -4.72 4.65
C ALA A 101 -2.04 -3.52 5.05
N ILE A 102 -2.93 -3.12 4.16
CA ILE A 102 -3.82 -1.98 4.42
C ILE A 102 -5.27 -2.34 4.17
N LEU A 103 -6.17 -1.69 4.90
CA LEU A 103 -7.60 -1.94 4.76
C LEU A 103 -8.41 -0.66 4.96
N SER A 104 -9.09 -0.23 3.91
CA SER A 104 -9.90 0.98 3.97
C SER A 104 -11.22 0.80 3.22
N LEU A 105 -12.00 1.87 3.14
CA LEU A 105 -13.28 1.82 2.45
C LEU A 105 -13.45 3.03 1.54
N GLN A 106 -14.16 2.85 0.44
CA GLN A 106 -14.40 3.92 -0.51
C GLN A 106 -15.83 4.44 -0.40
N TYR A 107 -15.98 5.76 -0.48
CA TYR A 107 -17.30 6.39 -0.38
C TYR A 107 -17.40 7.59 -1.31
N HIS A 108 -18.58 7.77 -1.91
CA HIS A 108 -18.81 8.88 -2.83
C HIS A 108 -19.43 10.06 -2.10
N TYR A 109 -18.96 11.27 -2.43
CA TYR A 109 -19.48 12.48 -1.80
C TYR A 109 -19.83 13.53 -2.85
N ASP A 110 -21.13 13.74 -3.04
CA ASP A 110 -21.60 14.72 -4.01
C ASP A 110 -23.11 14.89 -3.91
N SER A 111 -23.65 15.80 -4.74
CA SER A 111 -25.10 16.06 -4.73
C SER A 111 -25.73 15.56 -6.02
N PHE A 112 -25.23 14.44 -6.53
CA PHE A 112 -25.76 13.86 -7.76
C PHE A 112 -25.76 14.89 -8.89
N GLU A 113 -24.73 15.73 -8.92
CA GLU A 113 -24.61 16.76 -9.94
C GLU A 113 -23.96 16.20 -11.20
N ARG A 114 -22.65 15.95 -11.13
CA ARG A 114 -21.92 15.41 -12.27
C ARG A 114 -21.06 14.22 -11.85
N LEU A 115 -20.48 13.54 -12.83
CA LEU A 115 -19.63 12.38 -12.56
C LEU A 115 -18.36 12.79 -11.83
N TYR A 116 -17.98 12.01 -10.83
CA TYR A 116 -16.78 12.31 -10.04
C TYR A 116 -16.26 11.05 -9.37
N PRO A 117 -14.97 11.07 -8.97
CA PRO A 117 -14.33 9.94 -8.30
C PRO A 117 -14.86 9.72 -6.89
N TYR A 118 -14.36 8.69 -6.22
CA TYR A 118 -14.78 8.37 -4.87
C TYR A 118 -13.62 8.51 -3.88
N VAL A 119 -13.93 8.98 -2.69
CA VAL A 119 -12.92 9.17 -1.64
C VAL A 119 -12.92 8.00 -0.67
N GLY A 120 -11.73 7.49 -0.37
CA GLY A 120 -11.62 6.38 0.56
C GLY A 120 -10.66 6.67 1.70
N VAL A 121 -10.66 5.80 2.71
CA VAL A 121 -9.78 5.96 3.86
C VAL A 121 -9.89 4.78 4.81
N GLY A 122 -8.83 4.52 5.55
CA GLY A 122 -8.82 3.42 6.50
C GLY A 122 -7.50 3.29 7.24
N VAL A 123 -7.18 2.07 7.66
CA VAL A 123 -5.95 1.82 8.38
C VAL A 123 -4.97 1.00 7.53
N GLY A 124 -3.74 1.51 7.41
CA GLY A 124 -2.74 0.81 6.62
C GLY A 124 -1.52 0.44 7.45
N ARG A 125 -1.36 -0.85 7.72
CA ARG A 125 -0.23 -1.34 8.50
C ARG A 125 0.85 -1.92 7.60
N VAL A 126 2.06 -1.39 7.72
CA VAL A 126 3.18 -1.85 6.92
C VAL A 126 4.12 -2.74 7.73
N LEU A 127 4.12 -4.02 7.41
CA LEU A 127 4.97 -4.98 8.12
C LEU A 127 5.94 -5.66 7.15
N PHE A 128 7.05 -6.16 7.70
CA PHE A 128 8.05 -6.85 6.89
C PHE A 128 8.95 -7.72 7.76
N PHE A 129 9.70 -8.60 7.11
CA PHE A 129 10.60 -9.51 7.82
C PHE A 129 12.04 -9.01 7.74
N ASP A 130 12.63 -8.71 8.89
CA ASP A 130 14.01 -8.23 8.95
C ASP A 130 14.98 -9.32 8.52
N LYS A 131 15.32 -9.32 7.23
CA LYS A 131 16.25 -10.30 6.68
C LYS A 131 17.68 -10.01 7.12
N THR A 132 18.29 -9.00 6.49
CA THR A 132 19.66 -8.63 6.81
C THR A 132 19.98 -7.22 6.30
N ASP A 133 20.37 -6.34 7.21
CA ASP A 133 20.70 -4.96 6.85
C ASP A 133 22.20 -4.73 6.94
N GLY A 134 22.83 -4.47 5.80
CA GLY A 134 24.26 -4.23 5.77
C GLY A 134 24.62 -2.85 6.29
N ALA A 135 23.62 -1.99 6.43
CA ALA A 135 23.84 -0.64 6.92
C ALA A 135 24.79 -0.63 8.12
N LEU A 136 24.79 -1.72 8.88
CA LEU A 136 25.64 -1.84 10.05
C LEU A 136 25.82 -3.30 10.46
N SER A 137 26.82 -3.57 11.29
CA SER A 137 27.09 -4.93 11.74
C SER A 137 25.79 -5.65 12.09
N SER A 138 25.29 -6.46 11.15
CA SER A 138 24.05 -7.20 11.37
C SER A 138 22.94 -6.28 11.88
N PHE A 139 22.54 -5.33 11.04
CA PHE A 139 21.49 -4.38 11.40
C PHE A 139 20.13 -4.88 10.91
N ASP A 140 19.07 -4.33 11.51
CA ASP A 140 17.71 -4.71 11.13
C ASP A 140 16.80 -3.49 11.10
N ILE A 141 15.61 -3.66 10.53
CA ILE A 141 14.65 -2.57 10.43
C ILE A 141 13.38 -2.90 11.20
N LYS A 142 12.69 -1.87 11.68
CA LYS A 142 11.45 -2.05 12.43
C LYS A 142 10.26 -1.48 11.66
N ASP A 143 9.28 -2.34 11.41
CA ASP A 143 8.08 -1.93 10.68
C ASP A 143 7.15 -1.12 11.58
N LYS A 144 5.96 -0.80 11.06
CA LYS A 144 4.97 -0.04 11.82
C LYS A 144 3.64 0.01 11.08
N TRP A 145 2.66 0.66 11.68
CA TRP A 145 1.34 0.78 11.08
C TRP A 145 0.76 2.18 11.30
N ALA A 146 -0.22 2.54 10.50
CA ALA A 146 -0.87 3.84 10.61
C ALA A 146 -1.97 4.00 9.59
N PRO A 147 -2.83 5.02 9.78
CA PRO A 147 -3.94 5.31 8.88
C PRO A 147 -3.48 5.83 7.52
N ALA A 148 -4.36 5.77 6.53
CA ALA A 148 -4.04 6.24 5.19
C ALA A 148 -5.29 6.72 4.46
N PHE A 149 -5.13 7.74 3.63
CA PHE A 149 -6.25 8.30 2.87
C PHE A 149 -6.20 7.83 1.42
N GLN A 150 -7.25 7.15 0.99
CA GLN A 150 -7.34 6.65 -0.37
C GLN A 150 -8.27 7.51 -1.22
N VAL A 151 -8.07 7.48 -2.54
CA VAL A 151 -8.88 8.26 -3.45
C VAL A 151 -8.72 7.77 -4.89
N GLY A 152 -9.84 7.41 -5.51
CA GLY A 152 -9.80 6.94 -6.89
C GLY A 152 -11.17 6.70 -7.46
N LEU A 153 -11.26 5.89 -8.51
CA LEU A 153 -12.53 5.59 -9.16
C LEU A 153 -12.49 4.20 -9.81
N ARG A 154 -13.66 3.69 -10.15
CA ARG A 154 -13.77 2.39 -10.78
C ARG A 154 -14.33 2.50 -12.20
N TYR A 155 -13.56 2.06 -13.18
CA TYR A 155 -13.98 2.12 -14.57
C TYR A 155 -14.39 0.74 -15.07
N ASP A 156 -15.25 0.73 -16.09
CA ASP A 156 -15.73 -0.53 -16.67
C ASP A 156 -15.36 -0.62 -18.15
N LEU A 157 -14.35 -1.42 -18.46
CA LEU A 157 -13.90 -1.59 -19.84
C LEU A 157 -14.90 -2.42 -20.63
N GLY A 158 -14.93 -2.20 -21.94
CA GLY A 158 -15.85 -2.93 -22.80
C GLY A 158 -15.73 -4.43 -22.62
N ASN A 159 -14.52 -4.90 -22.34
CA ASN A 159 -14.28 -6.33 -22.14
C ASN A 159 -14.89 -6.80 -20.83
N SER A 160 -14.80 -8.11 -20.59
CA SER A 160 -15.35 -8.70 -19.36
C SER A 160 -14.67 -8.11 -18.12
N TRP A 161 -13.38 -7.84 -18.24
CA TRP A 161 -12.61 -7.27 -17.14
C TRP A 161 -12.82 -5.76 -17.05
N MET A 162 -12.86 -5.24 -15.82
CA MET A 162 -13.05 -3.81 -15.60
C MET A 162 -11.75 -3.15 -15.15
N LEU A 163 -11.75 -1.82 -15.14
CA LEU A 163 -10.57 -1.06 -14.72
C LEU A 163 -10.77 -0.44 -13.35
N ASN A 164 -9.67 -0.31 -12.60
CA ASN A 164 -9.73 0.27 -11.27
C ASN A 164 -8.48 1.11 -10.98
N SER A 165 -8.70 2.32 -10.46
CA SER A 165 -7.60 3.21 -10.14
C SER A 165 -7.78 3.84 -8.77
N ASP A 166 -6.80 3.64 -7.90
CA ASP A 166 -6.85 4.19 -6.55
C ASP A 166 -5.54 4.90 -6.19
N VAL A 167 -5.63 5.87 -5.29
CA VAL A 167 -4.45 6.62 -4.87
C VAL A 167 -4.39 6.73 -3.34
N ARG A 168 -3.30 6.25 -2.76
CA ARG A 168 -3.12 6.30 -1.31
C ARG A 168 -2.14 7.40 -0.92
N TYR A 169 -2.52 8.21 0.06
CA TYR A 169 -1.68 9.30 0.53
C TYR A 169 -1.78 9.46 2.04
N ILE A 170 -0.64 9.49 2.71
CA ILE A 170 -0.60 9.64 4.16
C ILE A 170 0.84 9.59 4.68
N PRO A 171 1.17 10.53 5.56
CA PRO A 171 2.52 10.61 6.16
C PRO A 171 2.80 9.48 7.13
N PHE A 172 3.71 8.59 6.74
CA PHE A 172 4.06 7.45 7.58
C PHE A 172 5.55 7.45 7.89
N LYS A 173 5.91 6.85 9.02
CA LYS A 173 7.31 6.78 9.44
C LYS A 173 7.69 5.35 9.82
N THR A 174 8.98 5.03 9.70
CA THR A 174 9.47 3.70 10.04
C THR A 174 10.57 3.77 11.08
N ASP A 175 10.97 2.61 11.59
CA ASP A 175 12.02 2.55 12.60
C ASP A 175 13.13 1.59 12.16
N VAL A 176 14.28 1.69 12.82
CA VAL A 176 15.42 0.84 12.50
C VAL A 176 16.35 0.69 13.70
N THR A 177 16.91 -0.51 13.87
CA THR A 177 17.83 -0.77 14.97
C THR A 177 18.57 -2.08 14.77
N GLY A 178 19.43 -2.44 15.72
CA GLY A 178 20.19 -3.66 15.62
C GLY A 178 19.91 -4.61 16.78
N THR A 179 20.82 -5.56 16.99
CA THR A 179 20.68 -6.53 18.07
C THR A 179 21.89 -6.53 18.98
N LEU A 180 21.94 -7.48 19.90
CA LEU A 180 23.06 -7.59 20.84
C LEU A 180 24.37 -7.84 20.10
N GLY A 181 25.45 -7.30 20.63
CA GLY A 181 26.76 -7.47 20.01
C GLY A 181 27.35 -6.17 19.54
N PRO A 182 27.01 -5.76 18.31
CA PRO A 182 27.50 -4.52 17.71
C PRO A 182 26.92 -3.28 18.39
N VAL A 183 26.98 -2.14 17.69
CA VAL A 183 26.47 -0.89 18.23
C VAL A 183 25.17 -0.50 17.54
N PRO A 184 24.04 -1.00 18.08
CA PRO A 184 22.71 -0.72 17.53
C PRO A 184 22.30 0.74 17.76
N VAL A 185 21.62 1.32 16.76
CA VAL A 185 21.17 2.70 16.86
C VAL A 185 19.68 2.80 16.55
N SER A 186 18.88 3.05 17.59
CA SER A 186 17.44 3.16 17.43
C SER A 186 17.07 4.51 16.81
N THR A 187 16.71 4.47 15.52
CA THR A 187 16.34 5.68 14.79
C THR A 187 15.04 5.48 14.03
N LYS A 188 14.51 6.57 13.47
CA LYS A 188 13.27 6.52 12.71
C LYS A 188 13.25 7.58 11.62
N ILE A 189 12.38 7.41 10.64
CA ILE A 189 12.26 8.35 9.54
C ILE A 189 10.79 8.63 9.20
N GLU A 190 10.45 9.92 9.15
CA GLU A 190 9.08 10.32 8.84
C GLU A 190 8.99 10.88 7.42
N VAL A 191 8.28 10.17 6.55
CA VAL A 191 8.11 10.60 5.16
C VAL A 191 6.67 10.41 4.70
N ASP A 192 6.36 10.97 3.53
CA ASP A 192 5.02 10.85 2.98
C ASP A 192 5.00 9.89 1.79
N PRO A 193 4.81 8.59 2.09
CA PRO A 193 4.77 7.55 1.06
C PRO A 193 3.53 7.63 0.19
N PHE A 194 3.71 7.78 -1.12
CA PHE A 194 2.60 7.88 -2.05
C PHE A 194 2.41 6.57 -2.80
N ILE A 195 1.26 5.93 -2.58
CA ILE A 195 0.97 4.66 -3.25
C ILE A 195 -0.02 4.87 -4.39
N LEU A 196 0.36 4.42 -5.58
CA LEU A 196 -0.48 4.55 -6.77
C LEU A 196 -0.95 3.18 -7.25
N SER A 197 -2.23 2.91 -7.06
CA SER A 197 -2.81 1.63 -7.47
C SER A 197 -3.52 1.77 -8.82
N LEU A 198 -2.99 1.07 -9.83
CA LEU A 198 -3.58 1.12 -11.16
C LEU A 198 -3.62 -0.27 -11.79
N GLY A 199 -4.81 -0.73 -12.14
CA GLY A 199 -4.95 -2.05 -12.75
C GLY A 199 -6.38 -2.34 -13.18
N ALA A 200 -6.81 -3.57 -12.98
CA ALA A 200 -8.16 -3.98 -13.35
C ALA A 200 -8.86 -4.67 -12.19
N SER A 201 -10.15 -4.96 -12.37
CA SER A 201 -10.93 -5.62 -11.34
C SER A 201 -11.98 -6.54 -11.96
N TYR A 202 -12.51 -7.45 -11.14
CA TYR A 202 -13.52 -8.39 -11.61
C TYR A 202 -14.70 -8.47 -10.63
N VAL A 203 -15.86 -8.03 -11.08
CA VAL A 203 -17.06 -8.05 -10.25
C VAL A 203 -17.64 -9.46 -10.15
N PHE A 204 -18.19 -9.79 -8.99
CA PHE A 204 -18.78 -11.10 -8.76
C PHE A 204 -19.96 -11.01 -7.79
N LYS A 205 -21.04 -11.72 -8.12
CA LYS A 205 -22.23 -11.72 -7.28
C LYS A 205 -22.75 -13.14 -7.08
N LEU A 206 -23.78 -13.28 -6.25
CA LEU A 206 -24.38 -14.59 -5.97
C LEU A 206 -25.25 -15.04 -7.14
N ALA A 207 -26.30 -14.26 -7.42
CA ALA A 207 -27.21 -14.59 -8.51
C ALA A 207 -26.46 -14.73 -9.83
N ALA A 208 -26.78 -15.77 -10.57
CA ALA A 208 -26.14 -16.02 -11.86
C ALA A 208 -26.68 -15.08 -12.93
N ALA A 209 -27.98 -15.15 -13.18
CA ALA A 209 -28.61 -14.31 -14.19
C ALA A 209 -28.05 -14.58 -15.58
N LEU A 210 -27.82 -15.86 -15.87
CA LEU A 210 -27.29 -16.26 -17.17
C LEU A 210 -28.41 -16.71 -18.10
N GLU A 211 -29.31 -17.53 -17.59
CA GLU A 211 -30.43 -18.04 -18.37
C GLU A 211 -31.75 -17.84 -17.63
N MET A 1 -48.55 -1.57 0.99
CA MET A 1 -47.13 -1.38 0.69
C MET A 1 -46.71 -2.21 -0.51
N ASN A 2 -46.95 -3.51 -0.45
CA ASN A 2 -46.60 -4.41 -1.54
C ASN A 2 -45.12 -4.29 -1.88
N GLU A 3 -44.28 -4.14 -0.85
CA GLU A 3 -42.85 -4.00 -1.05
C GLU A 3 -42.21 -5.37 -1.34
N ASN A 4 -41.73 -5.54 -2.56
CA ASN A 4 -41.10 -6.78 -2.98
C ASN A 4 -39.58 -6.65 -2.96
N TYR A 5 -38.90 -7.77 -2.73
CA TYR A 5 -37.44 -7.79 -2.68
C TYR A 5 -36.85 -7.14 -3.93
N PRO A 6 -35.61 -6.66 -3.82
CA PRO A 6 -34.90 -6.00 -4.92
C PRO A 6 -34.53 -6.99 -6.03
N ALA A 7 -33.91 -6.47 -7.09
CA ALA A 7 -33.50 -7.30 -8.22
C ALA A 7 -32.21 -8.04 -7.91
N LYS A 8 -32.20 -9.34 -8.18
CA LYS A 8 -31.02 -10.16 -7.93
C LYS A 8 -30.20 -10.34 -9.20
N SER A 9 -30.89 -10.45 -10.34
CA SER A 9 -30.23 -10.62 -11.62
C SER A 9 -29.16 -9.55 -11.83
N ALA A 10 -29.45 -8.34 -11.38
CA ALA A 10 -28.51 -7.23 -11.51
C ALA A 10 -27.15 -7.59 -10.94
N GLY A 11 -26.11 -6.90 -11.42
CA GLY A 11 -24.77 -7.17 -10.94
C GLY A 11 -24.29 -6.12 -9.95
N TYR A 12 -25.18 -5.67 -9.08
CA TYR A 12 -24.84 -4.66 -8.09
C TYR A 12 -25.91 -4.61 -6.99
N ASN A 13 -25.51 -5.02 -5.79
CA ASN A 13 -26.44 -5.02 -4.65
C ASN A 13 -25.67 -5.25 -3.34
N GLN A 14 -26.37 -5.06 -2.23
CA GLN A 14 -25.76 -5.26 -0.91
C GLN A 14 -25.22 -6.68 -0.77
N GLY A 15 -23.92 -6.79 -0.53
CA GLY A 15 -23.30 -8.10 -0.38
C GLY A 15 -22.51 -8.51 -1.60
N ASP A 16 -22.37 -7.59 -2.56
CA ASP A 16 -21.63 -7.87 -3.78
C ASP A 16 -20.15 -8.05 -3.48
N TRP A 17 -19.50 -8.93 -4.23
CA TRP A 17 -18.08 -9.20 -4.05
C TRP A 17 -17.31 -9.01 -5.37
N VAL A 18 -16.33 -8.12 -5.35
CA VAL A 18 -15.53 -7.85 -6.54
C VAL A 18 -14.04 -7.88 -6.21
N ALA A 19 -13.27 -8.55 -7.07
CA ALA A 19 -11.82 -8.65 -6.87
C ALA A 19 -11.09 -7.57 -7.64
N SER A 20 -10.40 -6.70 -6.91
CA SER A 20 -9.65 -5.61 -7.53
C SER A 20 -8.15 -5.88 -7.49
N PHE A 21 -7.58 -6.19 -8.65
CA PHE A 21 -6.16 -6.47 -8.74
C PHE A 21 -5.43 -5.38 -9.53
N ASN A 22 -4.46 -4.75 -8.88
CA ASN A 22 -3.69 -3.68 -9.51
C ASN A 22 -2.28 -3.59 -8.92
N PHE A 23 -1.44 -2.76 -9.51
CA PHE A 23 -0.08 -2.59 -9.05
C PHE A 23 0.03 -1.37 -8.13
N SER A 24 0.68 -1.57 -6.98
CA SER A 24 0.86 -0.49 -6.00
C SER A 24 2.25 0.10 -6.09
N LYS A 25 2.33 1.34 -6.59
CA LYS A 25 3.61 2.03 -6.73
C LYS A 25 3.90 2.89 -5.51
N VAL A 26 4.82 2.44 -4.67
CA VAL A 26 5.19 3.17 -3.46
C VAL A 26 6.15 4.32 -3.79
N TYR A 27 5.74 5.54 -3.46
CA TYR A 27 6.55 6.72 -3.71
C TYR A 27 7.17 7.24 -2.43
N VAL A 28 8.44 6.91 -2.21
CA VAL A 28 9.15 7.35 -1.02
C VAL A 28 10.66 7.09 -1.15
N GLY A 29 11.45 8.03 -0.65
CA GLY A 29 12.89 7.89 -0.73
C GLY A 29 13.61 9.22 -0.77
N GLU A 30 13.62 9.93 0.34
CA GLU A 30 14.27 11.24 0.43
C GLU A 30 15.73 11.09 0.84
N GLU A 31 15.95 10.63 2.06
CA GLU A 31 17.30 10.44 2.59
C GLU A 31 17.27 9.93 4.02
N LEU A 32 17.53 8.63 4.18
CA LEU A 32 17.54 8.01 5.50
C LEU A 32 18.52 8.72 6.44
N GLY A 33 18.42 8.42 7.72
CA GLY A 33 19.30 9.03 8.70
C GLY A 33 20.66 8.36 8.75
N ASP A 34 21.70 9.09 8.36
CA ASP A 34 23.06 8.55 8.37
C ASP A 34 23.40 7.94 9.72
N LEU A 35 24.11 6.81 9.69
CA LEU A 35 24.49 6.12 10.91
C LEU A 35 25.66 6.82 11.58
N ASN A 36 26.55 7.40 10.78
CA ASN A 36 27.72 8.11 11.29
C ASN A 36 28.42 8.87 10.18
N VAL A 37 29.18 9.91 10.56
CA VAL A 37 29.90 10.71 9.60
C VAL A 37 31.36 10.29 9.52
N GLY A 38 31.90 10.24 8.30
CA GLY A 38 33.28 9.85 8.11
C GLY A 38 34.18 11.03 7.79
N GLY A 39 34.46 11.22 6.49
CA GLY A 39 35.31 12.32 6.08
C GLY A 39 34.95 12.85 4.70
N GLY A 40 35.08 14.16 4.52
CA GLY A 40 34.75 14.75 3.25
C GLY A 40 33.44 15.53 3.28
N ALA A 41 33.37 16.61 2.51
CA ALA A 41 32.17 17.43 2.45
C ALA A 41 31.05 16.72 1.70
N LEU A 42 30.13 16.12 2.45
CA LEU A 42 29.01 15.41 1.85
C LEU A 42 27.75 15.56 2.69
N PRO A 43 26.58 15.34 2.06
CA PRO A 43 25.28 15.44 2.74
C PRO A 43 25.06 14.31 3.74
N ASN A 44 23.92 14.34 4.41
CA ASN A 44 23.59 13.32 5.40
C ASN A 44 23.64 11.93 4.79
N ALA A 45 22.70 11.65 3.88
CA ALA A 45 22.64 10.35 3.21
C ALA A 45 21.62 10.37 2.07
N ASP A 46 21.37 9.21 1.50
CA ASP A 46 20.41 9.09 0.40
C ASP A 46 19.77 7.71 0.39
N VAL A 47 18.44 7.68 0.42
CA VAL A 47 17.69 6.43 0.41
C VAL A 47 16.80 6.33 -0.82
N SER A 48 16.82 5.17 -1.47
CA SER A 48 16.02 4.94 -2.66
C SER A 48 15.70 3.46 -2.84
N ILE A 49 14.94 3.13 -3.87
CA ILE A 49 14.57 1.75 -4.16
C ILE A 49 14.73 1.43 -5.63
N GLY A 50 15.12 0.19 -5.92
CA GLY A 50 15.30 -0.22 -7.30
C GLY A 50 14.01 -0.16 -8.10
N ASN A 51 14.10 -0.51 -9.39
CA ASN A 51 12.94 -0.48 -10.26
C ASN A 51 12.65 -1.87 -10.82
N ASP A 52 11.58 -2.49 -10.34
CA ASP A 52 11.20 -3.82 -10.80
C ASP A 52 9.67 -3.95 -10.86
N THR A 53 9.19 -4.76 -11.79
CA THR A 53 7.77 -4.97 -11.95
C THR A 53 7.16 -5.60 -10.69
N THR A 54 6.03 -5.06 -10.26
CA THR A 54 5.34 -5.56 -9.07
C THR A 54 3.83 -5.50 -9.24
N LEU A 55 3.11 -6.11 -8.31
CA LEU A 55 1.66 -6.13 -8.35
C LEU A 55 1.07 -6.35 -6.97
N THR A 56 -0.19 -5.99 -6.79
CA THR A 56 -0.88 -6.15 -5.51
C THR A 56 -2.32 -6.61 -5.71
N PHE A 57 -2.78 -7.48 -4.81
CA PHE A 57 -4.15 -8.00 -4.89
C PHE A 57 -5.04 -7.30 -3.86
N ASP A 58 -6.21 -6.85 -4.31
CA ASP A 58 -7.15 -6.17 -3.43
C ASP A 58 -8.55 -6.79 -3.56
N ILE A 59 -9.31 -6.74 -2.47
CA ILE A 59 -10.65 -7.29 -2.45
C ILE A 59 -11.68 -6.23 -2.07
N ALA A 60 -12.56 -5.90 -3.02
CA ALA A 60 -13.59 -4.90 -2.79
C ALA A 60 -14.95 -5.56 -2.52
N TYR A 61 -15.60 -5.14 -1.44
CA TYR A 61 -16.90 -5.69 -1.09
C TYR A 61 -17.98 -4.61 -1.11
N PHE A 62 -18.97 -4.79 -1.97
CA PHE A 62 -20.06 -3.83 -2.08
C PHE A 62 -21.20 -4.19 -1.14
N VAL A 63 -21.23 -3.55 0.02
CA VAL A 63 -22.28 -3.80 1.01
C VAL A 63 -23.45 -2.86 0.82
N SER A 64 -23.16 -1.63 0.41
CA SER A 64 -24.19 -0.62 0.20
C SER A 64 -24.03 0.04 -1.16
N SER A 65 -25.10 0.64 -1.65
CA SER A 65 -25.09 1.31 -2.95
C SER A 65 -24.54 2.74 -2.82
N ASN A 66 -24.14 3.10 -1.61
CA ASN A 66 -23.60 4.43 -1.35
C ASN A 66 -22.12 4.35 -1.02
N ILE A 67 -21.71 3.27 -0.38
CA ILE A 67 -20.32 3.08 0.01
C ILE A 67 -19.94 1.60 0.00
N ALA A 68 -18.65 1.32 0.02
CA ALA A 68 -18.15 -0.05 0.04
C ALA A 68 -16.77 -0.14 0.66
N VAL A 69 -16.31 -1.36 0.92
CA VAL A 69 -15.00 -1.58 1.51
C VAL A 69 -14.04 -2.21 0.51
N ASP A 70 -12.74 -1.96 0.70
CA ASP A 70 -11.72 -2.50 -0.18
C ASP A 70 -10.42 -2.76 0.58
N PHE A 71 -9.95 -4.00 0.52
CA PHE A 71 -8.72 -4.37 1.21
C PHE A 71 -7.55 -4.47 0.22
N PHE A 72 -6.44 -3.83 0.57
CA PHE A 72 -5.26 -3.85 -0.28
C PHE A 72 -4.13 -4.64 0.36
N VAL A 73 -3.71 -5.71 -0.31
CA VAL A 73 -2.63 -6.56 0.20
C VAL A 73 -1.74 -7.05 -0.94
N GLY A 74 -0.48 -7.31 -0.61
CA GLY A 74 0.46 -7.78 -1.62
C GLY A 74 1.66 -8.47 -1.00
N VAL A 75 2.36 -9.26 -1.81
CA VAL A 75 3.55 -9.99 -1.33
C VAL A 75 4.66 -9.95 -2.37
N PRO A 76 5.35 -8.80 -2.46
CA PRO A 76 6.46 -8.61 -3.40
C PRO A 76 7.68 -9.45 -3.04
N ALA A 77 8.47 -9.81 -4.05
CA ALA A 77 9.66 -10.60 -3.84
C ALA A 77 10.76 -9.78 -3.15
N ARG A 78 11.97 -10.31 -3.11
CA ARG A 78 13.09 -9.65 -2.48
C ARG A 78 13.63 -8.53 -3.37
N ALA A 79 13.74 -7.33 -2.82
CA ALA A 79 14.24 -6.19 -3.57
C ALA A 79 15.28 -5.41 -2.75
N LYS A 80 16.32 -4.95 -3.42
CA LYS A 80 17.38 -4.19 -2.76
C LYS A 80 17.06 -2.70 -2.76
N PHE A 81 17.39 -2.02 -1.68
CA PHE A 81 17.14 -0.59 -1.55
C PHE A 81 18.38 0.13 -1.03
N GLN A 82 18.57 1.36 -1.47
CA GLN A 82 19.71 2.16 -1.03
C GLN A 82 19.35 3.03 0.17
N GLY A 83 20.37 3.40 0.95
CA GLY A 83 20.14 4.21 2.13
C GLY A 83 21.42 4.53 2.87
N GLU A 84 22.23 5.41 2.30
CA GLU A 84 23.50 5.79 2.91
C GLU A 84 24.23 6.84 2.06
N LYS A 85 25.44 7.17 2.46
CA LYS A 85 26.24 8.16 1.73
C LYS A 85 27.01 7.50 0.60
N SER A 86 28.01 6.70 0.96
CA SER A 86 28.83 6.01 -0.04
C SER A 86 28.16 4.71 -0.49
N ILE A 87 27.42 4.09 0.42
CA ILE A 87 26.72 2.84 0.13
C ILE A 87 25.60 3.06 -0.88
N SER A 88 24.97 4.23 -0.81
CA SER A 88 23.88 4.56 -1.71
C SER A 88 24.36 4.60 -3.16
N SER A 89 25.48 5.27 -3.39
CA SER A 89 26.05 5.38 -4.73
C SER A 89 26.33 4.00 -5.31
N LEU A 90 26.73 3.08 -4.46
CA LEU A 90 27.03 1.72 -4.90
C LEU A 90 25.78 1.03 -5.44
N GLY A 91 24.68 1.12 -4.69
CA GLY A 91 23.45 0.51 -5.12
C GLY A 91 23.05 -0.67 -4.26
N ARG A 92 23.99 -1.14 -3.43
CA ARG A 92 23.74 -2.27 -2.55
C ARG A 92 23.88 -1.87 -1.08
N VAL A 93 22.79 -1.37 -0.50
CA VAL A 93 22.78 -0.95 0.89
C VAL A 93 21.90 -1.85 1.74
N SER A 94 20.73 -2.21 1.20
CA SER A 94 19.80 -3.07 1.92
C SER A 94 19.14 -4.06 0.96
N GLU A 95 18.74 -5.21 1.49
CA GLU A 95 18.11 -6.25 0.69
C GLU A 95 16.98 -6.93 1.48
N VAL A 96 15.75 -6.79 0.99
CA VAL A 96 14.60 -7.39 1.64
C VAL A 96 13.32 -7.12 0.85
N ASP A 97 12.26 -7.84 1.19
CA ASP A 97 10.98 -7.67 0.51
C ASP A 97 10.07 -6.71 1.29
N TYR A 98 9.12 -6.12 0.58
CA TYR A 98 8.20 -5.17 1.20
C TYR A 98 6.92 -5.87 1.63
N GLY A 99 6.33 -5.39 2.72
CA GLY A 99 5.09 -5.97 3.23
C GLY A 99 3.99 -4.95 3.41
N PRO A 100 3.60 -4.30 2.30
CA PRO A 100 2.54 -3.29 2.30
C PRO A 100 1.16 -3.88 2.57
N ALA A 101 0.57 -3.54 3.71
CA ALA A 101 -0.73 -4.04 4.08
C ALA A 101 -1.65 -2.91 4.54
N ILE A 102 -2.63 -2.56 3.71
CA ILE A 102 -3.57 -1.50 4.03
C ILE A 102 -4.99 -1.87 3.61
N LEU A 103 -5.97 -1.30 4.28
CA LEU A 103 -7.37 -1.57 3.98
C LEU A 103 -8.24 -0.36 4.31
N SER A 104 -9.09 0.03 3.37
CA SER A 104 -9.97 1.18 3.55
C SER A 104 -11.25 1.01 2.73
N LEU A 105 -12.21 1.90 2.97
CA LEU A 105 -13.48 1.86 2.25
C LEU A 105 -13.64 3.08 1.36
N GLN A 106 -14.31 2.90 0.22
CA GLN A 106 -14.54 3.99 -0.71
C GLN A 106 -15.95 4.53 -0.58
N TYR A 107 -16.11 5.84 -0.77
CA TYR A 107 -17.41 6.49 -0.68
C TYR A 107 -17.45 7.75 -1.52
N HIS A 108 -18.64 8.09 -2.01
CA HIS A 108 -18.81 9.29 -2.82
C HIS A 108 -19.99 10.12 -2.33
N TYR A 109 -20.02 11.39 -2.71
CA TYR A 109 -21.09 12.29 -2.29
C TYR A 109 -22.23 12.27 -3.30
N ASP A 110 -23.34 11.65 -2.92
CA ASP A 110 -24.51 11.57 -3.78
C ASP A 110 -25.15 12.94 -3.97
N SER A 111 -25.01 13.48 -5.17
CA SER A 111 -25.57 14.79 -5.48
C SER A 111 -25.49 15.08 -6.98
N PHE A 112 -26.45 15.85 -7.49
CA PHE A 112 -26.48 16.20 -8.90
C PHE A 112 -25.24 17.01 -9.29
N GLU A 113 -24.31 16.38 -9.98
CA GLU A 113 -23.09 17.05 -10.42
C GLU A 113 -22.35 16.21 -11.46
N ARG A 114 -21.44 16.85 -12.18
CA ARG A 114 -20.67 16.17 -13.22
C ARG A 114 -20.00 14.92 -12.65
N LEU A 115 -19.54 14.05 -13.54
CA LEU A 115 -18.87 12.82 -13.13
C LEU A 115 -17.57 13.12 -12.40
N TYR A 116 -17.46 12.59 -11.18
CA TYR A 116 -16.26 12.81 -10.37
C TYR A 116 -15.84 11.52 -9.66
N PRO A 117 -14.58 11.47 -9.22
CA PRO A 117 -14.03 10.31 -8.53
C PRO A 117 -14.62 10.13 -7.13
N TYR A 118 -14.22 9.07 -6.45
CA TYR A 118 -14.70 8.79 -5.10
C TYR A 118 -13.57 8.87 -4.09
N VAL A 119 -13.92 9.20 -2.85
CA VAL A 119 -12.93 9.30 -1.78
C VAL A 119 -13.11 8.19 -0.75
N GLY A 120 -11.99 7.67 -0.26
CA GLY A 120 -12.04 6.60 0.72
C GLY A 120 -11.11 6.84 1.89
N VAL A 121 -11.16 5.95 2.87
CA VAL A 121 -10.31 6.07 4.06
C VAL A 121 -10.34 4.81 4.89
N GLY A 122 -9.25 4.55 5.62
CA GLY A 122 -9.18 3.36 6.44
C GLY A 122 -7.86 3.26 7.19
N VAL A 123 -7.43 2.03 7.45
CA VAL A 123 -6.18 1.80 8.16
C VAL A 123 -5.11 1.26 7.23
N GLY A 124 -3.86 1.65 7.49
CA GLY A 124 -2.75 1.20 6.66
C GLY A 124 -1.51 0.88 7.46
N ARG A 125 -1.04 -0.35 7.36
CA ARG A 125 0.15 -0.79 8.09
C ARG A 125 1.25 -1.20 7.14
N VAL A 126 2.44 -0.64 7.34
CA VAL A 126 3.59 -0.96 6.50
C VAL A 126 4.58 -1.86 7.22
N LEU A 127 4.66 -3.11 6.78
CA LEU A 127 5.57 -4.07 7.39
C LEU A 127 6.59 -4.57 6.38
N PHE A 128 7.58 -5.33 6.85
CA PHE A 128 8.62 -5.87 5.99
C PHE A 128 9.11 -7.21 6.50
N PHE A 129 10.01 -7.84 5.75
CA PHE A 129 10.57 -9.13 6.14
C PHE A 129 11.99 -8.97 6.67
N ASP A 130 12.53 -10.06 7.20
CA ASP A 130 13.88 -10.05 7.75
C ASP A 130 14.83 -10.86 6.87
N LYS A 131 15.55 -10.17 6.00
CA LYS A 131 16.48 -10.83 5.09
C LYS A 131 17.91 -10.33 5.34
N THR A 132 18.23 -9.18 4.77
CA THR A 132 19.57 -8.59 4.93
C THR A 132 19.56 -7.11 4.57
N ASP A 133 19.20 -6.27 5.53
CA ASP A 133 19.17 -4.83 5.31
C ASP A 133 20.42 -4.16 5.85
N GLY A 134 20.69 -2.94 5.39
CA GLY A 134 21.85 -2.21 5.83
C GLY A 134 23.15 -2.91 5.44
N ALA A 135 24.22 -2.13 5.31
CA ALA A 135 25.53 -2.66 4.95
C ALA A 135 26.24 -3.24 6.16
N LEU A 136 25.57 -3.22 7.31
CA LEU A 136 26.16 -3.73 8.54
C LEU A 136 25.90 -5.22 8.68
N SER A 137 26.32 -5.80 9.81
CA SER A 137 26.14 -7.22 10.05
C SER A 137 24.66 -7.57 10.15
N SER A 138 24.05 -7.85 9.02
CA SER A 138 22.63 -8.20 8.97
C SER A 138 21.79 -7.16 9.70
N PHE A 139 21.60 -6.00 9.07
CA PHE A 139 20.82 -4.92 9.66
C PHE A 139 19.35 -5.04 9.26
N ASP A 140 18.48 -4.44 10.06
CA ASP A 140 17.05 -4.47 9.79
C ASP A 140 16.42 -3.11 10.06
N ILE A 141 15.09 -3.05 9.97
CA ILE A 141 14.37 -1.81 10.21
C ILE A 141 13.07 -2.06 10.97
N LYS A 142 12.57 -1.03 11.64
CA LYS A 142 11.34 -1.14 12.40
C LYS A 142 10.15 -0.64 11.59
N ASP A 143 9.22 -1.55 11.30
CA ASP A 143 8.02 -1.21 10.53
C ASP A 143 7.17 -0.18 11.27
N LYS A 144 6.00 0.11 10.72
CA LYS A 144 5.09 1.06 11.33
C LYS A 144 3.65 0.82 10.87
N TRP A 145 2.71 1.49 11.52
CA TRP A 145 1.29 1.34 11.18
C TRP A 145 0.50 2.57 11.62
N ALA A 146 -0.53 2.91 10.84
CA ALA A 146 -1.37 4.07 11.16
C ALA A 146 -2.47 4.24 10.12
N PRO A 147 -3.47 5.05 10.46
CA PRO A 147 -4.61 5.32 9.56
C PRO A 147 -4.21 6.15 8.36
N ALA A 148 -4.76 5.82 7.20
CA ALA A 148 -4.46 6.55 5.96
C ALA A 148 -5.73 6.81 5.16
N PHE A 149 -5.59 7.51 4.05
CA PHE A 149 -6.72 7.83 3.19
C PHE A 149 -6.47 7.39 1.76
N GLN A 150 -7.53 7.38 0.95
CA GLN A 150 -7.42 6.97 -0.44
C GLN A 150 -8.38 7.78 -1.32
N VAL A 151 -8.04 7.89 -2.61
CA VAL A 151 -8.87 8.63 -3.55
C VAL A 151 -8.67 8.13 -4.97
N GLY A 152 -9.76 7.79 -5.65
CA GLY A 152 -9.68 7.30 -7.00
C GLY A 152 -11.04 7.02 -7.60
N LEU A 153 -11.07 6.17 -8.63
CA LEU A 153 -12.32 5.83 -9.29
C LEU A 153 -12.30 4.38 -9.77
N ARG A 154 -13.49 3.80 -9.95
CA ARG A 154 -13.61 2.43 -10.41
C ARG A 154 -14.38 2.35 -11.72
N TYR A 155 -13.72 1.87 -12.77
CA TYR A 155 -14.35 1.75 -14.08
C TYR A 155 -14.89 0.34 -14.29
N ASP A 156 -16.13 0.25 -14.75
CA ASP A 156 -16.76 -1.04 -15.01
C ASP A 156 -17.14 -1.18 -16.48
N LEU A 157 -16.49 -2.10 -17.17
CA LEU A 157 -16.76 -2.34 -18.59
C LEU A 157 -17.88 -3.36 -18.76
N GLY A 158 -18.46 -3.40 -19.96
CA GLY A 158 -19.53 -4.34 -20.24
C GLY A 158 -19.04 -5.57 -20.99
N ASN A 159 -19.35 -6.75 -20.44
CA ASN A 159 -18.94 -8.00 -21.05
C ASN A 159 -17.42 -8.07 -21.18
N SER A 160 -16.72 -7.56 -20.18
CA SER A 160 -15.27 -7.56 -20.18
C SER A 160 -14.72 -7.22 -18.79
N TRP A 161 -13.40 -7.23 -18.67
CA TRP A 161 -12.75 -6.92 -17.40
C TRP A 161 -13.02 -5.47 -16.99
N MET A 162 -12.81 -5.17 -15.72
CA MET A 162 -13.04 -3.82 -15.20
C MET A 162 -11.71 -3.12 -14.92
N LEU A 163 -11.78 -1.82 -14.64
CA LEU A 163 -10.57 -1.04 -14.36
C LEU A 163 -10.68 -0.35 -12.99
N ASN A 164 -9.54 -0.17 -12.35
CA ASN A 164 -9.50 0.48 -11.03
C ASN A 164 -8.26 1.33 -10.89
N SER A 165 -8.44 2.56 -10.42
CA SER A 165 -7.33 3.49 -10.24
C SER A 165 -7.59 4.41 -9.05
N ASP A 166 -6.66 4.38 -8.09
CA ASP A 166 -6.78 5.20 -6.89
C ASP A 166 -5.42 5.42 -6.24
N VAL A 167 -5.32 6.43 -5.39
CA VAL A 167 -4.08 6.75 -4.71
C VAL A 167 -4.25 6.64 -3.19
N ARG A 168 -3.33 5.91 -2.55
CA ARG A 168 -3.38 5.74 -1.10
C ARG A 168 -2.29 6.55 -0.41
N TYR A 169 -2.70 7.44 0.48
CA TYR A 169 -1.75 8.29 1.21
C TYR A 169 -1.64 7.85 2.66
N ILE A 170 -0.46 7.38 3.04
CA ILE A 170 -0.22 6.94 4.42
C ILE A 170 1.10 7.49 4.95
N PRO A 171 1.08 8.77 5.37
CA PRO A 171 2.27 9.44 5.92
C PRO A 171 2.67 8.88 7.28
N PHE A 172 3.93 8.46 7.39
CA PHE A 172 4.44 7.90 8.64
C PHE A 172 5.97 7.90 8.65
N LYS A 173 6.55 7.47 9.76
CA LYS A 173 7.99 7.41 9.89
C LYS A 173 8.45 6.00 10.23
N THR A 174 9.54 5.57 9.58
CA THR A 174 10.09 4.23 9.80
C THR A 174 11.36 4.30 10.65
N ASP A 175 11.67 3.19 11.32
CA ASP A 175 12.86 3.12 12.15
C ASP A 175 13.89 2.16 11.56
N VAL A 176 15.13 2.29 12.00
CA VAL A 176 16.21 1.43 11.51
C VAL A 176 17.13 1.00 12.64
N THR A 177 17.44 -0.30 12.68
CA THR A 177 18.31 -0.84 13.73
C THR A 177 18.77 -2.25 13.37
N GLY A 178 19.85 -2.69 14.00
CA GLY A 178 20.37 -4.01 13.74
C GLY A 178 21.28 -4.51 14.86
N THR A 179 22.43 -5.05 14.48
CA THR A 179 23.39 -5.57 15.45
C THR A 179 24.81 -5.52 14.91
N LEU A 180 25.53 -4.46 15.27
CA LEU A 180 26.92 -4.29 14.82
C LEU A 180 27.79 -3.74 15.94
N GLY A 181 28.74 -4.56 16.39
CA GLY A 181 29.64 -4.13 17.46
C GLY A 181 28.88 -3.72 18.71
N PRO A 182 29.64 -3.40 19.77
CA PRO A 182 29.05 -2.99 21.05
C PRO A 182 28.41 -1.61 20.98
N VAL A 183 27.27 -1.54 20.29
CA VAL A 183 26.55 -0.28 20.14
C VAL A 183 25.72 -0.27 18.87
N PRO A 184 24.43 -0.65 18.99
CA PRO A 184 23.51 -0.69 17.86
C PRO A 184 23.14 0.70 17.36
N VAL A 185 22.94 0.82 16.04
CA VAL A 185 22.60 2.10 15.43
C VAL A 185 21.09 2.21 15.25
N SER A 186 20.46 3.06 16.07
CA SER A 186 19.02 3.26 16.00
C SER A 186 18.69 4.64 15.42
N THR A 187 17.88 4.66 14.37
CA THR A 187 17.49 5.91 13.73
C THR A 187 16.01 5.89 13.33
N LYS A 188 15.53 7.02 12.84
CA LYS A 188 14.14 7.12 12.42
C LYS A 188 13.95 8.28 11.44
N ILE A 189 13.05 8.11 10.49
CA ILE A 189 12.77 9.13 9.49
C ILE A 189 11.29 9.18 9.14
N GLU A 190 10.76 10.39 9.02
CA GLU A 190 9.34 10.57 8.68
C GLU A 190 9.18 10.94 7.21
N VAL A 191 8.45 10.10 6.48
CA VAL A 191 8.22 10.33 5.05
C VAL A 191 6.77 10.05 4.69
N ASP A 192 6.32 10.63 3.58
CA ASP A 192 4.95 10.44 3.11
C ASP A 192 4.91 9.55 1.87
N PRO A 193 4.80 8.24 2.10
CA PRO A 193 4.75 7.25 1.01
C PRO A 193 3.45 7.33 0.22
N PHE A 194 3.57 7.56 -1.09
CA PHE A 194 2.41 7.66 -1.96
C PHE A 194 2.19 6.35 -2.72
N ILE A 195 1.15 5.62 -2.33
CA ILE A 195 0.83 4.36 -2.97
C ILE A 195 -0.10 4.56 -4.17
N LEU A 196 0.39 4.17 -5.34
CA LEU A 196 -0.39 4.31 -6.58
C LEU A 196 -0.93 2.97 -7.03
N SER A 197 -2.24 2.77 -6.89
CA SER A 197 -2.88 1.53 -7.30
C SER A 197 -3.53 1.67 -8.66
N LEU A 198 -2.98 0.97 -9.65
CA LEU A 198 -3.51 1.02 -11.02
C LEU A 198 -3.56 -0.37 -11.62
N GLY A 199 -4.76 -0.82 -11.99
CA GLY A 199 -4.92 -2.13 -12.60
C GLY A 199 -6.34 -2.39 -13.03
N ALA A 200 -6.77 -3.65 -12.91
CA ALA A 200 -8.12 -4.04 -13.29
C ALA A 200 -8.84 -4.73 -12.15
N SER A 201 -10.12 -5.01 -12.34
CA SER A 201 -10.93 -5.67 -11.31
C SER A 201 -12.01 -6.54 -11.95
N TYR A 202 -12.67 -7.35 -11.13
CA TYR A 202 -13.72 -8.24 -11.61
C TYR A 202 -14.90 -8.26 -10.63
N VAL A 203 -16.11 -8.39 -11.17
CA VAL A 203 -17.31 -8.44 -10.35
C VAL A 203 -17.76 -9.86 -10.11
N PHE A 204 -18.30 -10.11 -8.91
CA PHE A 204 -18.77 -11.46 -8.56
C PHE A 204 -19.95 -11.36 -7.60
N LYS A 205 -20.94 -12.24 -7.81
CA LYS A 205 -22.13 -12.26 -6.97
C LYS A 205 -22.13 -13.49 -6.07
N LEU A 206 -21.61 -14.60 -6.59
CA LEU A 206 -21.56 -15.84 -5.82
C LEU A 206 -20.68 -15.68 -4.59
N ALA A 207 -21.11 -16.27 -3.48
CA ALA A 207 -20.36 -16.19 -2.23
C ALA A 207 -19.81 -17.56 -1.84
N ALA A 208 -20.59 -18.60 -2.06
CA ALA A 208 -20.18 -19.96 -1.73
C ALA A 208 -19.99 -20.80 -3.00
N ALA A 209 -18.82 -21.39 -3.13
CA ALA A 209 -18.52 -22.23 -4.29
C ALA A 209 -18.44 -23.69 -3.91
N LEU A 210 -18.33 -24.56 -4.90
CA LEU A 210 -18.25 -26.00 -4.68
C LEU A 210 -17.08 -26.61 -5.45
N GLU A 211 -16.50 -27.67 -4.89
CA GLU A 211 -15.38 -28.34 -5.53
C GLU A 211 -15.85 -29.18 -6.72
N MET A 1 -23.14 -35.47 4.94
CA MET A 1 -22.77 -36.59 4.09
C MET A 1 -22.31 -36.11 2.72
N ASN A 2 -23.07 -35.18 2.15
CA ASN A 2 -22.75 -34.63 0.83
C ASN A 2 -22.31 -33.17 0.95
N GLU A 3 -21.63 -32.68 -0.09
CA GLU A 3 -21.16 -31.30 -0.11
C GLU A 3 -20.94 -30.82 -1.54
N ASN A 4 -21.25 -29.55 -1.79
CA ASN A 4 -21.09 -28.97 -3.11
C ASN A 4 -20.74 -27.48 -3.01
N TYR A 5 -20.43 -26.88 -4.16
CA TYR A 5 -20.09 -25.47 -4.20
C TYR A 5 -21.06 -24.69 -5.07
N PRO A 6 -21.15 -23.37 -4.83
CA PRO A 6 -22.04 -22.49 -5.58
C PRO A 6 -21.60 -22.30 -7.03
N ALA A 7 -22.36 -21.52 -7.78
CA ALA A 7 -22.05 -21.25 -9.18
C ALA A 7 -21.60 -19.80 -9.38
N LYS A 8 -21.13 -19.50 -10.58
CA LYS A 8 -20.67 -18.15 -10.90
C LYS A 8 -21.85 -17.22 -11.15
N SER A 9 -21.69 -15.95 -10.78
CA SER A 9 -22.74 -14.96 -10.97
C SER A 9 -22.19 -13.55 -10.78
N ALA A 10 -22.89 -12.57 -11.35
CA ALA A 10 -22.48 -11.18 -11.25
C ALA A 10 -22.87 -10.59 -9.90
N GLY A 11 -21.95 -9.85 -9.28
CA GLY A 11 -22.22 -9.24 -7.99
C GLY A 11 -22.87 -7.87 -8.13
N TYR A 12 -24.16 -7.85 -8.44
CA TYR A 12 -24.89 -6.61 -8.61
C TYR A 12 -25.95 -6.45 -7.52
N ASN A 13 -25.61 -6.88 -6.30
CA ASN A 13 -26.53 -6.78 -5.18
C ASN A 13 -25.79 -6.46 -3.89
N GLN A 14 -26.47 -5.76 -2.99
CA GLN A 14 -25.87 -5.38 -1.71
C GLN A 14 -25.26 -6.59 -1.00
N GLY A 15 -23.95 -6.54 -0.77
CA GLY A 15 -23.26 -7.63 -0.11
C GLY A 15 -22.47 -8.50 -1.08
N ASP A 16 -22.31 -8.00 -2.31
CA ASP A 16 -21.57 -8.73 -3.33
C ASP A 16 -20.08 -8.49 -3.19
N TRP A 17 -19.28 -9.39 -3.75
CA TRP A 17 -17.83 -9.27 -3.69
C TRP A 17 -17.25 -8.87 -5.05
N VAL A 18 -16.05 -8.31 -5.03
CA VAL A 18 -15.39 -7.89 -6.26
C VAL A 18 -13.87 -7.96 -6.13
N ALA A 19 -13.25 -8.76 -7.00
CA ALA A 19 -11.79 -8.91 -6.97
C ALA A 19 -11.11 -7.85 -7.82
N SER A 20 -10.43 -6.91 -7.17
CA SER A 20 -9.73 -5.84 -7.87
C SER A 20 -8.23 -6.04 -7.83
N PHE A 21 -7.64 -6.31 -9.00
CA PHE A 21 -6.20 -6.53 -9.10
C PHE A 21 -5.52 -5.35 -9.77
N ASN A 22 -4.56 -4.74 -9.08
CA ASN A 22 -3.82 -3.61 -9.61
C ASN A 22 -2.43 -3.52 -9.00
N PHE A 23 -1.58 -2.67 -9.58
CA PHE A 23 -0.22 -2.50 -9.09
C PHE A 23 -0.08 -1.22 -8.28
N SER A 24 0.59 -1.33 -7.14
CA SER A 24 0.78 -0.17 -6.26
C SER A 24 2.19 0.38 -6.40
N LYS A 25 2.28 1.66 -6.75
CA LYS A 25 3.58 2.32 -6.91
C LYS A 25 3.97 3.08 -5.65
N VAL A 26 4.93 2.53 -4.91
CA VAL A 26 5.41 3.15 -3.68
C VAL A 26 6.35 4.31 -3.98
N TYR A 27 6.14 5.44 -3.31
CA TYR A 27 6.97 6.62 -3.50
C TYR A 27 7.44 7.18 -2.16
N VAL A 28 8.68 6.85 -1.79
CA VAL A 28 9.25 7.32 -0.54
C VAL A 28 10.76 7.12 -0.50
N GLY A 29 11.45 7.96 0.26
CA GLY A 29 12.90 7.85 0.36
C GLY A 29 13.60 9.13 -0.02
N GLU A 30 13.59 10.10 0.90
CA GLU A 30 14.23 11.39 0.65
C GLU A 30 15.69 11.37 1.12
N GLU A 31 15.91 10.81 2.30
CA GLU A 31 17.26 10.72 2.86
C GLU A 31 17.23 10.07 4.24
N LEU A 32 18.42 9.76 4.76
CA LEU A 32 18.53 9.13 6.07
C LEU A 32 18.26 10.14 7.18
N GLY A 33 17.97 9.63 8.38
CA GLY A 33 17.70 10.50 9.51
C GLY A 33 18.88 10.60 10.46
N ASP A 34 20.08 10.65 9.89
CA ASP A 34 21.29 10.76 10.70
C ASP A 34 21.85 12.18 10.66
N LEU A 35 22.61 12.54 11.69
CA LEU A 35 23.20 13.87 11.78
C LEU A 35 24.68 13.78 12.10
N ASN A 36 25.39 14.90 11.95
CA ASN A 36 26.82 14.95 12.22
C ASN A 36 27.08 15.36 13.68
N VAL A 37 28.34 15.29 14.08
CA VAL A 37 28.73 15.67 15.43
C VAL A 37 29.10 17.13 15.53
N GLY A 38 29.77 17.63 14.49
CA GLY A 38 30.18 19.03 14.47
C GLY A 38 29.04 19.96 14.11
N GLY A 39 28.42 20.56 15.12
CA GLY A 39 27.31 21.46 14.89
C GLY A 39 26.10 20.76 14.30
N GLY A 40 24.97 21.46 14.26
CA GLY A 40 23.75 20.89 13.72
C GLY A 40 23.50 21.32 12.29
N ALA A 41 24.09 20.60 11.34
CA ALA A 41 23.92 20.92 9.93
C ALA A 41 23.17 19.79 9.21
N LEU A 42 22.96 19.97 7.90
CA LEU A 42 22.27 18.98 7.10
C LEU A 42 22.89 17.60 7.26
N PRO A 43 22.13 16.55 6.95
CA PRO A 43 22.59 15.16 7.05
C PRO A 43 23.64 14.83 5.99
N ASN A 44 24.50 13.87 6.31
CA ASN A 44 25.55 13.45 5.39
C ASN A 44 25.19 12.14 4.70
N ALA A 45 24.57 11.23 5.45
CA ALA A 45 24.17 9.94 4.93
C ALA A 45 23.26 10.11 3.72
N ASP A 46 22.84 8.99 3.13
CA ASP A 46 21.96 9.01 1.97
C ASP A 46 21.27 7.65 1.79
N VAL A 47 19.95 7.69 1.65
CA VAL A 47 19.17 6.47 1.48
C VAL A 47 18.73 6.32 0.02
N SER A 48 18.23 5.13 -0.32
CA SER A 48 17.77 4.85 -1.67
C SER A 48 16.93 3.57 -1.71
N ILE A 49 16.37 3.28 -2.87
CA ILE A 49 15.54 2.09 -3.04
C ILE A 49 15.90 1.35 -4.32
N GLY A 50 15.72 0.03 -4.29
CA GLY A 50 16.04 -0.78 -5.45
C GLY A 50 15.02 -1.88 -5.69
N ASN A 51 13.94 -1.53 -6.40
CA ASN A 51 12.89 -2.49 -6.69
C ASN A 51 12.24 -2.19 -8.04
N ASP A 52 11.70 -3.23 -8.68
CA ASP A 52 11.06 -3.07 -9.98
C ASP A 52 9.54 -3.11 -9.84
N THR A 53 8.84 -2.95 -10.96
CA THR A 53 7.38 -2.97 -10.96
C THR A 53 6.85 -4.26 -10.36
N THR A 54 5.67 -4.19 -9.75
CA THR A 54 5.06 -5.35 -9.13
C THR A 54 3.54 -5.24 -9.14
N LEU A 55 2.86 -6.36 -8.93
CA LEU A 55 1.41 -6.39 -8.92
C LEU A 55 0.88 -6.60 -7.49
N THR A 56 -0.33 -6.12 -7.24
CA THR A 56 -0.95 -6.26 -5.92
C THR A 56 -2.40 -6.69 -6.04
N PHE A 57 -2.88 -7.46 -5.06
CA PHE A 57 -4.25 -7.94 -5.06
C PHE A 57 -5.09 -7.16 -4.05
N ASP A 58 -6.25 -6.70 -4.50
CA ASP A 58 -7.15 -5.93 -3.64
C ASP A 58 -8.55 -6.54 -3.63
N ILE A 59 -9.16 -6.60 -2.45
CA ILE A 59 -10.50 -7.16 -2.32
C ILE A 59 -11.53 -6.07 -2.05
N ALA A 60 -12.43 -5.87 -3.00
CA ALA A 60 -13.47 -4.85 -2.86
C ALA A 60 -14.82 -5.49 -2.59
N TYR A 61 -15.42 -5.14 -1.45
CA TYR A 61 -16.72 -5.68 -1.07
C TYR A 61 -17.82 -4.64 -1.25
N PHE A 62 -18.78 -4.96 -2.12
CA PHE A 62 -19.89 -4.05 -2.38
C PHE A 62 -21.09 -4.38 -1.50
N VAL A 63 -21.21 -3.67 -0.39
CA VAL A 63 -22.31 -3.88 0.54
C VAL A 63 -23.50 -2.99 0.21
N SER A 64 -23.20 -1.78 -0.25
CA SER A 64 -24.26 -0.82 -0.60
C SER A 64 -23.99 -0.21 -1.98
N SER A 65 -25.01 0.40 -2.55
CA SER A 65 -24.90 1.02 -3.87
C SER A 65 -24.42 2.46 -3.75
N ASN A 66 -24.12 2.88 -2.52
CA ASN A 66 -23.64 4.23 -2.26
C ASN A 66 -22.15 4.23 -1.91
N ILE A 67 -21.72 3.17 -1.24
CA ILE A 67 -20.32 3.04 -0.85
C ILE A 67 -19.89 1.58 -0.78
N ALA A 68 -18.59 1.36 -0.64
CA ALA A 68 -18.05 0.00 -0.56
C ALA A 68 -16.69 -0.01 0.14
N VAL A 69 -16.23 -1.20 0.50
CA VAL A 69 -14.95 -1.35 1.18
C VAL A 69 -13.93 -2.02 0.27
N ASP A 70 -12.66 -1.71 0.50
CA ASP A 70 -11.58 -2.28 -0.29
C ASP A 70 -10.37 -2.58 0.58
N PHE A 71 -9.75 -3.74 0.35
CA PHE A 71 -8.59 -4.15 1.12
C PHE A 71 -7.39 -4.39 0.20
N PHE A 72 -6.40 -3.51 0.29
CA PHE A 72 -5.20 -3.62 -0.53
C PHE A 72 -4.15 -4.52 0.14
N VAL A 73 -3.70 -5.53 -0.60
CA VAL A 73 -2.71 -6.47 -0.07
C VAL A 73 -1.78 -6.95 -1.18
N GLY A 74 -0.52 -7.19 -0.81
CA GLY A 74 0.44 -7.66 -1.79
C GLY A 74 1.49 -8.58 -1.18
N VAL A 75 2.40 -9.08 -2.00
CA VAL A 75 3.45 -9.97 -1.54
C VAL A 75 4.76 -9.73 -2.29
N PRO A 76 5.34 -8.54 -2.07
CA PRO A 76 6.60 -8.15 -2.72
C PRO A 76 7.79 -8.94 -2.19
N ALA A 77 8.67 -9.35 -3.09
CA ALA A 77 9.86 -10.11 -2.71
C ALA A 77 10.83 -9.25 -1.90
N ARG A 78 12.05 -9.75 -1.73
CA ARG A 78 13.06 -9.03 -0.98
C ARG A 78 13.63 -7.87 -1.79
N ALA A 79 13.55 -6.67 -1.24
CA ALA A 79 14.06 -5.48 -1.91
C ALA A 79 15.30 -4.93 -1.21
N LYS A 80 16.17 -4.29 -1.98
CA LYS A 80 17.40 -3.72 -1.43
C LYS A 80 17.25 -2.21 -1.23
N PHE A 81 17.39 -1.77 0.02
CA PHE A 81 17.28 -0.35 0.34
C PHE A 81 18.61 0.20 0.83
N GLN A 82 18.89 1.45 0.48
CA GLN A 82 20.12 2.10 0.89
C GLN A 82 19.89 3.09 2.03
N GLY A 83 20.91 3.32 2.83
CA GLY A 83 20.78 4.24 3.95
C GLY A 83 22.07 4.39 4.73
N GLU A 84 23.03 5.13 4.17
CA GLU A 84 24.31 5.34 4.82
C GLU A 84 25.19 6.27 3.99
N LYS A 85 26.41 6.50 4.47
CA LYS A 85 27.36 7.37 3.77
C LYS A 85 28.13 6.60 2.71
N SER A 86 29.00 5.69 3.16
CA SER A 86 29.81 4.90 2.25
C SER A 86 29.03 3.66 1.79
N ILE A 87 28.18 3.13 2.66
CA ILE A 87 27.39 1.96 2.34
C ILE A 87 26.38 2.26 1.25
N SER A 88 25.85 3.48 1.26
CA SER A 88 24.87 3.90 0.26
C SER A 88 25.47 3.88 -1.14
N SER A 89 26.62 4.52 -1.29
CA SER A 89 27.30 4.58 -2.58
C SER A 89 27.46 3.18 -3.17
N LEU A 90 27.71 2.21 -2.32
CA LEU A 90 27.88 0.83 -2.75
C LEU A 90 26.59 0.28 -3.35
N GLY A 91 25.47 0.57 -2.69
CA GLY A 91 24.18 0.11 -3.17
C GLY A 91 23.62 -1.01 -2.32
N ARG A 92 24.45 -1.59 -1.46
CA ARG A 92 24.03 -2.67 -0.58
C ARG A 92 24.12 -2.25 0.87
N VAL A 93 23.03 -1.69 1.40
CA VAL A 93 22.98 -1.24 2.78
C VAL A 93 22.00 -2.07 3.60
N SER A 94 20.82 -2.31 3.01
CA SER A 94 19.79 -3.09 3.68
C SER A 94 19.07 -4.00 2.70
N GLU A 95 18.70 -5.19 3.16
CA GLU A 95 18.00 -6.16 2.32
C GLU A 95 16.87 -6.84 3.08
N VAL A 96 15.65 -6.65 2.61
CA VAL A 96 14.48 -7.25 3.25
C VAL A 96 13.20 -6.92 2.49
N ASP A 97 12.14 -7.66 2.77
CA ASP A 97 10.86 -7.45 2.12
C ASP A 97 9.92 -6.64 3.00
N TYR A 98 8.77 -6.25 2.45
CA TYR A 98 7.78 -5.47 3.18
C TYR A 98 6.39 -6.06 3.01
N GLY A 99 5.61 -6.04 4.09
CA GLY A 99 4.26 -6.57 4.04
C GLY A 99 3.20 -5.48 4.11
N PRO A 100 2.93 -4.85 2.96
CA PRO A 100 1.93 -3.77 2.88
C PRO A 100 0.50 -4.28 3.06
N ALA A 101 -0.12 -3.90 4.18
CA ALA A 101 -1.49 -4.32 4.46
C ALA A 101 -2.38 -3.10 4.71
N ILE A 102 -3.07 -2.66 3.66
CA ILE A 102 -3.97 -1.52 3.78
C ILE A 102 -5.43 -1.93 3.61
N LEU A 103 -6.32 -1.27 4.32
CA LEU A 103 -7.74 -1.57 4.24
C LEU A 103 -8.58 -0.32 4.49
N SER A 104 -9.22 0.17 3.43
CA SER A 104 -10.06 1.36 3.54
C SER A 104 -11.32 1.22 2.69
N LEU A 105 -12.28 2.10 2.92
CA LEU A 105 -13.54 2.08 2.19
C LEU A 105 -13.70 3.31 1.32
N GLN A 106 -14.22 3.13 0.12
CA GLN A 106 -14.43 4.24 -0.81
C GLN A 106 -15.89 4.66 -0.84
N TYR A 107 -16.12 5.96 -1.01
CA TYR A 107 -17.48 6.49 -1.06
C TYR A 107 -17.60 7.58 -2.12
N HIS A 108 -18.76 7.65 -2.76
CA HIS A 108 -19.01 8.64 -3.80
C HIS A 108 -19.82 9.82 -3.24
N TYR A 109 -19.47 11.02 -3.68
CA TYR A 109 -20.17 12.22 -3.22
C TYR A 109 -21.17 12.71 -4.28
N ASP A 110 -22.31 13.20 -3.81
CA ASP A 110 -23.34 13.70 -4.70
C ASP A 110 -23.07 15.13 -5.12
N SER A 111 -23.16 15.40 -6.42
CA SER A 111 -22.91 16.74 -6.95
C SER A 111 -23.68 16.95 -8.26
N PHE A 112 -23.43 18.09 -8.89
CA PHE A 112 -24.10 18.42 -10.15
C PHE A 112 -23.09 18.59 -11.27
N GLU A 113 -21.88 19.01 -10.92
CA GLU A 113 -20.82 19.20 -11.90
C GLU A 113 -20.54 17.91 -12.67
N ARG A 114 -19.54 17.95 -13.54
CA ARG A 114 -19.18 16.78 -14.34
C ARG A 114 -18.83 15.60 -13.44
N LEU A 115 -18.38 14.52 -14.06
CA LEU A 115 -18.01 13.32 -13.31
C LEU A 115 -16.79 13.56 -12.45
N TYR A 116 -16.53 12.65 -11.51
CA TYR A 116 -15.39 12.77 -10.62
C TYR A 116 -15.13 11.46 -9.89
N PRO A 117 -13.89 11.31 -9.38
CA PRO A 117 -13.49 10.10 -8.64
C PRO A 117 -14.17 10.00 -7.28
N TYR A 118 -13.88 8.92 -6.56
CA TYR A 118 -14.46 8.70 -5.24
C TYR A 118 -13.41 8.88 -4.16
N VAL A 119 -13.88 9.17 -2.94
CA VAL A 119 -12.99 9.38 -1.81
C VAL A 119 -13.13 8.26 -0.79
N GLY A 120 -11.99 7.74 -0.32
CA GLY A 120 -12.01 6.66 0.66
C GLY A 120 -11.02 6.88 1.78
N VAL A 121 -11.13 6.06 2.83
CA VAL A 121 -10.24 6.17 3.98
C VAL A 121 -10.28 4.90 4.82
N GLY A 122 -9.16 4.63 5.50
CA GLY A 122 -9.09 3.44 6.34
C GLY A 122 -7.77 3.34 7.09
N VAL A 123 -7.37 2.13 7.44
CA VAL A 123 -6.14 1.91 8.16
C VAL A 123 -5.10 1.20 7.28
N GLY A 124 -3.85 1.63 7.39
CA GLY A 124 -2.79 1.03 6.60
C GLY A 124 -1.60 0.62 7.43
N ARG A 125 -1.34 -0.68 7.49
CA ARG A 125 -0.21 -1.20 8.26
C ARG A 125 0.74 -2.00 7.38
N VAL A 126 1.97 -1.52 7.26
CA VAL A 126 2.97 -2.20 6.44
C VAL A 126 4.14 -2.66 7.29
N LEU A 127 4.32 -3.98 7.39
CA LEU A 127 5.40 -4.56 8.17
C LEU A 127 5.83 -5.90 7.60
N PHE A 128 6.97 -6.40 8.07
CA PHE A 128 7.49 -7.68 7.60
C PHE A 128 8.56 -8.21 8.55
N PHE A 129 9.23 -9.29 8.14
CA PHE A 129 10.28 -9.90 8.95
C PHE A 129 11.65 -9.37 8.56
N ASP A 130 12.42 -8.92 9.54
CA ASP A 130 13.76 -8.39 9.30
C ASP A 130 14.69 -9.49 8.81
N LYS A 131 15.30 -9.28 7.66
CA LYS A 131 16.23 -10.25 7.09
C LYS A 131 17.68 -9.82 7.31
N THR A 132 18.11 -8.79 6.58
CA THR A 132 19.46 -8.28 6.70
C THR A 132 19.52 -6.80 6.35
N ASP A 133 19.10 -5.96 7.29
CA ASP A 133 19.11 -4.52 7.08
C ASP A 133 20.38 -3.90 7.64
N GLY A 134 20.73 -2.71 7.15
CA GLY A 134 21.92 -2.03 7.61
C GLY A 134 23.19 -2.81 7.30
N ALA A 135 24.32 -2.11 7.29
CA ALA A 135 25.61 -2.74 7.00
C ALA A 135 26.13 -3.51 8.21
N LEU A 136 25.31 -3.58 9.26
CA LEU A 136 25.69 -4.28 10.48
C LEU A 136 25.34 -5.77 10.38
N SER A 137 25.58 -6.49 11.46
CA SER A 137 25.29 -7.92 11.50
C SER A 137 23.80 -8.17 11.46
N SER A 138 23.24 -8.21 10.26
CA SER A 138 21.81 -8.44 10.07
C SER A 138 21.00 -7.57 11.04
N PHE A 139 20.90 -6.29 10.73
CA PHE A 139 20.16 -5.35 11.56
C PHE A 139 18.69 -5.33 11.17
N ASP A 140 17.84 -4.92 12.11
CA ASP A 140 16.40 -4.85 11.86
C ASP A 140 15.94 -3.41 11.74
N ILE A 141 14.67 -3.23 11.41
CA ILE A 141 14.10 -1.89 11.27
C ILE A 141 12.60 -1.88 11.57
N LYS A 142 12.16 -0.89 12.33
CA LYS A 142 10.76 -0.77 12.70
C LYS A 142 9.92 -0.34 11.49
N ASP A 143 9.00 -1.20 11.07
CA ASP A 143 8.13 -0.90 9.93
C ASP A 143 7.24 0.30 10.23
N LYS A 144 6.13 0.41 9.51
CA LYS A 144 5.20 1.50 9.69
C LYS A 144 3.78 0.98 9.86
N TRP A 145 2.98 1.69 10.66
CA TRP A 145 1.60 1.30 10.91
C TRP A 145 0.78 2.50 11.39
N ALA A 146 -0.25 2.85 10.62
CA ALA A 146 -1.12 3.96 10.97
C ALA A 146 -2.22 4.15 9.94
N PRO A 147 -3.22 4.98 10.27
CA PRO A 147 -4.35 5.26 9.39
C PRO A 147 -3.94 6.08 8.17
N ALA A 148 -4.53 5.74 7.02
CA ALA A 148 -4.23 6.45 5.78
C ALA A 148 -5.51 6.76 5.00
N PHE A 149 -5.38 7.61 3.98
CA PHE A 149 -6.52 7.99 3.17
C PHE A 149 -6.33 7.54 1.72
N GLN A 150 -7.41 7.05 1.12
CA GLN A 150 -7.37 6.58 -0.26
C GLN A 150 -8.27 7.43 -1.16
N VAL A 151 -7.85 7.61 -2.40
CA VAL A 151 -8.62 8.40 -3.36
C VAL A 151 -8.47 7.84 -4.77
N GLY A 152 -9.62 7.58 -5.42
CA GLY A 152 -9.60 7.05 -6.76
C GLY A 152 -10.99 6.76 -7.29
N LEU A 153 -11.07 6.26 -8.51
CA LEU A 153 -12.35 5.94 -9.14
C LEU A 153 -12.41 4.47 -9.54
N ARG A 154 -13.63 3.96 -9.70
CA ARG A 154 -13.83 2.57 -10.07
C ARG A 154 -15.01 2.43 -11.02
N TYR A 155 -14.78 1.76 -12.15
CA TYR A 155 -15.83 1.56 -13.15
C TYR A 155 -15.67 0.21 -13.83
N ASP A 156 -16.59 -0.09 -14.76
CA ASP A 156 -16.55 -1.36 -15.48
C ASP A 156 -16.27 -1.13 -16.96
N LEU A 157 -15.00 -1.15 -17.32
CA LEU A 157 -14.58 -0.94 -18.71
C LEU A 157 -15.22 -1.99 -19.62
N GLY A 158 -16.32 -1.62 -20.26
CA GLY A 158 -17.00 -2.54 -21.16
C GLY A 158 -17.59 -3.73 -20.43
N ASN A 159 -17.42 -4.92 -21.01
CA ASN A 159 -17.94 -6.13 -20.40
C ASN A 159 -16.81 -7.11 -20.08
N SER A 160 -15.76 -7.07 -20.88
CA SER A 160 -14.61 -7.95 -20.69
C SER A 160 -14.14 -7.92 -19.23
N TRP A 161 -13.62 -6.78 -18.80
CA TRP A 161 -13.14 -6.62 -17.44
C TRP A 161 -13.34 -5.18 -16.95
N MET A 162 -13.30 -5.00 -15.64
CA MET A 162 -13.47 -3.68 -15.05
C MET A 162 -12.12 -3.00 -14.83
N LEU A 163 -12.17 -1.73 -14.44
CA LEU A 163 -10.96 -0.95 -14.20
C LEU A 163 -11.07 -0.13 -12.92
N ASN A 164 -9.94 0.14 -12.29
CA ASN A 164 -9.92 0.91 -11.06
C ASN A 164 -8.56 1.58 -10.86
N SER A 165 -8.57 2.77 -10.27
CA SER A 165 -7.35 3.51 -10.02
C SER A 165 -7.49 4.43 -8.80
N ASP A 166 -6.62 4.24 -7.82
CA ASP A 166 -6.66 5.04 -6.60
C ASP A 166 -5.24 5.27 -6.07
N VAL A 167 -5.15 6.05 -4.99
CA VAL A 167 -3.86 6.34 -4.38
C VAL A 167 -3.99 6.51 -2.86
N ARG A 168 -3.01 6.01 -2.13
CA ARG A 168 -3.01 6.10 -0.67
C ARG A 168 -1.96 7.08 -0.19
N TYR A 169 -2.30 7.84 0.85
CA TYR A 169 -1.39 8.82 1.41
C TYR A 169 -1.47 8.83 2.94
N ILE A 170 -0.30 8.95 3.58
CA ILE A 170 -0.23 8.96 5.04
C ILE A 170 1.21 9.16 5.51
N PRO A 171 1.49 10.34 6.09
CA PRO A 171 2.82 10.67 6.59
C PRO A 171 3.18 9.87 7.84
N PHE A 172 4.31 9.18 7.79
CA PHE A 172 4.77 8.38 8.92
C PHE A 172 6.29 8.36 8.99
N LYS A 173 6.82 7.70 10.01
CA LYS A 173 8.27 7.61 10.20
C LYS A 173 8.68 6.19 10.59
N THR A 174 9.76 5.71 9.99
CA THR A 174 10.26 4.37 10.27
C THR A 174 11.42 4.41 11.26
N ASP A 175 11.81 3.24 11.75
CA ASP A 175 12.91 3.14 12.70
C ASP A 175 13.91 2.08 12.26
N VAL A 176 15.12 2.16 12.83
CA VAL A 176 16.17 1.20 12.49
C VAL A 176 17.02 0.88 13.71
N THR A 177 17.18 -0.41 14.00
CA THR A 177 17.98 -0.86 15.14
C THR A 177 18.33 -2.33 15.02
N GLY A 178 19.27 -2.78 15.84
CA GLY A 178 19.68 -4.17 15.82
C GLY A 178 20.54 -4.54 17.00
N THR A 179 21.43 -5.51 16.81
CA THR A 179 22.31 -5.97 17.88
C THR A 179 23.76 -6.05 17.39
N LEU A 180 24.52 -4.99 17.66
CA LEU A 180 25.92 -4.94 17.26
C LEU A 180 26.78 -4.26 18.32
N GLY A 181 27.49 -5.06 19.10
CA GLY A 181 28.34 -4.53 20.15
C GLY A 181 27.57 -3.69 21.15
N PRO A 182 28.24 -3.27 22.23
CA PRO A 182 27.62 -2.47 23.29
C PRO A 182 27.32 -1.05 22.81
N VAL A 183 26.26 -0.91 22.02
CA VAL A 183 25.85 0.39 21.50
C VAL A 183 24.97 0.25 20.28
N PRO A 184 23.66 0.05 20.52
CA PRO A 184 22.68 -0.11 19.45
C PRO A 184 22.44 1.19 18.68
N VAL A 185 22.26 1.07 17.37
CA VAL A 185 22.02 2.24 16.53
C VAL A 185 20.53 2.44 16.28
N SER A 186 19.96 3.44 16.94
CA SER A 186 18.54 3.74 16.80
C SER A 186 18.33 4.98 15.94
N THR A 187 17.91 4.77 14.70
CA THR A 187 17.67 5.87 13.77
C THR A 187 16.23 5.87 13.27
N LYS A 188 15.70 7.05 12.99
CA LYS A 188 14.34 7.18 12.48
C LYS A 188 14.28 8.09 11.28
N ILE A 189 13.25 7.92 10.44
CA ILE A 189 13.09 8.73 9.25
C ILE A 189 11.61 9.01 8.98
N GLU A 190 11.21 10.27 9.17
CA GLU A 190 9.83 10.67 8.94
C GLU A 190 9.63 11.14 7.51
N VAL A 191 8.87 10.35 6.74
CA VAL A 191 8.60 10.68 5.34
C VAL A 191 7.14 10.42 4.99
N ASP A 192 6.68 11.01 3.89
CA ASP A 192 5.31 10.84 3.44
C ASP A 192 5.24 9.95 2.21
N PRO A 193 5.15 8.62 2.44
CA PRO A 193 5.07 7.64 1.36
C PRO A 193 3.76 7.71 0.60
N PHE A 194 3.83 7.58 -0.71
CA PHE A 194 2.65 7.63 -1.56
C PHE A 194 2.52 6.36 -2.39
N ILE A 195 1.36 5.72 -2.31
CA ILE A 195 1.11 4.49 -3.05
C ILE A 195 0.05 4.70 -4.13
N LEU A 196 0.43 4.48 -5.38
CA LEU A 196 -0.49 4.65 -6.51
C LEU A 196 -0.96 3.30 -7.02
N SER A 197 -2.22 2.97 -6.76
CA SER A 197 -2.81 1.70 -7.20
C SER A 197 -3.56 1.88 -8.51
N LEU A 198 -3.18 1.11 -9.52
CA LEU A 198 -3.83 1.18 -10.82
C LEU A 198 -3.86 -0.19 -11.49
N GLY A 199 -5.05 -0.61 -11.91
CA GLY A 199 -5.19 -1.90 -12.57
C GLY A 199 -6.63 -2.19 -12.97
N ALA A 200 -6.98 -3.47 -13.00
CA ALA A 200 -8.33 -3.87 -13.37
C ALA A 200 -9.03 -4.59 -12.22
N SER A 201 -10.31 -4.89 -12.40
CA SER A 201 -11.09 -5.57 -11.37
C SER A 201 -12.19 -6.42 -12.00
N TYR A 202 -12.83 -7.25 -11.18
CA TYR A 202 -13.89 -8.13 -11.65
C TYR A 202 -14.92 -8.38 -10.55
N VAL A 203 -16.19 -8.43 -10.94
CA VAL A 203 -17.27 -8.66 -9.99
C VAL A 203 -17.33 -10.14 -9.59
N PHE A 204 -18.00 -10.41 -8.46
CA PHE A 204 -18.14 -11.78 -7.98
C PHE A 204 -19.28 -11.88 -6.96
N LYS A 205 -20.30 -12.65 -7.31
CA LYS A 205 -21.45 -12.84 -6.44
C LYS A 205 -21.28 -14.06 -5.55
N LEU A 206 -21.82 -14.00 -4.34
CA LEU A 206 -21.73 -15.10 -3.40
C LEU A 206 -23.01 -15.24 -2.58
N ALA A 207 -23.74 -16.33 -2.82
CA ALA A 207 -24.98 -16.58 -2.10
C ALA A 207 -24.99 -17.99 -1.51
N ALA A 208 -26.06 -18.29 -0.77
CA ALA A 208 -26.20 -19.61 -0.15
C ALA A 208 -26.73 -20.63 -1.15
N ALA A 209 -27.67 -20.21 -1.97
CA ALA A 209 -28.26 -21.09 -2.98
C ALA A 209 -27.69 -20.82 -4.36
N LEU A 210 -27.74 -21.81 -5.23
CA LEU A 210 -27.23 -21.69 -6.59
C LEU A 210 -28.31 -21.99 -7.61
N GLU A 211 -28.16 -21.42 -8.81
CA GLU A 211 -29.12 -21.63 -9.89
C GLU A 211 -28.99 -23.03 -10.47
N MET A 1 -58.47 -15.38 -2.00
CA MET A 1 -57.73 -14.13 -1.86
C MET A 1 -56.48 -14.32 -1.02
N ASN A 2 -55.60 -15.21 -1.47
CA ASN A 2 -54.36 -15.50 -0.76
C ASN A 2 -53.16 -15.34 -1.70
N GLU A 3 -52.03 -14.94 -1.12
CA GLU A 3 -50.81 -14.74 -1.91
C GLU A 3 -49.63 -15.47 -1.26
N ASN A 4 -48.77 -16.04 -2.10
CA ASN A 4 -47.61 -16.78 -1.61
C ASN A 4 -46.52 -15.82 -1.13
N TYR A 5 -45.44 -16.37 -0.59
CA TYR A 5 -44.34 -15.57 -0.08
C TYR A 5 -43.01 -16.05 -0.64
N PRO A 6 -42.01 -15.16 -0.65
CA PRO A 6 -40.67 -15.47 -1.16
C PRO A 6 -39.93 -16.45 -0.26
N ALA A 7 -40.08 -17.74 -0.53
CA ALA A 7 -39.42 -18.78 0.25
C ALA A 7 -37.97 -18.95 -0.18
N LYS A 8 -37.77 -19.13 -1.49
CA LYS A 8 -36.44 -19.31 -2.03
C LYS A 8 -35.52 -18.15 -1.64
N SER A 9 -34.22 -18.38 -1.71
CA SER A 9 -33.24 -17.35 -1.37
C SER A 9 -32.20 -17.20 -2.47
N ALA A 10 -31.70 -15.98 -2.65
CA ALA A 10 -30.69 -15.71 -3.66
C ALA A 10 -29.44 -15.08 -3.04
N GLY A 11 -28.44 -14.84 -3.87
CA GLY A 11 -27.21 -14.24 -3.39
C GLY A 11 -26.90 -12.91 -4.04
N TYR A 12 -27.93 -12.09 -4.20
CA TYR A 12 -27.77 -10.78 -4.83
C TYR A 12 -28.29 -9.67 -3.92
N ASN A 13 -27.44 -9.21 -3.00
CA ASN A 13 -27.82 -8.16 -2.08
C ASN A 13 -26.60 -7.65 -1.31
N GLN A 14 -26.84 -6.78 -0.34
CA GLN A 14 -25.76 -6.21 0.46
C GLN A 14 -24.78 -7.30 0.91
N GLY A 15 -23.50 -7.10 0.60
CA GLY A 15 -22.49 -8.08 0.97
C GLY A 15 -21.87 -8.76 -0.23
N ASP A 16 -22.21 -8.28 -1.42
CA ASP A 16 -21.68 -8.86 -2.65
C ASP A 16 -20.16 -8.88 -2.63
N TRP A 17 -19.58 -9.62 -3.57
CA TRP A 17 -18.12 -9.73 -3.65
C TRP A 17 -17.60 -9.01 -4.90
N VAL A 18 -16.37 -8.51 -4.81
CA VAL A 18 -15.75 -7.81 -5.92
C VAL A 18 -14.23 -7.93 -5.88
N ALA A 19 -13.67 -8.58 -6.89
CA ALA A 19 -12.22 -8.77 -6.96
C ALA A 19 -11.54 -7.54 -7.57
N SER A 20 -10.39 -7.19 -7.03
CA SER A 20 -9.65 -6.02 -7.51
C SER A 20 -8.16 -6.34 -7.62
N PHE A 21 -7.64 -6.33 -8.84
CA PHE A 21 -6.23 -6.62 -9.07
C PHE A 21 -5.55 -5.46 -9.81
N ASN A 22 -4.57 -4.84 -9.15
CA ASN A 22 -3.85 -3.72 -9.74
C ASN A 22 -2.44 -3.61 -9.17
N PHE A 23 -1.62 -2.77 -9.77
CA PHE A 23 -0.24 -2.59 -9.32
C PHE A 23 -0.10 -1.28 -8.54
N SER A 24 0.60 -1.35 -7.42
CA SER A 24 0.80 -0.18 -6.58
C SER A 24 2.20 0.40 -6.77
N LYS A 25 2.29 1.72 -6.85
CA LYS A 25 3.57 2.39 -7.03
C LYS A 25 3.94 3.20 -5.80
N VAL A 26 4.94 2.72 -5.07
CA VAL A 26 5.40 3.39 -3.86
C VAL A 26 6.26 4.60 -4.20
N TYR A 27 5.93 5.74 -3.60
CA TYR A 27 6.66 6.97 -3.84
C TYR A 27 7.20 7.55 -2.53
N VAL A 28 8.53 7.56 -2.40
CA VAL A 28 9.17 8.08 -1.20
C VAL A 28 10.69 8.06 -1.33
N GLY A 29 11.35 9.05 -0.74
CA GLY A 29 12.80 9.11 -0.80
C GLY A 29 13.32 10.54 -0.72
N GLU A 30 13.16 11.15 0.46
CA GLU A 30 13.63 12.51 0.66
C GLU A 30 15.07 12.54 1.16
N GLU A 31 15.28 12.04 2.37
CA GLU A 31 16.61 12.01 2.96
C GLU A 31 16.59 11.30 4.31
N LEU A 32 17.77 10.98 4.83
CA LEU A 32 17.88 10.30 6.11
C LEU A 32 18.25 11.29 7.22
N GLY A 33 17.92 10.93 8.46
CA GLY A 33 18.23 11.79 9.59
C GLY A 33 19.06 11.09 10.64
N ASP A 34 20.37 11.02 10.41
CA ASP A 34 21.28 10.37 11.34
C ASP A 34 21.21 11.04 12.71
N LEU A 35 21.27 10.23 13.77
CA LEU A 35 21.22 10.74 15.13
C LEU A 35 21.80 9.73 16.11
N ASN A 36 22.82 10.14 16.85
CA ASN A 36 23.46 9.27 17.84
C ASN A 36 23.89 10.06 19.07
N VAL A 37 24.24 9.35 20.12
CA VAL A 37 24.68 9.97 21.37
C VAL A 37 25.90 10.86 21.13
N GLY A 38 26.79 10.41 20.25
CA GLY A 38 27.99 11.17 19.96
C GLY A 38 28.66 10.71 18.67
N GLY A 39 29.96 10.99 18.56
CA GLY A 39 30.69 10.60 17.38
C GLY A 39 31.60 11.70 16.87
N GLY A 40 32.04 11.57 15.61
CA GLY A 40 32.91 12.57 15.03
C GLY A 40 32.14 13.66 14.30
N ALA A 41 31.99 13.50 12.99
CA ALA A 41 31.27 14.46 12.18
C ALA A 41 29.80 14.09 12.05
N LEU A 42 29.01 14.99 11.47
CA LEU A 42 27.58 14.75 11.29
C LEU A 42 27.14 15.17 9.89
N PRO A 43 27.57 14.41 8.87
CA PRO A 43 27.23 14.68 7.48
C PRO A 43 25.76 14.42 7.18
N ASN A 44 25.40 14.46 5.89
CA ASN A 44 24.02 14.22 5.47
C ASN A 44 23.90 12.88 4.76
N ALA A 45 23.18 11.94 5.38
CA ALA A 45 22.99 10.63 4.79
C ALA A 45 21.86 10.64 3.76
N ASP A 46 21.54 9.48 3.22
CA ASP A 46 20.49 9.36 2.22
C ASP A 46 19.75 8.03 2.35
N VAL A 47 18.44 8.09 2.48
CA VAL A 47 17.62 6.89 2.61
C VAL A 47 16.88 6.58 1.31
N SER A 48 16.85 5.30 0.96
CA SER A 48 16.17 4.87 -0.26
C SER A 48 15.73 3.42 -0.16
N ILE A 49 15.07 2.93 -1.20
CA ILE A 49 14.59 1.55 -1.23
C ILE A 49 14.84 0.91 -2.58
N GLY A 50 14.95 -0.42 -2.59
CA GLY A 50 15.19 -1.13 -3.83
C GLY A 50 14.00 -1.98 -4.25
N ASN A 51 12.88 -1.32 -4.53
CA ASN A 51 11.67 -2.02 -4.93
C ASN A 51 11.64 -2.20 -6.45
N ASP A 52 10.79 -3.11 -6.91
CA ASP A 52 10.66 -3.39 -8.33
C ASP A 52 9.20 -3.33 -8.77
N THR A 53 8.98 -3.22 -10.08
CA THR A 53 7.63 -3.16 -10.63
C THR A 53 6.91 -4.50 -10.47
N THR A 54 5.99 -4.56 -9.52
CA THR A 54 5.23 -5.77 -9.27
C THR A 54 3.74 -5.49 -9.17
N LEU A 55 2.93 -6.54 -9.18
CA LEU A 55 1.48 -6.40 -9.10
C LEU A 55 1.00 -6.44 -7.65
N THR A 56 -0.26 -6.09 -7.43
CA THR A 56 -0.83 -6.08 -6.10
C THR A 56 -2.26 -6.60 -6.11
N PHE A 57 -2.66 -7.26 -5.03
CA PHE A 57 -4.01 -7.80 -4.92
C PHE A 57 -4.89 -6.91 -4.04
N ASP A 58 -6.19 -6.91 -4.31
CA ASP A 58 -7.13 -6.11 -3.55
C ASP A 58 -8.50 -6.77 -3.50
N ILE A 59 -9.10 -6.79 -2.31
CA ILE A 59 -10.41 -7.40 -2.13
C ILE A 59 -11.49 -6.34 -1.92
N ALA A 60 -12.39 -6.22 -2.91
CA ALA A 60 -13.46 -5.23 -2.83
C ALA A 60 -14.78 -5.90 -2.43
N TYR A 61 -15.44 -5.33 -1.42
CA TYR A 61 -16.70 -5.87 -0.93
C TYR A 61 -17.83 -4.86 -1.12
N PHE A 62 -18.92 -5.31 -1.74
CA PHE A 62 -20.06 -4.46 -2.00
C PHE A 62 -21.14 -4.66 -0.94
N VAL A 63 -21.18 -3.78 0.06
CA VAL A 63 -22.15 -3.89 1.14
C VAL A 63 -23.36 -2.98 0.86
N SER A 64 -23.11 -1.85 0.22
CA SER A 64 -24.17 -0.90 -0.10
C SER A 64 -23.98 -0.32 -1.49
N SER A 65 -25.03 0.28 -2.03
CA SER A 65 -24.98 0.87 -3.36
C SER A 65 -24.49 2.32 -3.29
N ASN A 66 -24.14 2.76 -2.09
CA ASN A 66 -23.66 4.11 -1.88
C ASN A 66 -22.16 4.13 -1.62
N ILE A 67 -21.66 3.07 -1.01
CA ILE A 67 -20.25 2.96 -0.70
C ILE A 67 -19.79 1.50 -0.69
N ALA A 68 -18.48 1.28 -0.72
CA ALA A 68 -17.92 -0.06 -0.72
C ALA A 68 -16.59 -0.10 0.02
N VAL A 69 -16.13 -1.30 0.33
CA VAL A 69 -14.87 -1.47 1.04
C VAL A 69 -13.83 -2.18 0.15
N ASP A 70 -12.56 -1.89 0.41
CA ASP A 70 -11.47 -2.49 -0.36
C ASP A 70 -10.26 -2.74 0.53
N PHE A 71 -9.70 -3.94 0.42
CA PHE A 71 -8.53 -4.32 1.22
C PHE A 71 -7.29 -4.41 0.34
N PHE A 72 -6.31 -3.57 0.64
CA PHE A 72 -5.06 -3.56 -0.13
C PHE A 72 -4.06 -4.54 0.46
N VAL A 73 -3.62 -5.50 -0.36
CA VAL A 73 -2.66 -6.51 0.07
C VAL A 73 -1.75 -6.92 -1.07
N GLY A 74 -0.49 -7.24 -0.74
CA GLY A 74 0.45 -7.65 -1.75
C GLY A 74 1.51 -8.59 -1.20
N VAL A 75 2.19 -9.30 -2.10
CA VAL A 75 3.24 -10.24 -1.69
C VAL A 75 4.60 -9.79 -2.21
N PRO A 76 5.13 -8.72 -1.61
CA PRO A 76 6.43 -8.16 -1.99
C PRO A 76 7.59 -9.08 -1.58
N ALA A 77 8.73 -8.91 -2.22
CA ALA A 77 9.91 -9.71 -1.92
C ALA A 77 10.92 -8.91 -1.11
N ARG A 78 12.12 -9.47 -0.96
CA ARG A 78 13.18 -8.80 -0.20
C ARG A 78 13.81 -7.68 -1.01
N ALA A 79 13.86 -6.49 -0.42
CA ALA A 79 14.44 -5.33 -1.09
C ALA A 79 15.58 -4.75 -0.29
N LYS A 80 16.54 -4.14 -0.97
CA LYS A 80 17.70 -3.54 -0.32
C LYS A 80 17.38 -2.12 0.15
N PHE A 81 17.24 -1.96 1.46
CA PHE A 81 16.94 -0.66 2.05
C PHE A 81 18.21 0.16 2.24
N GLN A 82 18.20 1.39 1.74
CA GLN A 82 19.36 2.28 1.86
C GLN A 82 19.12 3.33 2.94
N GLY A 83 20.20 3.80 3.55
CA GLY A 83 20.11 4.79 4.60
C GLY A 83 21.43 5.06 5.28
N GLU A 84 22.25 5.89 4.66
CA GLU A 84 23.56 6.23 5.23
C GLU A 84 24.27 7.27 4.37
N LYS A 85 25.51 7.58 4.72
CA LYS A 85 26.30 8.56 3.99
C LYS A 85 27.04 7.90 2.82
N SER A 86 28.02 7.08 3.14
CA SER A 86 28.80 6.39 2.12
C SER A 86 28.11 5.10 1.69
N ILE A 87 27.39 4.48 2.62
CA ILE A 87 26.67 3.24 2.32
C ILE A 87 25.52 3.48 1.36
N SER A 88 24.89 4.65 1.48
CA SER A 88 23.77 5.01 0.62
C SER A 88 24.20 5.09 -0.84
N SER A 89 25.27 5.84 -1.09
CA SER A 89 25.79 6.02 -2.44
C SER A 89 26.02 4.66 -3.11
N LEU A 90 26.49 3.70 -2.33
CA LEU A 90 26.75 2.35 -2.85
C LEU A 90 25.46 1.68 -3.28
N GLY A 91 24.38 1.94 -2.54
CA GLY A 91 23.10 1.35 -2.86
C GLY A 91 22.83 0.10 -2.06
N ARG A 92 23.86 -0.43 -1.42
CA ARG A 92 23.72 -1.65 -0.63
C ARG A 92 23.99 -1.35 0.85
N VAL A 93 22.91 -1.11 1.59
CA VAL A 93 23.02 -0.82 3.03
C VAL A 93 22.43 -1.95 3.86
N SER A 94 21.16 -2.26 3.62
CA SER A 94 20.48 -3.32 4.36
C SER A 94 19.57 -4.11 3.43
N GLU A 95 19.23 -5.33 3.85
CA GLU A 95 18.36 -6.20 3.07
C GLU A 95 17.21 -6.74 3.92
N VAL A 96 15.99 -6.50 3.45
CA VAL A 96 14.80 -6.97 4.17
C VAL A 96 13.54 -6.67 3.37
N ASP A 97 12.46 -7.38 3.70
CA ASP A 97 11.19 -7.20 3.02
C ASP A 97 10.19 -6.48 3.92
N TYR A 98 9.04 -6.14 3.36
CA TYR A 98 8.00 -5.44 4.12
C TYR A 98 6.63 -6.07 3.87
N GLY A 99 5.80 -6.11 4.91
CA GLY A 99 4.48 -6.68 4.79
C GLY A 99 3.38 -5.63 4.78
N PRO A 100 3.08 -5.10 3.59
CA PRO A 100 2.04 -4.07 3.42
C PRO A 100 0.65 -4.62 3.65
N ALA A 101 -0.09 -3.99 4.56
CA ALA A 101 -1.45 -4.42 4.87
C ALA A 101 -2.36 -3.21 5.11
N ILE A 102 -3.05 -2.79 4.07
CA ILE A 102 -3.96 -1.66 4.16
C ILE A 102 -5.40 -2.07 3.88
N LEU A 103 -6.34 -1.32 4.44
CA LEU A 103 -7.76 -1.60 4.24
C LEU A 103 -8.60 -0.34 4.37
N SER A 104 -9.12 0.13 3.24
CA SER A 104 -9.94 1.34 3.23
C SER A 104 -11.20 1.14 2.38
N LEU A 105 -12.14 2.05 2.52
CA LEU A 105 -13.39 1.98 1.78
C LEU A 105 -13.58 3.20 0.88
N GLN A 106 -14.29 3.02 -0.23
CA GLN A 106 -14.53 4.11 -1.16
C GLN A 106 -15.95 4.65 -0.99
N TYR A 107 -16.08 5.98 -1.04
CA TYR A 107 -17.38 6.63 -0.90
C TYR A 107 -17.43 7.93 -1.68
N HIS A 108 -18.60 8.26 -2.19
CA HIS A 108 -18.79 9.49 -2.97
C HIS A 108 -20.20 10.04 -2.78
N TYR A 109 -20.28 11.31 -2.42
CA TYR A 109 -21.57 11.97 -2.20
C TYR A 109 -21.97 12.80 -3.41
N ASP A 110 -23.18 12.58 -3.91
CA ASP A 110 -23.68 13.32 -5.06
C ASP A 110 -23.53 14.83 -4.85
N SER A 111 -22.58 15.43 -5.56
CA SER A 111 -22.33 16.86 -5.45
C SER A 111 -22.68 17.58 -6.76
N PHE A 112 -22.39 16.93 -7.87
CA PHE A 112 -22.67 17.51 -9.19
C PHE A 112 -23.07 16.42 -10.18
N GLU A 113 -23.53 16.84 -11.36
CA GLU A 113 -23.95 15.90 -12.40
C GLU A 113 -22.73 15.33 -13.12
N ARG A 114 -21.77 16.19 -13.44
CA ARG A 114 -20.56 15.77 -14.14
C ARG A 114 -19.91 14.60 -13.42
N LEU A 115 -19.06 13.87 -14.14
CA LEU A 115 -18.36 12.72 -13.58
C LEU A 115 -17.21 13.17 -12.68
N TYR A 116 -16.91 12.36 -11.66
CA TYR A 116 -15.84 12.68 -10.74
C TYR A 116 -15.43 11.45 -9.93
N PRO A 117 -14.20 11.45 -9.41
CA PRO A 117 -13.67 10.34 -8.61
C PRO A 117 -14.34 10.23 -7.25
N TYR A 118 -13.95 9.22 -6.48
CA TYR A 118 -14.53 9.00 -5.15
C TYR A 118 -13.47 9.13 -4.07
N VAL A 119 -13.91 9.47 -2.86
CA VAL A 119 -12.99 9.63 -1.74
C VAL A 119 -13.06 8.42 -0.81
N GLY A 120 -11.89 7.85 -0.51
CA GLY A 120 -11.85 6.69 0.37
C GLY A 120 -10.95 6.92 1.58
N VAL A 121 -11.02 6.01 2.54
CA VAL A 121 -10.21 6.12 3.75
C VAL A 121 -10.16 4.79 4.50
N GLY A 122 -9.05 4.54 5.18
CA GLY A 122 -8.90 3.31 5.93
C GLY A 122 -7.66 3.31 6.80
N VAL A 123 -7.09 2.13 7.01
CA VAL A 123 -5.90 1.99 7.84
C VAL A 123 -4.82 1.20 7.11
N GLY A 124 -3.58 1.68 7.19
CA GLY A 124 -2.48 1.00 6.53
C GLY A 124 -1.38 0.61 7.50
N ARG A 125 -1.13 -0.69 7.62
CA ARG A 125 -0.09 -1.19 8.52
C ARG A 125 0.96 -1.99 7.75
N VAL A 126 2.22 -1.59 7.90
CA VAL A 126 3.31 -2.28 7.22
C VAL A 126 4.29 -2.88 8.23
N LEU A 127 4.45 -4.19 8.18
CA LEU A 127 5.36 -4.89 9.09
C LEU A 127 5.92 -6.15 8.45
N PHE A 128 7.07 -6.60 8.92
CA PHE A 128 7.71 -7.80 8.39
C PHE A 128 8.84 -8.26 9.30
N PHE A 129 9.58 -9.27 8.85
CA PHE A 129 10.69 -9.81 9.63
C PHE A 129 12.02 -9.20 9.17
N ASP A 130 12.91 -8.96 10.13
CA ASP A 130 14.21 -8.38 9.83
C ASP A 130 15.16 -9.44 9.27
N LYS A 131 15.54 -9.27 8.01
CA LYS A 131 16.45 -10.20 7.36
C LYS A 131 17.89 -10.01 7.83
N THR A 132 18.54 -8.97 7.31
CA THR A 132 19.92 -8.67 7.68
C THR A 132 20.35 -7.32 7.11
N ASP A 133 20.73 -6.41 8.00
CA ASP A 133 21.17 -5.08 7.59
C ASP A 133 22.68 -4.94 7.73
N GLY A 134 23.34 -4.60 6.62
CA GLY A 134 24.79 -4.45 6.64
C GLY A 134 25.21 -3.10 7.18
N ALA A 135 24.32 -2.12 7.12
CA ALA A 135 24.62 -0.79 7.62
C ALA A 135 25.47 -0.84 8.88
N LEU A 136 25.13 -1.76 9.78
CA LEU A 136 25.87 -1.92 11.03
C LEU A 136 25.98 -3.39 11.41
N SER A 137 26.83 -3.68 12.40
CA SER A 137 27.03 -5.05 12.85
C SER A 137 25.69 -5.74 13.10
N SER A 138 25.24 -6.50 12.11
CA SER A 138 23.97 -7.22 12.21
C SER A 138 22.86 -6.28 12.68
N PHE A 139 22.42 -5.41 11.78
CA PHE A 139 21.35 -4.46 12.10
C PHE A 139 20.01 -4.94 11.56
N ASP A 140 18.93 -4.39 12.09
CA ASP A 140 17.58 -4.76 11.66
C ASP A 140 16.75 -3.53 11.33
N ILE A 141 15.63 -3.73 10.66
CA ILE A 141 14.75 -2.64 10.28
C ILE A 141 13.52 -2.57 11.19
N LYS A 142 12.93 -1.39 11.31
CA LYS A 142 11.74 -1.21 12.14
C LYS A 142 10.59 -0.64 11.32
N ASP A 143 9.55 -1.45 11.13
CA ASP A 143 8.38 -1.03 10.37
C ASP A 143 7.47 -0.14 11.22
N LYS A 144 6.21 -0.04 10.81
CA LYS A 144 5.24 0.77 11.54
C LYS A 144 3.83 0.54 10.98
N TRP A 145 2.84 1.12 11.65
CA TRP A 145 1.46 0.99 11.23
C TRP A 145 0.62 2.17 11.72
N ALA A 146 -0.40 2.53 10.94
CA ALA A 146 -1.28 3.64 11.31
C ALA A 146 -2.34 3.87 10.23
N PRO A 147 -3.33 4.70 10.55
CA PRO A 147 -4.43 5.03 9.62
C PRO A 147 -3.96 5.87 8.45
N ALA A 148 -4.54 5.62 7.28
CA ALA A 148 -4.19 6.36 6.08
C ALA A 148 -5.43 6.70 5.25
N PHE A 149 -5.26 7.58 4.28
CA PHE A 149 -6.37 7.99 3.42
C PHE A 149 -6.21 7.42 2.01
N GLN A 150 -7.30 7.40 1.27
CA GLN A 150 -7.29 6.87 -0.09
C GLN A 150 -8.15 7.73 -1.02
N VAL A 151 -7.86 7.66 -2.32
CA VAL A 151 -8.60 8.42 -3.30
C VAL A 151 -8.56 7.75 -4.68
N GLY A 152 -9.73 7.61 -5.29
CA GLY A 152 -9.80 6.99 -6.60
C GLY A 152 -11.23 6.69 -7.03
N LEU A 153 -11.37 5.90 -8.09
CA LEU A 153 -12.69 5.54 -8.60
C LEU A 153 -12.66 4.19 -9.29
N ARG A 154 -13.84 3.66 -9.60
CA ARG A 154 -13.94 2.37 -10.27
C ARG A 154 -14.67 2.51 -11.61
N TYR A 155 -14.01 2.05 -12.67
CA TYR A 155 -14.61 2.12 -14.01
C TYR A 155 -14.67 0.74 -14.65
N ASP A 156 -15.27 0.68 -15.84
CA ASP A 156 -15.41 -0.58 -16.55
C ASP A 156 -14.76 -0.49 -17.94
N LEU A 157 -13.53 -0.96 -18.04
CA LEU A 157 -12.80 -0.92 -19.30
C LEU A 157 -12.78 -2.30 -19.95
N GLY A 158 -12.93 -2.33 -21.28
CA GLY A 158 -12.91 -3.59 -22.00
C GLY A 158 -14.00 -4.54 -21.52
N ASN A 159 -14.18 -5.65 -22.23
CA ASN A 159 -15.19 -6.63 -21.89
C ASN A 159 -14.60 -7.72 -21.00
N SER A 160 -15.48 -8.41 -20.26
CA SER A 160 -15.04 -9.48 -19.37
C SER A 160 -13.93 -9.00 -18.45
N TRP A 161 -13.96 -7.72 -18.10
CA TRP A 161 -12.95 -7.13 -17.23
C TRP A 161 -13.30 -5.68 -16.88
N MET A 162 -12.88 -5.25 -15.70
CA MET A 162 -13.16 -3.88 -15.25
C MET A 162 -11.85 -3.14 -14.95
N LEU A 163 -11.96 -1.85 -14.68
CA LEU A 163 -10.80 -1.03 -14.37
C LEU A 163 -10.97 -0.30 -13.05
N ASN A 164 -9.90 -0.23 -12.27
CA ASN A 164 -9.94 0.44 -10.98
C ASN A 164 -8.66 1.25 -10.74
N SER A 165 -8.81 2.44 -10.17
CA SER A 165 -7.67 3.31 -9.90
C SER A 165 -7.82 3.99 -8.54
N ASP A 166 -6.85 3.77 -7.66
CA ASP A 166 -6.87 4.36 -6.33
C ASP A 166 -5.48 4.79 -5.91
N VAL A 167 -5.41 5.63 -4.88
CA VAL A 167 -4.13 6.11 -4.37
C VAL A 167 -4.20 6.39 -2.87
N ARG A 168 -3.23 5.85 -2.13
CA ARG A 168 -3.20 6.05 -0.68
C ARG A 168 -2.17 7.12 -0.31
N TYR A 169 -2.48 7.89 0.74
CA TYR A 169 -1.60 8.95 1.18
C TYR A 169 -1.67 9.11 2.70
N ILE A 170 -0.51 9.24 3.34
CA ILE A 170 -0.44 9.40 4.79
C ILE A 170 1.00 9.51 5.25
N PRO A 171 1.26 10.52 6.10
CA PRO A 171 2.61 10.78 6.64
C PRO A 171 3.03 9.70 7.64
N PHE A 172 4.00 8.88 7.24
CA PHE A 172 4.50 7.81 8.09
C PHE A 172 5.97 8.03 8.43
N LYS A 173 6.54 7.13 9.24
CA LYS A 173 7.94 7.23 9.64
C LYS A 173 8.52 5.84 9.87
N THR A 174 9.71 5.61 9.33
CA THR A 174 10.40 4.33 9.48
C THR A 174 11.54 4.43 10.47
N ASP A 175 11.88 3.30 11.09
CA ASP A 175 12.97 3.26 12.06
C ASP A 175 13.96 2.14 11.72
N VAL A 176 15.15 2.23 12.29
CA VAL A 176 16.19 1.24 12.05
C VAL A 176 17.07 1.04 13.29
N THR A 177 17.29 -0.22 13.65
CA THR A 177 18.10 -0.55 14.81
C THR A 177 18.50 -2.02 14.81
N GLY A 178 19.54 -2.35 15.57
CA GLY A 178 20.01 -3.72 15.64
C GLY A 178 20.34 -4.14 17.06
N THR A 179 20.60 -5.44 17.24
CA THR A 179 20.92 -5.97 18.56
C THR A 179 22.38 -6.41 18.62
N LEU A 180 23.20 -5.62 19.31
CA LEU A 180 24.63 -5.93 19.45
C LEU A 180 25.05 -5.88 20.92
N GLY A 181 26.24 -6.38 21.20
CA GLY A 181 26.75 -6.38 22.56
C GLY A 181 26.56 -5.04 23.25
N PRO A 182 27.27 -4.01 22.76
CA PRO A 182 27.19 -2.66 23.32
C PRO A 182 25.86 -1.99 23.04
N VAL A 183 25.79 -0.69 23.27
CA VAL A 183 24.56 0.07 23.05
C VAL A 183 24.32 0.28 21.56
N PRO A 184 23.24 -0.33 21.05
CA PRO A 184 22.87 -0.22 19.64
C PRO A 184 22.37 1.17 19.28
N VAL A 185 22.30 1.45 17.97
CA VAL A 185 21.83 2.75 17.50
C VAL A 185 20.38 2.68 17.03
N SER A 186 19.61 3.71 17.36
CA SER A 186 18.21 3.76 16.97
C SER A 186 17.92 5.00 16.12
N THR A 187 17.75 4.79 14.83
CA THR A 187 17.48 5.88 13.90
C THR A 187 16.01 5.89 13.48
N LYS A 188 15.56 7.02 12.95
CA LYS A 188 14.18 7.15 12.50
C LYS A 188 14.04 8.30 11.51
N ILE A 189 12.99 8.24 10.69
CA ILE A 189 12.74 9.29 9.69
C ILE A 189 11.26 9.37 9.34
N GLU A 190 10.72 10.58 9.37
CA GLU A 190 9.31 10.80 9.07
C GLU A 190 9.15 11.34 7.65
N VAL A 191 8.46 10.59 6.80
CA VAL A 191 8.22 10.99 5.42
C VAL A 191 6.78 10.73 5.01
N ASP A 192 6.35 11.41 3.94
CA ASP A 192 5.00 11.24 3.44
C ASP A 192 4.98 10.44 2.15
N PRO A 193 4.91 9.11 2.28
CA PRO A 193 4.89 8.20 1.13
C PRO A 193 3.58 8.29 0.34
N PHE A 194 3.62 7.87 -0.92
CA PHE A 194 2.45 7.90 -1.78
C PHE A 194 2.32 6.61 -2.58
N ILE A 195 1.20 5.91 -2.41
CA ILE A 195 0.96 4.65 -3.11
C ILE A 195 -0.07 4.84 -4.22
N LEU A 196 0.36 4.60 -5.46
CA LEU A 196 -0.51 4.74 -6.61
C LEU A 196 -0.93 3.37 -7.15
N SER A 197 -2.19 3.00 -6.95
CA SER A 197 -2.70 1.72 -7.42
C SER A 197 -3.51 1.89 -8.69
N LEU A 198 -3.25 1.03 -9.67
CA LEU A 198 -3.96 1.09 -10.95
C LEU A 198 -3.94 -0.28 -11.64
N GLY A 199 -5.11 -0.73 -12.06
CA GLY A 199 -5.21 -2.01 -12.74
C GLY A 199 -6.63 -2.34 -13.14
N ALA A 200 -6.97 -3.63 -13.09
CA ALA A 200 -8.31 -4.08 -13.45
C ALA A 200 -9.02 -4.72 -12.26
N SER A 201 -10.28 -5.06 -12.44
CA SER A 201 -11.07 -5.67 -11.38
C SER A 201 -12.22 -6.49 -11.96
N TYR A 202 -12.81 -7.33 -11.12
CA TYR A 202 -13.91 -8.19 -11.54
C TYR A 202 -15.05 -8.16 -10.52
N VAL A 203 -16.24 -7.77 -10.97
CA VAL A 203 -17.41 -7.71 -10.09
C VAL A 203 -17.98 -9.09 -9.82
N PHE A 204 -18.15 -9.42 -8.55
CA PHE A 204 -18.69 -10.72 -8.16
C PHE A 204 -20.08 -10.57 -7.54
N LYS A 205 -21.09 -10.45 -8.39
CA LYS A 205 -22.47 -10.30 -7.93
C LYS A 205 -23.45 -10.58 -9.06
N LEU A 206 -24.71 -10.22 -8.84
CA LEU A 206 -25.75 -10.43 -9.84
C LEU A 206 -25.33 -9.86 -11.19
N ALA A 207 -26.11 -10.16 -12.22
CA ALA A 207 -25.83 -9.67 -13.57
C ALA A 207 -27.10 -9.58 -14.40
N ALA A 208 -27.09 -8.68 -15.38
CA ALA A 208 -28.24 -8.48 -16.25
C ALA A 208 -28.33 -9.59 -17.29
N ALA A 209 -29.45 -9.63 -18.01
CA ALA A 209 -29.66 -10.64 -19.05
C ALA A 209 -30.66 -10.16 -20.09
N LEU A 210 -30.41 -10.49 -21.34
CA LEU A 210 -31.29 -10.10 -22.44
C LEU A 210 -31.63 -11.29 -23.32
N GLU A 211 -32.73 -11.17 -24.06
CA GLU A 211 -33.16 -12.25 -24.95
C GLU A 211 -32.51 -12.13 -26.32
N MET A 1 -35.35 -28.63 -30.14
CA MET A 1 -36.55 -27.96 -30.64
C MET A 1 -36.95 -26.81 -29.74
N ASN A 2 -35.95 -26.02 -29.31
CA ASN A 2 -36.21 -24.88 -28.43
C ASN A 2 -35.15 -23.80 -28.63
N GLU A 3 -35.56 -22.55 -28.49
CA GLU A 3 -34.64 -21.42 -28.64
C GLU A 3 -34.83 -20.41 -27.53
N ASN A 4 -33.89 -20.38 -26.58
CA ASN A 4 -33.96 -19.45 -25.46
C ASN A 4 -32.98 -18.30 -25.64
N TYR A 5 -33.11 -17.27 -24.82
CA TYR A 5 -32.23 -16.11 -24.89
C TYR A 5 -31.47 -15.93 -23.57
N PRO A 6 -30.48 -16.81 -23.33
CA PRO A 6 -29.66 -16.76 -22.11
C PRO A 6 -28.73 -15.55 -22.10
N ALA A 7 -29.21 -14.44 -21.54
CA ALA A 7 -28.42 -13.23 -21.45
C ALA A 7 -27.85 -13.04 -20.05
N LYS A 8 -26.59 -12.63 -19.97
CA LYS A 8 -25.94 -12.40 -18.69
C LYS A 8 -26.49 -11.17 -18.00
N SER A 9 -27.09 -11.36 -16.84
CA SER A 9 -27.67 -10.26 -16.07
C SER A 9 -26.71 -9.81 -14.96
N ALA A 10 -26.65 -8.49 -14.75
CA ALA A 10 -25.79 -7.93 -13.72
C ALA A 10 -26.59 -7.46 -12.51
N GLY A 11 -25.92 -7.27 -11.39
CA GLY A 11 -26.58 -6.82 -10.18
C GLY A 11 -25.61 -6.44 -9.09
N TYR A 12 -26.15 -5.86 -8.01
CA TYR A 12 -25.31 -5.44 -6.89
C TYR A 12 -26.14 -5.29 -5.62
N ASN A 13 -25.78 -6.05 -4.59
CA ASN A 13 -26.50 -6.00 -3.32
C ASN A 13 -25.53 -6.10 -2.14
N GLN A 14 -25.99 -5.72 -0.96
CA GLN A 14 -25.17 -5.76 0.24
C GLN A 14 -24.54 -7.14 0.41
N GLY A 15 -23.21 -7.18 0.44
CA GLY A 15 -22.51 -8.44 0.60
C GLY A 15 -21.85 -8.90 -0.69
N ASP A 16 -21.91 -8.07 -1.72
CA ASP A 16 -21.32 -8.41 -3.01
C ASP A 16 -19.80 -8.47 -2.90
N TRP A 17 -19.20 -9.32 -3.74
CA TRP A 17 -17.74 -9.49 -3.74
C TRP A 17 -17.16 -9.04 -5.07
N VAL A 18 -15.96 -8.45 -5.03
CA VAL A 18 -15.29 -7.98 -6.22
C VAL A 18 -13.79 -8.23 -6.14
N ALA A 19 -13.27 -9.03 -7.07
CA ALA A 19 -11.84 -9.34 -7.09
C ALA A 19 -11.07 -8.26 -7.85
N SER A 20 -10.41 -7.38 -7.10
CA SER A 20 -9.62 -6.30 -7.69
C SER A 20 -8.15 -6.67 -7.76
N PHE A 21 -7.49 -6.27 -8.84
CA PHE A 21 -6.07 -6.56 -9.02
C PHE A 21 -5.38 -5.43 -9.77
N ASN A 22 -4.40 -4.80 -9.13
CA ASN A 22 -3.66 -3.70 -9.73
C ASN A 22 -2.23 -3.65 -9.20
N PHE A 23 -1.44 -2.76 -9.77
CA PHE A 23 -0.04 -2.60 -9.36
C PHE A 23 0.15 -1.33 -8.55
N SER A 24 0.76 -1.47 -7.38
CA SER A 24 1.02 -0.32 -6.51
C SER A 24 2.40 0.26 -6.74
N LYS A 25 2.51 1.57 -6.58
CA LYS A 25 3.79 2.26 -6.77
C LYS A 25 4.15 3.10 -5.56
N VAL A 26 5.18 2.70 -4.84
CA VAL A 26 5.63 3.41 -3.65
C VAL A 26 6.38 4.69 -4.03
N TYR A 27 5.94 5.81 -3.47
CA TYR A 27 6.58 7.10 -3.76
C TYR A 27 7.15 7.72 -2.47
N VAL A 28 8.46 7.67 -2.34
CA VAL A 28 9.13 8.23 -1.16
C VAL A 28 9.24 9.74 -1.27
N GLY A 29 9.40 10.40 -0.13
CA GLY A 29 9.52 11.85 -0.11
C GLY A 29 10.89 12.32 -0.55
N GLU A 30 11.64 12.90 0.38
CA GLU A 30 12.98 13.39 0.10
C GLU A 30 14.02 12.31 0.33
N GLU A 31 14.20 11.93 1.59
CA GLU A 31 15.17 10.90 1.95
C GLU A 31 15.12 10.60 3.45
N LEU A 32 16.04 9.78 3.91
CA LEU A 32 16.10 9.40 5.32
C LEU A 32 16.89 10.45 6.13
N GLY A 33 17.04 10.19 7.42
CA GLY A 33 17.77 11.11 8.28
C GLY A 33 18.76 10.41 9.18
N ASP A 34 19.88 9.96 8.61
CA ASP A 34 20.90 9.26 9.37
C ASP A 34 21.98 10.23 9.84
N LEU A 35 22.62 9.90 10.96
CA LEU A 35 23.67 10.74 11.52
C LEU A 35 24.62 9.92 12.39
N ASN A 36 25.72 9.47 11.80
CA ASN A 36 26.71 8.68 12.52
C ASN A 36 27.52 9.56 13.47
N VAL A 37 27.82 9.02 14.65
CA VAL A 37 28.60 9.76 15.64
C VAL A 37 30.08 9.40 15.55
N GLY A 38 30.93 10.41 15.65
CA GLY A 38 32.37 10.18 15.58
C GLY A 38 33.07 11.13 14.62
N GLY A 39 33.04 10.78 13.34
CA GLY A 39 33.67 11.62 12.33
C GLY A 39 33.38 11.14 10.92
N GLY A 40 33.93 11.85 9.94
CA GLY A 40 33.72 11.48 8.55
C GLY A 40 32.59 12.26 7.91
N ALA A 41 32.71 12.52 6.61
CA ALA A 41 31.70 13.26 5.88
C ALA A 41 30.32 12.62 6.04
N LEU A 42 29.30 13.46 6.15
CA LEU A 42 27.93 12.98 6.32
C LEU A 42 26.93 13.94 5.67
N PRO A 43 26.96 14.01 4.33
CA PRO A 43 26.07 14.89 3.56
C PRO A 43 24.63 14.41 3.60
N ASN A 44 23.79 15.02 2.77
CA ASN A 44 22.37 14.65 2.69
C ASN A 44 22.21 13.25 2.11
N ALA A 45 21.65 12.35 2.91
CA ALA A 45 21.43 10.97 2.47
C ALA A 45 20.48 10.92 1.28
N ASP A 46 20.15 9.71 0.84
CA ASP A 46 19.25 9.52 -0.29
C ASP A 46 18.62 8.14 -0.26
N VAL A 47 17.29 8.10 -0.30
CA VAL A 47 16.56 6.83 -0.28
C VAL A 47 16.03 6.48 -1.67
N SER A 48 16.11 5.19 -2.01
CA SER A 48 15.64 4.72 -3.31
C SER A 48 14.92 3.38 -3.18
N ILE A 49 14.19 3.01 -4.22
CA ILE A 49 13.46 1.74 -4.22
C ILE A 49 14.04 0.76 -5.23
N GLY A 50 13.79 -0.52 -5.02
CA GLY A 50 14.30 -1.53 -5.92
C GLY A 50 13.56 -1.56 -7.24
N ASN A 51 14.29 -1.80 -8.33
CA ASN A 51 13.69 -1.85 -9.66
C ASN A 51 13.31 -3.28 -10.03
N ASP A 52 12.01 -3.53 -10.10
CA ASP A 52 11.51 -4.86 -10.45
C ASP A 52 10.00 -4.86 -10.60
N THR A 53 9.49 -5.72 -11.48
CA THR A 53 8.05 -5.81 -11.72
C THR A 53 7.34 -6.43 -10.53
N THR A 54 6.27 -5.77 -10.08
CA THR A 54 5.49 -6.26 -8.95
C THR A 54 4.00 -6.06 -9.17
N LEU A 55 3.19 -6.51 -8.22
CA LEU A 55 1.75 -6.37 -8.30
C LEU A 55 1.10 -6.52 -6.94
N THR A 56 -0.16 -6.11 -6.84
CA THR A 56 -0.90 -6.19 -5.58
C THR A 56 -2.35 -6.56 -5.82
N PHE A 57 -2.92 -7.36 -4.92
CA PHE A 57 -4.31 -7.78 -5.03
C PHE A 57 -5.19 -7.00 -4.07
N ASP A 58 -6.32 -6.51 -4.56
CA ASP A 58 -7.25 -5.75 -3.74
C ASP A 58 -8.63 -6.41 -3.73
N ILE A 59 -9.24 -6.49 -2.55
CA ILE A 59 -10.55 -7.10 -2.40
C ILE A 59 -11.62 -6.04 -2.12
N ALA A 60 -12.53 -5.86 -3.08
CA ALA A 60 -13.60 -4.89 -2.93
C ALA A 60 -14.92 -5.57 -2.58
N TYR A 61 -15.49 -5.19 -1.44
CA TYR A 61 -16.74 -5.76 -0.98
C TYR A 61 -17.87 -4.74 -1.04
N PHE A 62 -18.86 -5.00 -1.89
CA PHE A 62 -19.99 -4.10 -2.05
C PHE A 62 -21.04 -4.35 -0.96
N VAL A 63 -21.05 -3.48 0.04
CA VAL A 63 -22.00 -3.59 1.14
C VAL A 63 -23.21 -2.69 0.93
N SER A 64 -22.98 -1.53 0.34
CA SER A 64 -24.05 -0.57 0.08
C SER A 64 -23.95 -0.03 -1.35
N SER A 65 -25.05 0.56 -1.82
CA SER A 65 -25.09 1.12 -3.17
C SER A 65 -24.54 2.54 -3.19
N ASN A 66 -24.06 2.99 -2.02
CA ASN A 66 -23.51 4.34 -1.91
C ASN A 66 -22.02 4.28 -1.57
N ILE A 67 -21.63 3.26 -0.81
CA ILE A 67 -20.24 3.09 -0.42
C ILE A 67 -19.84 1.61 -0.42
N ALA A 68 -18.54 1.36 -0.39
CA ALA A 68 -18.03 -0.01 -0.37
C ALA A 68 -16.69 -0.08 0.34
N VAL A 69 -16.25 -1.30 0.65
CA VAL A 69 -14.99 -1.51 1.33
C VAL A 69 -13.94 -2.10 0.38
N ASP A 70 -12.68 -1.80 0.66
CA ASP A 70 -11.58 -2.31 -0.17
C ASP A 70 -10.40 -2.75 0.69
N PHE A 71 -9.87 -3.93 0.41
CA PHE A 71 -8.75 -4.46 1.17
C PHE A 71 -7.52 -4.61 0.27
N PHE A 72 -6.51 -3.77 0.50
CA PHE A 72 -5.29 -3.82 -0.28
C PHE A 72 -4.25 -4.73 0.37
N VAL A 73 -3.91 -5.81 -0.33
CA VAL A 73 -2.93 -6.76 0.19
C VAL A 73 -2.06 -7.30 -0.93
N GLY A 74 -0.86 -7.76 -0.58
CA GLY A 74 0.07 -8.29 -1.56
C GLY A 74 1.18 -9.11 -0.93
N VAL A 75 1.66 -10.12 -1.66
CA VAL A 75 2.72 -10.98 -1.16
C VAL A 75 3.95 -10.91 -2.08
N PRO A 76 4.57 -9.73 -2.13
CA PRO A 76 5.77 -9.51 -2.96
C PRO A 76 6.99 -10.25 -2.43
N ALA A 77 8.00 -10.38 -3.27
CA ALA A 77 9.23 -11.07 -2.88
C ALA A 77 10.24 -10.09 -2.27
N ARG A 78 11.47 -10.56 -2.09
CA ARG A 78 12.51 -9.73 -1.51
C ARG A 78 13.06 -8.75 -2.54
N ALA A 79 13.18 -7.48 -2.16
CA ALA A 79 13.70 -6.45 -3.04
C ALA A 79 14.74 -5.60 -2.34
N LYS A 80 15.66 -5.02 -3.12
CA LYS A 80 16.71 -4.18 -2.58
C LYS A 80 16.20 -2.76 -2.34
N PHE A 81 16.78 -2.09 -1.35
CA PHE A 81 16.39 -0.72 -1.03
C PHE A 81 17.61 0.14 -0.71
N GLN A 82 17.52 1.42 -1.04
CA GLN A 82 18.62 2.35 -0.80
C GLN A 82 18.23 3.39 0.25
N GLY A 83 19.23 3.92 0.95
CA GLY A 83 18.97 4.92 1.97
C GLY A 83 20.22 5.30 2.74
N GLU A 84 21.03 6.17 2.15
CA GLU A 84 22.27 6.62 2.79
C GLU A 84 22.98 7.66 1.92
N LYS A 85 24.13 8.11 2.39
CA LYS A 85 24.92 9.11 1.67
C LYS A 85 25.83 8.44 0.64
N SER A 86 26.84 7.73 1.13
CA SER A 86 27.79 7.03 0.25
C SER A 86 27.24 5.66 -0.15
N ILE A 87 26.50 5.04 0.76
CA ILE A 87 25.93 3.72 0.49
C ILE A 87 24.88 3.79 -0.61
N SER A 88 24.14 4.89 -0.66
CA SER A 88 23.10 5.08 -1.65
C SER A 88 23.70 5.10 -3.06
N SER A 89 24.75 5.89 -3.23
CA SER A 89 25.42 6.01 -4.52
C SER A 89 25.80 4.63 -5.07
N LEU A 90 26.23 3.75 -4.18
CA LEU A 90 26.62 2.40 -4.57
C LEU A 90 25.44 1.62 -5.13
N GLY A 91 24.28 1.75 -4.47
CA GLY A 91 23.09 1.07 -4.93
C GLY A 91 22.69 -0.06 -3.99
N ARG A 92 23.59 -0.44 -3.10
CA ARG A 92 23.32 -1.52 -2.15
C ARG A 92 23.39 -1.01 -0.72
N VAL A 93 22.24 -0.62 -0.18
CA VAL A 93 22.16 -0.11 1.19
C VAL A 93 21.38 -1.05 2.08
N SER A 94 20.35 -1.69 1.52
CA SER A 94 19.51 -2.61 2.26
C SER A 94 18.83 -3.60 1.32
N GLU A 95 18.36 -4.71 1.89
CA GLU A 95 17.68 -5.74 1.10
C GLU A 95 16.71 -6.54 1.97
N VAL A 96 15.42 -6.44 1.66
CA VAL A 96 14.40 -7.16 2.41
C VAL A 96 13.10 -7.25 1.61
N ASP A 97 12.10 -7.89 2.19
CA ASP A 97 10.80 -8.05 1.53
C ASP A 97 9.82 -7.00 2.02
N TYR A 98 8.91 -6.59 1.14
CA TYR A 98 7.91 -5.59 1.49
C TYR A 98 6.63 -6.24 1.99
N GLY A 99 6.03 -5.65 3.01
CA GLY A 99 4.81 -6.19 3.57
C GLY A 99 3.70 -5.16 3.65
N PRO A 100 3.38 -4.53 2.52
CA PRO A 100 2.34 -3.50 2.44
C PRO A 100 0.94 -4.09 2.61
N ALA A 101 0.30 -3.75 3.73
CA ALA A 101 -1.04 -4.24 4.02
C ALA A 101 -1.92 -3.12 4.56
N ILE A 102 -2.90 -2.70 3.75
CA ILE A 102 -3.81 -1.64 4.15
C ILE A 102 -5.24 -1.94 3.67
N LEU A 103 -6.21 -1.62 4.53
CA LEU A 103 -7.61 -1.86 4.20
C LEU A 103 -8.46 -0.62 4.51
N SER A 104 -9.10 -0.07 3.48
CA SER A 104 -9.94 1.11 3.65
C SER A 104 -11.18 1.01 2.77
N LEU A 105 -12.18 1.84 3.08
CA LEU A 105 -13.43 1.84 2.34
C LEU A 105 -13.55 3.12 1.51
N GLN A 106 -14.14 2.99 0.33
CA GLN A 106 -14.33 4.14 -0.56
C GLN A 106 -15.79 4.60 -0.56
N TYR A 107 -15.99 5.90 -0.76
CA TYR A 107 -17.33 6.46 -0.78
C TYR A 107 -17.40 7.68 -1.71
N HIS A 108 -18.56 7.89 -2.33
CA HIS A 108 -18.76 9.00 -3.24
C HIS A 108 -19.79 9.98 -2.68
N TYR A 109 -19.67 11.24 -3.06
CA TYR A 109 -20.59 12.28 -2.60
C TYR A 109 -21.79 12.38 -3.54
N ASP A 110 -22.95 11.96 -3.05
CA ASP A 110 -24.18 12.00 -3.84
C ASP A 110 -24.39 13.40 -4.44
N SER A 111 -24.22 13.51 -5.75
CA SER A 111 -24.39 14.79 -6.43
C SER A 111 -24.35 14.59 -7.95
N PHE A 112 -25.13 15.41 -8.65
CA PHE A 112 -25.18 15.34 -10.11
C PHE A 112 -24.66 16.63 -10.74
N GLU A 113 -23.49 17.06 -10.31
CA GLU A 113 -22.89 18.28 -10.83
C GLU A 113 -21.93 17.96 -11.98
N ARG A 114 -20.97 17.09 -11.72
CA ARG A 114 -19.99 16.70 -12.73
C ARG A 114 -19.46 15.29 -12.46
N LEU A 115 -18.56 14.84 -13.32
CA LEU A 115 -17.97 13.51 -13.18
C LEU A 115 -16.64 13.57 -12.44
N TYR A 116 -16.58 12.93 -11.27
CA TYR A 116 -15.37 12.92 -10.47
C TYR A 116 -15.23 11.61 -9.70
N PRO A 117 -14.00 11.29 -9.30
CA PRO A 117 -13.71 10.07 -8.54
C PRO A 117 -14.28 10.10 -7.12
N TYR A 118 -14.07 9.03 -6.38
CA TYR A 118 -14.56 8.93 -5.02
C TYR A 118 -13.41 8.98 -4.02
N VAL A 119 -13.74 9.22 -2.75
CA VAL A 119 -12.74 9.29 -1.70
C VAL A 119 -12.95 8.20 -0.65
N GLY A 120 -11.86 7.58 -0.20
CA GLY A 120 -11.96 6.53 0.79
C GLY A 120 -10.86 6.62 1.84
N VAL A 121 -11.08 5.98 2.97
CA VAL A 121 -10.10 5.98 4.06
C VAL A 121 -10.22 4.73 4.92
N GLY A 122 -9.19 4.46 5.71
CA GLY A 122 -9.21 3.29 6.58
C GLY A 122 -7.90 3.10 7.30
N VAL A 123 -7.52 1.84 7.53
CA VAL A 123 -6.29 1.52 8.22
C VAL A 123 -5.22 1.02 7.25
N GLY A 124 -3.96 1.29 7.56
CA GLY A 124 -2.87 0.87 6.71
C GLY A 124 -1.64 0.46 7.50
N ARG A 125 -1.39 -0.85 7.57
CA ARG A 125 -0.24 -1.35 8.31
C ARG A 125 0.91 -1.70 7.36
N VAL A 126 2.07 -1.12 7.61
CA VAL A 126 3.25 -1.36 6.77
C VAL A 126 4.28 -2.20 7.52
N LEU A 127 4.51 -3.41 7.03
CA LEU A 127 5.48 -4.32 7.65
C LEU A 127 6.52 -4.78 6.63
N PHE A 128 7.56 -5.45 7.11
CA PHE A 128 8.62 -5.94 6.24
C PHE A 128 9.09 -7.32 6.68
N PHE A 129 10.04 -7.88 5.95
CA PHE A 129 10.57 -9.20 6.27
C PHE A 129 12.07 -9.12 6.58
N ASP A 130 12.43 -9.53 7.79
CA ASP A 130 13.82 -9.50 8.22
C ASP A 130 14.69 -10.39 7.33
N LYS A 131 15.44 -9.76 6.43
CA LYS A 131 16.31 -10.49 5.51
C LYS A 131 17.75 -10.02 5.64
N THR A 132 18.02 -8.82 5.14
CA THR A 132 19.36 -8.26 5.20
C THR A 132 19.35 -6.77 4.88
N ASP A 133 19.25 -5.94 5.92
CA ASP A 133 19.22 -4.49 5.73
C ASP A 133 20.53 -3.86 6.21
N GLY A 134 20.71 -2.59 5.89
CA GLY A 134 21.93 -1.90 6.29
C GLY A 134 23.10 -2.22 5.39
N ALA A 135 24.03 -1.27 5.27
CA ALA A 135 25.21 -1.46 4.43
C ALA A 135 25.74 -2.88 4.54
N LEU A 136 26.25 -3.22 5.72
CA LEU A 136 26.79 -4.56 5.95
C LEU A 136 26.99 -4.80 7.44
N SER A 137 25.98 -5.39 8.09
CA SER A 137 26.05 -5.67 9.52
C SER A 137 24.68 -6.08 10.05
N SER A 138 24.14 -7.17 9.52
CA SER A 138 22.83 -7.66 9.94
C SER A 138 21.96 -6.52 10.47
N PHE A 139 21.47 -5.68 9.57
CA PHE A 139 20.63 -4.55 9.94
C PHE A 139 19.18 -4.81 9.56
N ASP A 140 18.27 -4.09 10.21
CA ASP A 140 16.84 -4.23 9.93
C ASP A 140 16.13 -2.88 10.06
N ILE A 141 14.89 -2.84 9.59
CA ILE A 141 14.09 -1.61 9.65
C ILE A 141 12.86 -1.81 10.53
N LYS A 142 12.63 -0.86 11.43
CA LYS A 142 11.48 -0.91 12.32
C LYS A 142 10.21 -0.44 11.61
N ASP A 143 9.33 -1.37 11.27
CA ASP A 143 8.08 -1.04 10.60
C ASP A 143 7.02 -0.59 11.60
N LYS A 144 5.80 -0.42 11.12
CA LYS A 144 4.69 0.02 11.97
C LYS A 144 3.38 0.02 11.20
N TRP A 145 2.35 0.59 11.81
CA TRP A 145 1.03 0.67 11.17
C TRP A 145 0.33 1.97 11.53
N ALA A 146 -0.67 2.33 10.74
CA ALA A 146 -1.42 3.55 10.97
C ALA A 146 -2.48 3.76 9.89
N PRO A 147 -3.43 4.67 10.15
CA PRO A 147 -4.52 4.98 9.22
C PRO A 147 -4.01 5.72 7.98
N ALA A 148 -4.82 5.72 6.92
CA ALA A 148 -4.46 6.40 5.68
C ALA A 148 -5.71 6.81 4.91
N PHE A 149 -5.53 7.77 4.00
CA PHE A 149 -6.64 8.26 3.18
C PHE A 149 -6.38 8.01 1.70
N GLN A 150 -7.21 7.16 1.09
CA GLN A 150 -7.07 6.84 -0.33
C GLN A 150 -8.10 7.58 -1.16
N VAL A 151 -7.88 7.62 -2.47
CA VAL A 151 -8.79 8.30 -3.38
C VAL A 151 -8.61 7.82 -4.81
N GLY A 152 -9.72 7.59 -5.51
CA GLY A 152 -9.65 7.13 -6.88
C GLY A 152 -11.02 6.88 -7.47
N LEU A 153 -11.06 6.13 -8.56
CA LEU A 153 -12.33 5.81 -9.23
C LEU A 153 -12.35 4.35 -9.68
N ARG A 154 -13.56 3.84 -9.93
CA ARG A 154 -13.73 2.46 -10.36
C ARG A 154 -14.66 2.38 -11.57
N TYR A 155 -14.14 1.86 -12.68
CA TYR A 155 -14.93 1.73 -13.90
C TYR A 155 -15.32 0.28 -14.14
N ASP A 156 -16.55 0.08 -14.61
CA ASP A 156 -17.05 -1.27 -14.88
C ASP A 156 -17.44 -1.40 -16.34
N LEU A 157 -16.76 -2.31 -17.05
CA LEU A 157 -17.05 -2.54 -18.47
C LEU A 157 -17.86 -3.81 -18.65
N GLY A 158 -18.45 -3.96 -19.84
CA GLY A 158 -19.25 -5.14 -20.13
C GLY A 158 -18.49 -6.17 -20.93
N ASN A 159 -17.33 -6.57 -20.43
CA ASN A 159 -16.50 -7.56 -21.11
C ASN A 159 -15.69 -8.37 -20.10
N SER A 160 -16.28 -8.64 -18.93
CA SER A 160 -15.61 -9.40 -17.89
C SER A 160 -14.23 -8.80 -17.59
N TRP A 161 -14.14 -7.47 -17.67
CA TRP A 161 -12.88 -6.78 -17.40
C TRP A 161 -13.13 -5.35 -16.95
N MET A 162 -13.04 -5.12 -15.64
CA MET A 162 -13.26 -3.79 -15.10
C MET A 162 -11.93 -3.07 -14.87
N LEU A 163 -12.00 -1.77 -14.59
CA LEU A 163 -10.81 -0.96 -14.35
C LEU A 163 -10.90 -0.25 -13.01
N ASN A 164 -9.76 -0.12 -12.34
CA ASN A 164 -9.71 0.55 -11.04
C ASN A 164 -8.42 1.36 -10.90
N SER A 165 -8.53 2.54 -10.31
CA SER A 165 -7.37 3.40 -10.11
C SER A 165 -7.56 4.29 -8.88
N ASP A 166 -6.64 4.17 -7.93
CA ASP A 166 -6.71 4.95 -6.71
C ASP A 166 -5.31 5.23 -6.17
N VAL A 167 -5.22 6.09 -5.16
CA VAL A 167 -3.95 6.44 -4.55
C VAL A 167 -4.09 6.66 -3.04
N ARG A 168 -3.15 6.12 -2.27
CA ARG A 168 -3.18 6.26 -0.83
C ARG A 168 -2.17 7.31 -0.37
N TYR A 169 -2.58 8.14 0.58
CA TYR A 169 -1.71 9.20 1.10
C TYR A 169 -1.92 9.36 2.61
N ILE A 170 -0.81 9.55 3.33
CA ILE A 170 -0.86 9.73 4.77
C ILE A 170 0.54 9.91 5.36
N PRO A 171 0.72 11.00 6.11
CA PRO A 171 2.02 11.31 6.74
C PRO A 171 2.35 10.35 7.88
N PHE A 172 3.30 9.46 7.64
CA PHE A 172 3.71 8.48 8.64
C PHE A 172 5.22 8.54 8.87
N LYS A 173 5.69 7.85 9.89
CA LYS A 173 7.11 7.81 10.22
C LYS A 173 7.55 6.40 10.57
N THR A 174 8.74 6.03 10.14
CA THR A 174 9.28 4.69 10.41
C THR A 174 10.65 4.78 11.07
N ASP A 175 11.14 3.64 11.56
CA ASP A 175 12.44 3.60 12.22
C ASP A 175 13.33 2.52 11.60
N VAL A 176 14.60 2.52 11.98
CA VAL A 176 15.56 1.55 11.45
C VAL A 176 16.77 1.42 12.36
N THR A 177 17.20 0.18 12.58
CA THR A 177 18.35 -0.08 13.44
C THR A 177 18.84 -1.52 13.28
N GLY A 178 19.95 -1.84 13.95
CA GLY A 178 20.50 -3.18 13.86
C GLY A 178 21.37 -3.52 15.06
N THR A 179 22.46 -4.22 14.80
CA THR A 179 23.39 -4.62 15.87
C THR A 179 24.78 -4.89 15.31
N LEU A 180 25.71 -3.97 15.57
CA LEU A 180 27.08 -4.11 15.10
C LEU A 180 28.07 -3.65 16.16
N GLY A 181 28.91 -4.57 16.63
CA GLY A 181 29.89 -4.25 17.64
C GLY A 181 29.30 -3.44 18.78
N PRO A 182 29.62 -2.14 18.82
CA PRO A 182 29.12 -1.23 19.86
C PRO A 182 27.62 -0.97 19.74
N VAL A 183 27.14 0.03 20.47
CA VAL A 183 25.73 0.38 20.46
C VAL A 183 25.25 0.66 19.03
N PRO A 184 24.11 0.08 18.66
CA PRO A 184 23.53 0.25 17.33
C PRO A 184 23.00 1.66 17.11
N VAL A 185 22.75 2.01 15.85
CA VAL A 185 22.25 3.33 15.50
C VAL A 185 20.79 3.26 15.05
N SER A 186 19.89 3.76 15.89
CA SER A 186 18.47 3.75 15.58
C SER A 186 18.02 5.10 15.05
N THR A 187 17.66 5.14 13.77
CA THR A 187 17.22 6.38 13.13
C THR A 187 15.72 6.34 12.85
N LYS A 188 15.14 7.50 12.59
CA LYS A 188 13.71 7.60 12.29
C LYS A 188 13.44 8.73 11.30
N ILE A 189 12.42 8.54 10.48
CA ILE A 189 12.05 9.54 9.48
C ILE A 189 10.53 9.64 9.34
N GLU A 190 10.03 10.86 9.26
CA GLU A 190 8.60 11.09 9.12
C GLU A 190 8.27 11.69 7.75
N VAL A 191 7.74 10.86 6.86
CA VAL A 191 7.38 11.30 5.52
C VAL A 191 6.03 10.75 5.10
N ASP A 192 5.45 11.35 4.06
CA ASP A 192 4.15 10.93 3.55
C ASP A 192 4.29 10.18 2.24
N PRO A 193 4.45 8.85 2.32
CA PRO A 193 4.61 8.01 1.13
C PRO A 193 3.33 7.90 0.32
N PHE A 194 3.45 8.01 -1.00
CA PHE A 194 2.30 7.93 -1.89
C PHE A 194 2.24 6.57 -2.59
N ILE A 195 1.11 5.90 -2.45
CA ILE A 195 0.92 4.59 -3.06
C ILE A 195 -0.03 4.67 -4.25
N LEU A 196 0.52 4.64 -5.46
CA LEU A 196 -0.28 4.70 -6.68
C LEU A 196 -0.66 3.30 -7.16
N SER A 197 -1.93 2.97 -7.05
CA SER A 197 -2.41 1.66 -7.48
C SER A 197 -3.28 1.78 -8.72
N LEU A 198 -2.91 1.07 -9.78
CA LEU A 198 -3.65 1.09 -11.03
C LEU A 198 -3.70 -0.30 -11.66
N GLY A 199 -4.89 -0.71 -12.08
CA GLY A 199 -5.06 -2.00 -12.71
C GLY A 199 -6.50 -2.29 -13.10
N ALA A 200 -6.90 -3.55 -13.00
CA ALA A 200 -8.25 -3.95 -13.35
C ALA A 200 -8.92 -4.70 -12.20
N SER A 201 -10.21 -4.99 -12.35
CA SER A 201 -10.96 -5.71 -11.33
C SER A 201 -12.04 -6.59 -11.95
N TYR A 202 -12.66 -7.42 -11.13
CA TYR A 202 -13.71 -8.32 -11.60
C TYR A 202 -14.86 -8.39 -10.60
N VAL A 203 -16.08 -8.28 -11.11
CA VAL A 203 -17.26 -8.34 -10.26
C VAL A 203 -17.61 -9.78 -9.89
N PHE A 204 -18.16 -9.96 -8.70
CA PHE A 204 -18.54 -11.28 -8.22
C PHE A 204 -19.79 -11.21 -7.34
N LYS A 205 -20.95 -11.50 -7.93
CA LYS A 205 -22.21 -11.47 -7.21
C LYS A 205 -22.25 -12.56 -6.14
N LEU A 206 -23.29 -12.54 -5.33
CA LEU A 206 -23.44 -13.52 -4.26
C LEU A 206 -23.52 -14.93 -4.84
N ALA A 207 -22.49 -15.73 -4.61
CA ALA A 207 -22.44 -17.09 -5.11
C ALA A 207 -22.66 -18.09 -3.98
N ALA A 208 -22.87 -19.35 -4.33
CA ALA A 208 -23.09 -20.40 -3.35
C ALA A 208 -22.07 -21.53 -3.50
N ALA A 209 -21.47 -21.94 -2.39
CA ALA A 209 -20.48 -23.00 -2.41
C ALA A 209 -20.26 -23.58 -1.01
N LEU A 210 -19.49 -24.66 -0.93
CA LEU A 210 -19.21 -25.31 0.35
C LEU A 210 -17.71 -25.30 0.65
N GLU A 211 -17.37 -25.54 1.91
CA GLU A 211 -15.97 -25.58 2.32
C GLU A 211 -15.21 -26.69 1.60
N MET A 1 -44.37 -27.82 -14.37
CA MET A 1 -43.37 -27.88 -13.31
C MET A 1 -42.29 -26.83 -13.54
N ASN A 2 -42.17 -25.89 -12.60
CA ASN A 2 -41.18 -24.84 -12.70
C ASN A 2 -39.76 -25.43 -12.73
N GLU A 3 -38.86 -24.74 -13.42
CA GLU A 3 -37.48 -25.19 -13.53
C GLU A 3 -36.52 -24.01 -13.43
N ASN A 4 -35.81 -23.92 -12.31
CA ASN A 4 -34.85 -22.85 -12.08
C ASN A 4 -33.85 -22.77 -13.23
N TYR A 5 -33.40 -21.56 -13.53
CA TYR A 5 -32.44 -21.35 -14.61
C TYR A 5 -32.17 -19.86 -14.82
N PRO A 6 -33.23 -19.10 -15.12
CA PRO A 6 -33.14 -17.66 -15.35
C PRO A 6 -32.83 -16.89 -14.07
N ALA A 7 -32.35 -15.66 -14.23
CA ALA A 7 -32.03 -14.81 -13.08
C ALA A 7 -32.98 -13.63 -12.97
N LYS A 8 -33.70 -13.55 -11.85
CA LYS A 8 -34.64 -12.47 -11.62
C LYS A 8 -34.14 -11.53 -10.54
N SER A 9 -32.99 -10.89 -10.79
CA SER A 9 -32.40 -9.97 -9.84
C SER A 9 -31.22 -9.22 -10.46
N ALA A 10 -30.74 -8.21 -9.75
CA ALA A 10 -29.61 -7.41 -10.24
C ALA A 10 -28.28 -7.98 -9.75
N GLY A 11 -27.19 -7.45 -10.28
CA GLY A 11 -25.88 -7.92 -9.90
C GLY A 11 -25.16 -6.96 -8.97
N TYR A 12 -25.89 -6.44 -8.00
CA TYR A 12 -25.33 -5.49 -7.04
C TYR A 12 -26.20 -5.37 -5.80
N ASN A 13 -25.64 -5.71 -4.65
CA ASN A 13 -26.37 -5.63 -3.38
C ASN A 13 -25.42 -5.72 -2.20
N GLN A 14 -25.97 -5.71 -0.99
CA GLN A 14 -25.18 -5.78 0.22
C GLN A 14 -24.56 -7.16 0.38
N GLY A 15 -23.24 -7.22 0.44
CA GLY A 15 -22.55 -8.49 0.59
C GLY A 15 -21.93 -8.98 -0.71
N ASP A 16 -21.99 -8.14 -1.73
CA ASP A 16 -21.43 -8.48 -3.04
C ASP A 16 -19.91 -8.60 -2.97
N TRP A 17 -19.35 -9.45 -3.81
CA TRP A 17 -17.91 -9.65 -3.84
C TRP A 17 -17.30 -9.11 -5.14
N VAL A 18 -16.12 -8.52 -5.03
CA VAL A 18 -15.44 -7.96 -6.20
C VAL A 18 -13.92 -8.13 -6.08
N ALA A 19 -13.34 -8.86 -7.03
CA ALA A 19 -11.91 -9.10 -7.03
C ALA A 19 -11.16 -7.93 -7.68
N SER A 20 -10.28 -7.30 -6.92
CA SER A 20 -9.51 -6.16 -7.42
C SER A 20 -8.06 -6.56 -7.66
N PHE A 21 -7.56 -6.27 -8.86
CA PHE A 21 -6.19 -6.59 -9.22
C PHE A 21 -5.54 -5.44 -9.98
N ASN A 22 -4.52 -4.85 -9.38
CA ASN A 22 -3.82 -3.73 -10.00
C ASN A 22 -2.38 -3.64 -9.49
N PHE A 23 -1.60 -2.73 -10.08
CA PHE A 23 -0.22 -2.55 -9.69
C PHE A 23 -0.05 -1.31 -8.82
N SER A 24 0.60 -1.48 -7.67
CA SER A 24 0.81 -0.37 -6.75
C SER A 24 2.21 0.21 -6.91
N LYS A 25 2.34 1.51 -6.67
CA LYS A 25 3.62 2.20 -6.79
C LYS A 25 3.91 3.03 -5.55
N VAL A 26 4.85 2.54 -4.74
CA VAL A 26 5.23 3.23 -3.51
C VAL A 26 6.36 4.22 -3.76
N TYR A 27 6.13 5.49 -3.42
CA TYR A 27 7.13 6.53 -3.61
C TYR A 27 7.53 7.15 -2.27
N VAL A 28 8.72 6.78 -1.79
CA VAL A 28 9.22 7.31 -0.54
C VAL A 28 10.74 7.19 -0.45
N GLY A 29 11.37 8.11 0.28
CA GLY A 29 12.81 8.09 0.42
C GLY A 29 13.39 9.48 0.49
N GLU A 30 13.27 10.12 1.65
CA GLU A 30 13.80 11.47 1.84
C GLU A 30 15.24 11.42 2.34
N GLU A 31 15.42 10.91 3.55
CA GLU A 31 16.75 10.81 4.14
C GLU A 31 16.73 9.95 5.39
N LEU A 32 17.56 8.91 5.42
CA LEU A 32 17.64 8.01 6.57
C LEU A 32 18.65 8.52 7.59
N GLY A 33 18.43 8.15 8.85
CA GLY A 33 19.33 8.58 9.91
C GLY A 33 19.07 10.01 10.35
N ASP A 34 20.08 10.85 10.20
CA ASP A 34 19.97 12.26 10.59
C ASP A 34 21.02 13.11 9.88
N LEU A 35 20.75 14.41 9.79
CA LEU A 35 21.67 15.33 9.13
C LEU A 35 22.78 15.75 10.09
N ASN A 36 23.93 16.11 9.53
CA ASN A 36 25.07 16.53 10.34
C ASN A 36 24.87 17.94 10.87
N VAL A 37 25.51 18.24 12.00
CA VAL A 37 25.38 19.57 12.61
C VAL A 37 26.06 20.63 11.74
N GLY A 38 27.23 20.30 11.21
CA GLY A 38 27.95 21.23 10.37
C GLY A 38 29.25 20.67 9.85
N GLY A 39 30.23 21.54 9.62
CA GLY A 39 31.52 21.09 9.12
C GLY A 39 31.49 20.81 7.63
N GLY A 40 32.42 19.97 7.17
CA GLY A 40 32.49 19.62 5.77
C GLY A 40 31.15 19.16 5.22
N ALA A 41 30.91 19.43 3.94
CA ALA A 41 29.66 19.02 3.31
C ALA A 41 29.80 17.65 2.65
N LEU A 42 29.15 16.66 3.24
CA LEU A 42 29.21 15.29 2.72
C LEU A 42 27.81 14.79 2.38
N PRO A 43 27.75 13.77 1.51
CA PRO A 43 26.47 13.17 1.09
C PRO A 43 25.80 12.39 2.21
N ASN A 44 24.84 13.03 2.87
CA ASN A 44 24.11 12.40 3.97
C ASN A 44 23.54 11.05 3.53
N ALA A 45 23.01 10.30 4.49
CA ALA A 45 22.43 9.00 4.21
C ALA A 45 21.42 9.08 3.07
N ASP A 46 21.19 7.96 2.41
CA ASP A 46 20.25 7.89 1.30
C ASP A 46 19.54 6.54 1.25
N VAL A 47 18.22 6.57 1.23
CA VAL A 47 17.43 5.35 1.19
C VAL A 47 16.83 5.13 -0.20
N SER A 48 16.82 3.87 -0.64
CA SER A 48 16.28 3.53 -1.95
C SER A 48 15.90 2.05 -2.01
N ILE A 49 15.02 1.71 -2.94
CA ILE A 49 14.57 0.34 -3.10
C ILE A 49 14.60 -0.08 -4.57
N GLY A 50 14.96 -1.34 -4.81
CA GLY A 50 15.02 -1.85 -6.16
C GLY A 50 13.89 -2.81 -6.49
N ASN A 51 12.84 -2.30 -7.12
CA ASN A 51 11.68 -3.12 -7.47
C ASN A 51 11.21 -2.81 -8.89
N ASP A 52 11.25 -3.81 -9.75
CA ASP A 52 10.82 -3.64 -11.14
C ASP A 52 9.41 -4.19 -11.34
N THR A 53 9.23 -5.46 -11.02
CA THR A 53 7.93 -6.11 -11.16
C THR A 53 6.87 -5.43 -10.31
N THR A 54 5.71 -5.18 -10.91
CA THR A 54 4.62 -4.52 -10.20
C THR A 54 3.37 -5.41 -10.16
N LEU A 55 2.91 -5.72 -8.96
CA LEU A 55 1.74 -6.57 -8.78
C LEU A 55 1.13 -6.38 -7.39
N THR A 56 -0.15 -6.01 -7.36
CA THR A 56 -0.85 -5.79 -6.10
C THR A 56 -2.24 -6.38 -6.14
N PHE A 57 -2.59 -7.16 -5.11
CA PHE A 57 -3.90 -7.78 -5.03
C PHE A 57 -4.80 -7.04 -4.05
N ASP A 58 -6.03 -6.76 -4.47
CA ASP A 58 -6.98 -6.05 -3.63
C ASP A 58 -8.33 -6.76 -3.63
N ILE A 59 -9.11 -6.54 -2.57
CA ILE A 59 -10.42 -7.16 -2.44
C ILE A 59 -11.50 -6.12 -2.20
N ALA A 60 -12.42 -5.98 -3.15
CA ALA A 60 -13.50 -5.01 -3.04
C ALA A 60 -14.80 -5.70 -2.59
N TYR A 61 -15.39 -5.18 -1.51
CA TYR A 61 -16.63 -5.74 -0.99
C TYR A 61 -17.76 -4.73 -1.07
N PHE A 62 -18.80 -5.07 -1.82
CA PHE A 62 -19.95 -4.19 -1.99
C PHE A 62 -20.99 -4.44 -0.90
N VAL A 63 -21.00 -3.57 0.11
CA VAL A 63 -21.94 -3.70 1.21
C VAL A 63 -23.15 -2.79 1.02
N SER A 64 -22.91 -1.62 0.43
CA SER A 64 -23.98 -0.65 0.18
C SER A 64 -23.85 -0.05 -1.20
N SER A 65 -24.94 0.53 -1.69
CA SER A 65 -24.96 1.15 -3.01
C SER A 65 -24.41 2.57 -2.95
N ASN A 66 -23.97 2.98 -1.76
CA ASN A 66 -23.43 4.32 -1.58
C ASN A 66 -21.98 4.25 -1.09
N ILE A 67 -21.67 3.23 -0.30
CA ILE A 67 -20.33 3.06 0.23
C ILE A 67 -19.89 1.60 0.13
N ALA A 68 -18.59 1.40 -0.06
CA ALA A 68 -18.03 0.06 -0.16
C ALA A 68 -16.66 -0.03 0.49
N VAL A 69 -16.17 -1.25 0.68
CA VAL A 69 -14.86 -1.47 1.29
C VAL A 69 -13.89 -2.09 0.30
N ASP A 70 -12.60 -1.81 0.49
CA ASP A 70 -11.57 -2.35 -0.38
C ASP A 70 -10.30 -2.67 0.41
N PHE A 71 -9.75 -3.86 0.18
CA PHE A 71 -8.54 -4.29 0.87
C PHE A 71 -7.33 -4.20 -0.05
N PHE A 72 -6.20 -3.80 0.51
CA PHE A 72 -4.97 -3.66 -0.27
C PHE A 72 -3.86 -4.54 0.32
N VAL A 73 -3.38 -5.49 -0.48
CA VAL A 73 -2.33 -6.40 -0.04
C VAL A 73 -1.43 -6.79 -1.20
N GLY A 74 -0.15 -6.98 -0.92
CA GLY A 74 0.80 -7.36 -1.95
C GLY A 74 1.70 -8.51 -1.52
N VAL A 75 1.96 -8.60 -0.23
CA VAL A 75 2.81 -9.67 0.30
C VAL A 75 3.95 -9.98 -0.65
N PRO A 76 4.82 -8.99 -0.90
CA PRO A 76 5.97 -9.16 -1.79
C PRO A 76 7.03 -10.09 -1.22
N ALA A 77 7.93 -10.55 -2.08
CA ALA A 77 8.99 -11.45 -1.65
C ALA A 77 10.13 -10.68 -1.00
N ARG A 78 11.24 -11.36 -0.77
CA ARG A 78 12.40 -10.74 -0.14
C ARG A 78 13.17 -9.89 -1.14
N ALA A 79 13.40 -8.63 -0.80
CA ALA A 79 14.14 -7.71 -1.67
C ALA A 79 15.15 -6.89 -0.88
N LYS A 80 16.23 -6.49 -1.55
CA LYS A 80 17.27 -5.70 -0.92
C LYS A 80 17.02 -4.21 -1.10
N PHE A 81 17.35 -3.43 -0.09
CA PHE A 81 17.16 -1.97 -0.13
C PHE A 81 18.36 -1.25 0.49
N GLN A 82 18.53 0.01 0.11
CA GLN A 82 19.63 0.81 0.64
C GLN A 82 19.12 1.86 1.62
N GLY A 83 20.01 2.32 2.50
CA GLY A 83 19.63 3.31 3.49
C GLY A 83 20.76 3.67 4.42
N GLU A 84 21.75 4.39 3.89
CA GLU A 84 22.90 4.80 4.68
C GLU A 84 23.74 5.84 3.93
N LYS A 85 24.89 6.19 4.50
CA LYS A 85 25.78 7.17 3.88
C LYS A 85 26.71 6.50 2.88
N SER A 86 27.67 5.73 3.38
CA SER A 86 28.63 5.04 2.53
C SER A 86 28.06 3.71 2.05
N ILE A 87 27.20 3.10 2.86
CA ILE A 87 26.60 1.82 2.52
C ILE A 87 25.63 1.98 1.35
N SER A 88 24.96 3.13 1.29
CA SER A 88 24.01 3.40 0.22
C SER A 88 24.70 3.42 -1.13
N SER A 89 25.85 4.08 -1.19
CA SER A 89 26.62 4.19 -2.43
C SER A 89 26.91 2.80 -3.00
N LEU A 90 27.26 1.87 -2.12
CA LEU A 90 27.58 0.50 -2.55
C LEU A 90 26.38 -0.12 -3.26
N GLY A 91 25.21 -0.04 -2.64
CA GLY A 91 24.01 -0.60 -3.23
C GLY A 91 23.43 -1.72 -2.40
N ARG A 92 24.23 -2.26 -1.49
CA ARG A 92 23.79 -3.35 -0.63
C ARG A 92 23.90 -2.96 0.85
N VAL A 93 22.79 -2.49 1.41
CA VAL A 93 22.76 -2.08 2.80
C VAL A 93 22.04 -3.11 3.66
N SER A 94 20.77 -3.34 3.37
CA SER A 94 19.97 -4.31 4.12
C SER A 94 19.08 -5.11 3.18
N GLU A 95 18.81 -6.36 3.56
CA GLU A 95 17.97 -7.24 2.76
C GLU A 95 16.84 -7.83 3.60
N VAL A 96 15.61 -7.72 3.09
CA VAL A 96 14.45 -8.25 3.80
C VAL A 96 13.19 -8.13 2.93
N ASP A 97 12.15 -8.88 3.32
CA ASP A 97 10.89 -8.86 2.58
C ASP A 97 9.94 -7.82 3.17
N TYR A 98 9.05 -7.31 2.33
CA TYR A 98 8.08 -6.31 2.76
C TYR A 98 6.70 -6.94 2.94
N GLY A 99 5.92 -6.40 3.88
CA GLY A 99 4.59 -6.90 4.14
C GLY A 99 3.57 -5.81 4.38
N PRO A 100 3.37 -4.96 3.35
CA PRO A 100 2.42 -3.84 3.43
C PRO A 100 0.97 -4.32 3.47
N ALA A 101 0.28 -4.00 4.56
CA ALA A 101 -1.12 -4.39 4.71
C ALA A 101 -2.01 -3.17 4.93
N ILE A 102 -2.71 -2.76 3.89
CA ILE A 102 -3.60 -1.60 3.97
C ILE A 102 -5.05 -2.01 3.70
N LEU A 103 -5.98 -1.31 4.36
CA LEU A 103 -7.41 -1.60 4.19
C LEU A 103 -8.23 -0.34 4.42
N SER A 104 -9.02 0.04 3.42
CA SER A 104 -9.86 1.22 3.50
C SER A 104 -11.16 1.03 2.71
N LEU A 105 -12.06 1.99 2.83
CA LEU A 105 -13.34 1.92 2.12
C LEU A 105 -13.53 3.14 1.22
N GLN A 106 -14.32 2.97 0.17
CA GLN A 106 -14.59 4.05 -0.77
C GLN A 106 -15.95 4.68 -0.51
N TYR A 107 -16.01 6.00 -0.56
CA TYR A 107 -17.26 6.72 -0.34
C TYR A 107 -17.38 7.91 -1.28
N HIS A 108 -18.55 8.07 -1.89
CA HIS A 108 -18.80 9.17 -2.81
C HIS A 108 -19.10 10.45 -2.06
N TYR A 109 -18.69 11.57 -2.63
CA TYR A 109 -18.91 12.88 -2.00
C TYR A 109 -20.35 13.34 -2.21
N ASP A 110 -20.92 13.95 -1.18
CA ASP A 110 -22.28 14.44 -1.24
C ASP A 110 -22.31 15.94 -1.50
N SER A 111 -21.62 16.37 -2.55
CA SER A 111 -21.56 17.79 -2.91
C SER A 111 -21.69 17.97 -4.41
N PHE A 112 -20.89 17.23 -5.17
CA PHE A 112 -20.92 17.31 -6.63
C PHE A 112 -21.81 16.22 -7.22
N GLU A 113 -22.62 16.60 -8.20
CA GLU A 113 -23.52 15.65 -8.85
C GLU A 113 -22.91 15.11 -10.13
N ARG A 114 -22.20 15.98 -10.85
CA ARG A 114 -21.56 15.59 -12.11
C ARG A 114 -20.68 14.36 -11.91
N LEU A 115 -20.16 13.83 -13.02
CA LEU A 115 -19.30 12.65 -12.97
C LEU A 115 -17.96 12.98 -12.31
N TYR A 116 -17.77 12.48 -11.09
CA TYR A 116 -16.54 12.73 -10.35
C TYR A 116 -16.11 11.47 -9.58
N PRO A 117 -14.84 11.42 -9.20
CA PRO A 117 -14.27 10.30 -8.45
C PRO A 117 -14.80 10.21 -7.03
N TYR A 118 -14.38 9.19 -6.29
CA TYR A 118 -14.81 9.01 -4.92
C TYR A 118 -13.62 9.09 -3.96
N VAL A 119 -13.92 9.39 -2.70
CA VAL A 119 -12.88 9.49 -1.68
C VAL A 119 -12.92 8.31 -0.72
N GLY A 120 -11.76 7.71 -0.48
CA GLY A 120 -11.69 6.57 0.42
C GLY A 120 -10.75 6.81 1.59
N VAL A 121 -10.90 6.01 2.64
CA VAL A 121 -10.07 6.15 3.83
C VAL A 121 -10.11 4.88 4.67
N GLY A 122 -9.01 4.61 5.37
CA GLY A 122 -8.94 3.42 6.22
C GLY A 122 -7.68 3.37 7.04
N VAL A 123 -7.28 2.17 7.43
CA VAL A 123 -6.08 1.98 8.24
C VAL A 123 -5.00 1.23 7.45
N GLY A 124 -3.78 1.73 7.51
CA GLY A 124 -2.68 1.09 6.79
C GLY A 124 -1.60 0.58 7.73
N ARG A 125 -1.55 -0.73 7.92
CA ARG A 125 -0.55 -1.35 8.80
C ARG A 125 0.62 -1.90 7.99
N VAL A 126 1.78 -1.28 8.16
CA VAL A 126 2.98 -1.72 7.45
C VAL A 126 3.71 -2.81 8.21
N LEU A 127 3.68 -4.03 7.68
CA LEU A 127 4.33 -5.17 8.31
C LEU A 127 5.66 -5.47 7.64
N PHE A 128 6.70 -5.71 8.45
CA PHE A 128 8.02 -6.02 7.93
C PHE A 128 8.64 -7.20 8.68
N PHE A 129 9.46 -7.97 7.97
CA PHE A 129 10.10 -9.14 8.57
C PHE A 129 11.56 -8.82 8.92
N ASP A 130 12.21 -9.74 9.61
CA ASP A 130 13.61 -9.56 10.02
C ASP A 130 14.52 -10.56 9.29
N LYS A 131 15.09 -10.12 8.18
CA LYS A 131 15.98 -10.97 7.41
C LYS A 131 17.43 -10.78 7.84
N THR A 132 18.10 -9.78 7.24
CA THR A 132 19.49 -9.49 7.57
C THR A 132 19.92 -8.16 6.99
N ASP A 133 20.17 -7.18 7.85
CA ASP A 133 20.60 -5.86 7.42
C ASP A 133 22.11 -5.69 7.59
N GLY A 134 22.81 -5.58 6.47
CA GLY A 134 24.25 -5.41 6.51
C GLY A 134 24.66 -4.02 6.93
N ALA A 135 23.70 -3.11 7.00
CA ALA A 135 23.96 -1.74 7.39
C ALA A 135 24.87 -1.68 8.61
N LEU A 136 24.80 -2.71 9.45
CA LEU A 136 25.61 -2.78 10.66
C LEU A 136 25.71 -4.21 11.17
N SER A 137 26.43 -4.40 12.27
CA SER A 137 26.61 -5.71 12.85
C SER A 137 25.25 -6.37 13.11
N SER A 138 24.78 -7.15 12.14
CA SER A 138 23.51 -7.84 12.25
C SER A 138 22.40 -6.86 12.64
N PHE A 139 21.99 -6.03 11.70
CA PHE A 139 20.95 -5.05 11.94
C PHE A 139 19.58 -5.59 11.52
N ASP A 140 18.52 -5.01 12.08
CA ASP A 140 17.17 -5.43 11.77
C ASP A 140 16.26 -4.23 11.54
N ILE A 141 15.06 -4.48 11.01
CA ILE A 141 14.11 -3.41 10.74
C ILE A 141 12.88 -3.55 11.64
N LYS A 142 12.25 -2.42 11.94
CA LYS A 142 11.06 -2.41 12.78
C LYS A 142 9.87 -1.83 12.04
N ASP A 143 8.88 -2.68 11.75
CA ASP A 143 7.69 -2.25 11.04
C ASP A 143 6.86 -1.30 11.89
N LYS A 144 5.67 -0.95 11.40
CA LYS A 144 4.79 -0.05 12.12
C LYS A 144 3.41 0.00 11.46
N TRP A 145 2.43 0.54 12.17
CA TRP A 145 1.07 0.65 11.65
C TRP A 145 0.51 2.05 11.89
N ALA A 146 -0.44 2.44 11.04
CA ALA A 146 -1.06 3.76 11.15
C ALA A 146 -2.14 3.95 10.10
N PRO A 147 -2.99 4.96 10.30
CA PRO A 147 -4.09 5.27 9.37
C PRO A 147 -3.58 5.83 8.04
N ALA A 148 -4.48 5.93 7.07
CA ALA A 148 -4.13 6.44 5.75
C ALA A 148 -5.38 6.80 4.95
N PHE A 149 -5.23 7.74 4.02
CA PHE A 149 -6.34 8.17 3.19
C PHE A 149 -6.02 7.97 1.70
N GLN A 150 -7.01 7.50 0.95
CA GLN A 150 -6.83 7.27 -0.48
C GLN A 150 -7.97 7.90 -1.28
N VAL A 151 -7.85 7.85 -2.60
CA VAL A 151 -8.87 8.42 -3.48
C VAL A 151 -8.80 7.80 -4.88
N GLY A 152 -9.95 7.68 -5.52
CA GLY A 152 -10.00 7.11 -6.85
C GLY A 152 -11.41 6.85 -7.33
N LEU A 153 -11.55 5.96 -8.30
CA LEU A 153 -12.86 5.63 -8.85
C LEU A 153 -12.84 4.26 -9.53
N ARG A 154 -14.03 3.74 -9.84
CA ARG A 154 -14.14 2.44 -10.50
C ARG A 154 -14.78 2.58 -11.87
N TYR A 155 -14.07 2.17 -12.92
CA TYR A 155 -14.58 2.25 -14.27
C TYR A 155 -14.75 0.86 -14.88
N ASP A 156 -15.41 0.79 -16.02
CA ASP A 156 -15.64 -0.48 -16.70
C ASP A 156 -15.05 -0.45 -18.10
N LEU A 157 -13.87 -1.06 -18.25
CA LEU A 157 -13.19 -1.10 -19.55
C LEU A 157 -13.35 -2.48 -20.19
N GLY A 158 -14.24 -2.57 -21.19
CA GLY A 158 -14.47 -3.82 -21.86
C GLY A 158 -15.63 -4.59 -21.28
N ASN A 159 -15.68 -5.89 -21.56
CA ASN A 159 -16.76 -6.74 -21.06
C ASN A 159 -16.20 -7.84 -20.15
N SER A 160 -15.03 -8.35 -20.50
CA SER A 160 -14.39 -9.41 -19.73
C SER A 160 -13.98 -8.90 -18.35
N TRP A 161 -13.19 -7.84 -18.33
CA TRP A 161 -12.73 -7.25 -17.08
C TRP A 161 -13.07 -5.77 -17.00
N MET A 162 -12.84 -5.16 -15.85
CA MET A 162 -13.13 -3.75 -15.65
C MET A 162 -11.87 -2.99 -15.25
N LEU A 163 -12.00 -1.68 -15.09
CA LEU A 163 -10.87 -0.83 -14.71
C LEU A 163 -11.06 -0.28 -13.31
N ASN A 164 -9.97 -0.12 -12.57
CA ASN A 164 -10.01 0.42 -11.21
C ASN A 164 -8.79 1.29 -10.92
N SER A 165 -9.03 2.46 -10.34
CA SER A 165 -7.96 3.38 -10.02
C SER A 165 -8.07 3.87 -8.58
N ASP A 166 -7.00 3.70 -7.81
CA ASP A 166 -6.99 4.12 -6.41
C ASP A 166 -5.58 4.52 -5.98
N VAL A 167 -5.49 5.56 -5.16
CA VAL A 167 -4.20 6.04 -4.67
C VAL A 167 -4.28 6.43 -3.20
N ARG A 168 -3.44 5.80 -2.39
CA ARG A 168 -3.41 6.08 -0.95
C ARG A 168 -2.25 7.02 -0.60
N TYR A 169 -2.36 7.66 0.55
CA TYR A 169 -1.32 8.59 0.99
C TYR A 169 -1.48 8.90 2.49
N ILE A 170 -0.35 9.00 3.19
CA ILE A 170 -0.37 9.30 4.61
C ILE A 170 1.04 9.30 5.18
N PRO A 171 1.37 10.34 5.97
CA PRO A 171 2.68 10.49 6.60
C PRO A 171 2.92 9.46 7.70
N PHE A 172 3.73 8.45 7.38
CA PHE A 172 4.04 7.40 8.35
C PHE A 172 5.55 7.31 8.60
N LYS A 173 5.91 6.81 9.77
CA LYS A 173 7.32 6.68 10.14
C LYS A 173 7.65 5.23 10.47
N THR A 174 8.88 4.82 10.16
CA THR A 174 9.33 3.46 10.44
C THR A 174 10.49 3.45 11.43
N ASP A 175 10.78 2.28 11.97
CA ASP A 175 11.87 2.14 12.94
C ASP A 175 12.89 1.10 12.46
N VAL A 176 14.11 1.20 12.97
CA VAL A 176 15.18 0.27 12.60
C VAL A 176 16.16 0.07 13.75
N THR A 177 16.48 -1.18 14.02
CA THR A 177 17.41 -1.51 15.10
C THR A 177 17.84 -2.97 15.03
N GLY A 178 18.74 -3.36 15.94
CA GLY A 178 19.21 -4.74 15.96
C GLY A 178 20.72 -4.83 16.03
N THR A 179 21.22 -5.90 16.65
CA THR A 179 22.65 -6.10 16.80
C THR A 179 22.97 -7.49 17.34
N LEU A 180 24.25 -7.80 17.46
CA LEU A 180 24.68 -9.11 17.97
C LEU A 180 25.85 -8.95 18.94
N GLY A 181 25.55 -8.76 20.21
CA GLY A 181 26.59 -8.61 21.21
C GLY A 181 26.52 -7.26 21.90
N PRO A 182 27.08 -6.23 21.25
CA PRO A 182 27.10 -4.87 21.79
C PRO A 182 25.72 -4.23 21.82
N VAL A 183 25.68 -2.93 22.10
CA VAL A 183 24.41 -2.21 22.16
C VAL A 183 23.95 -1.78 20.77
N PRO A 184 22.73 -2.18 20.40
CA PRO A 184 22.15 -1.85 19.09
C PRO A 184 21.81 -0.37 18.96
N VAL A 185 21.78 0.13 17.73
CA VAL A 185 21.47 1.53 17.47
C VAL A 185 20.04 1.69 16.97
N SER A 186 19.19 2.29 17.80
CA SER A 186 17.79 2.51 17.43
C SER A 186 17.63 3.78 16.61
N THR A 187 16.85 3.69 15.53
CA THR A 187 16.63 4.83 14.66
C THR A 187 15.22 4.81 14.09
N LYS A 188 14.81 5.93 13.49
CA LYS A 188 13.48 6.03 12.90
C LYS A 188 13.43 7.15 11.86
N ILE A 189 12.47 7.06 10.95
CA ILE A 189 12.32 8.07 9.90
C ILE A 189 10.85 8.26 9.53
N GLU A 190 10.38 9.50 9.60
CA GLU A 190 8.99 9.82 9.27
C GLU A 190 8.89 10.44 7.88
N VAL A 191 8.24 9.72 6.97
CA VAL A 191 8.08 10.20 5.60
C VAL A 191 6.65 9.96 5.11
N ASP A 192 6.29 10.62 4.02
CA ASP A 192 4.96 10.49 3.44
C ASP A 192 5.01 9.68 2.15
N PRO A 193 4.91 8.35 2.27
CA PRO A 193 4.94 7.44 1.12
C PRO A 193 3.68 7.54 0.26
N PHE A 194 3.88 7.63 -1.05
CA PHE A 194 2.75 7.73 -1.98
C PHE A 194 2.45 6.38 -2.62
N ILE A 195 1.24 5.88 -2.39
CA ILE A 195 0.83 4.60 -2.96
C ILE A 195 -0.13 4.79 -4.12
N LEU A 196 0.33 4.49 -5.33
CA LEU A 196 -0.50 4.62 -6.52
C LEU A 196 -0.84 3.26 -7.10
N SER A 197 -2.11 2.88 -6.97
CA SER A 197 -2.58 1.59 -7.48
C SER A 197 -3.51 1.79 -8.67
N LEU A 198 -3.22 1.08 -9.76
CA LEU A 198 -4.03 1.17 -10.96
C LEU A 198 -4.00 -0.14 -11.74
N GLY A 199 -5.17 -0.59 -12.18
CA GLY A 199 -5.26 -1.83 -12.94
C GLY A 199 -6.69 -2.17 -13.33
N ALA A 200 -7.05 -3.44 -13.18
CA ALA A 200 -8.40 -3.89 -13.52
C ALA A 200 -9.06 -4.60 -12.33
N SER A 201 -10.33 -4.93 -12.49
CA SER A 201 -11.08 -5.59 -11.43
C SER A 201 -12.15 -6.51 -12.02
N TYR A 202 -12.77 -7.31 -11.16
CA TYR A 202 -13.81 -8.24 -11.59
C TYR A 202 -14.93 -8.33 -10.55
N VAL A 203 -16.15 -8.49 -11.03
CA VAL A 203 -17.31 -8.60 -10.14
C VAL A 203 -17.62 -10.05 -9.81
N PHE A 204 -18.30 -10.26 -8.69
CA PHE A 204 -18.66 -11.62 -8.26
C PHE A 204 -19.82 -11.57 -7.26
N LYS A 205 -20.98 -12.06 -7.69
CA LYS A 205 -22.16 -12.07 -6.84
C LYS A 205 -22.06 -13.18 -5.80
N LEU A 206 -23.03 -13.21 -4.88
CA LEU A 206 -23.04 -14.22 -3.83
C LEU A 206 -22.96 -15.62 -4.42
N ALA A 207 -23.84 -15.92 -5.37
CA ALA A 207 -23.87 -17.22 -6.01
C ALA A 207 -24.03 -18.34 -4.99
N ALA A 208 -24.81 -18.07 -3.94
CA ALA A 208 -25.05 -19.06 -2.90
C ALA A 208 -26.25 -19.93 -3.22
N ALA A 209 -26.01 -21.21 -3.48
CA ALA A 209 -27.08 -22.14 -3.79
C ALA A 209 -26.79 -23.53 -3.21
N LEU A 210 -27.73 -24.44 -3.39
CA LEU A 210 -27.57 -25.81 -2.90
C LEU A 210 -26.66 -26.62 -3.81
N GLU A 211 -25.45 -26.88 -3.34
CA GLU A 211 -24.48 -27.66 -4.11
C GLU A 211 -24.98 -29.08 -4.34
#